data_6MPG
#
_entry.id   6MPG
#
loop_
_entity.id
_entity.type
_entity.pdbx_description
1 polymer 'A12V163-b.01 Light Chain'
2 polymer 'Envelope glycoprotein gp41'
3 polymer 'Envelope glycoprotein gp120'
4 polymer 'A12V163-b.01 Heavy Chain'
5 polymer 'PGT122 Heavy chain'
6 polymer 'PGT122 Light chain'
7 polymer 'VRC03 heavy chain'
8 polymer 'VRC03 Light chain'
9 branched 2-acetamido-2-deoxy-beta-D-glucopyranose-(1-4)-2-acetamido-2-deoxy-beta-D-glucopyranose
10 branched alpha-D-mannopyranose-(1-3)-beta-D-mannopyranose-(1-4)-2-acetamido-2-deoxy-beta-D-glucopyranose-(1-4)-2-acetamido-2-deoxy-beta-D-glucopyranose
11 branched alpha-D-mannopyranose-(1-3)-[alpha-D-mannopyranose-(1-6)]beta-D-mannopyranose-(1-4)-2-acetamido-2-deoxy-beta-D-glucopyranose-(1-4)-2-acetamido-2-deoxy-beta-D-glucopyranose
12 branched beta-D-mannopyranose-(1-4)-2-acetamido-2-deoxy-beta-D-glucopyranose-(1-4)-2-acetamido-2-deoxy-beta-D-glucopyranose
13 branched alpha-D-mannopyranose-(1-2)-alpha-D-mannopyranose-(1-2)-alpha-D-mannopyranose-(1-3)-[alpha-D-mannopyranose-(1-3)-[alpha-D-mannopyranose-(1-6)]alpha-D-mannopyranose-(1-6)]beta-D-mannopyranose-(1-4)-2-acetamido-2-deoxy-beta-D-glucopyranose-(1-4)-2-acetamido-2-deoxy-beta-D-glucopyranose
14 non-polymer 2-acetamido-2-deoxy-beta-D-glucopyranose
#
loop_
_entity_poly.entity_id
_entity_poly.type
_entity_poly.pdbx_seq_one_letter_code
_entity_poly.pdbx_strand_id
1 'polypeptide(L)'
;DIVMTQSPDSLAVSLGERVTLNCKSSQSLLASSNNKNYLAWYYQKPGQAPKLLIYWASTRESGVPNRFSGSGSGSDFTLT
ISGLQAEDVAVYYCQQYYTTPLTFGGGTKVEIK
;
B,4,Y
2 'polypeptide(L)'
;AVGIGAVFLGFLGAAGSTMGAASMTLTVQARNLLSGIVQQQSNLLRAIEAQQHLLKLTVWGIKQLQARVLAVERYLRDQQ
LLGIWGCSGKLICCTNVPWNSSWSNRNLSEIWDNMTWLQWDKEISNYTQIIYGLLEESQNQQEKNEQDLLALD
;
U,A,D
3 'polypeptide(L)'
;AENLWVTVYYGVPVWKDAETTLFCASDAKAYETEKHNVWATHACVPTDPNPQEIHLENVTEEFNMWKNNMVEQMHTDIIS
LWDQSLKPCVKLTPLCVTLQCTNVTNNITDDMRGELKNCSFNMTTELRDKKQKVYSLFYRLDVVQINENQGNRSNNSNKE
YRLINCNTSACTQACPKVSFEPIPIHYCAPAGFAILKCKDKKFNGTGPCPSVSTVQCTHGIKPVVSTQLLLNGSLAEEEV
MIRSENITNNAKNILVQFNTPVQINCTRPNNNTRKSIRIGPGQAFYATGDIIGDIRQAHCNVSKATWNETLGKVVKQLRK
HFGNNTIIRFANSSGGDLEVTTHSFNCGGEFFYCNTSGLFNSTWISNTSVQGSNSTGSNDSITLPCRIKQIINMWQRIGQ
CMYAPPIQGVIRCVSNITGLILTRDGGSTNSTTETFRPGGGDMRDNWRSELYKYKVVKIEPLGVAPTRCKRRV
;
V,2,C
4 'polypeptide(L)'
;EVQLVESGGGLAKPGGSLRLSCAASGFTFSDYYMDWVRQAPGKGLEWVSRISNSGITWYTDSVRGRFTIFRDNAKNTLYL
QMNSLRAEDTAVYYCTKESAAAIGHYWGQGVLVTVSS
;
W,3,X
5 'polypeptide(L)'
;QVHLQESGPGLVKPSETLSLTCNVSGTLVRDNYWSWIRQPLGKQPEWIGYVHDSGDTNYNPSLKSRVHLSLDKSKNLVSL
RLTGVTAADSAIYYCATTKHGRRIYGVVAFKEWFTYFYMDVWGKGTSVTVSS
;
m,5,M
6 'polypeptide(L)'
;APTFVSVAPGQTARITCGEESLGSRSVIWYQQRPGQAPSLIIYNNNDRPSGIPDRFSGSPGSTFGTTATLTITSVEAGDE
ADYYCHIWDSRRPTNWVFGEGTTLIVL
;
n,6,N
7 'polypeptide(L)'
;QVQLVQSGAVIKTPGSSVKISCRASGYNFRDYSIHWVRLIPDKGFEWIGWIKPLWGAVSYARQLQGRVSMTRQLSQDPDD
PDWGVAYMEFSGLTPADTAEYFCVRRGSCDYCGDFPWQYWGQGTVVVVSSASTKGPSVFPLAPSSGGTAALGCLVKDYFP
EPVTVSWNSGALTSGVHTFPAVLQSSGLYSLSSVVTVPSSSLGTQTYICNVNHKPSNTKVDKKVEPK
;
q,8,Q
8 'polypeptide(L)'
;EIVLTQSPGILSLSPGETATLFCKASQGGNAMTWYQKRRGQVPRLLIYDTSRRASGVPDRFVGSGSGTDFFLTINKLDRE
DFAVYYCQQFEFFGLGSELEVH
;
r,7,R
#
# COMPACT_ATOMS: atom_id res chain seq x y z
N ASP A 1 -11.96 37.18 17.32
CA ASP A 1 -13.25 37.29 16.63
C ASP A 1 -13.05 37.57 15.14
N ILE A 2 -14.09 38.10 14.51
CA ILE A 2 -14.05 38.39 13.08
C ILE A 2 -13.68 39.84 12.87
N VAL A 3 -12.56 40.08 12.20
CA VAL A 3 -12.04 41.42 11.94
C VAL A 3 -12.51 41.87 10.57
N MET A 4 -13.17 43.02 10.53
CA MET A 4 -13.67 43.61 9.29
C MET A 4 -12.80 44.82 8.98
N THR A 5 -12.04 44.76 7.88
CA THR A 5 -11.05 45.78 7.56
C THR A 5 -11.39 46.42 6.22
N GLN A 6 -11.67 47.72 6.24
CA GLN A 6 -11.87 48.46 5.00
C GLN A 6 -10.51 48.92 4.49
N SER A 7 -10.29 48.76 3.19
CA SER A 7 -8.95 48.96 2.63
C SER A 7 -8.55 50.44 2.49
N PRO A 8 -9.39 51.37 2.02
CA PRO A 8 -9.00 52.78 2.14
C PRO A 8 -9.52 53.41 3.42
N ASP A 9 -8.87 54.50 3.81
CA ASP A 9 -9.32 55.29 4.94
C ASP A 9 -10.17 56.47 4.53
N SER A 10 -9.98 56.97 3.32
CA SER A 10 -10.78 58.07 2.78
C SER A 10 -10.73 58.02 1.27
N LEU A 11 -11.62 58.78 0.63
CA LEU A 11 -11.67 58.86 -0.82
C LEU A 11 -12.31 60.20 -1.20
N ALA A 12 -11.48 61.16 -1.59
CA ALA A 12 -11.94 62.49 -1.96
C ALA A 12 -11.84 62.62 -3.47
N VAL A 13 -13.00 62.56 -4.15
CA VAL A 13 -13.06 62.58 -5.60
C VAL A 13 -13.94 63.73 -6.05
N SER A 14 -14.10 63.89 -7.36
CA SER A 14 -15.06 64.81 -7.93
C SER A 14 -16.44 64.16 -8.03
N LEU A 15 -17.43 64.94 -8.39
CA LEU A 15 -18.82 64.48 -8.40
C LEU A 15 -19.27 64.21 -9.83
N GLY A 16 -19.97 63.09 -10.00
CA GLY A 16 -20.49 62.69 -11.31
C GLY A 16 -19.92 61.38 -11.79
N GLU A 17 -18.63 61.16 -11.55
CA GLU A 17 -17.97 59.93 -11.96
C GLU A 17 -18.14 58.85 -10.89
N ARG A 18 -17.89 57.62 -11.29
CA ARG A 18 -18.06 56.49 -10.38
C ARG A 18 -16.84 56.34 -9.48
N VAL A 19 -17.04 55.64 -8.36
CA VAL A 19 -15.97 55.18 -7.48
C VAL A 19 -16.21 53.71 -7.14
N THR A 20 -15.33 53.17 -6.32
CA THR A 20 -15.46 51.81 -5.81
C THR A 20 -14.77 51.71 -4.46
N LEU A 21 -15.32 50.87 -3.58
CA LEU A 21 -14.76 50.68 -2.24
C LEU A 21 -14.78 49.20 -1.91
N ASN A 22 -13.90 48.80 -0.99
CA ASN A 22 -13.71 47.40 -0.65
C ASN A 22 -13.72 47.21 0.87
N CYS A 23 -14.20 46.04 1.28
CA CYS A 23 -14.15 45.60 2.67
C CYS A 23 -13.70 44.16 2.67
N LYS A 24 -12.58 43.89 3.34
CA LYS A 24 -12.08 42.54 3.51
C LYS A 24 -12.50 42.00 4.87
N SER A 25 -12.73 40.70 4.92
CA SER A 25 -13.11 40.02 6.15
C SER A 25 -12.02 39.04 6.54
N SER A 26 -11.82 38.89 7.85
CA SER A 26 -10.85 37.92 8.36
C SER A 26 -11.38 36.49 8.33
N GLN A 27 -12.63 36.31 7.91
CA GLN A 27 -13.30 35.02 7.92
C GLN A 27 -14.36 35.01 6.83
N SER A 28 -14.45 33.89 6.11
CA SER A 28 -15.36 33.77 4.97
C SER A 28 -16.80 33.76 5.44
N LEU A 29 -17.54 34.80 5.09
CA LEU A 29 -18.89 35.01 5.57
C LEU A 29 -19.94 34.30 4.73
N LEU A 30 -19.53 33.57 3.68
CA LEU A 30 -20.45 32.89 2.80
C LEU A 30 -21.07 31.70 3.51
N ALA A 31 -22.35 31.82 3.84
CA ALA A 31 -23.08 30.72 4.48
C ALA A 31 -23.28 29.59 3.47
N SER A 32 -22.71 28.42 3.76
CA SER A 32 -22.78 27.30 2.83
C SER A 32 -24.17 26.69 2.75
N SER A 33 -24.98 26.82 3.81
CA SER A 33 -26.32 26.25 3.79
C SER A 33 -27.26 27.07 2.91
N ASN A 34 -27.36 28.37 3.15
CA ASN A 34 -28.26 29.23 2.39
C ASN A 34 -27.71 29.61 1.04
N ASN A 35 -26.40 29.42 0.81
CA ASN A 35 -25.66 29.87 -0.38
C ASN A 35 -25.80 31.37 -0.60
N LYS A 36 -25.96 32.13 0.47
CA LYS A 36 -26.10 33.58 0.42
C LYS A 36 -25.23 34.17 1.52
N ASN A 37 -24.83 35.42 1.33
CA ASN A 37 -23.68 35.98 2.03
C ASN A 37 -24.10 37.17 2.88
N TYR A 38 -23.29 37.48 3.90
CA TYR A 38 -23.75 38.31 5.03
C TYR A 38 -22.95 39.59 5.14
N LEU A 39 -23.34 40.61 4.38
CA LEU A 39 -22.84 41.96 4.56
C LEU A 39 -23.99 42.94 4.66
N ALA A 40 -23.87 43.86 5.58
CA ALA A 40 -24.71 45.05 5.63
C ALA A 40 -23.82 46.24 5.31
N TRP A 41 -24.01 46.82 4.13
CA TRP A 41 -23.38 48.09 3.80
C TRP A 41 -24.30 49.21 4.26
N TYR A 42 -23.80 50.03 5.18
CA TYR A 42 -24.49 51.13 5.81
C TYR A 42 -23.97 52.46 5.31
N TYR A 43 -24.76 53.51 5.55
CA TYR A 43 -24.43 54.87 5.17
C TYR A 43 -24.80 55.81 6.30
N GLN A 44 -23.81 56.42 6.93
CA GLN A 44 -24.04 57.39 7.99
C GLN A 44 -23.66 58.79 7.52
N LYS A 45 -24.59 59.72 7.65
CA LYS A 45 -24.38 61.14 7.39
C LYS A 45 -23.71 61.78 8.60
N PRO A 46 -23.19 63.00 8.47
CA PRO A 46 -22.72 63.72 9.66
C PRO A 46 -23.88 64.08 10.58
N GLY A 47 -23.79 63.61 11.83
CA GLY A 47 -24.79 63.92 12.83
C GLY A 47 -26.12 63.22 12.67
N GLN A 48 -26.16 62.12 11.92
CA GLN A 48 -27.40 61.44 11.63
C GLN A 48 -27.30 59.97 11.98
N ALA A 49 -28.46 59.36 12.22
CA ALA A 49 -28.53 57.91 12.39
C ALA A 49 -28.30 57.24 11.04
N PRO A 50 -27.53 56.15 11.00
CA PRO A 50 -27.22 55.50 9.72
C PRO A 50 -28.43 54.81 9.13
N LYS A 51 -28.29 54.43 7.87
CA LYS A 51 -29.30 53.64 7.19
C LYS A 51 -28.61 52.54 6.40
N LEU A 52 -29.37 51.50 6.10
CA LEU A 52 -28.87 50.42 5.28
C LEU A 52 -28.74 50.86 3.83
N LEU A 53 -27.74 50.31 3.14
CA LEU A 53 -27.69 50.39 1.68
C LEU A 53 -27.78 49.02 1.05
N ILE A 54 -26.94 48.08 1.47
CA ILE A 54 -26.85 46.77 0.82
C ILE A 54 -27.08 45.70 1.87
N TYR A 55 -28.06 44.82 1.63
CA TYR A 55 -28.29 43.64 2.44
C TYR A 55 -28.09 42.38 1.60
N TRP A 56 -27.88 41.27 2.32
CA TRP A 56 -27.48 39.97 1.75
C TRP A 56 -26.22 40.07 0.88
N ALA A 57 -25.36 41.05 1.19
CA ALA A 57 -24.09 41.38 0.54
C ALA A 57 -24.20 41.80 -0.94
N SER A 58 -25.40 41.76 -1.53
CA SER A 58 -25.59 42.18 -2.91
C SER A 58 -26.80 43.05 -3.15
N THR A 59 -27.86 42.96 -2.35
CA THR A 59 -29.17 43.50 -2.70
C THR A 59 -29.35 44.88 -2.09
N ARG A 60 -29.80 45.83 -2.90
CA ARG A 60 -30.07 47.19 -2.46
C ARG A 60 -31.37 47.25 -1.66
N GLU A 61 -31.45 48.25 -0.79
CA GLU A 61 -32.66 48.45 0.00
C GLU A 61 -33.69 49.23 -0.82
N SER A 62 -34.96 49.05 -0.48
CA SER A 62 -36.00 49.91 -1.01
C SER A 62 -35.79 51.35 -0.54
N GLY A 63 -36.07 52.30 -1.43
CA GLY A 63 -35.72 53.69 -1.21
C GLY A 63 -34.33 54.07 -1.70
N VAL A 64 -33.50 53.08 -2.03
CA VAL A 64 -32.17 53.32 -2.59
C VAL A 64 -32.26 53.14 -4.10
N PRO A 65 -31.81 54.12 -4.89
CA PRO A 65 -31.90 53.98 -6.35
C PRO A 65 -30.91 52.99 -6.95
N ASN A 66 -30.95 52.85 -8.26
CA ASN A 66 -30.20 51.82 -8.99
C ASN A 66 -28.71 52.10 -9.10
N ARG A 67 -28.20 53.18 -8.52
CA ARG A 67 -26.82 53.59 -8.75
C ARG A 67 -25.83 52.95 -7.78
N PHE A 68 -26.27 52.02 -6.94
CA PHE A 68 -25.38 51.31 -6.05
C PHE A 68 -25.30 49.84 -6.46
N SER A 69 -24.19 49.19 -6.11
CA SER A 69 -24.07 47.75 -6.36
C SER A 69 -23.15 47.13 -5.31
N GLY A 70 -23.73 46.34 -4.42
CA GLY A 70 -22.94 45.45 -3.58
C GLY A 70 -22.56 44.23 -4.39
N SER A 71 -21.28 43.83 -4.30
CA SER A 71 -20.75 42.84 -5.20
C SER A 71 -19.71 41.99 -4.48
N GLY A 72 -19.51 40.79 -4.97
CA GLY A 72 -18.49 39.90 -4.46
C GLY A 72 -19.02 38.94 -3.41
N SER A 73 -18.41 37.77 -3.35
CA SER A 73 -18.75 36.77 -2.35
C SER A 73 -17.47 36.27 -1.69
N GLY A 74 -17.59 35.24 -0.86
CA GLY A 74 -16.43 34.71 -0.18
C GLY A 74 -15.99 35.56 0.99
N SER A 75 -14.83 36.21 0.86
CA SER A 75 -14.22 36.94 1.96
C SER A 75 -13.97 38.41 1.67
N ASP A 76 -13.93 38.83 0.40
CA ASP A 76 -13.61 40.20 0.04
C ASP A 76 -14.76 40.77 -0.78
N PHE A 77 -15.19 41.99 -0.43
CA PHE A 77 -16.48 42.51 -0.87
C PHE A 77 -16.30 43.92 -1.39
N THR A 78 -17.16 44.31 -2.33
CA THR A 78 -16.97 45.54 -3.07
C THR A 78 -18.29 46.30 -3.20
N LEU A 79 -18.30 47.53 -2.72
CA LEU A 79 -19.43 48.43 -2.97
C LEU A 79 -19.03 49.37 -4.10
N THR A 80 -19.68 49.23 -5.26
CA THR A 80 -19.38 50.03 -6.43
C THR A 80 -20.52 51.02 -6.66
N ILE A 81 -20.19 52.28 -6.71
CA ILE A 81 -21.11 53.35 -7.05
C ILE A 81 -21.03 53.53 -8.55
N SER A 82 -22.13 53.94 -9.19
CA SER A 82 -22.09 54.26 -10.61
C SER A 82 -22.08 55.75 -10.88
N GLY A 83 -22.79 56.53 -10.05
CA GLY A 83 -22.78 57.98 -10.19
C GLY A 83 -22.85 58.67 -8.85
N LEU A 84 -21.87 59.53 -8.55
CA LEU A 84 -21.81 60.20 -7.27
C LEU A 84 -22.76 61.39 -7.24
N GLN A 85 -23.46 61.54 -6.11
CA GLN A 85 -24.34 62.66 -5.86
C GLN A 85 -23.84 63.45 -4.66
N ALA A 86 -24.43 64.63 -4.45
CA ALA A 86 -24.11 65.43 -3.27
C ALA A 86 -24.75 64.88 -2.01
N GLU A 87 -25.83 64.09 -2.14
CA GLU A 87 -26.47 63.43 -1.02
C GLU A 87 -25.71 62.21 -0.53
N ASP A 88 -24.68 61.77 -1.26
CA ASP A 88 -24.02 60.51 -0.99
C ASP A 88 -22.70 60.65 -0.25
N VAL A 89 -22.15 61.85 -0.14
CA VAL A 89 -20.74 62.02 0.27
C VAL A 89 -20.73 62.10 1.80
N ALA A 90 -20.75 60.92 2.42
CA ALA A 90 -20.55 60.74 3.85
C ALA A 90 -20.06 59.31 4.06
N VAL A 91 -20.09 58.83 5.31
CA VAL A 91 -19.32 57.64 5.67
C VAL A 91 -20.08 56.38 5.28
N TYR A 92 -19.38 55.44 4.64
CA TYR A 92 -19.89 54.10 4.40
C TYR A 92 -19.37 53.13 5.46
N TYR A 93 -20.11 52.04 5.65
CA TYR A 93 -19.73 51.02 6.62
C TYR A 93 -20.00 49.64 6.04
N CYS A 94 -19.16 48.67 6.39
CA CYS A 94 -19.40 47.26 6.11
C CYS A 94 -19.60 46.55 7.44
N GLN A 95 -20.56 45.64 7.50
CA GLN A 95 -20.88 44.91 8.71
C GLN A 95 -21.07 43.44 8.38
N GLN A 96 -20.40 42.56 9.13
CA GLN A 96 -20.77 41.16 9.15
C GLN A 96 -21.90 40.97 10.16
N TYR A 97 -22.92 40.24 9.76
CA TYR A 97 -23.91 39.74 10.70
C TYR A 97 -23.97 38.21 10.67
N TYR A 98 -22.80 37.58 10.52
CA TYR A 98 -22.72 36.13 10.50
C TYR A 98 -22.67 35.56 11.91
N THR A 99 -21.94 36.23 12.82
CA THR A 99 -21.86 35.76 14.21
C THR A 99 -21.98 36.93 15.17
N THR A 100 -22.06 36.58 16.44
CA THR A 100 -21.77 37.38 17.61
C THR A 100 -20.27 37.29 17.91
N PRO A 101 -19.59 38.42 18.17
CA PRO A 101 -20.02 39.81 18.23
C PRO A 101 -20.14 40.47 16.86
N LEU A 102 -21.17 41.30 16.73
CA LEU A 102 -21.38 42.04 15.50
C LEU A 102 -20.36 43.16 15.38
N THR A 103 -19.44 43.02 14.44
CA THR A 103 -18.36 43.98 14.26
C THR A 103 -18.58 44.73 12.95
N PHE A 104 -18.18 46.00 12.94
CA PHE A 104 -18.37 46.83 11.76
C PHE A 104 -17.03 47.06 11.09
N GLY A 105 -17.07 47.77 9.96
CA GLY A 105 -15.84 48.20 9.33
C GLY A 105 -15.27 49.45 9.97
N GLY A 106 -14.16 49.92 9.40
CA GLY A 106 -13.53 51.12 9.93
C GLY A 106 -14.26 52.39 9.57
N GLY A 107 -14.85 52.46 8.38
CA GLY A 107 -15.57 53.63 7.95
C GLY A 107 -14.77 54.48 6.99
N THR A 108 -15.06 54.36 5.69
CA THR A 108 -14.39 55.12 4.66
C THR A 108 -15.17 56.40 4.39
N LYS A 109 -14.60 57.53 4.82
CA LYS A 109 -15.26 58.82 4.69
C LYS A 109 -15.02 59.37 3.30
N VAL A 110 -16.03 59.28 2.45
CA VAL A 110 -15.96 59.81 1.09
C VAL A 110 -16.50 61.24 1.09
N GLU A 111 -15.68 62.17 0.60
CA GLU A 111 -16.08 63.56 0.46
C GLU A 111 -15.71 64.06 -0.94
N ILE A 112 -15.95 65.35 -1.17
CA ILE A 112 -15.75 65.96 -2.48
C ILE A 112 -14.37 66.61 -2.53
N LYS A 113 -13.61 66.29 -3.58
CA LYS A 113 -12.40 67.03 -3.89
C LYS A 113 -12.66 67.96 -5.08
N ALA B 1 -42.52 29.94 18.81
CA ALA B 1 -41.58 30.89 19.41
C ALA B 1 -40.44 31.20 18.46
N VAL B 2 -40.77 31.74 17.30
CA VAL B 2 -39.79 32.16 16.31
C VAL B 2 -40.17 33.55 15.84
N GLY B 3 -39.15 34.38 15.59
CA GLY B 3 -39.37 35.77 15.22
C GLY B 3 -38.44 36.18 14.08
N ILE B 4 -38.49 37.46 13.75
CA ILE B 4 -37.75 38.00 12.62
C ILE B 4 -36.39 38.46 13.12
N GLY B 5 -35.34 37.90 12.53
CA GLY B 5 -33.97 38.22 12.87
C GLY B 5 -33.04 37.75 11.78
N ALA B 6 -31.97 38.51 11.51
CA ALA B 6 -31.18 38.33 10.31
C ALA B 6 -29.86 37.60 10.53
N VAL B 7 -29.56 37.20 11.77
CA VAL B 7 -28.26 36.60 12.09
C VAL B 7 -28.33 35.15 11.61
N PHE B 8 -27.17 34.48 11.51
CA PHE B 8 -27.05 33.25 10.72
C PHE B 8 -27.82 32.07 11.33
N LEU B 9 -27.87 31.98 12.67
CA LEU B 9 -28.58 30.92 13.41
C LEU B 9 -28.04 29.55 13.01
N GLY B 10 -26.78 29.32 13.37
CA GLY B 10 -26.01 28.22 12.85
C GLY B 10 -25.88 27.05 13.81
N PHE B 11 -24.97 26.14 13.44
CA PHE B 11 -24.82 24.86 14.11
C PHE B 11 -24.26 25.02 15.51
N LEU B 12 -24.98 24.44 16.49
CA LEU B 12 -24.72 24.57 17.93
C LEU B 12 -24.80 26.02 18.40
N GLY B 13 -25.60 26.85 17.72
CA GLY B 13 -25.71 28.24 18.14
C GLY B 13 -26.47 28.40 19.44
N ALA B 14 -27.53 27.62 19.62
CA ALA B 14 -28.36 27.69 20.81
C ALA B 14 -28.06 26.56 21.79
N ALA B 15 -26.79 26.15 21.89
CA ALA B 15 -26.43 25.11 22.84
C ALA B 15 -26.52 25.60 24.28
N GLY B 16 -26.34 26.90 24.50
CA GLY B 16 -26.40 27.45 25.84
C GLY B 16 -27.73 28.09 26.16
N SER B 17 -28.58 28.25 25.15
CA SER B 17 -29.92 28.74 25.39
C SER B 17 -30.75 27.65 26.07
N THR B 18 -31.84 28.08 26.72
CA THR B 18 -32.72 27.16 27.41
C THR B 18 -33.39 26.22 26.42
N MET B 19 -33.74 25.02 26.90
CA MET B 19 -34.19 23.97 26.01
C MET B 19 -35.59 24.18 25.46
N GLY B 20 -36.32 25.19 25.95
CA GLY B 20 -37.50 25.65 25.25
C GLY B 20 -37.22 26.59 24.11
N ALA B 21 -35.98 27.03 23.97
CA ALA B 21 -35.57 27.93 22.90
C ALA B 21 -34.63 27.29 21.90
N ALA B 22 -33.89 26.26 22.30
CA ALA B 22 -33.10 25.48 21.36
C ALA B 22 -33.96 24.49 20.57
N SER B 23 -35.18 24.24 21.00
CA SER B 23 -36.08 23.37 20.27
C SER B 23 -36.64 24.02 19.01
N MET B 24 -36.62 25.34 18.94
CA MET B 24 -37.05 26.02 17.72
C MET B 24 -35.99 26.01 16.64
N THR B 25 -34.76 25.59 16.95
CA THR B 25 -33.72 25.38 15.95
C THR B 25 -33.12 23.98 16.16
N LEU B 26 -33.81 22.98 15.59
CA LEU B 26 -33.32 21.61 15.61
C LEU B 26 -33.03 21.06 14.23
N THR B 27 -33.53 21.69 13.17
CA THR B 27 -33.19 21.27 11.83
C THR B 27 -31.77 21.67 11.45
N VAL B 28 -31.16 22.59 12.19
CA VAL B 28 -29.80 23.02 11.88
C VAL B 28 -28.80 21.95 12.29
N GLN B 29 -28.93 21.46 13.52
CA GLN B 29 -28.06 20.38 13.98
C GLN B 29 -28.40 19.06 13.29
N ALA B 30 -29.64 18.89 12.83
CA ALA B 30 -29.96 17.71 12.04
C ALA B 30 -29.34 17.79 10.66
N ARG B 31 -29.31 18.99 10.06
CA ARG B 31 -28.68 19.17 8.76
C ARG B 31 -27.17 18.99 8.84
N ASN B 32 -26.52 19.69 9.76
CA ASN B 32 -25.06 19.67 9.87
C ASN B 32 -24.59 18.51 10.75
N LEU B 33 -25.02 17.31 10.40
CA LEU B 33 -24.67 16.10 11.11
C LEU B 33 -24.21 14.99 10.18
N LEU B 34 -24.47 15.11 8.89
CA LEU B 34 -24.22 14.06 7.91
C LEU B 34 -23.21 14.44 6.86
N SER B 35 -23.40 15.57 6.18
CA SER B 35 -22.53 15.96 5.09
C SER B 35 -21.18 16.48 5.55
N GLY B 36 -21.09 16.96 6.78
CA GLY B 36 -19.85 17.52 7.30
C GLY B 36 -19.95 18.99 7.61
N THR B 58 -1.39 8.88 -0.21
CA THR B 58 -1.66 7.60 -0.86
C THR B 58 -2.26 6.61 0.13
N VAL B 59 -2.16 6.92 1.42
CA VAL B 59 -2.73 6.11 2.48
C VAL B 59 -3.90 6.81 3.17
N TRP B 60 -3.90 8.15 3.22
CA TRP B 60 -4.86 8.94 3.99
C TRP B 60 -6.29 8.81 3.53
N GLY B 61 -6.50 8.31 2.30
CA GLY B 61 -7.85 8.00 1.85
C GLY B 61 -8.54 6.95 2.70
N ILE B 62 -7.77 6.03 3.29
CA ILE B 62 -8.33 5.04 4.20
C ILE B 62 -8.86 5.71 5.47
N LYS B 63 -8.11 6.67 6.01
CA LYS B 63 -8.53 7.37 7.22
C LYS B 63 -9.76 8.23 6.96
N GLN B 64 -9.74 8.99 5.85
CA GLN B 64 -10.90 9.79 5.47
C GLN B 64 -12.11 8.91 5.19
N LEU B 65 -11.88 7.74 4.60
CA LEU B 65 -12.96 6.86 4.21
C LEU B 65 -13.60 6.19 5.41
N GLN B 66 -12.80 5.80 6.40
CA GLN B 66 -13.37 5.21 7.59
C GLN B 66 -14.04 6.26 8.47
N ALA B 67 -13.57 7.52 8.42
CA ALA B 67 -14.30 8.59 9.09
C ALA B 67 -15.67 8.82 8.46
N ARG B 68 -15.74 8.77 7.13
CA ARG B 68 -17.02 8.96 6.45
C ARG B 68 -17.98 7.80 6.72
N VAL B 69 -17.47 6.57 6.76
CA VAL B 69 -18.40 5.48 7.03
C VAL B 69 -18.79 5.44 8.50
N LEU B 70 -17.94 5.96 9.41
CA LEU B 70 -18.36 6.13 10.80
C LEU B 70 -19.49 7.15 10.91
N ALA B 71 -19.40 8.23 10.11
CA ALA B 71 -20.45 9.25 10.11
C ALA B 71 -21.77 8.67 9.62
N VAL B 72 -21.76 7.95 8.50
CA VAL B 72 -23.02 7.42 7.98
C VAL B 72 -23.54 6.28 8.84
N GLU B 73 -22.65 5.54 9.53
CA GLU B 73 -23.11 4.49 10.42
C GLU B 73 -23.79 5.06 11.66
N ARG B 74 -23.24 6.15 12.20
CA ARG B 74 -23.86 6.82 13.34
C ARG B 74 -25.21 7.43 12.97
N TYR B 75 -25.31 8.01 11.76
CA TYR B 75 -26.58 8.56 11.30
C TYR B 75 -27.62 7.47 11.12
N LEU B 76 -27.22 6.32 10.55
CA LEU B 76 -28.15 5.20 10.39
C LEU B 76 -28.58 4.61 11.74
N ARG B 77 -27.68 4.56 12.72
CA ARG B 77 -28.06 4.05 14.04
C ARG B 77 -29.08 4.96 14.71
N ASP B 78 -28.90 6.28 14.57
CA ASP B 78 -29.87 7.20 15.18
C ASP B 78 -31.21 7.15 14.45
N GLN B 79 -31.19 7.08 13.11
CA GLN B 79 -32.43 6.97 12.37
C GLN B 79 -33.13 5.63 12.60
N GLN B 80 -32.37 4.58 12.93
CA GLN B 80 -32.98 3.31 13.27
C GLN B 80 -33.61 3.33 14.65
N LEU B 81 -32.97 4.03 15.61
CA LEU B 81 -33.59 4.20 16.92
C LEU B 81 -34.88 5.01 16.83
N LEU B 82 -34.91 6.02 15.96
CA LEU B 82 -36.17 6.73 15.72
C LEU B 82 -37.19 5.82 15.04
N GLY B 83 -36.78 5.09 14.01
CA GLY B 83 -37.71 4.38 13.16
C GLY B 83 -38.46 3.24 13.84
N ILE B 84 -37.84 2.61 14.83
CA ILE B 84 -38.54 1.58 15.59
C ILE B 84 -39.42 2.17 16.69
N TRP B 85 -39.44 3.48 16.82
CA TRP B 85 -40.41 4.20 17.64
C TRP B 85 -41.48 4.78 16.72
N GLY B 86 -42.29 5.67 17.27
CA GLY B 86 -43.40 6.22 16.50
C GLY B 86 -42.97 7.14 15.36
N CYS B 87 -41.95 7.94 15.59
CA CYS B 87 -41.57 8.95 14.61
C CYS B 87 -40.39 8.50 13.77
N SER B 88 -40.57 8.53 12.45
CA SER B 88 -39.52 8.14 11.52
C SER B 88 -38.91 9.36 10.82
N GLY B 89 -39.69 10.40 10.60
CA GLY B 89 -39.18 11.63 10.02
C GLY B 89 -39.84 12.87 10.56
N LYS B 90 -40.40 12.78 11.77
CA LYS B 90 -41.14 13.91 12.31
C LYS B 90 -40.22 15.00 12.84
N LEU B 91 -39.13 14.60 13.52
CA LEU B 91 -38.10 15.37 14.22
C LEU B 91 -38.63 15.98 15.53
N ILE B 92 -39.93 16.00 15.75
CA ILE B 92 -40.56 16.20 17.05
C ILE B 92 -41.71 15.21 17.13
N CYS B 93 -41.62 14.23 18.02
CA CYS B 93 -42.69 13.25 18.09
C CYS B 93 -43.09 13.00 19.53
N CYS B 94 -44.35 12.64 19.70
CA CYS B 94 -44.95 12.38 21.00
C CYS B 94 -45.28 10.91 21.07
N THR B 95 -45.35 10.36 22.29
CA THR B 95 -45.60 8.93 22.44
C THR B 95 -46.49 8.69 23.65
N ASN B 96 -46.74 7.41 23.93
CA ASN B 96 -47.77 6.99 24.86
C ASN B 96 -47.23 6.47 26.18
N VAL B 97 -45.93 6.58 26.44
CA VAL B 97 -45.42 6.27 27.77
C VAL B 97 -45.41 7.53 28.62
N PRO B 98 -45.90 7.48 29.85
CA PRO B 98 -45.93 8.67 30.70
C PRO B 98 -44.61 8.88 31.42
N TRP B 99 -44.35 10.14 31.73
CA TRP B 99 -43.12 10.53 32.44
C TRP B 99 -43.19 10.05 33.87
N ASN B 100 -42.41 9.03 34.20
CA ASN B 100 -42.28 8.58 35.58
C ASN B 100 -41.59 9.66 36.40
N SER B 101 -42.24 10.13 37.46
CA SER B 101 -41.72 11.27 38.21
C SER B 101 -40.62 10.86 39.18
N SER B 102 -40.29 9.55 39.22
CA SER B 102 -39.10 9.13 39.94
C SER B 102 -37.82 9.41 39.15
N TRP B 103 -37.97 9.77 37.87
CA TRP B 103 -36.80 9.98 37.02
C TRP B 103 -36.16 11.35 37.28
N SER B 104 -36.96 12.41 37.25
CA SER B 104 -36.41 13.75 37.35
C SER B 104 -37.03 14.61 38.46
N ASN B 105 -38.20 14.23 38.98
CA ASN B 105 -38.92 14.78 40.15
C ASN B 105 -38.93 16.31 40.23
N ARG B 106 -39.00 16.97 39.07
CA ARG B 106 -38.98 18.43 38.99
C ARG B 106 -40.11 18.92 38.10
N ASN B 107 -40.43 20.20 38.25
CA ASN B 107 -41.60 20.79 37.64
C ASN B 107 -41.41 20.95 36.13
N LEU B 108 -42.53 21.11 35.42
CA LEU B 108 -42.48 21.36 33.98
C LEU B 108 -42.00 22.77 33.68
N SER B 109 -42.29 23.71 34.58
CA SER B 109 -41.89 25.10 34.35
C SER B 109 -40.40 25.32 34.51
N GLU B 110 -39.72 24.45 35.27
CA GLU B 110 -38.31 24.62 35.56
C GLU B 110 -37.41 23.75 34.68
N ILE B 111 -37.90 23.27 33.55
CA ILE B 111 -37.05 22.64 32.55
C ILE B 111 -37.03 23.45 31.24
N TRP B 112 -38.20 23.86 30.74
CA TRP B 112 -38.25 24.52 29.44
C TRP B 112 -37.88 25.99 29.50
N ASP B 113 -37.76 26.56 30.69
CA ASP B 113 -37.40 27.96 30.84
C ASP B 113 -36.17 28.15 31.71
N ASN B 114 -35.59 27.08 32.24
CA ASN B 114 -34.48 27.20 33.18
C ASN B 114 -33.21 26.54 32.68
N MET B 115 -33.28 25.28 32.24
CA MET B 115 -32.08 24.51 31.95
C MET B 115 -31.85 24.34 30.46
N THR B 116 -30.67 23.84 30.13
CA THR B 116 -30.23 23.58 28.77
C THR B 116 -30.15 22.08 28.54
N TRP B 117 -29.93 21.69 27.28
CA TRP B 117 -29.78 20.28 26.96
C TRP B 117 -28.47 19.71 27.48
N LEU B 118 -27.42 20.54 27.57
CA LEU B 118 -26.16 20.11 28.16
C LEU B 118 -26.32 19.78 29.64
N GLN B 119 -27.24 20.44 30.31
CA GLN B 119 -27.50 20.25 31.73
C GLN B 119 -28.60 19.23 31.99
N TRP B 120 -29.56 19.10 31.07
CA TRP B 120 -30.58 18.07 31.15
C TRP B 120 -30.05 16.71 30.74
N ASP B 121 -28.96 16.67 29.97
CA ASP B 121 -28.35 15.39 29.59
C ASP B 121 -27.77 14.66 30.79
N LYS B 122 -27.16 15.40 31.71
CA LYS B 122 -26.56 14.78 32.87
C LYS B 122 -27.61 14.30 33.86
N GLU B 123 -28.75 14.98 33.93
CA GLU B 123 -29.73 14.68 34.96
C GLU B 123 -30.58 13.45 34.67
N ILE B 124 -30.57 12.95 33.44
CA ILE B 124 -31.30 11.72 33.12
C ILE B 124 -30.41 10.73 32.37
N SER B 125 -29.09 10.91 32.47
CA SER B 125 -28.17 9.96 31.84
C SER B 125 -28.19 8.62 32.55
N ASN B 126 -28.43 8.64 33.85
CA ASN B 126 -28.59 7.40 34.61
C ASN B 126 -29.92 6.73 34.26
N TYR B 127 -30.99 7.52 34.06
CA TYR B 127 -32.29 6.92 33.75
C TYR B 127 -32.46 6.67 32.25
N THR B 128 -31.45 7.02 31.45
CA THR B 128 -31.45 6.62 30.04
C THR B 128 -31.24 5.11 29.96
N GLN B 129 -31.80 4.49 28.89
CA GLN B 129 -31.81 3.07 28.52
C GLN B 129 -32.82 2.30 29.38
N ILE B 130 -33.36 2.94 30.42
CA ILE B 130 -34.62 2.48 30.99
C ILE B 130 -35.78 3.00 30.15
N ILE B 131 -35.62 4.22 29.61
CA ILE B 131 -36.69 4.87 28.87
C ILE B 131 -36.83 4.26 27.47
N TYR B 132 -35.70 3.88 26.86
CA TYR B 132 -35.71 3.43 25.46
C TYR B 132 -36.40 2.08 25.32
N GLY B 133 -36.23 1.21 26.31
CA GLY B 133 -36.94 -0.06 26.30
C GLY B 133 -38.43 0.11 26.44
N LEU B 134 -38.85 1.11 27.23
CA LEU B 134 -40.27 1.42 27.35
C LEU B 134 -40.83 2.01 26.07
N LEU B 135 -39.99 2.78 25.35
CA LEU B 135 -40.41 3.33 24.07
C LEU B 135 -40.62 2.24 23.03
N GLU B 136 -39.68 1.29 22.94
CA GLU B 136 -39.85 0.16 22.04
C GLU B 136 -41.02 -0.72 22.44
N GLU B 137 -41.23 -0.92 23.74
CA GLU B 137 -42.32 -1.74 24.24
C GLU B 137 -43.67 -1.13 23.90
N SER B 138 -43.81 0.18 24.10
CA SER B 138 -45.05 0.86 23.77
C SER B 138 -45.29 0.91 22.27
N GLN B 139 -44.22 1.03 21.47
CA GLN B 139 -44.41 1.05 20.03
C GLN B 139 -44.78 -0.33 19.48
N ASN B 140 -44.20 -1.40 20.04
CA ASN B 140 -44.57 -2.75 19.62
C ASN B 140 -46.00 -3.08 20.04
N GLN B 141 -46.40 -2.63 21.24
CA GLN B 141 -47.78 -2.86 21.69
C GLN B 141 -48.77 -2.06 20.85
N GLN B 142 -48.40 -0.83 20.45
CA GLN B 142 -49.28 -0.05 19.60
C GLN B 142 -49.37 -0.62 18.20
N GLU B 143 -48.27 -1.20 17.69
CA GLU B 143 -48.32 -1.87 16.39
C GLU B 143 -49.20 -3.10 16.41
N LYS B 144 -49.13 -3.90 17.47
CA LYS B 144 -49.99 -5.09 17.51
C LYS B 144 -51.45 -4.72 17.79
N ASN B 145 -51.70 -3.63 18.54
CA ASN B 145 -53.06 -3.15 18.72
C ASN B 145 -53.63 -2.62 17.41
N GLU B 146 -52.81 -1.92 16.62
CA GLU B 146 -53.25 -1.45 15.31
C GLU B 146 -53.53 -2.61 14.37
N GLN B 147 -52.68 -3.65 14.41
CA GLN B 147 -52.89 -4.81 13.55
C GLN B 147 -54.18 -5.55 13.94
N ASP B 148 -54.45 -5.67 15.24
CA ASP B 148 -55.69 -6.32 15.68
C ASP B 148 -56.91 -5.46 15.36
N LEU B 149 -56.78 -4.13 15.41
CA LEU B 149 -57.90 -3.25 15.12
C LEU B 149 -58.23 -3.26 13.62
N LEU B 150 -57.22 -3.33 12.77
CA LEU B 150 -57.47 -3.60 11.36
C LEU B 150 -58.01 -5.00 11.12
N ALA B 151 -57.60 -5.98 11.94
CA ALA B 151 -58.00 -7.36 11.70
C ALA B 151 -59.44 -7.63 12.11
N LEU B 152 -59.97 -6.92 13.11
CA LEU B 152 -61.37 -7.13 13.49
C LEU B 152 -62.33 -6.48 12.52
N ASP B 153 -61.86 -5.58 11.66
CA ASP B 153 -62.70 -4.93 10.66
C ASP B 153 -62.75 -5.75 9.37
N ALA C 1 -53.07 16.70 34.08
CA ALA C 1 -52.10 17.57 33.43
C ALA C 1 -50.75 17.46 34.12
N GLU C 2 -50.78 17.07 35.39
CA GLU C 2 -49.54 16.83 36.13
C GLU C 2 -48.83 15.57 35.67
N ASN C 3 -49.54 14.65 35.02
CA ASN C 3 -48.89 13.56 34.30
C ASN C 3 -48.26 14.10 33.02
N LEU C 4 -46.94 14.02 32.94
CA LEU C 4 -46.27 14.44 31.72
C LEU C 4 -46.05 13.24 30.82
N TRP C 5 -45.87 13.52 29.54
CA TRP C 5 -45.67 12.49 28.53
C TRP C 5 -44.32 12.72 27.88
N VAL C 6 -43.60 11.65 27.63
CA VAL C 6 -42.23 11.84 27.20
C VAL C 6 -42.22 12.06 25.69
N THR C 7 -41.24 12.81 25.21
CA THR C 7 -41.06 13.10 23.79
C THR C 7 -39.58 13.04 23.50
N VAL C 8 -39.21 12.37 22.41
CA VAL C 8 -37.83 12.33 21.97
C VAL C 8 -37.65 13.35 20.85
N TYR C 9 -36.60 14.14 20.96
CA TYR C 9 -36.30 15.19 19.99
C TYR C 9 -35.02 14.83 19.27
N TYR C 10 -35.02 15.02 17.96
CA TYR C 10 -33.85 14.75 17.15
C TYR C 10 -33.22 16.09 16.76
N GLY C 11 -31.90 16.09 16.63
CA GLY C 11 -31.18 17.32 16.38
C GLY C 11 -30.85 18.12 17.61
N VAL C 12 -30.82 17.49 18.78
CA VAL C 12 -30.62 18.20 20.05
C VAL C 12 -29.17 18.64 20.17
N PRO C 13 -28.89 19.92 20.44
CA PRO C 13 -27.50 20.33 20.66
C PRO C 13 -26.98 19.94 22.04
N VAL C 14 -26.18 18.88 22.06
CA VAL C 14 -25.50 18.40 23.26
C VAL C 14 -24.37 17.51 22.80
N TRP C 15 -23.22 17.64 23.47
CA TRP C 15 -22.03 16.91 23.08
C TRP C 15 -21.44 16.17 24.27
N LYS C 16 -20.72 15.10 23.97
CA LYS C 16 -19.82 14.50 24.94
C LYS C 16 -18.38 14.65 24.46
N ASP C 17 -17.45 14.40 25.37
CA ASP C 17 -16.05 14.43 24.99
C ASP C 17 -15.69 13.12 24.31
N ALA C 18 -14.93 13.21 23.22
CA ALA C 18 -14.65 12.02 22.42
C ALA C 18 -13.26 12.12 21.81
N GLU C 19 -12.79 10.96 21.34
CA GLU C 19 -11.48 10.82 20.70
C GLU C 19 -11.70 10.29 19.29
N THR C 20 -11.45 11.13 18.30
CA THR C 20 -11.60 10.73 16.89
C THR C 20 -10.36 11.16 16.12
N THR C 21 -10.29 10.73 14.87
CA THR C 21 -9.18 11.03 13.99
C THR C 21 -9.57 12.21 13.11
N LEU C 22 -9.00 13.38 13.38
CA LEU C 22 -9.19 14.53 12.53
C LEU C 22 -8.40 14.35 11.24
N PHE C 23 -8.83 15.03 10.19
CA PHE C 23 -8.13 14.92 8.92
C PHE C 23 -7.46 16.24 8.55
N CYS C 24 -6.36 16.13 7.82
CA CYS C 24 -5.54 17.27 7.46
C CYS C 24 -6.24 18.11 6.40
N ALA C 25 -5.86 19.39 6.37
CA ALA C 25 -6.29 20.29 5.31
C ALA C 25 -5.22 21.36 5.14
N SER C 26 -5.20 21.95 3.95
CA SER C 26 -4.25 23.00 3.64
C SER C 26 -5.01 24.19 3.07
N ASP C 27 -4.32 25.31 2.98
CA ASP C 27 -4.90 26.48 2.35
C ASP C 27 -4.91 26.31 0.84
N ALA C 28 -5.70 27.15 0.16
CA ALA C 28 -5.82 27.05 -1.29
C ALA C 28 -4.52 27.43 -1.99
N LYS C 29 -3.77 28.36 -1.41
CA LYS C 29 -2.44 28.67 -1.94
C LYS C 29 -1.46 27.55 -1.61
N ALA C 30 -1.66 26.87 -0.48
CA ALA C 30 -0.88 25.68 -0.18
C ALA C 30 -1.33 24.51 -1.04
N TYR C 31 -2.59 24.51 -1.47
CA TYR C 31 -3.08 23.49 -2.39
C TYR C 31 -2.65 23.80 -3.82
N GLU C 32 -2.21 25.04 -4.07
CA GLU C 32 -1.81 25.44 -5.42
C GLU C 32 -0.51 24.78 -5.84
N THR C 33 0.41 24.58 -4.89
CA THR C 33 1.69 23.94 -5.22
C THR C 33 1.48 22.45 -5.45
N GLU C 34 2.38 21.83 -6.21
CA GLU C 34 2.12 20.51 -6.76
C GLU C 34 3.41 19.68 -6.82
N LYS C 35 3.24 18.45 -7.34
CA LYS C 35 4.31 17.51 -7.66
C LYS C 35 5.11 17.04 -6.46
N HIS C 36 4.55 17.19 -5.25
CA HIS C 36 5.24 16.91 -3.97
C HIS C 36 6.55 17.67 -3.83
N ASN C 37 6.54 18.96 -4.18
CA ASN C 37 7.68 19.81 -3.85
C ASN C 37 7.71 20.13 -2.36
N VAL C 38 6.56 20.06 -1.70
CA VAL C 38 6.45 19.97 -0.26
C VAL C 38 5.82 18.63 0.06
N TRP C 39 5.56 18.37 1.33
CA TRP C 39 4.87 17.14 1.68
C TRP C 39 3.40 17.22 1.31
N ALA C 40 2.90 16.12 0.72
CA ALA C 40 1.47 15.71 0.65
C ALA C 40 0.53 16.83 0.23
N THR C 41 0.81 17.45 -0.91
CA THR C 41 0.06 18.65 -1.30
C THR C 41 -1.35 18.32 -1.76
N HIS C 42 -1.53 17.17 -2.43
CA HIS C 42 -2.85 16.77 -2.91
C HIS C 42 -3.52 15.74 -2.00
N ALA C 43 -2.84 15.31 -0.94
CA ALA C 43 -3.44 14.34 -0.03
C ALA C 43 -4.49 15.00 0.86
N CYS C 44 -4.32 16.29 1.15
CA CYS C 44 -5.19 17.02 2.06
C CYS C 44 -6.18 17.86 1.26
N VAL C 45 -7.34 18.12 1.85
CA VAL C 45 -8.38 18.91 1.17
C VAL C 45 -8.03 20.39 1.27
N PRO C 46 -8.34 21.21 0.27
CA PRO C 46 -8.13 22.66 0.43
C PRO C 46 -9.27 23.31 1.22
N THR C 47 -8.90 24.34 1.96
CA THR C 47 -9.85 25.09 2.78
C THR C 47 -9.42 26.55 2.84
N ASP C 48 -10.24 27.35 3.53
CA ASP C 48 -9.94 28.75 3.69
C ASP C 48 -8.91 28.99 4.80
N PRO C 49 -8.14 30.06 4.73
CA PRO C 49 -7.41 30.50 5.91
C PRO C 49 -8.36 31.19 6.89
N ASN C 50 -8.11 30.98 8.19
CA ASN C 50 -8.98 31.34 9.31
C ASN C 50 -10.38 30.77 9.07
N PRO C 51 -10.59 29.47 9.27
CA PRO C 51 -11.88 28.85 8.93
C PRO C 51 -13.02 29.35 9.82
N GLN C 52 -14.24 29.08 9.38
CA GLN C 52 -15.40 29.76 9.93
C GLN C 52 -15.74 29.23 11.32
N GLU C 53 -16.05 30.17 12.22
CA GLU C 53 -16.35 29.88 13.62
C GLU C 53 -17.58 30.65 14.03
N ILE C 54 -18.40 30.07 14.90
CA ILE C 54 -19.51 30.82 15.49
C ILE C 54 -19.42 30.73 17.02
N HIS C 55 -19.89 31.78 17.67
CA HIS C 55 -19.76 31.92 19.12
C HIS C 55 -20.96 31.30 19.83
N LEU C 56 -20.68 30.65 20.95
CA LEU C 56 -21.67 29.96 21.74
C LEU C 56 -21.88 30.71 23.04
N GLU C 57 -23.11 31.14 23.29
CA GLU C 57 -23.44 31.97 24.43
C GLU C 57 -23.82 31.09 25.61
N ASN C 58 -23.46 31.54 26.82
CA ASN C 58 -23.88 30.97 28.10
C ASN C 58 -23.45 29.52 28.26
N VAL C 59 -22.25 29.20 27.81
CA VAL C 59 -21.74 27.84 27.81
C VAL C 59 -20.40 27.83 28.53
N THR C 60 -20.08 26.73 29.21
CA THR C 60 -18.84 26.61 29.94
C THR C 60 -18.41 25.15 29.90
N GLU C 61 -17.26 24.89 29.29
CA GLU C 61 -16.66 23.56 29.25
C GLU C 61 -15.30 23.60 29.91
N GLU C 62 -14.95 22.54 30.63
CA GLU C 62 -13.62 22.43 31.22
C GLU C 62 -12.66 21.81 30.21
N PHE C 63 -11.49 22.42 30.08
CA PHE C 63 -10.48 21.98 29.12
C PHE C 63 -9.26 21.49 29.88
N ASN C 64 -8.41 20.75 29.17
CA ASN C 64 -7.15 20.26 29.70
C ASN C 64 -6.25 19.98 28.51
N MET C 65 -5.21 20.80 28.33
CA MET C 65 -4.28 20.55 27.23
C MET C 65 -3.35 19.39 27.51
N TRP C 66 -3.23 18.95 28.77
CA TRP C 66 -2.24 17.97 29.16
C TRP C 66 -2.75 16.55 28.99
N LYS C 67 -4.02 16.32 29.29
CA LYS C 67 -4.69 15.07 28.94
C LYS C 67 -5.43 15.17 27.62
N ASN C 68 -5.10 16.16 26.79
CA ASN C 68 -5.76 16.34 25.52
C ASN C 68 -5.34 15.26 24.53
N ASN C 69 -6.26 14.88 23.65
CA ASN C 69 -5.90 14.10 22.49
C ASN C 69 -5.43 15.05 21.39
N MET C 70 -5.26 14.51 20.18
CA MET C 70 -4.99 15.17 18.89
C MET C 70 -3.69 15.98 18.87
N VAL C 71 -2.96 16.00 19.99
CA VAL C 71 -1.53 16.28 19.95
C VAL C 71 -0.77 14.98 19.75
N GLU C 72 -1.32 13.89 20.28
CA GLU C 72 -0.85 12.54 19.95
C GLU C 72 -1.06 12.25 18.48
N GLN C 73 -2.23 12.63 17.94
CA GLN C 73 -2.52 12.39 16.53
C GLN C 73 -1.61 13.21 15.64
N MET C 74 -1.39 14.47 15.97
CA MET C 74 -0.53 15.33 15.16
C MET C 74 0.92 14.90 15.25
N HIS C 75 1.35 14.42 16.42
CA HIS C 75 2.71 13.91 16.58
C HIS C 75 2.94 12.65 15.74
N THR C 76 2.00 11.71 15.81
CA THR C 76 2.07 10.48 15.02
C THR C 76 2.00 10.77 13.53
N ASP C 77 1.12 11.69 13.12
CA ASP C 77 0.93 11.97 11.71
C ASP C 77 2.13 12.70 11.12
N ILE C 78 2.76 13.60 11.89
CA ILE C 78 3.92 14.31 11.36
C ILE C 78 5.14 13.40 11.32
N ILE C 79 5.26 12.46 12.27
CA ILE C 79 6.33 11.47 12.17
C ILE C 79 6.16 10.57 10.95
N SER C 80 4.94 10.04 10.77
CA SER C 80 4.70 9.13 9.64
C SER C 80 4.79 9.87 8.31
N LEU C 81 4.35 11.12 8.27
CA LEU C 81 4.42 11.91 7.05
C LEU C 81 5.84 12.36 6.74
N TRP C 82 6.66 12.50 7.78
CA TRP C 82 8.09 12.70 7.59
C TRP C 82 8.72 11.45 6.98
N ASP C 83 8.29 10.28 7.42
CA ASP C 83 8.84 9.03 6.89
C ASP C 83 8.39 8.79 5.45
N GLN C 84 7.15 9.15 5.11
CA GLN C 84 6.62 8.83 3.79
C GLN C 84 7.18 9.69 2.67
N SER C 85 7.88 10.77 2.97
CA SER C 85 8.57 11.56 1.96
C SER C 85 10.01 11.11 1.74
N LEU C 86 10.35 9.88 2.14
CA LEU C 86 11.69 9.36 2.01
C LEU C 86 11.78 8.07 1.21
N LYS C 87 10.65 7.40 0.98
CA LYS C 87 10.68 6.18 0.19
C LYS C 87 11.12 6.34 -1.26
N PRO C 88 10.79 7.42 -2.00
CA PRO C 88 11.43 7.59 -3.33
C PRO C 88 12.89 8.00 -3.28
N CYS C 89 13.42 8.37 -2.13
CA CYS C 89 14.74 8.99 -2.06
C CYS C 89 15.86 7.94 -2.15
N VAL C 90 17.10 8.42 -2.06
CA VAL C 90 18.30 7.65 -2.36
C VAL C 90 18.92 7.15 -1.07
N LYS C 91 19.16 5.85 -0.98
CA LYS C 91 19.88 5.28 0.15
C LYS C 91 21.38 5.36 -0.08
N LEU C 92 22.13 5.71 0.95
CA LEU C 92 23.59 5.81 0.87
C LEU C 92 24.26 4.51 1.28
N THR C 93 23.83 3.42 0.65
CA THR C 93 24.51 2.15 0.76
C THR C 93 25.93 2.16 0.18
N PRO C 94 26.22 2.70 -1.03
CA PRO C 94 27.62 2.63 -1.49
C PRO C 94 28.53 3.66 -0.88
N LEU C 95 28.05 4.48 0.05
CA LEU C 95 28.89 5.57 0.55
C LEU C 95 29.47 5.23 1.92
N CYS C 96 28.99 4.17 2.54
CA CYS C 96 29.63 3.63 3.74
C CYS C 96 30.93 2.97 3.30
N VAL C 97 32.02 3.74 3.35
CA VAL C 97 33.27 3.36 2.70
C VAL C 97 34.39 4.07 3.46
N THR C 98 35.63 3.60 3.30
CA THR C 98 36.77 4.21 3.98
C THR C 98 37.03 5.61 3.43
N LEU C 99 36.98 6.60 4.31
CA LEU C 99 37.20 8.00 3.94
C LEU C 99 38.62 8.39 4.35
N GLN C 100 39.45 8.72 3.36
CA GLN C 100 40.78 9.26 3.64
C GLN C 100 40.63 10.77 3.80
N CYS C 101 40.66 11.23 5.04
CA CYS C 101 40.34 12.62 5.37
C CYS C 101 41.59 13.36 5.80
N THR C 102 41.81 14.52 5.18
CA THR C 102 42.81 15.48 5.61
C THR C 102 42.10 16.77 6.00
N ASN C 103 42.87 17.72 6.51
CA ASN C 103 42.31 18.99 6.91
C ASN C 103 41.91 19.81 5.69
N VAL C 104 40.97 20.73 5.91
CA VAL C 104 40.60 21.67 4.86
C VAL C 104 41.76 22.63 4.64
N THR C 105 41.93 23.08 3.40
CA THR C 105 42.94 24.10 3.10
C THR C 105 42.55 25.38 3.82
N ASN C 106 43.31 25.72 4.86
CA ASN C 106 42.99 26.82 5.76
C ASN C 106 44.21 27.09 6.61
N ASN C 107 44.31 28.33 7.10
CA ASN C 107 45.30 28.67 8.12
C ASN C 107 44.89 27.94 9.39
N ILE C 108 45.57 26.84 9.69
CA ILE C 108 45.22 26.04 10.84
C ILE C 108 45.79 26.69 12.09
N THR C 109 44.94 26.83 13.11
CA THR C 109 45.38 27.23 14.45
C THR C 109 45.40 25.99 15.31
N ASP C 110 46.55 25.73 15.95
CA ASP C 110 46.72 24.49 16.70
C ASP C 110 45.92 24.47 18.00
N ASP C 111 45.52 25.63 18.51
CA ASP C 111 44.69 25.66 19.70
C ASP C 111 43.24 25.31 19.37
N MET C 112 42.70 25.91 18.32
CA MET C 112 41.34 25.61 17.89
C MET C 112 41.34 24.40 16.96
N ARG C 113 40.19 24.09 16.37
CA ARG C 113 40.04 22.95 15.49
C ARG C 113 39.31 23.36 14.23
N GLY C 114 39.72 22.79 13.11
CA GLY C 114 38.93 22.91 11.88
C GLY C 114 37.66 22.10 12.00
N GLU C 115 36.53 22.71 11.64
CA GLU C 115 35.25 22.04 11.69
C GLU C 115 34.87 21.41 10.36
N LEU C 116 35.82 21.33 9.43
CA LEU C 116 35.61 20.71 8.12
C LEU C 116 36.76 19.78 7.82
N LYS C 117 36.43 18.59 7.32
CA LYS C 117 37.42 17.64 6.86
C LYS C 117 37.25 17.40 5.38
N ASN C 118 38.35 17.48 4.64
CA ASN C 118 38.37 17.22 3.21
C ASN C 118 38.66 15.73 3.02
N CYS C 119 37.66 14.98 2.61
CA CYS C 119 37.72 13.52 2.61
C CYS C 119 37.63 13.01 1.18
N SER C 120 38.63 12.25 0.75
CA SER C 120 38.62 11.59 -0.53
C SER C 120 38.29 10.11 -0.34
N PHE C 121 37.65 9.52 -1.35
CA PHE C 121 37.20 8.14 -1.26
C PHE C 121 36.95 7.57 -2.64
N ASN C 122 36.93 6.24 -2.71
CA ASN C 122 36.51 5.56 -3.93
C ASN C 122 34.99 5.64 -4.02
N MET C 123 34.49 6.08 -5.17
CA MET C 123 33.06 6.04 -5.42
C MET C 123 32.80 5.14 -6.62
N THR C 124 31.79 4.29 -6.50
CA THR C 124 31.36 3.49 -7.64
C THR C 124 30.72 4.40 -8.68
N THR C 125 31.09 4.17 -9.94
CA THR C 125 30.55 4.96 -11.04
C THR C 125 29.22 4.37 -11.49
N GLU C 126 28.67 4.91 -12.58
CA GLU C 126 27.45 4.36 -13.16
C GLU C 126 27.69 3.01 -13.82
N LEU C 127 28.93 2.69 -14.16
CA LEU C 127 29.28 1.36 -14.64
C LEU C 127 29.74 0.54 -13.46
N ARG C 128 29.34 -0.74 -13.44
CA ARG C 128 29.70 -1.61 -12.33
C ARG C 128 31.13 -2.13 -12.42
N ASP C 129 31.83 -1.86 -13.53
CA ASP C 129 33.24 -2.20 -13.62
C ASP C 129 34.11 -1.13 -12.97
N LYS C 130 34.00 0.10 -13.44
CA LYS C 130 34.93 1.15 -13.09
C LYS C 130 34.49 1.88 -11.81
N LYS C 131 35.47 2.20 -10.98
CA LYS C 131 35.28 3.09 -9.85
C LYS C 131 36.18 4.31 -10.03
N GLN C 132 35.80 5.40 -9.37
CA GLN C 132 36.50 6.67 -9.46
C GLN C 132 36.98 7.10 -8.08
N LYS C 133 37.80 8.14 -8.05
CA LYS C 133 38.24 8.77 -6.82
C LYS C 133 37.61 10.16 -6.76
N VAL C 134 36.89 10.45 -5.68
CA VAL C 134 36.22 11.73 -5.57
C VAL C 134 36.37 12.23 -4.13
N TYR C 135 36.43 13.54 -3.96
CA TYR C 135 36.56 14.15 -2.66
C TYR C 135 35.29 14.92 -2.31
N SER C 136 35.18 15.25 -1.04
CA SER C 136 34.03 15.99 -0.52
C SER C 136 34.49 16.67 0.77
N LEU C 137 33.60 17.49 1.33
CA LEU C 137 33.84 18.17 2.58
C LEU C 137 32.76 17.73 3.57
N PHE C 138 33.18 17.27 4.74
CA PHE C 138 32.25 16.87 5.78
C PHE C 138 32.57 17.66 7.04
N TYR C 139 31.66 17.58 8.00
CA TYR C 139 31.89 18.20 9.30
C TYR C 139 32.52 17.19 10.26
N ARG C 140 33.07 17.71 11.36
CA ARG C 140 33.61 16.86 12.41
C ARG C 140 32.54 16.00 13.05
N LEU C 141 31.30 16.51 13.11
CA LEU C 141 30.22 15.83 13.80
C LEU C 141 29.61 14.70 12.99
N ASP C 142 30.01 14.54 11.73
CA ASP C 142 29.45 13.52 10.86
C ASP C 142 30.42 12.39 10.57
N VAL C 143 31.70 12.55 10.87
CA VAL C 143 32.69 11.51 10.63
C VAL C 143 33.41 11.20 11.94
N VAL C 144 33.83 9.94 12.06
CA VAL C 144 34.62 9.48 13.19
C VAL C 144 35.79 8.67 12.68
N GLN C 145 36.90 8.76 13.41
CA GLN C 145 38.13 8.08 13.03
C GLN C 145 38.09 6.63 13.47
N ILE C 146 38.35 5.72 12.54
CA ILE C 146 38.47 4.30 12.85
C ILE C 146 39.95 3.98 12.98
N ASN C 147 40.27 3.06 13.89
CA ASN C 147 41.66 2.74 14.20
C ASN C 147 42.08 1.46 13.46
N SER C 157 50.59 8.01 11.59
CA SER C 157 50.40 7.04 10.52
C SER C 157 49.31 7.51 9.55
N ASN C 158 48.54 6.57 9.03
CA ASN C 158 47.41 6.90 8.18
C ASN C 158 46.29 7.54 8.99
N LYS C 159 45.43 8.28 8.29
CA LYS C 159 44.28 8.94 8.91
C LYS C 159 43.06 8.66 8.04
N GLU C 160 42.38 7.56 8.35
CA GLU C 160 41.18 7.15 7.64
C GLU C 160 39.97 7.30 8.55
N TYR C 161 38.87 7.81 8.02
CA TYR C 161 37.67 8.01 8.80
C TYR C 161 36.54 7.15 8.25
N ARG C 162 35.37 7.33 8.83
CA ARG C 162 34.13 6.78 8.30
C ARG C 162 33.00 7.66 8.82
N LEU C 163 31.78 7.38 8.36
CA LEU C 163 30.65 8.10 8.91
C LEU C 163 30.25 7.48 10.25
N ILE C 164 29.58 8.28 11.08
CA ILE C 164 29.19 7.80 12.41
C ILE C 164 28.07 6.77 12.31
N ASN C 165 27.25 6.83 11.25
CA ASN C 165 26.13 5.92 11.11
C ASN C 165 26.44 4.74 10.19
N CYS C 166 27.70 4.35 10.08
CA CYS C 166 28.06 3.18 9.28
C CYS C 166 27.76 1.86 9.98
N ASN C 167 27.47 1.90 11.29
CA ASN C 167 27.18 0.67 12.03
C ASN C 167 25.73 0.62 12.52
N THR C 168 24.84 1.46 11.98
CA THR C 168 23.45 1.38 12.41
C THR C 168 22.45 1.36 11.26
N SER C 169 22.75 2.00 10.13
CA SER C 169 21.76 2.16 9.07
C SER C 169 22.43 2.63 7.78
N ALA C 170 21.80 2.29 6.66
CA ALA C 170 22.06 2.99 5.41
C ALA C 170 21.25 4.28 5.44
N CYS C 171 21.91 5.40 5.16
CA CYS C 171 21.37 6.70 5.54
C CYS C 171 20.67 7.30 4.33
N THR C 172 19.36 7.48 4.44
CA THR C 172 18.55 7.96 3.31
C THR C 172 18.80 9.45 3.09
N GLN C 173 19.25 9.79 1.89
CA GLN C 173 19.44 11.19 1.53
C GLN C 173 18.10 11.90 1.45
N ALA C 174 18.01 13.08 2.08
CA ALA C 174 16.85 13.93 1.87
C ALA C 174 16.86 14.42 0.43
N CYS C 175 15.76 14.21 -0.27
CA CYS C 175 15.67 14.58 -1.68
C CYS C 175 15.71 16.09 -1.84
N PRO C 176 16.61 16.63 -2.69
CA PRO C 176 16.68 18.09 -2.85
C PRO C 176 15.50 18.69 -3.59
N LYS C 177 14.64 17.86 -4.20
CA LYS C 177 13.43 18.38 -4.82
C LYS C 177 12.45 18.84 -3.76
N VAL C 178 12.21 18.02 -2.73
CA VAL C 178 11.24 18.35 -1.70
C VAL C 178 11.87 19.30 -0.70
N SER C 179 11.10 20.28 -0.26
CA SER C 179 11.56 21.28 0.70
C SER C 179 11.00 20.97 2.08
N PHE C 180 11.62 21.56 3.10
CA PHE C 180 11.25 21.33 4.49
C PHE C 180 10.67 22.58 5.14
N GLU C 181 10.13 23.51 4.35
CA GLU C 181 9.53 24.70 4.91
C GLU C 181 8.18 24.37 5.55
N PRO C 182 7.79 25.10 6.60
CA PRO C 182 6.49 24.83 7.23
C PRO C 182 5.36 25.49 6.46
N ILE C 183 4.28 24.73 6.25
CA ILE C 183 3.05 25.25 5.66
C ILE C 183 1.90 24.92 6.60
N PRO C 184 0.95 25.83 6.81
CA PRO C 184 -0.01 25.67 7.91
C PRO C 184 -1.02 24.56 7.67
N ILE C 185 -1.16 23.67 8.64
CA ILE C 185 -2.15 22.59 8.59
C ILE C 185 -3.40 23.06 9.32
N HIS C 186 -4.56 22.77 8.73
CA HIS C 186 -5.84 22.93 9.39
C HIS C 186 -6.38 21.54 9.69
N TYR C 187 -6.62 21.26 10.98
CA TYR C 187 -7.13 19.96 11.39
C TYR C 187 -8.65 20.03 11.43
N CYS C 188 -9.29 19.39 10.46
CA CYS C 188 -10.73 19.48 10.30
C CYS C 188 -11.37 18.22 10.85
N ALA C 189 -12.50 18.40 11.47
CA ALA C 189 -13.29 17.33 12.07
C ALA C 189 -14.25 16.74 11.05
N PRO C 190 -14.53 15.45 11.13
CA PRO C 190 -15.53 14.84 10.24
C PRO C 190 -16.95 15.20 10.68
N ALA C 191 -17.92 14.62 9.99
CA ALA C 191 -19.32 14.83 10.35
C ALA C 191 -19.64 14.17 11.69
N GLY C 192 -20.55 14.80 12.43
CA GLY C 192 -20.92 14.33 13.74
C GLY C 192 -20.05 14.83 14.87
N PHE C 193 -18.85 15.31 14.57
CA PHE C 193 -17.94 15.87 15.56
C PHE C 193 -17.81 17.37 15.37
N ALA C 194 -17.48 18.07 16.45
CA ALA C 194 -17.24 19.50 16.41
C ALA C 194 -15.94 19.80 17.14
N ILE C 195 -15.43 21.02 16.94
CA ILE C 195 -14.20 21.48 17.57
C ILE C 195 -14.51 22.77 18.29
N LEU C 196 -14.13 22.84 19.56
CA LEU C 196 -14.39 24.00 20.41
C LEU C 196 -13.09 24.73 20.67
N LYS C 197 -13.11 26.05 20.49
CA LYS C 197 -11.95 26.90 20.73
C LYS C 197 -12.26 27.81 21.91
N CYS C 198 -11.27 28.02 22.78
CA CYS C 198 -11.43 28.88 23.95
C CYS C 198 -10.93 30.27 23.60
N LYS C 199 -11.84 31.24 23.58
CA LYS C 199 -11.48 32.63 23.35
C LYS C 199 -11.15 33.38 24.62
N ASP C 200 -11.02 32.70 25.76
CA ASP C 200 -10.77 33.39 27.01
C ASP C 200 -9.35 33.92 27.03
N LYS C 201 -9.18 35.09 27.63
CA LYS C 201 -7.86 35.70 27.73
C LYS C 201 -7.01 34.99 28.78
N LYS C 202 -7.43 35.06 30.04
CA LYS C 202 -6.64 34.53 31.16
C LYS C 202 -7.08 33.09 31.40
N PHE C 203 -6.68 32.22 30.47
CA PHE C 203 -7.02 30.80 30.52
C PHE C 203 -5.74 30.01 30.42
N ASN C 204 -5.40 29.27 31.47
CA ASN C 204 -4.14 28.56 31.55
C ASN C 204 -4.21 27.14 30.98
N GLY C 205 -5.23 26.85 30.17
CA GLY C 205 -5.35 25.52 29.59
C GLY C 205 -5.80 24.44 30.52
N THR C 206 -6.36 24.82 31.68
CA THR C 206 -6.86 23.85 32.63
C THR C 206 -8.07 24.44 33.32
N GLY C 207 -9.18 23.71 33.30
CA GLY C 207 -10.36 24.14 34.01
C GLY C 207 -11.39 24.77 33.09
N PRO C 208 -12.37 25.46 33.66
CA PRO C 208 -13.50 25.94 32.86
C PRO C 208 -13.14 27.16 32.01
N CYS C 209 -13.46 27.08 30.71
CA CYS C 209 -13.40 28.20 29.78
C CYS C 209 -14.79 28.81 29.63
N PRO C 210 -14.94 30.11 29.89
CA PRO C 210 -16.28 30.71 29.86
C PRO C 210 -16.72 31.17 28.48
N SER C 211 -15.79 31.28 27.54
CA SER C 211 -16.06 31.83 26.21
C SER C 211 -15.49 30.89 25.15
N VAL C 212 -16.29 29.95 24.67
CA VAL C 212 -15.86 29.04 23.62
C VAL C 212 -16.59 29.41 22.33
N SER C 213 -16.11 28.84 21.23
CA SER C 213 -16.70 29.03 19.92
C SER C 213 -16.47 27.76 19.11
N THR C 214 -17.51 27.30 18.40
CA THR C 214 -17.29 26.13 17.59
C THR C 214 -16.70 26.54 16.24
N VAL C 215 -15.88 25.65 15.69
CA VAL C 215 -15.15 25.94 14.48
C VAL C 215 -14.96 24.61 13.76
N GLN C 216 -14.97 24.65 12.42
CA GLN C 216 -14.91 23.41 11.68
C GLN C 216 -13.48 22.90 11.55
N CYS C 217 -12.52 23.80 11.38
CA CYS C 217 -11.12 23.43 11.24
C CYS C 217 -10.32 24.28 12.22
N THR C 218 -9.10 23.86 12.49
CA THR C 218 -8.25 24.65 13.35
C THR C 218 -7.66 25.83 12.58
N HIS C 219 -7.10 26.79 13.31
CA HIS C 219 -6.31 27.80 12.65
C HIS C 219 -4.97 27.21 12.21
N GLY C 220 -4.25 27.98 11.39
CA GLY C 220 -3.03 27.52 10.78
C GLY C 220 -1.90 27.20 11.73
N ILE C 221 -1.37 25.99 11.62
CA ILE C 221 -0.28 25.52 12.47
C ILE C 221 0.90 25.21 11.56
N LYS C 222 1.85 26.12 11.49
CA LYS C 222 3.08 25.87 10.74
C LYS C 222 3.92 24.87 11.53
N PRO C 223 4.27 23.72 10.95
CA PRO C 223 5.09 22.76 11.70
C PRO C 223 6.54 23.20 11.78
N VAL C 224 6.91 23.73 12.94
CA VAL C 224 8.29 24.10 13.20
C VAL C 224 8.90 23.00 14.07
N VAL C 225 10.18 22.75 13.87
CA VAL C 225 10.89 21.76 14.65
C VAL C 225 11.99 22.51 15.40
N SER C 226 11.73 22.81 16.67
CA SER C 226 12.67 23.56 17.48
C SER C 226 12.56 23.09 18.91
N THR C 227 13.70 22.73 19.50
CA THR C 227 13.67 22.13 20.83
C THR C 227 13.47 23.19 21.90
N GLN C 228 14.41 24.10 22.03
CA GLN C 228 14.25 25.28 22.86
C GLN C 228 13.81 26.40 21.96
N LEU C 229 13.15 27.40 22.55
CA LEU C 229 12.79 28.67 21.89
C LEU C 229 11.91 28.42 20.65
N LEU C 230 10.68 27.98 20.89
CA LEU C 230 9.76 27.65 19.81
C LEU C 230 9.45 28.87 18.94
N LEU C 231 9.66 28.71 17.64
CA LEU C 231 9.70 29.80 16.68
C LEU C 231 8.44 29.85 15.84
N ASN C 232 8.10 31.07 15.41
CA ASN C 232 6.94 31.38 14.54
C ASN C 232 5.63 30.88 15.14
N GLY C 233 5.52 30.87 16.46
CA GLY C 233 4.37 30.33 17.14
C GLY C 233 3.20 31.30 17.18
N SER C 234 2.30 31.05 18.12
CA SER C 234 1.12 31.86 18.34
C SER C 234 1.40 32.79 19.51
N LEU C 235 1.26 34.08 19.30
CA LEU C 235 1.54 35.06 20.35
C LEU C 235 0.39 35.12 21.34
N ALA C 236 0.73 35.48 22.57
CA ALA C 236 -0.30 35.70 23.59
C ALA C 236 -0.97 37.05 23.35
N GLU C 237 -2.09 37.26 24.04
CA GLU C 237 -2.93 38.42 23.73
C GLU C 237 -2.34 39.70 24.31
N GLU C 238 -2.24 39.80 25.64
CA GLU C 238 -1.80 41.06 26.22
C GLU C 238 -0.64 40.92 27.19
N GLU C 239 -0.42 39.74 27.75
CA GLU C 239 0.67 39.56 28.69
C GLU C 239 1.29 38.20 28.50
N VAL C 240 2.42 37.98 29.17
CA VAL C 240 3.09 36.69 29.12
C VAL C 240 2.29 35.70 29.95
N MET C 241 2.08 34.51 29.40
CA MET C 241 1.34 33.45 30.07
C MET C 241 2.23 32.23 30.19
N ILE C 242 2.45 31.79 31.43
CA ILE C 242 3.18 30.56 31.70
C ILE C 242 2.15 29.46 31.96
N ARG C 243 2.42 28.28 31.41
CA ARG C 243 1.44 27.19 31.41
C ARG C 243 2.15 25.91 31.80
N SER C 244 1.62 25.21 32.80
CA SER C 244 2.17 23.93 33.19
C SER C 244 1.05 23.05 33.72
N GLU C 245 1.29 21.74 33.69
CA GLU C 245 0.31 20.79 34.20
C GLU C 245 0.21 20.88 35.71
N ASN C 246 1.35 20.98 36.38
CA ASN C 246 1.43 21.11 37.84
C ASN C 246 2.77 21.75 38.15
N ILE C 247 2.73 22.94 38.74
CA ILE C 247 3.90 23.79 38.94
C ILE C 247 4.90 23.13 39.86
N THR C 248 4.43 22.53 40.95
CA THR C 248 5.33 22.00 41.97
C THR C 248 6.05 20.74 41.50
N ASN C 249 5.52 20.06 40.49
CA ASN C 249 6.27 18.99 39.84
C ASN C 249 7.37 19.59 38.99
N ASN C 250 8.61 19.16 39.24
CA ASN C 250 9.77 19.67 38.52
C ASN C 250 10.06 18.93 37.23
N ALA C 251 9.47 17.76 37.03
CA ALA C 251 9.66 17.00 35.81
C ALA C 251 8.63 17.35 34.75
N LYS C 252 7.83 18.39 34.98
CA LYS C 252 6.93 18.95 33.98
C LYS C 252 7.57 20.18 33.39
N ASN C 253 7.48 20.33 32.07
CA ASN C 253 7.97 21.54 31.43
C ASN C 253 6.99 22.68 31.65
N ILE C 254 7.53 23.90 31.69
CA ILE C 254 6.73 25.11 31.76
C ILE C 254 6.78 25.77 30.39
N LEU C 255 5.63 25.94 29.76
CA LEU C 255 5.55 26.54 28.44
C LEU C 255 5.24 28.03 28.61
N VAL C 256 6.18 28.87 28.21
CA VAL C 256 6.07 30.31 28.37
C VAL C 256 5.75 30.92 27.03
N GLN C 257 4.59 31.56 26.92
CA GLN C 257 4.17 32.23 25.69
C GLN C 257 4.07 33.72 25.96
N PHE C 258 4.85 34.52 25.24
CA PHE C 258 4.86 35.95 25.53
C PHE C 258 4.26 36.76 24.38
N ASN C 259 4.09 38.05 24.66
CA ASN C 259 3.19 38.88 23.84
C ASN C 259 3.87 39.32 22.55
N THR C 260 4.92 40.13 22.66
CA THR C 260 5.61 40.62 21.50
C THR C 260 6.79 39.71 21.19
N PRO C 261 6.97 39.30 19.94
CA PRO C 261 7.98 38.29 19.65
C PRO C 261 9.37 38.90 19.57
N VAL C 262 10.37 38.04 19.75
CA VAL C 262 11.76 38.48 19.76
C VAL C 262 12.37 38.13 18.41
N GLN C 263 12.86 39.13 17.69
CA GLN C 263 13.36 38.89 16.34
C GLN C 263 14.74 38.28 16.42
N ILE C 264 14.92 37.11 15.79
CA ILE C 264 16.20 36.42 15.76
C ILE C 264 16.64 36.28 14.30
N ASN C 265 17.91 36.55 14.05
CA ASN C 265 18.53 36.36 12.74
C ASN C 265 19.52 35.23 12.84
N CYS C 266 19.57 34.36 11.83
CA CYS C 266 20.47 33.23 11.87
C CYS C 266 21.10 33.01 10.51
N THR C 267 22.39 32.71 10.49
CA THR C 267 23.09 32.63 9.21
C THR C 267 24.24 31.65 9.23
N ARG C 268 24.46 31.04 8.07
CA ARG C 268 25.72 30.45 7.66
C ARG C 268 26.32 31.35 6.60
N PRO C 269 27.42 32.04 6.88
CA PRO C 269 27.98 32.96 5.87
C PRO C 269 28.90 32.28 4.88
N ASN C 270 29.05 30.96 4.95
CA ASN C 270 29.95 30.27 4.03
C ASN C 270 29.27 30.01 2.69
N ASN C 271 29.90 30.46 1.62
CA ASN C 271 29.42 30.25 0.26
C ASN C 271 29.90 28.88 -0.20
N ASN C 272 28.96 27.94 -0.37
CA ASN C 272 29.30 26.55 -0.66
C ASN C 272 29.09 26.25 -2.14
N THR C 273 29.69 25.16 -2.60
CA THR C 273 29.52 24.68 -3.97
C THR C 273 28.95 23.27 -3.93
N ARG C 274 27.70 23.12 -4.33
CA ARG C 274 27.11 21.80 -4.46
C ARG C 274 27.70 21.11 -5.68
N LYS C 275 28.23 19.92 -5.49
CA LYS C 275 28.85 19.14 -6.55
C LYS C 275 28.16 17.78 -6.65
N SER C 276 27.79 17.40 -7.86
CA SER C 276 27.10 16.13 -8.05
C SER C 276 28.10 15.01 -8.27
N ILE C 277 27.82 13.85 -7.67
CA ILE C 277 28.61 12.65 -7.83
C ILE C 277 27.68 11.54 -8.28
N ARG C 278 28.04 10.84 -9.34
CA ARG C 278 27.19 9.80 -9.89
C ARG C 278 27.47 8.49 -9.17
N ILE C 279 26.50 8.01 -8.40
CA ILE C 279 26.62 6.75 -7.69
C ILE C 279 26.35 5.58 -8.62
N GLY C 280 25.19 5.59 -9.27
CA GLY C 280 24.80 4.56 -10.19
C GLY C 280 23.82 5.09 -11.21
N PRO C 281 23.07 4.20 -11.84
CA PRO C 281 22.04 4.64 -12.81
C PRO C 281 20.89 5.35 -12.13
N GLY C 282 20.79 6.66 -12.36
CA GLY C 282 19.76 7.46 -11.71
C GLY C 282 20.00 7.68 -10.23
N GLN C 283 21.25 7.64 -9.79
CA GLN C 283 21.61 7.80 -8.39
C GLN C 283 22.64 8.91 -8.30
N ALA C 284 22.29 10.00 -7.63
CA ALA C 284 23.16 11.16 -7.53
C ALA C 284 23.36 11.54 -6.07
N PHE C 285 24.61 11.78 -5.69
CA PHE C 285 24.96 12.25 -4.35
C PHE C 285 25.44 13.69 -4.46
N TYR C 286 24.80 14.59 -3.72
CA TYR C 286 25.13 16.00 -3.74
C TYR C 286 26.07 16.28 -2.58
N ALA C 287 27.34 16.49 -2.89
CA ALA C 287 28.38 16.72 -1.91
C ALA C 287 28.80 18.19 -1.91
N THR C 288 29.65 18.53 -0.95
CA THR C 288 30.22 19.87 -0.88
C THR C 288 31.45 19.92 -1.79
N GLY C 289 31.56 21.00 -2.55
CA GLY C 289 32.70 21.18 -3.42
C GLY C 289 33.74 22.09 -2.80
N ASP C 290 33.73 23.35 -3.18
CA ASP C 290 34.66 24.34 -2.65
C ASP C 290 33.94 25.21 -1.62
N ILE C 291 34.72 25.79 -0.72
CA ILE C 291 34.27 26.86 0.15
C ILE C 291 34.75 28.15 -0.51
N ILE C 292 33.83 28.89 -1.14
CA ILE C 292 34.21 30.06 -1.93
C ILE C 292 34.38 31.23 -0.97
N GLY C 293 35.63 31.51 -0.60
CA GLY C 293 35.90 32.70 0.19
C GLY C 293 36.43 32.45 1.59
N ASP C 294 35.81 33.08 2.58
CA ASP C 294 36.23 32.95 3.96
C ASP C 294 35.56 31.75 4.61
N ILE C 295 36.27 31.13 5.55
CA ILE C 295 35.71 30.08 6.38
C ILE C 295 35.28 30.75 7.68
N ARG C 296 33.98 30.98 7.79
CA ARG C 296 33.40 31.67 8.93
C ARG C 296 32.43 30.74 9.64
N GLN C 297 32.08 31.11 10.87
CA GLN C 297 31.25 30.28 11.73
C GLN C 297 29.81 30.72 11.66
N ALA C 298 28.90 29.75 11.55
CA ALA C 298 27.48 30.01 11.56
C ALA C 298 27.04 30.50 12.93
N HIS C 299 26.10 31.44 12.97
CA HIS C 299 25.72 32.03 14.25
C HIS C 299 24.30 32.57 14.17
N CYS C 300 23.86 33.17 15.27
CA CYS C 300 22.58 33.84 15.35
C CYS C 300 22.73 35.11 16.18
N ASN C 301 21.80 36.03 15.96
CA ASN C 301 21.69 37.27 16.72
C ASN C 301 20.28 37.41 17.27
N VAL C 302 20.21 37.80 18.55
CA VAL C 302 18.99 38.39 19.07
C VAL C 302 19.34 39.79 19.53
N SER C 303 18.32 40.61 19.74
CA SER C 303 18.54 41.94 20.28
C SER C 303 18.76 41.84 21.79
N LYS C 304 19.77 42.55 22.28
CA LYS C 304 20.09 42.54 23.70
C LYS C 304 18.99 43.19 24.53
N ALA C 305 18.49 44.34 24.06
CA ALA C 305 17.55 45.13 24.86
C ALA C 305 16.19 44.47 24.93
N THR C 306 15.68 43.98 23.80
CA THR C 306 14.37 43.33 23.84
C THR C 306 14.41 41.97 24.51
N TRP C 307 15.56 41.30 24.52
CA TRP C 307 15.66 40.05 25.26
C TRP C 307 15.68 40.31 26.76
N ASN C 308 16.38 41.37 27.19
CA ASN C 308 16.31 41.77 28.60
C ASN C 308 14.90 42.21 28.99
N GLU C 309 14.19 42.85 28.05
CA GLU C 309 12.80 43.25 28.29
C GLU C 309 11.89 42.05 28.47
N THR C 310 11.99 41.06 27.57
CA THR C 310 11.14 39.87 27.69
C THR C 310 11.52 39.00 28.88
N LEU C 311 12.80 39.01 29.28
CA LEU C 311 13.15 38.30 30.51
C LEU C 311 12.59 38.98 31.74
N GLY C 312 12.54 40.32 31.74
CA GLY C 312 11.88 41.03 32.82
C GLY C 312 10.38 40.73 32.86
N LYS C 313 9.76 40.62 31.69
CA LYS C 313 8.34 40.26 31.62
C LYS C 313 8.08 38.85 32.15
N VAL C 314 8.93 37.89 31.77
CA VAL C 314 8.67 36.53 32.22
C VAL C 314 9.02 36.35 33.70
N VAL C 315 9.95 37.13 34.24
CA VAL C 315 10.18 37.09 35.68
C VAL C 315 9.01 37.72 36.44
N LYS C 316 8.46 38.80 35.90
CA LYS C 316 7.25 39.42 36.43
C LYS C 316 6.08 38.45 36.46
N GLN C 317 5.97 37.60 35.44
CA GLN C 317 4.88 36.61 35.45
C GLN C 317 5.22 35.36 36.26
N LEU C 318 6.50 35.00 36.38
CA LEU C 318 6.87 33.85 37.20
C LEU C 318 6.75 34.13 38.69
N ARG C 319 6.83 35.40 39.11
CA ARG C 319 6.67 35.70 40.53
C ARG C 319 5.24 35.58 41.04
N LYS C 320 4.28 35.27 40.18
CA LYS C 320 2.90 35.09 40.62
C LYS C 320 2.68 33.71 41.23
N HIS C 321 3.47 32.72 40.83
CA HIS C 321 3.32 31.35 41.32
C HIS C 321 4.33 30.98 42.40
N PHE C 322 5.29 31.86 42.69
CA PHE C 322 6.43 31.53 43.53
C PHE C 322 6.65 32.56 44.63
N GLY C 323 5.65 33.38 44.93
CA GLY C 323 5.82 34.45 45.89
C GLY C 323 6.57 35.64 45.31
N ASN C 324 6.45 36.77 45.99
CA ASN C 324 7.11 37.98 45.51
C ASN C 324 8.59 37.97 45.84
N ASN C 325 8.96 37.59 47.06
CA ASN C 325 10.35 37.60 47.48
C ASN C 325 11.04 36.29 47.11
N THR C 326 11.18 36.08 45.81
CA THR C 326 11.86 34.92 45.25
C THR C 326 12.87 35.41 44.22
N ILE C 327 14.09 34.90 44.30
CA ILE C 327 15.16 35.30 43.39
C ILE C 327 15.15 34.34 42.22
N ILE C 328 14.85 34.84 41.02
CA ILE C 328 14.72 33.98 39.85
C ILE C 328 15.97 34.11 38.99
N ARG C 329 16.66 32.99 38.78
CA ARG C 329 17.88 32.99 37.99
C ARG C 329 17.77 31.96 36.88
N PHE C 330 18.49 32.23 35.80
CA PHE C 330 18.46 31.44 34.57
C PHE C 330 19.86 30.96 34.24
N ALA C 331 20.01 29.64 34.11
CA ALA C 331 21.28 29.00 33.77
C ALA C 331 21.05 28.06 32.60
N ASN C 332 22.14 27.64 31.95
CA ASN C 332 22.01 26.86 30.73
C ASN C 332 21.71 25.39 31.05
N SER C 333 21.57 24.58 30.00
CA SER C 333 21.12 23.19 30.16
C SER C 333 22.16 22.34 30.88
N SER C 334 21.66 21.35 31.63
CA SER C 334 22.51 20.54 32.49
C SER C 334 23.27 19.46 31.75
N GLY C 335 22.81 19.05 30.58
CA GLY C 335 23.50 18.03 29.82
C GLY C 335 22.52 17.18 29.04
N GLY C 336 23.07 16.38 28.14
CA GLY C 336 22.28 15.47 27.36
C GLY C 336 22.95 15.20 26.01
N ASP C 337 22.12 14.99 25.00
CA ASP C 337 22.57 14.79 23.63
C ASP C 337 22.81 16.18 23.02
N LEU C 338 23.01 16.24 21.70
CA LEU C 338 23.24 17.55 21.09
C LEU C 338 21.97 18.36 21.02
N GLU C 339 20.88 17.77 20.52
CA GLU C 339 19.66 18.53 20.28
C GLU C 339 18.68 18.48 21.43
N VAL C 340 19.17 18.47 22.66
CA VAL C 340 18.33 18.67 23.83
C VAL C 340 18.97 19.74 24.70
N THR C 341 20.23 20.07 24.40
CA THR C 341 20.98 21.07 25.15
C THR C 341 21.17 22.38 24.41
N THR C 342 21.22 22.32 23.08
CA THR C 342 21.46 23.49 22.27
C THR C 342 20.30 23.56 21.28
N HIS C 343 19.85 24.77 20.97
CA HIS C 343 18.52 24.87 20.38
C HIS C 343 18.63 24.61 18.88
N SER C 344 17.83 23.67 18.41
CA SER C 344 17.89 23.20 17.03
C SER C 344 16.82 23.88 16.22
N PHE C 345 17.11 24.08 14.93
CA PHE C 345 16.07 24.49 13.99
C PHE C 345 16.53 24.15 12.58
N ASN C 346 15.66 24.46 11.62
CA ASN C 346 15.90 24.21 10.20
C ASN C 346 15.70 25.52 9.46
N CYS C 347 16.80 26.14 9.05
CA CYS C 347 16.80 27.39 8.30
C CYS C 347 16.91 27.06 6.81
N GLY C 348 15.80 26.59 6.24
CA GLY C 348 15.74 26.28 4.82
C GLY C 348 16.58 25.09 4.40
N GLY C 349 16.22 23.89 4.86
CA GLY C 349 16.96 22.71 4.47
C GLY C 349 18.34 22.61 5.09
N GLU C 350 18.55 23.24 6.24
CA GLU C 350 19.84 23.25 6.90
C GLU C 350 19.62 23.25 8.41
N PHE C 351 20.21 22.29 9.10
CA PHE C 351 19.87 22.00 10.49
C PHE C 351 20.91 22.62 11.41
N PHE C 352 20.52 23.69 12.09
CA PHE C 352 21.38 24.42 12.99
C PHE C 352 21.19 23.99 14.44
N TYR C 353 22.28 24.09 15.20
CA TYR C 353 22.37 23.71 16.61
C TYR C 353 23.06 24.88 17.32
N CYS C 354 22.28 25.81 17.85
CA CYS C 354 22.78 27.11 18.26
C CYS C 354 22.83 27.23 19.77
N ASN C 355 23.95 27.73 20.27
CA ASN C 355 24.26 27.73 21.70
C ASN C 355 23.49 28.83 22.42
N THR C 356 22.79 28.46 23.49
CA THR C 356 21.92 29.37 24.22
C THR C 356 22.52 29.85 25.53
N SER C 357 23.84 29.71 25.72
CA SER C 357 24.46 30.09 26.99
C SER C 357 24.49 31.60 27.18
N GLY C 358 24.39 32.36 26.09
CA GLY C 358 24.32 33.81 26.23
C GLY C 358 22.95 34.29 26.63
N LEU C 359 21.92 33.46 26.37
CA LEU C 359 20.55 33.88 26.64
C LEU C 359 20.20 33.67 28.11
N PHE C 360 20.40 32.46 28.62
CA PHE C 360 19.95 32.10 29.96
C PHE C 360 21.16 32.19 30.89
N ASN C 361 21.48 33.41 31.29
CA ASN C 361 22.66 33.73 32.07
C ASN C 361 22.28 34.82 33.08
N SER C 362 21.10 34.69 33.70
CA SER C 362 20.50 35.84 34.34
C SER C 362 20.28 35.59 35.81
N THR C 363 20.14 36.68 36.57
CA THR C 363 19.64 36.64 37.93
C THR C 363 18.72 37.83 38.13
N TRP C 364 17.69 37.65 38.94
CA TRP C 364 16.62 38.64 39.09
C TRP C 364 16.21 38.72 40.56
N ILE C 365 16.40 39.91 41.13
CA ILE C 365 16.19 40.21 42.53
C ILE C 365 14.80 40.81 42.68
N SER C 366 14.21 40.63 43.86
CA SER C 366 12.81 40.96 44.13
C SER C 366 12.63 42.38 44.67
N ASN C 367 13.44 43.32 44.23
CA ASN C 367 13.37 44.72 44.67
C ASN C 367 12.04 45.40 44.33
N ASN C 379 21.19 49.00 21.78
CA ASN C 379 21.57 48.98 20.37
C ASN C 379 22.39 47.74 20.05
N ASP C 380 22.77 47.01 21.08
CA ASP C 380 23.62 45.83 20.92
C ASP C 380 22.81 44.64 20.42
N SER C 381 23.49 43.51 20.25
CA SER C 381 22.86 42.28 19.81
C SER C 381 23.69 41.11 20.33
N ILE C 382 23.02 40.18 20.99
CA ILE C 382 23.67 38.95 21.45
C ILE C 382 23.98 38.09 20.24
N THR C 383 25.27 37.84 20.03
CA THR C 383 25.74 36.84 19.08
C THR C 383 25.82 35.50 19.80
N LEU C 384 25.34 34.46 19.16
CA LEU C 384 25.41 33.15 19.78
C LEU C 384 25.78 32.13 18.72
N PRO C 385 26.80 31.32 18.96
CA PRO C 385 27.38 30.50 17.89
C PRO C 385 26.59 29.23 17.65
N CYS C 386 26.72 28.71 16.42
CA CYS C 386 25.97 27.56 15.98
C CYS C 386 26.88 26.50 15.38
N ARG C 387 26.45 25.25 15.47
CA ARG C 387 27.02 24.15 14.73
C ARG C 387 26.03 23.69 13.67
N ILE C 388 26.54 23.00 12.65
CA ILE C 388 25.74 22.48 11.56
C ILE C 388 26.05 21.00 11.40
N LYS C 389 25.02 20.18 11.36
CA LYS C 389 25.15 18.76 11.03
C LYS C 389 24.56 18.49 9.66
N GLN C 390 25.12 17.51 8.97
CA GLN C 390 24.58 17.08 7.69
C GLN C 390 23.76 15.80 7.78
N ILE C 391 24.10 14.90 8.68
CA ILE C 391 23.30 13.70 8.94
C ILE C 391 22.65 13.85 10.30
N ILE C 392 21.38 13.45 10.39
CA ILE C 392 20.54 13.70 11.55
C ILE C 392 19.82 12.42 11.94
N ASN C 393 19.39 12.36 13.19
CA ASN C 393 18.70 11.21 13.77
C ASN C 393 17.41 11.68 14.44
N MET C 394 16.60 12.41 13.67
CA MET C 394 15.32 12.95 14.11
C MET C 394 14.40 11.89 14.72
N TRP C 395 13.81 12.25 15.87
CA TRP C 395 12.90 11.46 16.70
C TRP C 395 13.53 10.21 17.30
N GLN C 396 14.85 10.01 17.13
CA GLN C 396 15.66 8.96 17.75
C GLN C 396 15.10 7.57 17.43
N ARG C 397 15.00 7.31 16.12
CA ARG C 397 14.58 6.00 15.66
C ARG C 397 15.73 5.00 15.78
N ILE C 398 15.40 3.73 15.56
CA ILE C 398 16.38 2.67 15.75
C ILE C 398 17.28 2.53 14.52
N GLY C 399 16.76 2.74 13.32
CA GLY C 399 17.54 2.51 12.12
C GLY C 399 17.28 3.48 10.99
N GLN C 400 16.87 4.70 11.30
CA GLN C 400 16.53 5.68 10.27
C GLN C 400 17.27 6.99 10.55
N CYS C 401 18.40 7.20 9.88
CA CYS C 401 19.03 8.49 9.86
C CYS C 401 18.66 9.21 8.56
N MET C 402 19.28 10.35 8.31
CA MET C 402 18.93 11.17 7.15
C MET C 402 20.11 12.05 6.79
N TYR C 403 20.69 11.85 5.61
CA TYR C 403 21.62 12.81 5.07
C TYR C 403 20.85 14.00 4.55
N ALA C 404 21.41 15.19 4.76
CA ALA C 404 20.82 16.41 4.22
C ALA C 404 21.81 17.07 3.27
N PRO C 405 21.42 17.37 2.04
CA PRO C 405 22.37 17.90 1.06
C PRO C 405 22.78 19.32 1.39
N PRO C 406 23.98 19.72 0.98
CA PRO C 406 24.37 21.13 1.09
C PRO C 406 23.57 21.99 0.13
N ILE C 407 23.47 23.26 0.48
CA ILE C 407 22.73 24.22 -0.33
C ILE C 407 23.64 25.40 -0.65
N GLN C 408 23.38 26.02 -1.79
CA GLN C 408 24.24 27.06 -2.33
C GLN C 408 24.16 28.35 -1.51
N GLY C 409 25.26 29.09 -1.50
CA GLY C 409 25.26 30.48 -1.10
C GLY C 409 25.20 30.70 0.39
N VAL C 410 25.37 31.97 0.76
CA VAL C 410 25.17 32.42 2.12
C VAL C 410 23.71 32.26 2.50
N ILE C 411 23.44 31.68 3.67
CA ILE C 411 22.08 31.36 4.08
C ILE C 411 21.74 32.17 5.32
N ARG C 412 20.77 33.05 5.20
CA ARG C 412 20.29 33.85 6.31
C ARG C 412 18.77 33.70 6.41
N CYS C 413 18.27 33.75 7.64
CA CYS C 413 16.82 33.71 7.84
C CYS C 413 16.45 34.46 9.11
N VAL C 414 15.25 35.01 9.09
CA VAL C 414 14.69 35.81 10.18
C VAL C 414 13.53 35.04 10.76
N SER C 415 13.44 35.00 12.09
CA SER C 415 12.37 34.28 12.75
C SER C 415 11.94 35.04 13.99
N ASN C 416 10.79 34.62 14.53
CA ASN C 416 10.25 35.18 15.76
C ASN C 416 10.35 34.14 16.87
N ILE C 417 11.14 34.45 17.90
CA ILE C 417 11.04 33.74 19.16
C ILE C 417 9.68 34.09 19.75
N THR C 418 8.81 33.09 19.85
CA THR C 418 7.46 33.23 20.40
C THR C 418 7.39 32.85 21.86
N GLY C 419 8.01 31.75 22.25
CA GLY C 419 8.01 31.34 23.63
C GLY C 419 9.26 30.62 24.09
N LEU C 420 9.17 30.00 25.26
CA LEU C 420 10.25 29.24 25.87
C LEU C 420 9.66 27.96 26.45
N ILE C 421 10.52 26.97 26.61
CA ILE C 421 10.17 25.74 27.31
C ILE C 421 11.16 25.60 28.46
N LEU C 422 10.73 25.95 29.66
CA LEU C 422 11.60 25.98 30.83
C LEU C 422 11.39 24.74 31.69
N THR C 423 12.32 24.55 32.62
CA THR C 423 12.27 23.42 33.54
C THR C 423 12.92 23.84 34.85
N ARG C 424 12.20 23.73 35.95
CA ARG C 424 12.76 24.09 37.24
C ARG C 424 13.60 22.95 37.79
N ASP C 425 14.73 23.30 38.40
CA ASP C 425 15.58 22.29 39.00
C ASP C 425 14.99 21.80 40.32
N GLY C 426 15.48 20.64 40.76
CA GLY C 426 14.95 19.97 41.93
C GLY C 426 15.31 20.66 43.23
N GLY C 427 14.68 21.80 43.48
CA GLY C 427 14.97 22.62 44.63
C GLY C 427 14.60 21.99 45.97
N SER C 428 15.63 21.69 46.76
CA SER C 428 15.44 21.19 48.10
C SER C 428 16.52 21.81 48.99
N THR C 429 16.48 21.44 50.28
CA THR C 429 17.35 21.96 51.34
C THR C 429 17.35 23.47 51.39
N ASN C 430 16.17 24.04 51.68
CA ASN C 430 15.94 25.48 51.90
C ASN C 430 16.36 26.30 50.67
N SER C 431 15.64 26.09 49.57
CA SER C 431 15.94 26.82 48.35
C SER C 431 15.45 28.26 48.46
N THR C 432 16.40 29.19 48.65
CA THR C 432 16.05 30.60 48.67
C THR C 432 15.76 31.10 47.27
N THR C 433 16.39 30.49 46.27
CA THR C 433 16.16 30.82 44.87
C THR C 433 15.46 29.64 44.21
N GLU C 434 14.98 29.87 42.99
CA GLU C 434 14.53 28.80 42.11
C GLU C 434 15.04 29.08 40.71
N THR C 435 15.78 28.13 40.15
CA THR C 435 16.46 28.32 38.89
C THR C 435 15.76 27.55 37.78
N PHE C 436 15.94 28.01 36.55
CA PHE C 436 15.19 27.54 35.39
C PHE C 436 16.15 27.24 34.25
N ARG C 437 16.11 26.00 33.78
CA ARG C 437 16.93 25.62 32.64
C ARG C 437 16.06 25.55 31.40
N PRO C 438 16.60 25.90 30.24
CA PRO C 438 15.90 25.57 29.00
C PRO C 438 16.00 24.07 28.73
N GLY C 439 15.04 23.56 27.96
CA GLY C 439 15.08 22.16 27.59
C GLY C 439 14.05 21.79 26.55
N GLY C 440 14.47 21.12 25.50
CA GLY C 440 13.55 20.70 24.46
C GLY C 440 12.75 19.47 24.83
N GLY C 441 13.44 18.34 24.99
CA GLY C 441 12.77 17.12 25.40
C GLY C 441 11.89 16.56 24.30
N ASP C 442 10.64 16.26 24.65
CA ASP C 442 9.67 15.75 23.70
C ASP C 442 9.24 16.86 22.75
N MET C 443 8.88 16.47 21.52
CA MET C 443 8.35 17.41 20.56
C MET C 443 6.92 17.83 20.86
N ARG C 444 6.22 17.08 21.71
CA ARG C 444 4.81 17.33 21.96
C ARG C 444 4.60 18.61 22.77
N ASP C 445 5.59 19.02 23.56
CA ASP C 445 5.55 20.34 24.19
C ASP C 445 5.60 21.44 23.14
N ASN C 446 6.25 21.18 22.01
CA ASN C 446 6.14 22.10 20.88
C ASN C 446 4.75 22.05 20.27
N TRP C 447 4.06 20.91 20.33
CA TRP C 447 2.76 20.80 19.69
C TRP C 447 1.62 21.14 20.62
N ARG C 448 1.82 21.10 21.92
CA ARG C 448 0.78 21.45 22.86
C ARG C 448 0.62 22.96 23.01
N SER C 449 1.58 23.74 22.54
CA SER C 449 1.49 25.19 22.58
C SER C 449 0.64 25.76 21.44
N GLU C 450 0.12 24.93 20.55
CA GLU C 450 -0.75 25.38 19.48
C GLU C 450 -2.16 24.80 19.56
N LEU C 451 -2.30 23.57 20.06
CA LEU C 451 -3.61 22.97 20.27
C LEU C 451 -4.06 23.06 21.73
N TYR C 452 -3.59 24.09 22.45
CA TYR C 452 -4.04 24.28 23.82
C TYR C 452 -5.47 24.81 23.86
N LYS C 453 -5.87 25.55 22.83
CA LYS C 453 -7.22 26.12 22.78
C LYS C 453 -8.26 25.04 22.47
N TYR C 454 -8.04 24.29 21.41
CA TYR C 454 -9.08 23.47 20.81
C TYR C 454 -9.33 22.20 21.62
N LYS C 455 -10.54 21.67 21.48
CA LYS C 455 -10.84 20.28 21.81
C LYS C 455 -11.83 19.77 20.78
N VAL C 456 -12.01 18.46 20.75
CA VAL C 456 -12.93 17.81 19.83
C VAL C 456 -14.00 17.08 20.62
N VAL C 457 -15.27 17.31 20.24
CA VAL C 457 -16.41 16.73 20.94
C VAL C 457 -17.30 16.01 19.94
N LYS C 458 -18.09 15.07 20.46
CA LYS C 458 -19.03 14.28 19.68
C LYS C 458 -20.42 14.84 19.90
N ILE C 459 -21.04 15.28 18.80
CA ILE C 459 -22.39 15.85 18.85
C ILE C 459 -23.39 14.71 18.82
N GLU C 460 -24.24 14.64 19.82
CA GLU C 460 -25.19 13.54 19.94
C GLU C 460 -26.61 14.04 19.93
N PRO C 461 -27.37 13.81 18.86
CA PRO C 461 -28.80 14.17 18.84
C PRO C 461 -29.64 13.21 19.68
N LEU C 462 -30.96 13.31 19.52
CA LEU C 462 -31.94 12.47 20.21
C LEU C 462 -31.89 12.69 21.72
N GLY C 463 -32.21 13.92 22.10
CA GLY C 463 -32.55 14.19 23.48
C GLY C 463 -33.95 13.69 23.78
N VAL C 464 -34.31 13.72 25.06
CA VAL C 464 -35.57 13.16 25.51
C VAL C 464 -36.05 13.97 26.71
N ALA C 465 -37.32 14.38 26.69
CA ALA C 465 -37.80 15.36 27.64
C ALA C 465 -39.31 15.23 27.79
N PRO C 466 -39.85 15.57 28.97
CA PRO C 466 -41.31 15.51 29.15
C PRO C 466 -42.03 16.78 28.74
N THR C 467 -43.22 16.60 28.15
CA THR C 467 -44.13 17.70 27.91
C THR C 467 -45.55 17.16 27.93
N ARG C 468 -46.52 18.07 27.93
CA ARG C 468 -47.88 17.75 28.32
C ARG C 468 -48.73 17.49 27.08
N CYS C 469 -48.41 16.39 26.39
CA CYS C 469 -49.15 15.97 25.21
C CYS C 469 -48.95 14.49 24.93
N LYS C 470 -50.07 13.77 24.85
CA LYS C 470 -50.11 12.35 24.50
C LYS C 470 -50.40 12.22 23.02
N ARG C 471 -49.79 11.22 22.38
CA ARG C 471 -49.97 11.02 20.95
C ARG C 471 -51.39 10.56 20.62
N ARG C 472 -52.04 11.30 19.73
CA ARG C 472 -53.42 11.03 19.34
C ARG C 472 -53.46 9.82 18.42
N VAL C 473 -54.11 8.75 18.88
CA VAL C 473 -54.23 7.54 18.08
C VAL C 473 -55.29 7.72 17.01
N GLU D 1 -42.72 55.99 8.68
CA GLU D 1 -43.85 56.03 9.60
C GLU D 1 -43.48 55.36 10.91
N VAL D 2 -42.43 54.54 10.87
CA VAL D 2 -41.98 53.75 12.00
C VAL D 2 -40.83 54.50 12.67
N GLN D 3 -41.11 55.11 13.82
CA GLN D 3 -40.06 55.84 14.52
C GLN D 3 -39.71 55.13 15.82
N LEU D 4 -38.42 55.09 16.10
CA LEU D 4 -37.88 54.60 17.36
C LEU D 4 -37.32 55.80 18.10
N VAL D 5 -38.06 56.31 19.09
CA VAL D 5 -37.72 57.52 19.80
C VAL D 5 -37.18 57.13 21.17
N GLU D 6 -36.02 57.65 21.53
CA GLU D 6 -35.29 57.20 22.70
C GLU D 6 -35.36 58.22 23.82
N SER D 7 -34.98 57.79 25.03
CA SER D 7 -34.99 58.63 26.21
C SER D 7 -34.06 57.99 27.24
N GLY D 8 -33.91 58.67 28.38
CA GLY D 8 -33.04 58.17 29.42
C GLY D 8 -32.25 59.29 30.09
N GLY D 9 -30.92 59.17 30.08
CA GLY D 9 -30.07 60.17 30.67
C GLY D 9 -28.82 60.39 29.86
N GLY D 10 -28.14 61.50 30.15
CA GLY D 10 -26.90 61.82 29.48
C GLY D 10 -25.76 62.16 30.42
N LEU D 11 -26.09 62.49 31.67
CA LEU D 11 -25.11 62.97 32.64
C LEU D 11 -24.94 61.91 33.71
N ALA D 12 -23.76 61.30 33.75
CA ALA D 12 -23.47 60.24 34.70
C ALA D 12 -22.05 60.38 35.20
N LYS D 13 -21.87 60.20 36.50
CA LYS D 13 -20.53 60.18 37.06
C LYS D 13 -19.82 58.90 36.67
N PRO D 14 -18.50 58.96 36.45
CA PRO D 14 -17.73 57.74 36.13
C PRO D 14 -17.72 56.79 37.31
N GLY D 15 -18.16 55.56 37.08
CA GLY D 15 -18.40 54.60 38.14
C GLY D 15 -19.83 54.54 38.62
N GLY D 16 -20.78 55.04 37.84
CA GLY D 16 -22.17 55.16 38.25
C GLY D 16 -23.07 54.19 37.53
N SER D 17 -24.24 54.70 37.13
CA SER D 17 -25.31 53.86 36.59
C SER D 17 -26.33 54.74 35.89
N LEU D 18 -26.98 54.20 34.86
CA LEU D 18 -28.09 54.88 34.20
C LEU D 18 -28.94 53.87 33.45
N ARG D 19 -30.19 54.24 33.21
CA ARG D 19 -31.12 53.42 32.45
C ARG D 19 -31.60 54.20 31.24
N LEU D 20 -31.52 53.57 30.07
CA LEU D 20 -31.86 54.22 28.80
C LEU D 20 -32.99 53.43 28.15
N SER D 21 -34.04 54.15 27.73
CA SER D 21 -35.23 53.50 27.19
C SER D 21 -35.44 53.92 25.73
N CYS D 22 -36.31 53.18 25.06
CA CYS D 22 -36.59 53.35 23.64
C CYS D 22 -38.03 52.96 23.39
N ALA D 23 -38.88 53.93 23.05
CA ALA D 23 -40.23 53.65 22.60
C ALA D 23 -40.23 53.53 21.08
N ALA D 24 -41.19 52.77 20.56
CA ALA D 24 -41.27 52.52 19.13
C ALA D 24 -42.71 52.58 18.67
N SER D 25 -42.92 53.10 17.47
CA SER D 25 -44.25 53.16 16.88
C SER D 25 -44.15 52.81 15.40
N GLY D 26 -44.91 51.80 14.99
CA GLY D 26 -44.99 51.42 13.59
C GLY D 26 -45.08 49.94 13.32
N PHE D 27 -44.81 49.10 14.32
CA PHE D 27 -44.81 47.66 14.11
C PHE D 27 -45.17 46.97 15.42
N THR D 28 -45.08 45.64 15.43
CA THR D 28 -45.45 44.81 16.56
C THR D 28 -44.20 44.20 17.20
N PHE D 29 -44.14 44.25 18.53
CA PHE D 29 -42.99 43.68 19.24
C PHE D 29 -43.06 42.17 19.40
N SER D 30 -44.06 41.50 18.85
CA SER D 30 -44.22 40.07 19.09
C SER D 30 -43.18 39.25 18.34
N ASP D 31 -42.69 39.75 17.21
CA ASP D 31 -41.92 38.90 16.31
C ASP D 31 -40.62 39.53 15.81
N TYR D 32 -40.15 40.61 16.42
CA TYR D 32 -38.97 41.31 15.93
C TYR D 32 -37.87 41.35 16.98
N TYR D 33 -36.65 40.96 16.58
CA TYR D 33 -35.50 41.08 17.45
C TYR D 33 -35.06 42.54 17.54
N MET D 34 -34.65 42.96 18.73
CA MET D 34 -34.17 44.31 18.94
C MET D 34 -32.66 44.32 19.15
N ASP D 35 -32.05 45.50 18.98
CA ASP D 35 -30.62 45.68 19.14
C ASP D 35 -30.32 46.90 19.99
N TRP D 36 -29.04 47.06 20.29
CA TRP D 36 -28.47 48.27 20.87
C TRP D 36 -27.08 48.44 20.33
N VAL D 37 -26.84 49.57 19.65
CA VAL D 37 -25.60 49.86 18.95
C VAL D 37 -25.13 51.26 19.36
N ARG D 38 -23.87 51.39 19.76
CA ARG D 38 -23.34 52.69 20.15
C ARG D 38 -22.25 53.15 19.19
N GLN D 39 -22.07 54.46 19.13
CA GLN D 39 -21.02 55.09 18.33
C GLN D 39 -20.24 56.05 19.22
N ALA D 40 -18.93 55.85 19.30
CA ALA D 40 -18.09 56.79 20.00
C ALA D 40 -17.92 58.06 19.16
N PRO D 41 -17.74 59.22 19.81
CA PRO D 41 -17.56 60.47 19.05
C PRO D 41 -16.28 60.50 18.24
N GLY D 42 -16.40 60.50 16.91
CA GLY D 42 -15.27 60.48 16.02
C GLY D 42 -14.75 59.10 15.67
N LYS D 43 -15.29 58.05 16.28
CA LYS D 43 -14.85 56.68 16.06
C LYS D 43 -15.97 55.87 15.43
N GLY D 44 -15.72 54.58 15.27
CA GLY D 44 -16.65 53.73 14.56
C GLY D 44 -17.86 53.33 15.39
N LEU D 45 -18.92 52.97 14.68
CA LEU D 45 -20.09 52.36 15.30
C LEU D 45 -19.72 50.97 15.80
N GLU D 46 -20.36 50.54 16.89
CA GLU D 46 -20.10 49.21 17.43
C GLU D 46 -21.35 48.67 18.13
N TRP D 47 -21.53 47.37 18.04
CA TRP D 47 -22.69 46.68 18.60
C TRP D 47 -22.51 46.48 20.09
N VAL D 48 -23.62 46.60 20.83
CA VAL D 48 -23.63 46.35 22.27
C VAL D 48 -24.46 45.12 22.61
N SER D 49 -25.71 45.08 22.19
CA SER D 49 -26.56 43.98 22.63
C SER D 49 -27.66 43.69 21.61
N ARG D 50 -28.33 42.56 21.83
CA ARG D 50 -29.43 42.08 21.01
C ARG D 50 -30.38 41.29 21.88
N ILE D 51 -31.68 41.47 21.68
CA ILE D 51 -32.68 40.69 22.41
C ILE D 51 -33.64 40.05 21.41
N SER D 52 -34.10 38.85 21.75
CA SER D 52 -34.98 38.08 20.87
C SER D 52 -36.42 38.57 20.99
N ASN D 53 -37.34 37.83 20.40
CA ASN D 53 -38.76 38.14 20.52
C ASN D 53 -39.35 37.73 21.87
N SER D 54 -38.59 36.99 22.68
CA SER D 54 -39.07 36.53 23.97
C SER D 54 -38.07 36.70 25.10
N GLY D 55 -36.95 37.39 24.87
CA GLY D 55 -36.04 37.69 25.95
C GLY D 55 -34.80 36.82 26.03
N ILE D 56 -34.15 36.56 24.90
CA ILE D 56 -32.87 35.88 24.84
C ILE D 56 -31.83 36.92 24.49
N THR D 57 -30.97 37.26 25.45
CA THR D 57 -30.09 38.40 25.30
C THR D 57 -28.70 37.97 24.83
N TRP D 58 -28.08 38.85 24.05
CA TRP D 58 -26.77 38.64 23.45
C TRP D 58 -25.97 39.90 23.71
N TYR D 59 -24.78 39.76 24.29
CA TYR D 59 -23.97 40.90 24.66
C TYR D 59 -22.61 40.82 23.98
N THR D 60 -22.03 42.00 23.73
CA THR D 60 -20.64 42.06 23.32
C THR D 60 -19.74 41.69 24.48
N ASP D 61 -18.50 41.31 24.17
CA ASP D 61 -17.62 40.71 25.17
C ASP D 61 -16.84 41.74 25.97
N SER D 62 -17.30 42.98 26.02
CA SER D 62 -16.75 43.98 26.92
C SER D 62 -17.72 44.39 28.01
N VAL D 63 -19.02 44.36 27.74
CA VAL D 63 -20.00 44.73 28.76
C VAL D 63 -20.24 43.60 29.75
N ARG D 64 -19.90 42.36 29.38
CA ARG D 64 -19.57 41.22 30.27
C ARG D 64 -20.54 41.02 31.45
N GLY D 65 -21.82 41.27 31.23
CA GLY D 65 -22.76 41.15 32.32
C GLY D 65 -22.86 42.37 33.22
N ARG D 66 -22.42 43.53 32.76
CA ARG D 66 -22.71 44.77 33.47
C ARG D 66 -23.98 45.43 32.97
N PHE D 67 -24.27 45.29 31.69
CA PHE D 67 -25.47 45.89 31.10
C PHE D 67 -26.54 44.81 30.96
N THR D 68 -27.78 45.17 31.24
CA THR D 68 -28.92 44.30 31.01
C THR D 68 -29.86 44.95 30.02
N ILE D 69 -30.60 44.13 29.28
CA ILE D 69 -31.62 44.62 28.35
C ILE D 69 -32.94 43.94 28.67
N PHE D 70 -33.99 44.74 28.80
CA PHE D 70 -35.33 44.26 29.09
C PHE D 70 -36.34 44.91 28.16
N ARG D 71 -37.11 44.12 27.46
CA ARG D 71 -38.06 44.65 26.49
C ARG D 71 -39.46 44.46 27.05
N ASP D 72 -40.05 45.55 27.54
CA ASP D 72 -41.40 45.52 28.09
C ASP D 72 -42.36 45.47 26.90
N ASN D 73 -42.88 44.27 26.63
CA ASN D 73 -43.80 44.09 25.52
C ASN D 73 -45.17 44.65 25.85
N ALA D 74 -45.52 44.72 27.13
CA ALA D 74 -46.80 45.28 27.54
C ALA D 74 -46.78 46.81 27.43
N LYS D 75 -45.75 47.46 27.98
CA LYS D 75 -45.60 48.90 27.87
C LYS D 75 -44.80 49.31 26.65
N ASN D 76 -44.53 48.36 25.73
CA ASN D 76 -44.14 48.64 24.34
C ASN D 76 -42.81 49.37 24.23
N THR D 77 -41.89 49.13 25.17
CA THR D 77 -40.60 49.82 25.16
C THR D 77 -39.46 48.82 25.27
N LEU D 78 -38.26 49.35 25.00
CA LEU D 78 -37.01 48.60 25.04
C LEU D 78 -36.09 49.28 26.05
N TYR D 79 -35.42 48.49 26.88
CA TYR D 79 -34.73 48.98 28.05
C TYR D 79 -33.30 48.50 28.07
N LEU D 80 -32.39 49.39 28.45
CA LEU D 80 -30.98 49.07 28.62
C LEU D 80 -30.54 49.67 29.95
N GLN D 81 -30.33 48.81 30.94
CA GLN D 81 -29.88 49.24 32.26
C GLN D 81 -28.37 49.06 32.34
N MET D 82 -27.69 50.10 32.78
CA MET D 82 -26.23 50.16 32.84
C MET D 82 -25.82 50.32 34.28
N ASN D 83 -25.31 49.24 34.87
CA ASN D 83 -24.73 49.27 36.21
C ASN D 83 -23.22 49.24 36.10
N SER D 84 -22.55 49.94 37.03
CA SER D 84 -21.10 50.03 37.15
C SER D 84 -20.47 50.57 35.85
N LEU D 85 -20.78 51.84 35.59
CA LEU D 85 -20.36 52.48 34.36
C LEU D 85 -18.85 52.70 34.30
N ARG D 86 -18.35 52.75 33.07
CA ARG D 86 -16.93 52.90 32.78
C ARG D 86 -16.75 54.17 31.96
N ALA D 87 -15.54 54.73 31.99
CA ALA D 87 -15.26 55.98 31.30
C ALA D 87 -15.33 55.84 29.79
N GLU D 88 -15.08 54.64 29.26
CA GLU D 88 -15.15 54.38 27.83
C GLU D 88 -16.57 54.06 27.35
N ASP D 89 -17.59 54.35 28.15
CA ASP D 89 -18.97 54.16 27.74
C ASP D 89 -19.61 55.43 27.22
N THR D 90 -18.85 56.53 27.15
CA THR D 90 -19.34 57.77 26.59
C THR D 90 -19.50 57.64 25.09
N ALA D 91 -20.74 57.72 24.62
CA ALA D 91 -21.04 57.43 23.21
C ALA D 91 -22.40 58.03 22.87
N VAL D 92 -22.93 57.66 21.71
CA VAL D 92 -24.32 57.85 21.38
C VAL D 92 -24.94 56.47 21.13
N TYR D 93 -26.08 56.23 21.77
CA TYR D 93 -26.71 54.91 21.76
C TYR D 93 -27.92 54.90 20.85
N TYR D 94 -28.16 53.76 20.22
CA TYR D 94 -29.22 53.59 19.23
C TYR D 94 -29.93 52.28 19.48
N CYS D 95 -31.27 52.33 19.47
CA CYS D 95 -32.10 51.13 19.38
C CYS D 95 -32.54 50.97 17.93
N THR D 96 -32.45 49.74 17.42
CA THR D 96 -32.83 49.48 16.04
C THR D 96 -33.88 48.39 16.00
N LYS D 97 -34.50 48.23 14.83
CA LYS D 97 -35.38 47.12 14.55
C LYS D 97 -34.67 46.22 13.55
N GLU D 98 -34.75 44.91 13.75
CA GLU D 98 -34.13 43.98 12.83
C GLU D 98 -35.14 43.45 11.82
N SER D 99 -34.74 43.44 10.56
CA SER D 99 -35.49 42.72 9.54
C SER D 99 -34.94 41.30 9.46
N ALA D 100 -35.43 40.52 8.49
CA ALA D 100 -34.92 39.18 8.28
C ALA D 100 -33.76 39.15 7.29
N ALA D 101 -33.53 40.25 6.60
CA ALA D 101 -32.47 40.37 5.60
C ALA D 101 -31.21 41.00 6.16
N ALA D 102 -31.36 42.10 6.90
CA ALA D 102 -30.24 42.72 7.58
C ALA D 102 -30.74 43.35 8.87
N ILE D 103 -29.88 43.32 9.88
CA ILE D 103 -30.22 43.96 11.14
C ILE D 103 -30.04 45.46 11.00
N GLY D 104 -30.63 46.20 11.94
CA GLY D 104 -30.66 47.65 11.83
C GLY D 104 -31.48 48.11 10.65
N HIS D 105 -32.67 47.53 10.46
CA HIS D 105 -33.53 47.92 9.35
C HIS D 105 -34.01 49.36 9.52
N TYR D 106 -34.56 49.68 10.68
CA TYR D 106 -34.88 51.03 11.08
C TYR D 106 -33.97 51.43 12.24
N TRP D 107 -33.91 52.72 12.54
CA TRP D 107 -32.85 53.24 13.38
C TRP D 107 -33.38 54.28 14.35
N GLY D 108 -32.99 54.14 15.62
CA GLY D 108 -33.35 55.13 16.61
C GLY D 108 -32.58 56.42 16.45
N GLN D 109 -33.06 57.45 17.15
CA GLN D 109 -32.48 58.78 16.98
C GLN D 109 -31.17 58.93 17.73
N GLY D 110 -31.01 58.21 18.83
CA GLY D 110 -29.77 58.27 19.58
C GLY D 110 -29.92 58.99 20.90
N VAL D 111 -29.14 58.56 21.88
CA VAL D 111 -28.99 59.27 23.14
C VAL D 111 -27.50 59.50 23.37
N LEU D 112 -27.11 60.77 23.49
CA LEU D 112 -25.72 61.15 23.77
C LEU D 112 -25.47 60.96 25.26
N VAL D 113 -24.80 59.86 25.60
CA VAL D 113 -24.44 59.56 26.99
C VAL D 113 -23.01 59.99 27.19
N THR D 114 -22.81 60.91 28.14
CA THR D 114 -21.49 61.39 28.53
C THR D 114 -21.26 60.95 29.97
N VAL D 115 -20.36 59.98 30.15
CA VAL D 115 -20.05 59.44 31.47
C VAL D 115 -18.92 60.30 32.02
N SER D 116 -19.29 61.41 32.67
CA SER D 116 -18.31 62.36 33.17
C SER D 116 -18.90 63.15 34.33
N SER D 117 -18.03 63.52 35.27
CA SER D 117 -18.44 64.27 36.45
C SER D 117 -18.00 65.72 36.34
N GLN E 1 62.50 63.21 11.28
CA GLN E 1 63.31 62.47 10.32
C GLN E 1 63.78 61.16 10.93
N VAL E 2 63.38 60.05 10.32
CA VAL E 2 63.73 58.72 10.82
C VAL E 2 64.44 57.94 9.71
N HIS E 3 65.61 57.41 10.04
CA HIS E 3 66.32 56.46 9.18
C HIS E 3 66.88 55.36 10.07
N LEU E 4 67.76 54.53 9.52
CA LEU E 4 68.35 53.42 10.26
C LEU E 4 69.84 53.38 9.99
N GLN E 5 70.54 52.49 10.70
CA GLN E 5 72.00 52.38 10.59
C GLN E 5 72.42 50.98 11.03
N GLU E 6 72.69 50.11 10.07
CA GLU E 6 73.13 48.77 10.43
C GLU E 6 74.62 48.77 10.78
N SER E 7 75.06 47.65 11.36
CA SER E 7 76.47 47.39 11.62
C SER E 7 76.70 45.89 11.70
N GLY E 8 77.69 45.41 10.96
CA GLY E 8 78.05 44.01 10.92
C GLY E 8 79.47 43.82 10.42
N PRO E 9 79.90 42.57 10.25
CA PRO E 9 81.32 42.32 9.93
C PRO E 9 81.70 42.61 8.49
N GLY E 10 80.82 42.30 7.53
CA GLY E 10 81.16 42.47 6.13
C GLY E 10 81.79 41.23 5.53
N LEU E 11 82.93 40.81 6.07
CA LEU E 11 83.60 39.59 5.63
C LEU E 11 83.23 38.47 6.60
N VAL E 12 82.59 37.43 6.09
CA VAL E 12 81.88 36.44 6.91
C VAL E 12 82.52 35.08 6.69
N LYS E 13 82.88 34.42 7.79
CA LYS E 13 83.48 33.09 7.88
C LYS E 13 82.44 32.06 8.31
N PRO E 14 82.44 30.87 7.70
CA PRO E 14 81.38 29.90 7.96
C PRO E 14 81.55 29.22 9.32
N SER E 15 80.51 28.44 9.68
CA SER E 15 80.41 27.69 10.93
C SER E 15 80.62 28.59 12.15
N GLU E 16 79.90 29.71 12.17
CA GLU E 16 80.16 30.76 13.14
C GLU E 16 78.86 31.48 13.43
N THR E 17 78.67 31.86 14.70
CA THR E 17 77.56 32.71 15.07
C THR E 17 77.78 34.11 14.50
N LEU E 18 76.77 34.61 13.79
CA LEU E 18 76.82 35.90 13.13
C LEU E 18 76.12 36.93 13.99
N SER E 19 76.53 38.19 13.88
CA SER E 19 75.94 39.24 14.68
C SER E 19 75.66 40.47 13.82
N LEU E 20 74.59 41.18 14.17
CA LEU E 20 74.27 42.46 13.58
C LEU E 20 73.64 43.35 14.62
N THR E 21 73.99 44.63 14.60
CA THR E 21 73.30 45.61 15.43
C THR E 21 72.72 46.72 14.56
N CYS E 22 71.60 47.27 15.01
CA CYS E 22 70.89 48.33 14.29
C CYS E 22 70.75 49.53 15.21
N ASN E 23 71.44 50.61 14.88
CA ASN E 23 71.27 51.89 15.53
C ASN E 23 69.94 52.50 15.14
N VAL E 24 69.55 53.55 15.86
CA VAL E 24 68.25 54.18 15.65
C VAL E 24 68.46 55.59 15.13
N SER E 25 67.36 56.28 14.81
CA SER E 25 67.43 57.68 14.40
C SER E 25 66.16 58.37 14.91
N GLY E 26 66.27 58.98 16.09
CA GLY E 26 65.14 59.65 16.70
C GLY E 26 64.22 58.73 17.48
N THR E 27 63.62 57.76 16.79
CA THR E 27 62.71 56.82 17.43
C THR E 27 63.48 55.86 18.33
N LEU E 28 63.06 55.77 19.59
CA LEU E 28 63.75 54.94 20.56
C LEU E 28 63.36 53.47 20.39
N VAL E 29 64.21 52.59 20.92
CA VAL E 29 64.04 51.15 20.74
C VAL E 29 62.90 50.60 21.61
N ARG E 30 62.54 51.29 22.69
CA ARG E 30 61.53 50.79 23.61
C ARG E 30 60.13 50.82 23.01
N ASP E 31 59.84 51.83 22.19
CA ASP E 31 58.46 52.10 21.78
C ASP E 31 57.98 51.11 20.72
N ASN E 32 58.60 51.10 19.56
CA ASN E 32 58.05 50.46 18.37
C ASN E 32 58.57 49.03 18.24
N TYR E 33 57.85 48.23 17.45
CA TYR E 33 58.28 46.90 17.07
C TYR E 33 59.56 46.97 16.23
N TRP E 34 60.19 45.82 16.03
CA TRP E 34 61.38 45.75 15.21
C TRP E 34 61.31 44.52 14.32
N SER E 35 62.11 44.53 13.26
CA SER E 35 62.15 43.43 12.31
C SER E 35 63.50 43.39 11.63
N TRP E 36 63.85 42.20 11.17
CA TRP E 36 65.00 41.99 10.31
C TRP E 36 64.54 41.26 9.06
N ILE E 37 65.09 41.70 7.92
CA ILE E 37 64.69 41.27 6.58
C ILE E 37 65.96 41.05 5.78
N ARG E 38 66.13 39.88 5.18
CA ARG E 38 67.29 39.61 4.35
C ARG E 38 66.91 39.45 2.89
N GLN E 39 67.83 39.81 2.00
CA GLN E 39 67.58 39.68 0.56
C GLN E 39 68.86 39.26 -0.14
N PRO E 40 68.82 38.20 -0.97
CA PRO E 40 69.99 37.84 -1.78
C PRO E 40 70.19 38.78 -2.96
N LEU E 41 71.16 38.48 -3.81
CA LEU E 41 71.38 39.28 -5.01
C LEU E 41 70.36 38.86 -6.08
N GLY E 42 69.59 39.82 -6.55
CA GLY E 42 68.61 39.56 -7.60
C GLY E 42 67.47 38.65 -7.20
N LYS E 43 67.06 38.67 -5.93
CA LYS E 43 66.01 37.80 -5.43
C LYS E 43 65.00 38.62 -4.64
N GLN E 44 63.87 37.99 -4.35
CA GLN E 44 62.89 38.62 -3.46
C GLN E 44 63.37 38.49 -2.02
N PRO E 45 63.01 39.45 -1.16
CA PRO E 45 63.51 39.41 0.22
C PRO E 45 62.86 38.31 1.04
N GLU E 46 63.59 37.90 2.08
CA GLU E 46 63.14 36.89 3.02
C GLU E 46 63.12 37.52 4.40
N TRP E 47 61.91 37.75 4.93
CA TRP E 47 61.73 38.41 6.21
C TRP E 47 62.13 37.47 7.34
N ILE E 48 63.24 37.81 8.01
CA ILE E 48 63.77 36.96 9.07
C ILE E 48 62.83 36.94 10.26
N GLY E 49 62.44 38.11 10.75
CA GLY E 49 61.49 38.09 11.85
C GLY E 49 61.24 39.40 12.56
N TYR E 50 60.12 39.49 13.26
CA TYR E 50 59.79 40.68 14.04
C TYR E 50 59.94 40.36 15.52
N VAL E 51 60.57 41.28 16.26
CA VAL E 51 60.82 41.11 17.68
C VAL E 51 60.45 42.41 18.38
N HIS E 52 60.07 42.28 19.66
CA HIS E 52 59.71 43.38 20.55
C HIS E 52 59.71 42.82 21.97
N ASP E 53 59.77 43.73 22.94
CA ASP E 53 59.65 43.41 24.36
C ASP E 53 58.31 42.72 24.66
N SER E 54 58.32 41.97 25.77
CA SER E 54 57.14 41.32 26.38
C SER E 54 56.50 40.29 25.45
N GLY E 55 57.29 39.26 25.15
CA GLY E 55 56.78 38.06 24.51
C GLY E 55 56.59 38.14 23.00
N ASP E 56 56.76 39.32 22.40
CA ASP E 56 56.60 39.49 20.95
C ASP E 56 57.87 38.95 20.29
N THR E 57 57.92 37.62 20.15
CA THR E 57 59.12 36.90 19.73
C THR E 57 58.74 35.85 18.68
N ASN E 58 58.03 36.28 17.64
CA ASN E 58 57.60 35.38 16.58
C ASN E 58 58.61 35.44 15.44
N TYR E 59 59.10 34.26 15.04
CA TYR E 59 60.21 34.15 14.10
C TYR E 59 59.77 33.40 12.84
N ASN E 60 60.75 33.13 11.98
CA ASN E 60 60.50 32.46 10.71
C ASN E 60 60.44 30.95 10.92
N PRO E 61 59.41 30.26 10.43
CA PRO E 61 59.41 28.79 10.45
C PRO E 61 60.45 28.13 9.55
N SER E 62 61.24 28.89 8.79
CA SER E 62 62.38 28.28 8.11
C SER E 62 63.48 27.94 9.08
N LEU E 63 63.73 28.80 10.08
CA LEU E 63 64.82 28.54 11.01
C LEU E 63 64.37 27.88 12.31
N LYS E 64 63.64 28.63 13.14
CA LYS E 64 63.03 28.25 14.41
C LYS E 64 63.97 27.83 15.53
N SER E 65 65.26 27.65 15.25
CA SER E 65 66.17 27.10 16.26
C SER E 65 67.56 27.73 16.28
N ARG E 66 67.97 28.47 15.25
CA ARG E 66 69.33 28.95 15.14
C ARG E 66 69.41 30.46 14.96
N VAL E 67 68.38 31.19 15.36
CA VAL E 67 68.39 32.64 15.28
C VAL E 67 67.86 33.21 16.60
N HIS E 68 68.38 34.37 16.97
CA HIS E 68 67.99 35.05 18.21
C HIS E 68 67.92 36.53 17.93
N LEU E 69 66.71 37.07 17.91
CA LEU E 69 66.49 38.51 17.78
C LEU E 69 66.18 39.09 19.15
N SER E 70 66.79 40.23 19.46
CA SER E 70 66.54 40.90 20.73
C SER E 70 66.85 42.37 20.54
N LEU E 71 66.86 43.12 21.64
CA LEU E 71 67.19 44.53 21.61
C LEU E 71 68.44 44.75 22.46
N ASP E 72 68.87 46.01 22.53
CA ASP E 72 69.92 46.47 23.43
C ASP E 72 69.40 47.80 23.96
N LYS E 73 68.63 47.73 25.04
CA LYS E 73 67.96 48.91 25.56
C LYS E 73 68.87 49.78 26.40
N SER E 74 70.00 49.23 26.85
CA SER E 74 71.01 50.04 27.53
C SER E 74 71.71 50.98 26.56
N LYS E 75 71.75 50.63 25.28
CA LYS E 75 72.47 51.41 24.29
C LYS E 75 71.56 52.01 23.21
N ASN E 76 70.26 51.68 23.22
CA ASN E 76 69.28 52.06 22.19
C ASN E 76 69.68 51.50 20.82
N LEU E 77 69.89 50.18 20.80
CA LEU E 77 70.22 49.41 19.60
C LEU E 77 69.30 48.20 19.47
N VAL E 78 69.36 47.56 18.31
CA VAL E 78 68.64 46.31 18.03
C VAL E 78 69.69 45.25 17.71
N SER E 79 69.45 44.00 18.13
CA SER E 79 70.45 42.96 17.98
C SER E 79 69.87 41.73 17.27
N LEU E 80 70.62 41.21 16.30
CA LEU E 80 70.34 39.90 15.71
C LEU E 80 71.57 39.01 15.84
N ARG E 81 71.34 37.75 16.20
CA ARG E 81 72.37 36.73 16.31
C ARG E 81 71.92 35.52 15.49
N LEU E 82 72.89 34.91 14.80
CA LEU E 82 72.62 33.84 13.84
C LEU E 82 73.59 32.70 14.10
N THR E 83 73.22 31.50 13.65
CA THR E 83 74.02 30.30 13.87
C THR E 83 74.06 29.49 12.58
N GLY E 84 75.26 29.09 12.16
CA GLY E 84 75.40 28.23 11.00
C GLY E 84 75.30 28.94 9.66
N VAL E 85 76.28 29.79 9.38
CA VAL E 85 76.30 30.51 8.11
C VAL E 85 76.67 29.54 6.99
N THR E 86 75.82 29.48 5.96
CA THR E 86 76.03 28.66 4.77
C THR E 86 76.13 29.56 3.54
N ALA E 87 76.15 28.93 2.37
CA ALA E 87 76.25 29.68 1.12
C ALA E 87 74.97 30.41 0.77
N ALA E 88 73.82 29.94 1.25
CA ALA E 88 72.56 30.65 1.02
C ALA E 88 72.45 31.89 1.88
N ASP E 89 73.24 31.99 2.95
CA ASP E 89 73.22 33.14 3.85
C ASP E 89 73.95 34.35 3.27
N SER E 90 74.59 34.22 2.12
CA SER E 90 75.24 35.36 1.46
C SER E 90 74.16 36.27 0.91
N ALA E 91 73.85 37.33 1.66
CA ALA E 91 72.74 38.20 1.35
C ALA E 91 72.95 39.53 2.07
N ILE E 92 72.29 40.57 1.59
CA ILE E 92 72.32 41.85 2.30
C ILE E 92 71.16 41.89 3.30
N TYR E 93 71.47 42.27 4.53
CA TYR E 93 70.51 42.19 5.62
C TYR E 93 70.12 43.60 6.03
N TYR E 94 68.88 43.73 6.53
CA TYR E 94 68.22 44.99 6.82
C TYR E 94 67.55 44.90 8.18
N CYS E 95 67.66 45.96 8.96
CA CYS E 95 66.75 46.17 10.08
C CYS E 95 65.60 47.07 9.63
N ALA E 96 64.51 47.04 10.38
CA ALA E 96 63.33 47.83 10.05
C ALA E 96 62.46 48.02 11.29
N THR E 97 61.75 49.13 11.34
CA THR E 97 60.63 49.27 12.26
C THR E 97 59.39 48.81 11.51
N THR E 98 58.66 47.86 12.07
CA THR E 98 57.40 47.45 11.47
C THR E 98 56.25 47.96 12.32
N LYS E 99 55.06 47.95 11.70
CA LYS E 99 53.83 48.26 12.40
C LYS E 99 52.79 47.23 11.99
N HIS E 100 51.65 47.27 12.66
CA HIS E 100 50.64 46.24 12.54
C HIS E 100 49.28 46.83 12.18
N GLY E 101 48.28 45.99 12.21
CA GLY E 101 46.90 46.40 11.96
C GLY E 101 46.00 45.22 12.15
N ARG E 102 44.72 45.43 11.87
CA ARG E 102 43.73 44.35 11.91
C ARG E 102 42.97 44.32 10.60
N ARG E 103 42.74 43.12 10.09
CA ARG E 103 41.90 42.88 8.93
C ARG E 103 40.74 42.01 9.37
N ILE E 104 39.53 42.59 9.38
CA ILE E 104 38.35 41.96 9.95
C ILE E 104 37.43 41.55 8.81
N TYR E 105 36.98 40.30 8.84
CA TYR E 105 36.11 39.76 7.82
C TYR E 105 34.89 39.04 8.39
N GLY E 106 34.73 39.05 9.70
CA GLY E 106 33.61 38.39 10.33
C GLY E 106 33.41 38.93 11.73
N VAL E 107 32.81 38.09 12.58
CA VAL E 107 32.58 38.48 13.98
C VAL E 107 33.91 38.56 14.71
N VAL E 108 34.15 39.69 15.35
CA VAL E 108 35.40 39.90 16.09
C VAL E 108 35.47 38.98 17.30
N ALA E 109 34.32 38.70 17.93
CA ALA E 109 34.28 37.83 19.10
C ALA E 109 34.57 36.37 18.76
N PHE E 110 34.42 35.97 17.50
CA PHE E 110 34.72 34.61 17.07
C PHE E 110 36.15 34.45 16.58
N LYS E 111 37.02 35.43 16.86
CA LYS E 111 38.42 35.49 16.42
C LYS E 111 38.53 35.43 14.90
N GLU E 112 37.59 36.06 14.21
CA GLU E 112 37.58 36.08 12.75
C GLU E 112 38.23 37.37 12.23
N TRP E 113 39.52 37.49 12.52
CA TRP E 113 40.36 38.61 12.12
C TRP E 113 41.81 38.17 12.27
N PHE E 114 42.70 38.82 11.51
CA PHE E 114 44.12 38.55 11.59
C PHE E 114 44.89 39.86 11.56
N THR E 115 46.16 39.79 11.95
CA THR E 115 47.04 40.95 11.97
C THR E 115 47.99 40.89 10.79
N TYR E 116 48.00 41.95 9.99
CA TYR E 116 49.07 42.14 9.03
C TYR E 116 50.24 42.85 9.70
N PHE E 117 51.33 42.98 8.97
CA PHE E 117 52.50 43.73 9.40
C PHE E 117 53.11 44.39 8.18
N TYR E 118 53.47 45.65 8.33
CA TYR E 118 54.06 46.40 7.22
C TYR E 118 55.30 47.12 7.70
N MET E 119 56.34 47.09 6.86
CA MET E 119 57.56 47.83 7.10
C MET E 119 57.52 49.08 6.22
N ASP E 120 57.32 50.24 6.84
CA ASP E 120 57.27 51.48 6.08
C ASP E 120 58.65 52.10 5.90
N VAL E 121 59.46 52.11 6.95
CA VAL E 121 60.87 52.46 6.78
C VAL E 121 61.61 51.18 6.41
N TRP E 122 62.83 51.33 5.94
CA TRP E 122 63.71 50.20 5.70
C TRP E 122 65.11 50.61 6.10
N GLY E 123 66.04 49.66 6.09
CA GLY E 123 67.37 49.88 6.60
C GLY E 123 68.29 50.61 5.63
N LYS E 124 69.56 50.24 5.67
CA LYS E 124 70.55 50.64 4.68
C LYS E 124 71.32 49.46 4.13
N GLY E 125 71.65 48.48 4.97
CA GLY E 125 72.23 47.22 4.51
C GLY E 125 73.51 46.78 5.18
N THR E 126 73.68 45.46 5.28
CA THR E 126 74.98 44.88 5.62
C THR E 126 75.13 43.57 4.86
N SER E 127 76.21 43.46 4.10
CA SER E 127 76.42 42.29 3.24
C SER E 127 77.02 41.16 4.05
N VAL E 128 76.30 40.05 4.15
CA VAL E 128 76.82 38.79 4.68
C VAL E 128 77.33 38.02 3.46
N THR E 129 78.63 38.12 3.20
CA THR E 129 79.27 37.49 2.06
C THR E 129 80.13 36.35 2.58
N VAL E 130 79.66 35.12 2.38
CA VAL E 130 80.32 33.97 2.96
C VAL E 130 81.61 33.66 2.21
N SER E 131 82.70 33.49 2.97
CA SER E 131 84.00 33.20 2.41
C SER E 131 84.79 32.38 3.40
N SER E 132 85.49 31.36 2.91
CA SER E 132 86.29 30.50 3.76
C SER E 132 87.69 30.31 3.17
N THR F 3 59.89 39.40 -15.82
CA THR F 3 58.64 40.16 -15.71
C THR F 3 58.90 41.64 -15.97
N PHE F 4 58.22 42.19 -16.98
CA PHE F 4 58.39 43.58 -17.36
C PHE F 4 57.06 44.13 -17.86
N VAL F 5 56.88 45.44 -17.63
CA VAL F 5 55.77 46.18 -18.20
C VAL F 5 56.37 47.40 -18.89
N SER F 6 56.29 47.43 -20.22
CA SER F 6 56.94 48.47 -21.02
C SER F 6 55.88 49.33 -21.66
N VAL F 7 55.66 50.53 -21.11
CA VAL F 7 54.79 51.54 -21.70
C VAL F 7 55.57 52.84 -21.78
N ALA F 8 54.97 53.82 -22.47
CA ALA F 8 55.54 55.14 -22.52
C ALA F 8 55.43 55.82 -21.16
N PRO F 9 56.40 56.69 -20.80
CA PRO F 9 56.30 57.42 -19.53
C PRO F 9 55.14 58.41 -19.52
N GLY F 10 54.13 58.10 -18.71
CA GLY F 10 52.92 58.91 -18.66
C GLY F 10 51.68 58.12 -18.99
N GLN F 11 51.80 56.79 -18.99
CA GLN F 11 50.73 55.91 -19.45
C GLN F 11 50.27 55.00 -18.32
N THR F 12 49.40 54.05 -18.67
CA THR F 12 48.78 53.15 -17.71
C THR F 12 49.56 51.84 -17.63
N ALA F 13 49.60 51.26 -16.43
CA ALA F 13 50.30 49.99 -16.23
C ALA F 13 49.64 49.23 -15.10
N ARG F 14 49.66 47.89 -15.22
CA ARG F 14 49.22 46.99 -14.16
C ARG F 14 50.34 45.99 -13.89
N ILE F 15 50.45 45.60 -12.63
CA ILE F 15 51.50 44.69 -12.17
C ILE F 15 50.81 43.63 -11.30
N THR F 16 50.63 42.44 -11.84
CA THR F 16 50.11 41.31 -11.07
C THR F 16 51.24 40.57 -10.39
N CYS F 17 50.94 39.94 -9.27
CA CYS F 17 51.96 39.26 -8.46
C CYS F 17 51.32 38.24 -7.55
N GLY F 18 51.62 36.96 -7.77
CA GLY F 18 51.36 35.95 -6.78
C GLY F 18 50.19 35.04 -7.09
N GLU F 19 49.78 34.32 -6.06
CA GLU F 19 48.73 33.31 -6.15
C GLU F 19 47.36 33.98 -6.19
N GLU F 20 46.42 33.30 -6.84
CA GLU F 20 45.02 33.71 -6.85
C GLU F 20 44.45 33.67 -5.42
N SER F 21 43.52 34.58 -5.14
CA SER F 21 43.00 34.75 -3.79
C SER F 21 42.13 33.58 -3.37
N LEU F 22 42.14 33.28 -2.07
CA LEU F 22 41.30 32.26 -1.46
C LEU F 22 40.33 32.85 -0.46
N GLY F 23 40.79 33.70 0.46
CA GLY F 23 39.93 34.37 1.41
C GLY F 23 40.07 35.87 1.31
N SER F 24 39.88 36.54 2.45
CA SER F 24 39.96 37.99 2.52
C SER F 24 41.43 38.40 2.62
N ARG F 25 41.98 38.90 1.52
CA ARG F 25 43.39 39.25 1.50
C ARG F 25 43.62 40.62 2.12
N SER F 26 44.89 40.87 2.46
CA SER F 26 45.39 42.20 2.81
C SER F 26 46.74 42.31 2.12
N VAL F 27 46.73 42.76 0.87
CA VAL F 27 47.96 42.83 0.07
C VAL F 27 48.76 44.03 0.51
N ILE F 28 50.08 43.89 0.55
CA ILE F 28 51.01 44.96 0.91
C ILE F 28 52.08 45.04 -0.16
N TRP F 29 52.19 46.22 -0.79
CA TRP F 29 53.11 46.43 -1.90
C TRP F 29 54.31 47.27 -1.47
N TYR F 30 55.49 46.82 -1.91
CA TYR F 30 56.78 47.45 -1.69
C TYR F 30 57.41 47.77 -3.04
N GLN F 31 58.45 48.60 -3.03
CA GLN F 31 59.26 48.78 -4.23
C GLN F 31 60.74 48.87 -3.85
N GLN F 32 61.59 48.38 -4.75
CA GLN F 32 63.01 48.21 -4.52
C GLN F 32 63.79 49.15 -5.43
N ARG F 33 64.47 50.12 -4.82
CA ARG F 33 65.43 50.82 -5.66
C ARG F 33 66.76 50.04 -5.67
N PRO F 34 67.46 50.02 -6.81
CA PRO F 34 68.70 49.22 -6.90
C PRO F 34 69.81 49.81 -6.03
N GLY F 35 70.42 48.94 -5.23
CA GLY F 35 71.49 49.34 -4.35
C GLY F 35 71.04 49.87 -3.01
N GLN F 36 69.74 50.03 -2.79
CA GLN F 36 69.21 50.57 -1.55
C GLN F 36 68.27 49.56 -0.90
N ALA F 37 67.94 49.85 0.36
CA ALA F 37 66.84 49.19 1.03
C ALA F 37 65.53 49.64 0.39
N PRO F 38 64.45 48.83 0.51
CA PRO F 38 63.21 49.18 -0.19
C PRO F 38 62.47 50.37 0.40
N SER F 39 61.28 50.64 -0.13
CA SER F 39 60.37 51.61 0.44
C SER F 39 58.96 51.07 0.26
N LEU F 40 58.15 51.18 1.31
CA LEU F 40 56.74 50.81 1.20
C LEU F 40 56.04 51.77 0.25
N ILE F 41 55.08 51.24 -0.51
CA ILE F 41 54.16 52.07 -1.27
C ILE F 41 52.72 51.85 -0.86
N ILE F 42 52.31 50.60 -0.59
CA ILE F 42 50.93 50.28 -0.26
C ILE F 42 50.94 49.38 0.99
N TYR F 43 50.11 49.70 1.99
CA TYR F 43 50.09 48.95 3.24
C TYR F 43 48.76 48.26 3.53
N ASN F 44 47.68 48.63 2.85
CA ASN F 44 46.39 47.97 3.00
C ASN F 44 45.99 47.55 1.59
N ASN F 45 44.73 47.18 1.37
CA ASN F 45 44.32 46.74 0.04
C ASN F 45 44.36 47.89 -0.97
N ASN F 46 43.77 49.03 -0.64
CA ASN F 46 43.83 50.19 -1.53
C ASN F 46 44.02 51.47 -0.70
N ASP F 47 44.94 51.43 0.25
CA ASP F 47 45.34 52.62 0.98
C ASP F 47 46.74 53.05 0.54
N ARG F 48 47.12 54.25 0.98
CA ARG F 48 48.47 54.75 0.76
C ARG F 48 48.90 55.60 1.94
N PRO F 49 50.16 55.53 2.33
CA PRO F 49 50.66 56.37 3.42
C PRO F 49 51.04 57.76 2.91
N SER F 50 51.56 58.57 3.83
CA SER F 50 52.05 59.89 3.46
C SER F 50 53.48 59.80 2.95
N GLY F 51 53.77 60.57 1.90
CA GLY F 51 55.09 60.56 1.30
C GLY F 51 55.08 59.99 -0.11
N ILE F 52 54.33 58.91 -0.32
CA ILE F 52 54.17 58.34 -1.65
C ILE F 52 52.90 58.95 -2.26
N PRO F 53 52.92 59.35 -3.53
CA PRO F 53 51.71 59.94 -4.13
C PRO F 53 50.68 58.90 -4.54
N ASP F 54 49.62 59.36 -5.19
CA ASP F 54 48.50 58.51 -5.56
C ASP F 54 48.80 57.70 -6.82
N ARG F 55 47.75 57.12 -7.41
CA ARG F 55 47.76 56.31 -8.62
C ARG F 55 48.62 55.06 -8.52
N PHE F 56 48.85 54.58 -7.29
CA PHE F 56 49.21 53.19 -7.07
C PHE F 56 47.95 52.44 -6.64
N SER F 57 47.03 52.29 -7.59
CA SER F 57 45.69 51.79 -7.30
C SER F 57 45.74 50.29 -7.12
N GLY F 58 45.69 49.84 -5.87
CA GLY F 58 45.71 48.42 -5.58
C GLY F 58 44.39 47.74 -5.85
N SER F 59 44.39 46.44 -5.63
CA SER F 59 43.20 45.63 -5.84
C SER F 59 42.34 45.60 -4.58
N PRO F 60 41.03 45.45 -4.72
CA PRO F 60 40.19 45.20 -3.53
C PRO F 60 40.39 43.79 -3.01
N GLY F 61 41.10 43.66 -1.88
CA GLY F 61 41.47 42.37 -1.35
C GLY F 61 40.36 41.60 -0.66
N SER F 62 39.14 42.14 -0.63
CA SER F 62 37.98 41.43 -0.14
C SER F 62 37.24 40.69 -1.26
N THR F 63 37.94 40.35 -2.33
CA THR F 63 37.33 39.72 -3.50
C THR F 63 37.94 38.33 -3.66
N PHE F 64 37.10 37.37 -4.02
CA PHE F 64 37.42 35.95 -3.91
C PHE F 64 37.73 35.37 -5.27
N GLY F 65 38.90 34.77 -5.40
CA GLY F 65 39.32 34.19 -6.67
C GLY F 65 39.89 35.19 -7.65
N THR F 66 40.60 36.20 -7.17
CA THR F 66 41.25 37.18 -8.02
C THR F 66 42.74 37.22 -7.73
N THR F 67 43.45 38.05 -8.50
CA THR F 67 44.90 38.19 -8.40
C THR F 67 45.22 39.63 -8.05
N ALA F 68 46.16 39.81 -7.12
CA ALA F 68 46.51 41.14 -6.63
C ALA F 68 47.26 41.92 -7.70
N THR F 69 46.60 42.94 -8.24
CA THR F 69 47.17 43.80 -9.27
C THR F 69 47.77 45.05 -8.62
N LEU F 70 48.36 45.90 -9.46
CA LEU F 70 48.86 47.20 -9.00
C LEU F 70 48.68 48.15 -10.19
N THR F 71 47.54 48.83 -10.22
CA THR F 71 47.20 49.70 -11.35
C THR F 71 47.92 51.03 -11.21
N ILE F 72 48.84 51.31 -12.13
CA ILE F 72 49.62 52.54 -12.11
C ILE F 72 49.36 53.26 -13.43
N THR F 73 48.52 54.29 -13.37
CA THR F 73 48.34 55.19 -14.51
C THR F 73 49.26 56.39 -14.33
N SER F 74 49.69 56.96 -15.47
CA SER F 74 50.65 58.06 -15.55
C SER F 74 51.97 57.71 -14.86
N VAL F 75 52.64 56.72 -15.46
CA VAL F 75 53.93 56.24 -14.96
C VAL F 75 55.01 57.28 -15.25
N GLU F 76 56.18 57.12 -14.64
CA GLU F 76 57.30 58.00 -14.89
C GLU F 76 58.59 57.26 -14.56
N ALA F 77 59.72 57.89 -14.91
CA ALA F 77 61.02 57.30 -14.63
C ALA F 77 61.39 57.37 -13.16
N GLY F 78 60.77 58.27 -12.40
CA GLY F 78 61.02 58.33 -10.97
C GLY F 78 60.35 57.23 -10.18
N ASP F 79 59.39 56.54 -10.78
CA ASP F 79 58.71 55.41 -10.18
C ASP F 79 59.41 54.08 -10.46
N GLU F 80 60.54 54.10 -11.15
CA GLU F 80 61.18 52.89 -11.64
C GLU F 80 61.87 52.17 -10.50
N ALA F 81 61.40 50.95 -10.22
CA ALA F 81 61.86 50.17 -9.08
C ALA F 81 61.51 48.70 -9.36
N ASP F 82 61.68 47.85 -8.35
CA ASP F 82 61.25 46.46 -8.43
C ASP F 82 60.09 46.27 -7.47
N TYR F 83 58.90 46.08 -8.01
CA TYR F 83 57.70 46.00 -7.19
C TYR F 83 57.63 44.64 -6.48
N TYR F 84 56.93 44.63 -5.35
CA TYR F 84 56.78 43.41 -4.56
C TYR F 84 55.38 43.37 -3.96
N CYS F 85 54.63 42.34 -4.32
CA CYS F 85 53.44 42.00 -3.57
C CYS F 85 53.83 41.29 -2.27
N HIS F 86 52.99 41.46 -1.24
CA HIS F 86 53.14 40.67 -0.02
C HIS F 86 51.72 40.50 0.54
N ILE F 87 51.11 39.39 0.19
CA ILE F 87 49.69 39.23 0.47
C ILE F 87 49.51 38.61 1.84
N TRP F 88 48.37 38.90 2.45
CA TRP F 88 47.97 38.34 3.74
C TRP F 88 46.60 37.73 3.51
N ASP F 89 46.58 36.50 3.00
CA ASP F 89 45.32 35.81 2.73
C ASP F 89 44.76 35.29 4.04
N SER F 90 43.44 35.40 4.20
CA SER F 90 42.83 34.95 5.44
C SER F 90 42.80 33.44 5.53
N ARG F 91 42.71 32.75 4.40
CA ARG F 91 42.66 31.30 4.40
C ARG F 91 44.06 30.69 4.37
N ARG F 92 44.94 31.17 3.50
CA ARG F 92 46.29 30.65 3.48
C ARG F 92 47.10 31.19 4.66
N PRO F 93 48.10 30.44 5.15
CA PRO F 93 48.89 30.92 6.29
C PRO F 93 49.85 32.04 5.96
N THR F 94 50.67 32.42 6.94
CA THR F 94 51.52 33.59 6.83
C THR F 94 52.68 33.33 5.87
N ASN F 95 52.80 34.18 4.85
CA ASN F 95 53.87 34.08 3.88
C ASN F 95 55.05 34.90 4.39
N TRP F 96 56.15 34.22 4.69
CA TRP F 96 57.31 34.86 5.27
C TRP F 96 58.28 35.42 4.23
N VAL F 97 58.40 34.76 3.09
CA VAL F 97 59.10 35.32 1.95
C VAL F 97 58.14 36.24 1.20
N PHE F 98 58.68 37.26 0.53
CA PHE F 98 57.84 38.16 -0.21
C PHE F 98 57.47 37.54 -1.56
N GLY F 99 56.57 38.21 -2.28
CA GLY F 99 56.31 37.84 -3.66
C GLY F 99 57.51 38.14 -4.54
N GLU F 100 57.52 37.50 -5.71
CA GLU F 100 58.68 37.55 -6.60
C GLU F 100 58.88 38.96 -7.17
N GLY F 101 60.11 39.22 -7.59
CA GLY F 101 60.47 40.54 -8.09
C GLY F 101 59.82 40.87 -9.41
N THR F 102 58.83 41.76 -9.37
CA THR F 102 58.11 42.20 -10.56
C THR F 102 58.67 43.56 -10.94
N THR F 103 59.62 43.56 -11.88
CA THR F 103 60.38 44.74 -12.23
C THR F 103 59.55 45.72 -13.06
N LEU F 104 60.14 46.88 -13.32
CA LEU F 104 59.52 47.89 -14.17
C LEU F 104 60.62 48.61 -14.95
N ILE F 105 60.49 48.62 -16.27
CA ILE F 105 61.33 49.45 -17.12
C ILE F 105 60.45 50.47 -17.81
N VAL F 106 61.01 51.64 -18.09
CA VAL F 106 60.28 52.76 -18.67
C VAL F 106 61.00 53.21 -19.94
N LEU F 107 60.22 53.61 -20.94
CA LEU F 107 60.77 54.02 -22.22
C LEU F 107 61.10 55.51 -22.21
N GLN G 1 8.38 -9.11 32.11
CA GLN G 1 8.73 -8.43 33.35
C GLN G 1 9.50 -7.15 33.06
N VAL G 2 9.65 -6.31 34.07
CA VAL G 2 10.42 -5.07 33.98
C VAL G 2 11.51 -5.15 35.04
N GLN G 3 12.77 -5.17 34.61
CA GLN G 3 13.88 -5.35 35.53
C GLN G 3 14.85 -4.18 35.44
N LEU G 4 15.24 -3.67 36.60
CA LEU G 4 16.30 -2.67 36.76
C LEU G 4 17.41 -3.35 37.56
N VAL G 5 18.51 -3.71 36.89
CA VAL G 5 19.57 -4.48 37.50
C VAL G 5 20.81 -3.62 37.55
N GLN G 6 21.36 -3.43 38.75
CA GLN G 6 22.51 -2.55 38.95
C GLN G 6 23.80 -3.36 38.97
N SER G 7 24.91 -2.64 39.06
CA SER G 7 26.19 -3.24 39.35
C SER G 7 26.30 -3.55 40.84
N GLY G 8 27.34 -4.29 41.20
CA GLY G 8 27.56 -4.67 42.57
C GLY G 8 28.05 -3.51 43.42
N ALA G 9 28.19 -3.80 44.72
CA ALA G 9 28.65 -2.80 45.67
C ALA G 9 30.13 -2.49 45.46
N VAL G 10 30.61 -1.43 46.11
CA VAL G 10 31.93 -0.90 45.83
C VAL G 10 32.44 -0.17 47.07
N ILE G 11 33.76 -0.17 47.24
CA ILE G 11 34.44 0.58 48.30
C ILE G 11 35.37 1.57 47.62
N LYS G 12 35.17 2.85 47.88
CA LYS G 12 35.95 3.89 47.24
C LYS G 12 36.68 4.73 48.29
N THR G 13 37.68 5.45 47.83
CA THR G 13 38.53 6.35 48.61
C THR G 13 37.89 7.73 48.70
N PRO G 14 38.16 8.48 49.79
CA PRO G 14 37.63 9.84 49.90
C PRO G 14 38.22 10.78 48.86
N GLY G 15 37.38 11.23 47.94
CA GLY G 15 37.81 12.07 46.84
C GLY G 15 37.68 11.44 45.47
N SER G 16 37.05 10.29 45.37
CA SER G 16 36.97 9.54 44.12
C SER G 16 35.78 10.00 43.29
N SER G 17 35.49 9.25 42.23
CA SER G 17 34.36 9.54 41.33
C SER G 17 33.74 8.19 40.97
N VAL G 18 32.71 7.80 41.71
CA VAL G 18 32.12 6.48 41.54
C VAL G 18 31.16 6.51 40.35
N LYS G 19 31.04 5.37 39.67
CA LYS G 19 30.12 5.23 38.54
C LYS G 19 29.30 3.98 38.74
N ILE G 20 27.98 4.13 38.72
CA ILE G 20 27.04 3.04 38.94
C ILE G 20 26.12 2.96 37.74
N SER G 21 26.08 1.80 37.10
CA SER G 21 25.22 1.56 35.95
C SER G 21 23.92 0.93 36.41
N CYS G 22 22.97 0.87 35.47
CA CYS G 22 21.63 0.34 35.74
C CYS G 22 21.08 -0.15 34.41
N ARG G 23 21.12 -1.46 34.19
CA ARG G 23 20.57 -2.04 32.97
C ARG G 23 19.08 -2.23 33.16
N ALA G 24 18.30 -1.58 32.30
CA ALA G 24 16.86 -1.73 32.26
C ALA G 24 16.48 -2.66 31.12
N SER G 25 15.58 -3.59 31.40
CA SER G 25 15.19 -4.60 30.42
C SER G 25 13.73 -4.98 30.60
N GLY G 26 13.05 -5.18 29.48
CA GLY G 26 11.68 -5.65 29.48
C GLY G 26 10.65 -4.65 28.99
N TYR G 27 11.07 -3.52 28.45
CA TYR G 27 10.16 -2.45 28.04
C TYR G 27 10.93 -1.52 27.10
N ASN G 28 10.20 -0.59 26.49
CA ASN G 28 10.82 0.40 25.61
C ASN G 28 11.56 1.41 26.48
N PHE G 29 12.90 1.35 26.45
CA PHE G 29 13.71 2.20 27.33
C PHE G 29 13.69 3.66 26.91
N ARG G 30 13.32 3.96 25.67
CA ARG G 30 13.22 5.34 25.20
C ARG G 30 12.01 6.08 25.80
N ASP G 31 11.08 5.38 26.43
CA ASP G 31 9.84 6.01 26.87
C ASP G 31 9.93 6.60 28.28
N TYR G 32 10.32 5.79 29.26
CA TYR G 32 10.15 6.13 30.65
C TYR G 32 11.41 6.77 31.23
N SER G 33 11.21 7.82 32.02
CA SER G 33 12.31 8.47 32.70
C SER G 33 12.87 7.56 33.80
N ILE G 34 14.17 7.68 34.05
CA ILE G 34 14.84 6.90 35.08
C ILE G 34 15.28 7.86 36.18
N HIS G 35 14.83 7.59 37.40
CA HIS G 35 15.18 8.40 38.55
C HIS G 35 16.29 7.71 39.33
N TRP G 36 17.09 8.52 40.02
CA TRP G 36 18.12 8.04 40.93
C TRP G 36 17.81 8.65 42.29
N VAL G 37 17.71 7.78 43.29
CA VAL G 37 17.33 8.13 44.66
C VAL G 37 18.23 7.35 45.62
N ARG G 38 18.60 7.97 46.72
CA ARG G 38 19.54 7.36 47.64
C ARG G 38 18.90 7.14 49.00
N LEU G 39 19.56 6.32 49.82
CA LEU G 39 19.14 6.06 51.19
C LEU G 39 20.35 6.10 52.09
N ILE G 40 20.33 7.03 53.04
CA ILE G 40 21.41 7.22 54.00
C ILE G 40 20.90 6.70 55.34
N PRO G 41 21.71 5.95 56.10
CA PRO G 41 21.29 5.54 57.45
C PRO G 41 21.16 6.75 58.37
N ASP G 42 20.02 6.81 59.08
CA ASP G 42 19.60 7.88 59.98
C ASP G 42 19.45 9.23 59.27
N LYS G 43 19.21 9.22 57.96
CA LYS G 43 18.84 10.43 57.21
C LYS G 43 17.67 10.22 56.27
N GLY G 44 17.36 8.99 55.87
CA GLY G 44 16.21 8.71 55.04
C GLY G 44 16.50 8.84 53.55
N PHE G 45 15.42 8.78 52.77
CA PHE G 45 15.52 8.91 51.33
C PHE G 45 15.87 10.33 50.92
N GLU G 46 16.80 10.45 49.98
CA GLU G 46 17.10 11.70 49.31
C GLU G 46 17.10 11.47 47.81
N TRP G 47 16.46 12.38 47.08
CA TRP G 47 16.37 12.28 45.63
C TRP G 47 17.61 12.88 44.99
N ILE G 48 18.19 12.17 44.04
CA ILE G 48 19.39 12.62 43.34
C ILE G 48 19.06 13.26 41.99
N GLY G 49 18.30 12.59 41.15
CA GLY G 49 17.95 13.25 39.90
C GLY G 49 17.38 12.30 38.88
N TRP G 50 16.73 12.86 37.87
CA TRP G 50 16.17 12.05 36.78
C TRP G 50 16.88 12.29 35.45
N ILE G 51 16.63 11.35 34.54
CA ILE G 51 17.08 11.44 33.17
C ILE G 51 15.96 10.95 32.25
N LYS G 52 15.68 11.70 31.19
CA LYS G 52 14.86 11.21 30.09
C LYS G 52 15.80 10.59 29.07
N PRO G 53 15.74 9.27 28.86
CA PRO G 53 16.75 8.59 28.05
C PRO G 53 16.53 8.68 26.55
N LEU G 54 15.51 9.40 26.08
CA LEU G 54 15.34 9.57 24.65
C LEU G 54 16.40 10.50 24.08
N TRP G 55 16.70 11.57 24.81
CA TRP G 55 17.81 12.45 24.47
C TRP G 55 18.76 12.64 25.63
N GLY G 56 18.56 11.93 26.73
CA GLY G 56 19.45 12.07 27.87
C GLY G 56 19.25 13.36 28.64
N ALA G 57 18.04 13.90 28.63
CA ALA G 57 17.77 15.17 29.30
C ALA G 57 17.80 14.96 30.81
N VAL G 58 18.80 15.50 31.48
CA VAL G 58 18.99 15.24 32.89
C VAL G 58 18.47 16.41 33.70
N SER G 59 18.11 16.14 34.95
CA SER G 59 17.82 17.16 35.93
C SER G 59 18.25 16.63 37.29
N TYR G 60 18.85 17.51 38.08
CA TYR G 60 19.59 17.13 39.27
C TYR G 60 18.93 17.74 40.50
N ALA G 61 19.25 17.16 41.66
CA ALA G 61 18.95 17.82 42.91
C ALA G 61 19.79 19.08 43.04
N ARG G 62 19.25 20.08 43.74
CA ARG G 62 19.91 21.38 43.79
C ARG G 62 21.19 21.33 44.62
N GLN G 63 21.19 20.59 45.72
CA GLN G 63 22.37 20.49 46.57
C GLN G 63 23.36 19.44 46.09
N LEU G 64 23.10 18.78 44.96
CA LEU G 64 24.05 17.83 44.38
C LEU G 64 24.56 18.27 43.02
N GLN G 65 24.30 19.50 42.59
CA GLN G 65 24.80 19.95 41.30
C GLN G 65 26.30 20.23 41.38
N GLY G 66 26.97 20.00 40.25
CA GLY G 66 28.42 20.05 40.19
C GLY G 66 29.11 18.76 40.58
N ARG G 67 28.38 17.79 41.10
CA ARG G 67 28.96 16.53 41.56
C ARG G 67 28.42 15.31 40.84
N VAL G 68 27.17 15.34 40.38
CA VAL G 68 26.55 14.18 39.76
C VAL G 68 26.51 14.41 38.25
N SER G 69 26.52 13.31 37.49
CA SER G 69 26.48 13.38 36.04
C SER G 69 25.87 12.09 35.51
N MET G 70 24.73 12.21 34.83
CA MET G 70 23.99 11.05 34.35
C MET G 70 24.07 10.98 32.83
N THR G 71 24.36 9.78 32.31
CA THR G 71 24.35 9.50 30.88
C THR G 71 23.52 8.24 30.64
N ARG G 72 23.34 7.90 29.37
CA ARG G 72 22.63 6.67 29.03
C ARG G 72 23.23 6.06 27.78
N GLN G 73 22.87 4.81 27.54
CA GLN G 73 23.33 4.04 26.39
C GLN G 73 22.13 3.24 25.88
N LEU G 74 21.62 3.64 24.72
CA LEU G 74 20.41 3.06 24.17
C LEU G 74 20.72 1.75 23.45
N SER G 75 19.66 1.14 22.91
CA SER G 75 19.78 -0.08 22.12
C SER G 75 19.58 0.27 20.66
N GLN G 76 20.63 0.10 19.86
CA GLN G 76 20.58 0.47 18.44
C GLN G 76 20.68 -0.80 17.60
N ASP G 77 19.53 -1.45 17.41
CA ASP G 77 19.33 -2.60 16.54
C ASP G 77 17.82 -2.80 16.37
N PRO G 78 17.37 -3.23 15.19
CA PRO G 78 15.93 -3.48 15.01
C PRO G 78 15.45 -4.80 15.61
N ASP G 79 16.33 -5.57 16.23
CA ASP G 79 15.98 -6.88 16.77
C ASP G 79 15.75 -6.87 18.27
N ASP G 80 16.61 -6.21 19.05
CA ASP G 80 16.45 -6.10 20.50
C ASP G 80 16.46 -4.65 20.95
N PRO G 81 15.35 -3.93 20.81
CA PRO G 81 15.30 -2.54 21.28
C PRO G 81 14.76 -2.37 22.69
N ASP G 82 14.51 -3.48 23.41
CA ASP G 82 13.82 -3.41 24.68
C ASP G 82 14.74 -3.29 25.88
N TRP G 83 15.99 -2.88 25.69
CA TRP G 83 16.92 -2.73 26.80
C TRP G 83 17.64 -1.39 26.71
N GLY G 84 18.33 -1.06 27.80
CA GLY G 84 19.13 0.16 27.83
C GLY G 84 19.95 0.17 29.10
N VAL G 85 20.94 1.05 29.13
CA VAL G 85 21.81 1.16 30.30
C VAL G 85 21.87 2.62 30.74
N ALA G 86 21.34 2.91 31.92
CA ALA G 86 21.54 4.22 32.53
C ALA G 86 22.85 4.21 33.31
N TYR G 87 23.44 5.39 33.46
CA TYR G 87 24.67 5.55 34.23
C TYR G 87 24.50 6.70 35.21
N MET G 88 25.28 6.65 36.27
CA MET G 88 25.41 7.79 37.18
C MET G 88 26.84 7.85 37.68
N GLU G 89 27.56 8.90 37.30
CA GLU G 89 28.86 9.21 37.88
C GLU G 89 28.64 10.23 38.98
N PHE G 90 28.79 9.79 40.22
CA PHE G 90 28.72 10.67 41.38
C PHE G 90 30.14 10.94 41.84
N SER G 91 30.55 12.20 41.79
CA SER G 91 31.93 12.58 42.04
C SER G 91 32.02 13.48 43.26
N GLY G 92 33.25 13.68 43.72
CA GLY G 92 33.48 14.43 44.94
C GLY G 92 33.04 13.64 46.16
N LEU G 93 33.48 12.39 46.25
CA LEU G 93 33.02 11.50 47.30
C LEU G 93 33.59 11.90 48.67
N THR G 94 32.70 12.12 49.61
CA THR G 94 32.99 12.34 51.01
C THR G 94 32.51 11.14 51.82
N PRO G 95 33.02 10.95 53.05
CA PRO G 95 32.47 9.89 53.92
C PRO G 95 31.02 10.14 54.35
N ALA G 96 30.48 11.34 54.16
CA ALA G 96 29.06 11.58 54.33
C ALA G 96 28.22 11.05 53.19
N ASP G 97 28.84 10.55 52.12
CA ASP G 97 28.13 9.98 50.98
C ASP G 97 28.02 8.47 51.05
N THR G 98 28.33 7.86 52.19
CA THR G 98 28.18 6.41 52.37
C THR G 98 26.69 6.09 52.44
N ALA G 99 26.17 5.46 51.39
CA ALA G 99 24.72 5.32 51.25
C ALA G 99 24.42 4.18 50.29
N GLU G 100 23.13 3.89 50.13
CA GLU G 100 22.69 2.89 49.16
C GLU G 100 21.92 3.58 48.06
N TYR G 101 22.36 3.40 46.83
CA TYR G 101 21.87 4.15 45.68
C TYR G 101 20.93 3.29 44.85
N PHE G 102 19.95 3.94 44.21
CA PHE G 102 18.84 3.24 43.57
C PHE G 102 18.48 3.90 42.26
N CYS G 103 18.37 3.09 41.21
CA CYS G 103 17.73 3.50 39.96
C CYS G 103 16.30 2.97 39.98
N VAL G 104 15.33 3.86 39.80
CA VAL G 104 13.93 3.51 39.88
C VAL G 104 13.19 4.04 38.67
N ARG G 105 11.99 3.50 38.45
CA ARG G 105 11.15 3.87 37.34
C ARG G 105 9.72 3.99 37.83
N ARG G 106 8.97 4.90 37.21
CA ARG G 106 7.56 5.07 37.52
C ARG G 106 6.75 3.88 36.98
N GLY G 107 5.53 3.76 37.49
CA GLY G 107 4.61 2.77 36.97
C GLY G 107 4.05 3.18 35.63
N SER G 108 3.53 2.18 34.91
CA SER G 108 2.98 2.40 33.58
C SER G 108 1.46 2.52 33.56
N CYS G 109 0.88 3.07 34.63
CA CYS G 109 -0.56 3.27 34.64
C CYS G 109 -0.90 4.67 34.15
N ASP G 110 -2.19 4.91 33.91
CA ASP G 110 -2.63 6.18 33.36
C ASP G 110 -2.78 7.28 34.40
N TYR G 111 -2.65 6.95 35.69
CA TYR G 111 -2.60 7.96 36.73
C TYR G 111 -1.28 7.94 37.49
N CYS G 112 -0.36 7.07 37.11
CA CYS G 112 0.99 7.09 37.66
C CYS G 112 1.70 8.35 37.16
N GLY G 113 2.14 9.19 38.09
CA GLY G 113 2.93 10.35 37.73
C GLY G 113 4.38 9.97 37.51
N ASP G 114 5.24 10.98 37.54
CA ASP G 114 6.67 10.73 37.38
C ASP G 114 7.24 10.07 38.63
N PHE G 115 7.02 10.68 39.77
CA PHE G 115 7.46 10.23 41.10
C PHE G 115 6.80 9.01 41.76
N PRO G 116 5.54 8.58 41.42
CA PRO G 116 5.08 7.30 41.97
C PRO G 116 5.81 6.08 41.41
N TRP G 117 6.93 5.76 42.06
CA TRP G 117 7.93 4.80 41.61
C TRP G 117 7.48 3.37 41.90
N GLN G 118 7.03 2.67 40.87
CA GLN G 118 6.66 1.27 41.03
C GLN G 118 7.89 0.36 41.08
N TYR G 119 8.75 0.47 40.08
CA TYR G 119 9.87 -0.44 39.90
C TYR G 119 11.13 0.13 40.53
N TRP G 120 11.95 -0.77 41.08
CA TRP G 120 13.04 -0.41 41.98
C TRP G 120 14.22 -1.32 41.73
N GLY G 121 15.41 -0.75 41.58
CA GLY G 121 16.61 -1.55 41.52
C GLY G 121 16.99 -2.10 42.88
N GLN G 122 17.89 -3.09 42.87
CA GLN G 122 18.29 -3.72 44.12
C GLN G 122 19.21 -2.85 44.96
N GLY G 123 19.75 -1.77 44.40
CA GLY G 123 20.55 -0.84 45.17
C GLY G 123 22.00 -1.21 45.27
N THR G 124 22.86 -0.19 45.22
CA THR G 124 24.31 -0.36 45.33
C THR G 124 24.77 0.30 46.62
N VAL G 125 25.43 -0.46 47.48
CA VAL G 125 25.94 0.07 48.74
C VAL G 125 27.31 0.66 48.48
N VAL G 126 27.46 1.95 48.75
CA VAL G 126 28.70 2.68 48.52
C VAL G 126 29.24 3.14 49.86
N VAL G 127 30.43 2.69 50.20
CA VAL G 127 31.16 3.10 51.39
C VAL G 127 32.38 3.87 50.93
N VAL G 128 32.53 5.10 51.40
CA VAL G 128 33.61 5.96 50.98
C VAL G 128 34.75 5.94 51.98
N GLU H 1 10.16 24.52 49.80
CA GLU H 1 10.17 23.06 49.80
C GLU H 1 9.03 22.49 50.62
N ILE H 2 8.56 21.31 50.25
CA ILE H 2 7.47 20.65 50.96
C ILE H 2 8.06 19.86 52.12
N VAL H 3 7.80 20.31 53.34
CA VAL H 3 8.27 19.63 54.53
C VAL H 3 7.21 18.63 54.97
N LEU H 4 7.56 17.35 54.90
CA LEU H 4 6.66 16.27 55.30
C LEU H 4 7.02 15.80 56.70
N THR H 5 6.01 15.57 57.53
CA THR H 5 6.21 15.16 58.91
C THR H 5 5.28 14.00 59.23
N GLN H 6 5.86 12.90 59.72
CA GLN H 6 5.07 11.73 60.07
C GLN H 6 4.87 11.70 61.59
N SER H 7 3.62 11.68 62.01
CA SER H 7 3.23 11.88 63.41
C SER H 7 3.40 10.68 64.35
N PRO H 8 3.04 9.43 64.02
CA PRO H 8 3.22 8.37 65.04
C PRO H 8 4.66 7.97 65.24
N GLY H 9 5.45 7.86 64.18
CA GLY H 9 6.84 7.45 64.32
C GLY H 9 6.99 5.99 64.72
N ILE H 10 7.38 5.76 65.97
CA ILE H 10 7.45 4.41 66.51
C ILE H 10 6.09 4.06 67.10
N LEU H 11 5.44 3.05 66.53
CA LEU H 11 4.15 2.57 67.02
C LEU H 11 4.20 1.05 67.10
N SER H 12 3.92 0.51 68.28
CA SER H 12 3.95 -0.92 68.52
C SER H 12 2.54 -1.44 68.68
N LEU H 13 2.15 -2.37 67.81
CA LEU H 13 0.81 -2.94 67.82
C LEU H 13 0.87 -4.45 67.67
N SER H 14 -0.08 -5.13 68.30
CA SER H 14 -0.19 -6.57 68.22
C SER H 14 -0.72 -6.99 66.86
N PRO H 15 -0.37 -8.20 66.40
CA PRO H 15 -0.92 -8.67 65.12
C PRO H 15 -2.41 -8.94 65.20
N GLY H 16 -3.09 -8.73 64.08
CA GLY H 16 -4.54 -8.80 64.03
C GLY H 16 -5.24 -7.50 64.32
N GLU H 17 -4.51 -6.47 64.72
CA GLU H 17 -5.10 -5.17 65.03
C GLU H 17 -5.10 -4.30 63.76
N THR H 18 -5.43 -3.02 63.92
CA THR H 18 -5.41 -2.06 62.83
C THR H 18 -4.44 -0.94 63.17
N ALA H 19 -3.77 -0.41 62.15
CA ALA H 19 -2.78 0.65 62.30
C ALA H 19 -3.22 1.86 61.50
N THR H 20 -3.02 3.05 62.08
CA THR H 20 -3.32 4.31 61.41
C THR H 20 -2.06 5.17 61.43
N LEU H 21 -1.55 5.51 60.25
CA LEU H 21 -0.31 6.24 60.10
C LEU H 21 -0.61 7.60 59.48
N PHE H 22 -0.13 8.66 60.11
CA PHE H 22 -0.45 10.02 59.75
C PHE H 22 0.75 10.68 59.07
N CYS H 23 0.50 11.37 57.96
CA CYS H 23 1.51 12.19 57.29
C CYS H 23 0.95 13.59 57.12
N LYS H 24 1.82 14.58 57.34
CA LYS H 24 1.45 15.99 57.45
C LYS H 24 2.30 16.78 56.48
N ALA H 25 1.64 17.40 55.51
CA ALA H 25 2.31 18.18 54.48
C ALA H 25 2.31 19.65 54.86
N SER H 26 3.46 20.31 54.63
CA SER H 26 3.54 21.74 54.92
C SER H 26 2.81 22.57 53.86
N GLN H 27 2.65 22.03 52.65
CA GLN H 27 1.90 22.67 51.59
C GLN H 27 0.85 21.69 51.08
N GLY H 28 -0.41 22.12 51.08
CA GLY H 28 -1.50 21.26 50.67
C GLY H 28 -1.84 21.37 49.19
N GLY H 29 -2.91 20.67 48.81
CA GLY H 29 -3.38 20.70 47.44
C GLY H 29 -2.80 19.65 46.53
N ASN H 30 -1.99 18.73 47.04
CA ASN H 30 -1.34 17.72 46.22
C ASN H 30 -1.65 16.33 46.77
N ALA H 31 -1.24 15.32 46.02
CA ALA H 31 -1.45 13.94 46.41
C ALA H 31 -0.32 13.45 47.31
N MET H 32 -0.44 12.21 47.78
CA MET H 32 0.52 11.61 48.69
C MET H 32 0.78 10.17 48.27
N THR H 33 2.02 9.73 48.47
CA THR H 33 2.45 8.40 48.06
C THR H 33 2.94 7.65 49.30
N TRP H 34 2.64 6.35 49.38
CA TRP H 34 2.98 5.52 50.53
C TRP H 34 3.81 4.34 50.09
N TYR H 35 5.01 4.23 50.65
CA TYR H 35 5.95 3.14 50.42
C TYR H 35 6.14 2.33 51.68
N GLN H 36 6.51 1.06 51.50
CA GLN H 36 6.88 0.17 52.59
C GLN H 36 8.29 -0.34 52.36
N LYS H 37 9.13 -0.23 53.38
CA LYS H 37 10.45 -0.83 53.37
C LYS H 37 10.57 -1.80 54.53
N ARG H 38 10.78 -3.07 54.23
CA ARG H 38 11.08 -4.09 55.21
C ARG H 38 12.57 -4.12 55.50
N ARG H 39 12.96 -4.90 56.50
CA ARG H 39 14.34 -4.90 56.97
C ARG H 39 15.25 -5.62 55.99
N GLY H 40 16.20 -4.89 55.40
CA GLY H 40 17.13 -5.46 54.46
C GLY H 40 16.52 -5.85 53.13
N GLN H 41 15.48 -5.14 52.70
CA GLN H 41 14.80 -5.45 51.45
C GLN H 41 14.58 -4.18 50.65
N VAL H 42 14.07 -4.37 49.44
CA VAL H 42 13.87 -3.28 48.50
C VAL H 42 12.52 -2.65 48.76
N PRO H 43 12.41 -1.31 48.78
CA PRO H 43 11.11 -0.67 49.02
C PRO H 43 10.10 -0.96 47.92
N ARG H 44 8.82 -0.88 48.30
CA ARG H 44 7.72 -1.26 47.42
C ARG H 44 6.66 -0.17 47.44
N LEU H 45 6.19 0.22 46.25
CA LEU H 45 5.04 1.10 46.14
C LEU H 45 3.80 0.43 46.70
N LEU H 46 3.24 1.01 47.77
CA LEU H 46 1.94 0.57 48.25
C LEU H 46 0.81 1.40 47.67
N ILE H 47 0.81 2.71 47.92
CA ILE H 47 -0.30 3.57 47.56
C ILE H 47 0.23 4.73 46.74
N TYR H 48 -0.39 4.99 45.59
CA TYR H 48 -0.17 6.24 44.88
C TYR H 48 -1.50 6.94 44.70
N ASP H 49 -1.44 8.24 44.40
CA ASP H 49 -2.58 9.11 44.13
C ASP H 49 -3.56 9.18 45.31
N THR H 50 -3.06 8.96 46.53
CA THR H 50 -3.65 9.11 47.85
C THR H 50 -4.73 8.03 48.14
N SER H 51 -5.22 7.32 47.14
CA SER H 51 -6.23 6.30 47.41
C SER H 51 -5.99 5.04 46.58
N ARG H 52 -5.29 5.19 45.46
CA ARG H 52 -5.14 4.07 44.54
C ARG H 52 -4.08 3.10 45.05
N ARG H 53 -4.39 1.81 44.91
CA ARG H 53 -3.50 0.73 45.32
C ARG H 53 -2.64 0.32 44.13
N ALA H 54 -1.40 -0.06 44.42
CA ALA H 54 -0.48 -0.47 43.37
C ALA H 54 -0.79 -1.86 42.85
N SER H 55 -0.01 -2.31 41.88
CA SER H 55 -0.18 -3.66 41.35
C SER H 55 0.49 -4.67 42.26
N GLY H 56 -0.29 -5.64 42.74
CA GLY H 56 0.24 -6.67 43.61
C GLY H 56 0.29 -6.29 45.07
N VAL H 57 -0.68 -5.54 45.55
CA VAL H 57 -0.78 -5.19 46.96
C VAL H 57 -2.17 -5.61 47.43
N PRO H 58 -2.33 -6.13 48.64
CA PRO H 58 -3.67 -6.51 49.12
C PRO H 58 -4.50 -5.28 49.51
N ASP H 59 -5.79 -5.53 49.66
CA ASP H 59 -6.81 -4.48 49.77
C ASP H 59 -6.82 -3.75 51.10
N ARG H 60 -6.17 -4.29 52.14
CA ARG H 60 -6.31 -3.72 53.47
C ARG H 60 -5.49 -2.46 53.68
N PHE H 61 -4.62 -2.10 52.74
CA PHE H 61 -3.96 -0.80 52.77
C PHE H 61 -4.91 0.22 52.17
N VAL H 62 -5.43 1.13 53.01
CA VAL H 62 -6.43 2.11 52.59
C VAL H 62 -5.84 3.50 52.80
N GLY H 63 -5.57 4.19 51.71
CA GLY H 63 -5.16 5.58 51.79
C GLY H 63 -6.37 6.49 51.81
N SER H 64 -6.26 7.57 52.58
CA SER H 64 -7.37 8.51 52.71
C SER H 64 -6.81 9.86 53.11
N GLY H 65 -7.70 10.85 53.18
CA GLY H 65 -7.34 12.19 53.59
C GLY H 65 -6.97 13.09 52.43
N SER H 66 -6.79 14.36 52.76
CA SER H 66 -6.52 15.39 51.77
C SER H 66 -5.97 16.61 52.50
N GLY H 67 -5.69 17.66 51.73
CA GLY H 67 -5.18 18.90 52.28
C GLY H 67 -3.79 18.74 52.87
N THR H 68 -3.71 18.76 54.20
CA THR H 68 -2.48 18.48 54.90
C THR H 68 -2.54 17.19 55.70
N ASP H 69 -3.69 16.53 55.77
CA ASP H 69 -3.88 15.36 56.62
C ASP H 69 -3.97 14.13 55.72
N PHE H 70 -3.01 13.22 55.82
CA PHE H 70 -3.01 12.04 54.96
C PHE H 70 -2.89 10.78 55.81
N PHE H 71 -3.85 9.87 55.66
CA PHE H 71 -3.93 8.68 56.50
C PHE H 71 -3.63 7.44 55.67
N LEU H 72 -2.79 6.57 56.21
CA LEU H 72 -2.66 5.20 55.73
C LEU H 72 -3.21 4.29 56.80
N THR H 73 -4.28 3.56 56.48
CA THR H 73 -4.93 2.65 57.41
C THR H 73 -4.68 1.23 56.97
N ILE H 74 -4.02 0.45 57.81
CA ILE H 74 -3.85 -0.98 57.59
C ILE H 74 -4.83 -1.70 58.50
N ASN H 75 -5.57 -2.64 57.96
CA ASN H 75 -6.52 -3.42 58.72
C ASN H 75 -6.07 -4.88 58.75
N LYS H 76 -6.19 -5.50 59.93
CA LYS H 76 -5.82 -6.91 60.17
C LYS H 76 -4.34 -7.15 59.85
N LEU H 77 -3.50 -6.55 60.71
CA LEU H 77 -2.04 -6.57 60.59
C LEU H 77 -1.45 -7.97 60.46
N ASP H 78 -0.88 -8.27 59.30
CA ASP H 78 -0.13 -9.49 59.09
C ASP H 78 1.25 -9.36 59.73
N ARG H 79 1.89 -10.50 59.98
CA ARG H 79 3.25 -10.52 60.51
C ARG H 79 4.24 -9.85 59.55
N GLU H 80 4.01 -9.99 58.24
CA GLU H 80 4.87 -9.34 57.25
C GLU H 80 4.66 -7.83 57.19
N ASP H 81 3.56 -7.31 57.73
CA ASP H 81 3.20 -5.91 57.61
C ASP H 81 3.75 -5.06 58.75
N PHE H 82 4.85 -5.46 59.36
CA PHE H 82 5.49 -4.70 60.42
C PHE H 82 6.84 -4.22 59.90
N ALA H 83 6.84 -3.02 59.31
CA ALA H 83 8.00 -2.50 58.61
C ALA H 83 8.03 -0.99 58.76
N VAL H 84 8.82 -0.31 57.92
CA VAL H 84 8.92 1.14 57.94
C VAL H 84 8.08 1.68 56.78
N TYR H 85 7.34 2.76 57.04
CA TYR H 85 6.43 3.32 56.06
C TYR H 85 6.81 4.76 55.76
N TYR H 86 6.81 5.11 54.49
CA TYR H 86 7.24 6.42 54.02
C TYR H 86 6.13 7.09 53.23
N CYS H 87 6.02 8.41 53.37
CA CYS H 87 5.09 9.21 52.59
C CYS H 87 5.88 10.18 51.71
N GLN H 88 5.68 10.08 50.40
CA GLN H 88 6.34 10.92 49.42
C GLN H 88 5.36 11.93 48.84
N GLN H 89 5.76 13.19 48.84
CA GLN H 89 5.20 14.23 48.00
C GLN H 89 6.41 14.75 47.22
N PHE H 90 6.15 15.39 46.07
CA PHE H 90 6.78 15.09 44.76
C PHE H 90 8.18 14.51 44.90
N GLU H 91 9.15 15.23 45.45
CA GLU H 91 10.50 14.72 45.57
C GLU H 91 10.96 14.67 47.02
N PHE H 92 10.04 14.86 47.96
CA PHE H 92 10.36 14.93 49.37
C PHE H 92 9.82 13.70 50.08
N PHE H 93 10.35 13.44 51.28
CA PHE H 93 10.06 12.19 51.96
C PHE H 93 9.86 12.45 53.45
N GLY H 94 9.18 11.52 54.09
CA GLY H 94 9.14 11.47 55.53
C GLY H 94 10.30 10.67 56.08
N LEU H 95 10.46 10.73 57.40
CA LEU H 95 11.60 10.12 58.07
C LEU H 95 11.32 8.69 58.52
N GLY H 96 10.17 8.13 58.15
CA GLY H 96 9.88 6.75 58.47
C GLY H 96 8.98 6.56 59.67
N SER H 97 7.95 5.73 59.52
CA SER H 97 7.03 5.39 60.60
C SER H 97 7.17 3.89 60.86
N GLU H 98 7.97 3.56 61.87
CA GLU H 98 8.25 2.16 62.18
C GLU H 98 7.08 1.53 62.91
N LEU H 99 6.67 0.34 62.46
CA LEU H 99 5.54 -0.38 63.03
C LEU H 99 6.09 -1.67 63.65
N GLU H 100 6.19 -1.68 64.97
CA GLU H 100 6.80 -2.76 65.73
C GLU H 100 5.72 -3.65 66.34
N VAL H 101 6.11 -4.86 66.71
CA VAL H 101 5.18 -5.86 67.25
C VAL H 101 5.21 -5.80 68.77
N HIS H 102 4.04 -5.65 69.38
CA HIS H 102 3.95 -5.70 70.83
C HIS H 102 4.06 -7.13 71.33
N ALA I 1 -63.81 -12.84 4.60
CA ALA I 1 -62.77 -13.13 5.58
C ALA I 1 -61.81 -14.17 5.03
N GLU I 2 -62.30 -14.99 4.11
CA GLU I 2 -61.46 -15.97 3.43
C GLU I 2 -60.49 -15.32 2.46
N ASN I 3 -60.78 -14.11 2.02
CA ASN I 3 -59.78 -13.32 1.31
C ASN I 3 -58.73 -12.80 2.31
N LEU I 4 -57.49 -13.23 2.13
CA LEU I 4 -56.45 -12.74 3.00
C LEU I 4 -55.74 -11.57 2.32
N TRP I 5 -55.09 -10.76 3.13
CA TRP I 5 -54.39 -9.58 2.66
C TRP I 5 -52.93 -9.72 3.02
N VAL I 6 -52.06 -9.34 2.12
CA VAL I 6 -50.66 -9.63 2.35
C VAL I 6 -50.06 -8.53 3.22
N THR I 7 -49.06 -8.90 4.02
CA THR I 7 -48.34 -7.99 4.89
C THR I 7 -46.86 -8.33 4.82
N VAL I 8 -46.03 -7.32 4.69
CA VAL I 8 -44.59 -7.52 4.72
C VAL I 8 -44.08 -7.16 6.11
N TYR I 9 -43.25 -8.03 6.66
CA TYR I 9 -42.70 -7.87 8.00
C TYR I 9 -41.20 -7.65 7.88
N TYR I 10 -40.69 -6.69 8.64
CA TYR I 10 -39.27 -6.41 8.66
C TYR I 10 -38.69 -6.96 9.96
N GLY I 11 -37.44 -7.41 9.89
CA GLY I 11 -36.81 -8.06 11.02
C GLY I 11 -37.10 -9.54 11.13
N VAL I 12 -37.49 -10.19 10.04
CA VAL I 12 -37.89 -11.59 10.07
C VAL I 12 -36.67 -12.48 10.25
N PRO I 13 -36.66 -13.39 11.24
CA PRO I 13 -35.54 -14.32 11.37
C PRO I 13 -35.58 -15.44 10.35
N VAL I 14 -34.76 -15.32 9.31
CA VAL I 14 -34.58 -16.32 8.28
C VAL I 14 -33.26 -16.03 7.58
N TRP I 15 -32.52 -17.08 7.28
CA TRP I 15 -31.19 -16.93 6.69
C TRP I 15 -31.08 -17.77 5.44
N LYS I 16 -30.18 -17.35 4.55
CA LYS I 16 -29.69 -18.22 3.49
C LYS I 16 -28.22 -18.50 3.70
N ASP I 17 -27.70 -19.49 2.98
CA ASP I 17 -26.28 -19.77 3.02
C ASP I 17 -25.54 -18.78 2.15
N ALA I 18 -24.41 -18.27 2.64
CA ALA I 18 -23.71 -17.22 1.92
C ALA I 18 -22.21 -17.33 2.15
N GLU I 19 -21.47 -16.64 1.30
CA GLU I 19 -20.02 -16.60 1.33
C GLU I 19 -19.58 -15.15 1.51
N THR I 20 -19.04 -14.84 2.69
CA THR I 20 -18.55 -13.51 2.99
C THR I 20 -17.17 -13.60 3.60
N THR I 21 -16.55 -12.43 3.78
CA THR I 21 -15.21 -12.33 4.34
C THR I 21 -15.33 -12.00 5.82
N LEU I 22 -15.05 -12.99 6.66
CA LEU I 22 -15.00 -12.75 8.10
C LEU I 22 -13.75 -11.97 8.44
N PHE I 23 -13.78 -11.28 9.57
CA PHE I 23 -12.61 -10.50 9.97
C PHE I 23 -11.99 -11.07 11.24
N CYS I 24 -10.68 -10.90 11.35
CA CYS I 24 -9.92 -11.46 12.46
C CYS I 24 -10.20 -10.72 13.76
N ALA I 25 -9.98 -11.42 14.86
CA ALA I 25 -10.03 -10.82 16.18
C ALA I 25 -9.12 -11.60 17.10
N SER I 26 -8.67 -10.94 18.16
CA SER I 26 -7.80 -11.56 19.14
C SER I 26 -8.39 -11.34 20.52
N ASP I 27 -7.84 -12.06 21.49
CA ASP I 27 -8.24 -11.85 22.87
C ASP I 27 -7.61 -10.56 23.40
N ALA I 28 -8.13 -10.09 24.54
CA ALA I 28 -7.66 -8.84 25.12
C ALA I 28 -6.23 -8.99 25.65
N LYS I 29 -5.88 -10.19 26.13
CA LYS I 29 -4.50 -10.44 26.50
C LYS I 29 -3.61 -10.60 25.27
N ALA I 30 -4.19 -11.11 24.18
CA ALA I 30 -3.48 -11.13 22.91
C ALA I 30 -3.40 -9.73 22.30
N TYR I 31 -4.37 -8.88 22.63
CA TYR I 31 -4.33 -7.48 22.19
C TYR I 31 -3.39 -6.66 23.07
N GLU I 32 -3.03 -7.21 24.24
CA GLU I 32 -2.16 -6.49 25.17
C GLU I 32 -0.74 -6.40 24.65
N THR I 33 -0.27 -7.42 23.94
CA THR I 33 1.09 -7.40 23.41
C THR I 33 1.16 -6.46 22.21
N GLU I 34 2.35 -5.95 21.91
CA GLU I 34 2.49 -4.80 21.03
C GLU I 34 3.75 -4.90 20.19
N LYS I 35 3.96 -3.88 19.36
CA LYS I 35 5.16 -3.62 18.55
C LYS I 35 5.44 -4.69 17.51
N HIS I 36 4.43 -5.50 17.15
CA HIS I 36 4.55 -6.65 16.26
C HIS I 36 5.61 -7.66 16.74
N ASN I 37 5.60 -7.96 18.03
CA ASN I 37 6.42 -9.07 18.52
C ASN I 37 5.80 -10.40 18.13
N VAL I 38 4.50 -10.41 17.88
CA VAL I 38 3.82 -11.48 17.17
C VAL I 38 3.25 -10.86 15.90
N TRP I 39 2.54 -11.65 15.11
CA TRP I 39 1.90 -11.09 13.93
C TRP I 39 0.71 -10.23 14.32
N ALA I 40 0.60 -9.06 13.65
CA ALA I 40 -0.61 -8.23 13.47
C ALA I 40 -1.42 -8.02 14.75
N THR I 41 -0.77 -7.51 15.79
CA THR I 41 -1.41 -7.44 17.10
C THR I 41 -2.47 -6.34 17.16
N HIS I 42 -2.24 -5.23 16.47
CA HIS I 42 -3.19 -4.12 16.46
C HIS I 42 -4.06 -4.11 15.20
N ALA I 43 -3.83 -5.03 14.26
CA ALA I 43 -4.66 -5.06 13.06
C ALA I 43 -6.03 -5.64 13.34
N CYS I 44 -6.13 -6.52 14.33
CA CYS I 44 -7.37 -7.21 14.66
C CYS I 44 -8.03 -6.56 15.87
N VAL I 45 -9.34 -6.66 15.94
CA VAL I 45 -10.10 -6.07 17.05
C VAL I 45 -9.99 -6.95 18.28
N PRO I 46 -9.95 -6.41 19.50
CA PRO I 46 -9.98 -7.28 20.68
C PRO I 46 -11.39 -7.72 21.02
N THR I 47 -11.49 -8.94 21.56
CA THR I 47 -12.75 -9.53 21.94
C THR I 47 -12.55 -10.42 23.16
N ASP I 48 -13.66 -10.99 23.64
CA ASP I 48 -13.60 -11.88 24.79
C ASP I 48 -13.15 -13.28 24.37
N PRO I 49 -12.53 -14.03 25.28
CA PRO I 49 -12.39 -15.47 25.07
C PRO I 49 -13.72 -16.16 25.33
N ASN I 50 -14.01 -17.20 24.51
CA ASN I 50 -15.30 -17.89 24.41
C ASN I 50 -16.41 -16.87 24.17
N PRO I 51 -16.54 -16.35 22.94
CA PRO I 51 -17.51 -15.28 22.68
C PRO I 51 -18.95 -15.75 22.83
N GLN I 52 -19.85 -14.76 22.91
CA GLN I 52 -21.21 -15.04 23.37
C GLN I 52 -22.02 -15.76 22.31
N GLU I 53 -22.76 -16.77 22.76
CA GLU I 53 -23.57 -17.63 21.90
C GLU I 53 -24.94 -17.80 22.53
N ILE I 54 -25.98 -17.89 21.70
CA ILE I 54 -27.31 -18.25 22.19
C ILE I 54 -27.83 -19.44 21.42
N HIS I 55 -28.64 -20.25 22.10
CA HIS I 55 -29.13 -21.51 21.55
C HIS I 55 -30.43 -21.30 20.80
N LEU I 56 -30.57 -22.01 19.69
CA LEU I 56 -31.73 -21.92 18.82
C LEU I 56 -32.52 -23.21 18.91
N GLU I 57 -33.79 -23.09 19.30
CA GLU I 57 -34.63 -24.24 19.56
C GLU I 57 -35.37 -24.62 18.28
N ASN I 58 -35.58 -25.92 18.09
CA ASN I 58 -36.42 -26.51 17.04
C ASN I 58 -35.95 -26.14 15.64
N VAL I 59 -34.63 -26.15 15.44
CA VAL I 59 -34.03 -25.74 14.18
C VAL I 59 -33.10 -26.86 13.72
N THR I 60 -32.98 -27.02 12.41
CA THR I 60 -32.13 -28.06 11.84
C THR I 60 -31.57 -27.55 10.53
N GLU I 61 -30.25 -27.42 10.45
CA GLU I 61 -29.56 -27.02 9.23
C GLU I 61 -28.58 -28.12 8.84
N GLU I 62 -28.45 -28.36 7.54
CA GLU I 62 -27.47 -29.31 7.04
C GLU I 62 -26.13 -28.63 6.86
N PHE I 63 -25.07 -29.28 7.33
CA PHE I 63 -23.73 -28.74 7.28
C PHE I 63 -22.87 -29.62 6.38
N ASN I 64 -21.73 -29.06 5.97
CA ASN I 64 -20.75 -29.78 5.15
C ASN I 64 -19.42 -29.08 5.37
N MET I 65 -18.49 -29.73 6.07
CA MET I 65 -17.17 -29.13 6.26
C MET I 65 -16.32 -29.21 5.01
N TRP I 66 -16.69 -30.05 4.04
CA TRP I 66 -15.84 -30.32 2.89
C TRP I 66 -16.08 -29.33 1.77
N LYS I 67 -17.34 -28.94 1.54
CA LYS I 67 -17.66 -27.83 0.67
C LYS I 67 -17.80 -26.53 1.43
N ASN I 68 -17.27 -26.46 2.64
CA ASN I 68 -17.38 -25.26 3.46
C ASN I 68 -16.47 -24.16 2.90
N ASN I 69 -16.92 -22.92 3.06
CA ASN I 69 -16.04 -21.79 2.86
C ASN I 69 -15.26 -21.54 4.15
N MET I 70 -14.56 -20.40 4.21
CA MET I 70 -13.85 -19.80 5.35
C MET I 70 -12.76 -20.68 5.95
N VAL I 71 -12.54 -21.87 5.39
CA VAL I 71 -11.26 -22.55 5.51
C VAL I 71 -10.35 -22.11 4.37
N GLU I 72 -10.96 -21.81 3.22
CA GLU I 72 -10.25 -21.14 2.13
C GLU I 72 -9.80 -19.75 2.56
N GLN I 73 -10.69 -19.02 3.26
CA GLN I 73 -10.36 -17.68 3.72
C GLN I 73 -9.25 -17.71 4.76
N MET I 74 -9.33 -18.64 5.70
CA MET I 74 -8.30 -18.74 6.74
C MET I 74 -6.97 -19.21 6.18
N HIS I 75 -7.01 -20.10 5.18
CA HIS I 75 -5.78 -20.55 4.52
C HIS I 75 -5.11 -19.40 3.76
N THR I 76 -5.90 -18.64 2.99
CA THR I 76 -5.36 -17.50 2.25
C THR I 76 -4.86 -16.40 3.19
N ASP I 77 -5.59 -16.15 4.29
CA ASP I 77 -5.21 -15.08 5.19
C ASP I 77 -3.96 -15.43 5.99
N ILE I 78 -3.81 -16.71 6.37
CA ILE I 78 -2.62 -17.09 7.12
C ILE I 78 -1.38 -17.14 6.21
N ILE I 79 -1.57 -17.52 4.94
CA ILE I 79 -0.44 -17.43 4.00
C ILE I 79 -0.02 -15.98 3.78
N SER I 80 -0.98 -15.10 3.50
CA SER I 80 -0.66 -13.70 3.24
C SER I 80 -0.10 -13.01 4.48
N LEU I 81 -0.62 -13.37 5.66
CA LEU I 81 -0.15 -12.78 6.91
C LEU I 81 1.22 -13.32 7.30
N TRP I 82 1.52 -14.55 6.87
CA TRP I 82 2.88 -15.08 6.99
C TRP I 82 3.84 -14.29 6.11
N ASP I 83 3.38 -13.93 4.91
CA ASP I 83 4.23 -13.16 4.00
C ASP I 83 4.45 -11.74 4.48
N GLN I 84 3.42 -11.12 5.07
CA GLN I 84 3.51 -9.71 5.44
C GLN I 84 4.38 -9.44 6.66
N SER I 85 4.78 -10.47 7.40
CA SER I 85 5.73 -10.29 8.50
C SER I 85 7.18 -10.51 8.06
N LEU I 86 7.45 -10.40 6.75
CA LEU I 86 8.78 -10.62 6.21
C LEU I 86 9.32 -9.44 5.42
N LYS I 87 8.47 -8.49 5.05
CA LYS I 87 8.94 -7.32 4.32
C LYS I 87 9.91 -6.42 5.09
N PRO I 88 9.80 -6.19 6.41
CA PRO I 88 10.90 -5.48 7.10
C PRO I 88 12.17 -6.30 7.29
N CYS I 89 12.14 -7.61 7.05
CA CYS I 89 13.24 -8.47 7.43
C CYS I 89 14.41 -8.38 6.43
N VAL I 90 15.45 -9.18 6.70
CA VAL I 90 16.74 -9.08 6.03
C VAL I 90 16.82 -10.14 4.94
N LYS I 91 17.15 -9.72 3.71
CA LYS I 91 17.41 -10.64 2.62
C LYS I 91 18.86 -11.11 2.66
N LEU I 92 19.07 -12.40 2.43
CA LEU I 92 20.42 -12.97 2.40
C LEU I 92 20.99 -12.99 0.99
N THR I 93 20.98 -11.82 0.37
CA THR I 93 21.68 -11.61 -0.89
C THR I 93 23.21 -11.74 -0.75
N PRO I 94 23.90 -11.13 0.24
CA PRO I 94 25.37 -11.31 0.25
C PRO I 94 25.84 -12.64 0.80
N LEU I 95 24.93 -13.55 1.16
CA LEU I 95 25.38 -14.78 1.80
C LEU I 95 25.38 -15.95 0.83
N CYS I 96 24.80 -15.77 -0.36
CA CYS I 96 24.95 -16.74 -1.44
C CYS I 96 26.39 -16.62 -1.94
N VAL I 97 27.28 -17.45 -1.40
CA VAL I 97 28.71 -17.28 -1.56
C VAL I 97 29.34 -18.66 -1.40
N THR I 98 30.59 -18.83 -1.85
CA THR I 98 31.27 -20.11 -1.74
C THR I 98 31.58 -20.41 -0.28
N LEU I 99 31.08 -21.54 0.21
CA LEU I 99 31.28 -21.96 1.57
C LEU I 99 32.35 -23.04 1.60
N GLN I 100 33.47 -22.76 2.27
CA GLN I 100 34.51 -23.77 2.48
C GLN I 100 34.15 -24.52 3.75
N CYS I 101 33.62 -25.72 3.59
CA CYS I 101 33.04 -26.46 4.71
C CYS I 101 33.93 -27.66 5.05
N THR I 102 34.25 -27.78 6.33
CA THR I 102 34.89 -28.97 6.89
C THR I 102 33.94 -29.57 7.92
N ASN I 103 34.33 -30.72 8.45
CA ASN I 103 33.52 -31.39 9.46
C ASN I 103 33.56 -30.63 10.78
N VAL I 104 32.52 -30.83 11.58
CA VAL I 104 32.52 -30.27 12.93
C VAL I 104 33.56 -31.02 13.75
N THR I 105 34.17 -30.31 14.70
CA THR I 105 35.09 -30.93 15.64
C THR I 105 34.32 -31.93 16.49
N ASN I 106 34.54 -33.22 16.25
CA ASN I 106 33.76 -34.30 16.84
C ASN I 106 34.50 -35.60 16.57
N ASN I 107 34.26 -36.59 17.43
CA ASN I 107 34.71 -37.95 17.17
C ASN I 107 33.90 -38.46 16.00
N ILE I 108 34.51 -38.48 14.82
CA ILE I 108 33.80 -38.89 13.62
C ILE I 108 33.74 -40.41 13.56
N THR I 109 32.55 -40.93 13.31
CA THR I 109 32.36 -42.34 13.02
C THR I 109 32.16 -42.47 11.52
N ASP I 110 32.96 -43.34 10.89
CA ASP I 110 32.95 -43.44 9.43
C ASP I 110 31.70 -44.12 8.91
N ASP I 111 31.00 -44.90 9.74
CA ASP I 111 29.76 -45.51 9.30
C ASP I 111 28.62 -44.50 9.29
N MET I 112 28.49 -43.71 10.36
CA MET I 112 27.46 -42.69 10.43
C MET I 112 27.97 -41.40 9.77
N ARG I 113 27.20 -40.32 9.89
CA ARG I 113 27.54 -39.05 9.29
C ARG I 113 27.35 -37.93 10.30
N GLY I 114 28.25 -36.95 10.26
CA GLY I 114 28.02 -35.73 11.00
C GLY I 114 26.90 -34.92 10.37
N GLU I 115 25.96 -34.46 11.18
CA GLU I 115 24.85 -33.67 10.69
C GLU I 115 25.12 -32.17 10.77
N LEU I 116 26.36 -31.78 11.03
CA LEU I 116 26.76 -30.38 11.10
C LEU I 116 28.04 -30.19 10.29
N LYS I 117 28.07 -29.13 9.50
CA LYS I 117 29.26 -28.74 8.77
C LYS I 117 29.72 -27.37 9.26
N ASN I 118 31.01 -27.29 9.54
CA ASN I 118 31.65 -26.04 9.96
C ASN I 118 32.14 -25.35 8.71
N CYS I 119 31.48 -24.26 8.32
CA CYS I 119 31.69 -23.62 7.03
C CYS I 119 32.24 -22.22 7.23
N SER I 120 33.40 -21.96 6.66
CA SER I 120 33.99 -20.63 6.65
C SER I 120 33.77 -19.98 5.29
N PHE I 121 33.67 -18.65 5.29
CA PHE I 121 33.38 -17.92 4.07
C PHE I 121 33.77 -16.46 4.22
N ASN I 122 33.93 -15.80 3.08
CA ASN I 122 34.11 -14.35 3.07
C ASN I 122 32.77 -13.69 3.33
N MET I 123 32.73 -12.78 4.29
CA MET I 123 31.55 -11.98 4.52
C MET I 123 31.89 -10.51 4.29
N THR I 124 31.01 -9.81 3.58
CA THR I 124 31.17 -8.37 3.44
C THR I 124 30.93 -7.68 4.79
N THR I 125 31.79 -6.74 5.12
CA THR I 125 31.67 -6.01 6.37
C THR I 125 30.71 -4.83 6.18
N GLU I 126 30.59 -3.99 7.21
CA GLU I 126 29.78 -2.79 7.10
C GLU I 126 30.41 -1.74 6.19
N LEU I 127 31.71 -1.84 5.94
CA LEU I 127 32.37 -1.00 4.94
C LEU I 127 32.39 -1.75 3.62
N ARG I 128 32.15 -1.03 2.54
CA ARG I 128 32.12 -1.66 1.22
C ARG I 128 33.51 -1.93 0.66
N ASP I 129 34.57 -1.47 1.33
CA ASP I 129 35.92 -1.81 0.92
C ASP I 129 36.33 -3.17 1.49
N LYS I 130 36.30 -3.31 2.81
CA LYS I 130 36.88 -4.46 3.48
C LYS I 130 35.89 -5.61 3.59
N LYS I 131 36.40 -6.82 3.39
CA LYS I 131 35.67 -8.04 3.70
C LYS I 131 36.43 -8.81 4.76
N GLN I 132 35.71 -9.67 5.47
CA GLN I 132 36.24 -10.46 6.56
C GLN I 132 36.06 -11.95 6.27
N LYS I 133 36.69 -12.77 7.09
CA LYS I 133 36.51 -14.22 7.05
C LYS I 133 35.78 -14.64 8.31
N VAL I 134 34.64 -15.32 8.15
CA VAL I 134 33.86 -15.73 9.31
C VAL I 134 33.35 -17.15 9.07
N TYR I 135 33.20 -17.90 10.15
CA TYR I 135 32.72 -19.26 10.10
C TYR I 135 31.36 -19.36 10.75
N SER I 136 30.69 -20.48 10.46
CA SER I 136 29.37 -20.76 11.00
C SER I 136 29.17 -22.27 10.98
N LEU I 137 28.05 -22.72 11.53
CA LEU I 137 27.68 -24.12 11.54
C LEU I 137 26.36 -24.27 10.81
N PHE I 138 26.32 -25.16 9.83
CA PHE I 138 25.09 -25.42 9.10
C PHE I 138 24.77 -26.91 9.19
N TYR I 139 23.57 -27.26 8.77
CA TYR I 139 23.19 -28.66 8.71
C TYR I 139 23.48 -29.22 7.31
N ARG I 140 23.48 -30.55 7.23
CA ARG I 140 23.62 -31.23 5.93
C ARG I 140 22.47 -30.89 4.99
N LEU I 141 21.28 -30.67 5.53
CA LEU I 141 20.08 -30.47 4.74
C LEU I 141 19.99 -29.06 4.16
N ASP I 142 20.87 -28.16 4.56
CA ASP I 142 20.84 -26.78 4.11
C ASP I 142 21.94 -26.43 3.14
N VAL I 143 22.97 -27.27 3.01
CA VAL I 143 24.08 -27.01 2.11
C VAL I 143 24.24 -28.20 1.17
N VAL I 144 24.70 -27.90 -0.04
CA VAL I 144 25.00 -28.91 -1.05
C VAL I 144 26.37 -28.62 -1.65
N GLN I 145 27.07 -29.70 -2.02
CA GLN I 145 28.40 -29.59 -2.57
C GLN I 145 28.34 -29.27 -4.05
N ILE I 146 29.06 -28.22 -4.45
CA ILE I 146 29.19 -27.87 -5.86
C ILE I 146 30.51 -28.43 -6.36
N ASN I 147 30.53 -28.87 -7.62
CA ASN I 147 31.70 -29.53 -8.18
C ASN I 147 32.51 -28.54 -9.01
N SER I 157 40.30 -33.51 -3.22
CA SER I 157 40.66 -32.14 -3.57
C SER I 157 40.01 -31.15 -2.61
N ASN I 158 39.64 -29.99 -3.13
CA ASN I 158 38.93 -29.00 -2.33
C ASN I 158 37.51 -29.48 -2.03
N LYS I 159 36.93 -28.90 -0.97
CA LYS I 159 35.57 -29.23 -0.55
C LYS I 159 34.85 -27.92 -0.28
N GLU I 160 34.21 -27.38 -1.32
CA GLU I 160 33.46 -26.14 -1.24
C GLU I 160 31.98 -26.45 -1.41
N TYR I 161 31.16 -25.79 -0.60
CA TYR I 161 29.72 -26.02 -0.66
C TYR I 161 29.02 -24.73 -1.07
N ARG I 162 27.69 -24.78 -1.05
CA ARG I 162 26.84 -23.61 -1.17
C ARG I 162 25.51 -23.96 -0.52
N LEU I 163 24.63 -22.97 -0.43
CA LEU I 163 23.29 -23.27 0.06
C LEU I 163 22.46 -23.90 -1.05
N ILE I 164 21.42 -24.63 -0.65
CA ILE I 164 20.59 -25.31 -1.65
C ILE I 164 19.72 -24.30 -2.40
N ASN I 165 19.38 -23.17 -1.78
CA ASN I 165 18.54 -22.17 -2.41
C ASN I 165 19.31 -21.04 -3.07
N CYS I 166 20.55 -21.29 -3.49
CA CYS I 166 21.32 -20.28 -4.20
C CYS I 166 20.90 -20.12 -5.65
N ASN I 167 20.11 -21.05 -6.19
CA ASN I 167 19.67 -20.95 -7.57
C ASN I 167 18.17 -20.72 -7.70
N THR I 168 17.49 -20.32 -6.63
CA THR I 168 16.06 -20.05 -6.75
C THR I 168 15.61 -18.72 -6.15
N SER I 169 16.28 -18.24 -5.10
CA SER I 169 15.80 -17.07 -4.37
C SER I 169 16.87 -16.54 -3.44
N ALA I 170 16.81 -15.24 -3.17
CA ALA I 170 17.47 -14.68 -2.01
C ALA I 170 16.60 -14.94 -0.79
N CYS I 171 17.18 -15.50 0.25
CA CYS I 171 16.40 -16.17 1.29
C CYS I 171 16.19 -15.19 2.44
N THR I 172 14.94 -14.82 2.67
CA THR I 172 14.62 -13.82 3.69
C THR I 172 14.77 -14.41 5.08
N GLN I 173 15.63 -13.81 5.90
CA GLN I 173 15.80 -14.23 7.28
C GLN I 173 14.54 -13.94 8.08
N ALA I 174 14.07 -14.94 8.84
CA ALA I 174 13.03 -14.68 9.81
C ALA I 174 13.57 -13.77 10.89
N CYS I 175 12.87 -12.67 11.14
CA CYS I 175 13.34 -11.69 12.11
C CYS I 175 13.28 -12.26 13.52
N PRO I 176 14.37 -12.21 14.29
CA PRO I 176 14.35 -12.76 15.66
C PRO I 176 13.52 -11.96 16.63
N LYS I 177 13.08 -10.75 16.26
CA LYS I 177 12.18 -10.00 17.12
C LYS I 177 10.79 -10.65 17.15
N VAL I 178 10.26 -10.99 15.98
CA VAL I 178 8.92 -11.55 15.90
C VAL I 178 8.99 -13.05 16.23
N SER I 179 7.99 -13.52 16.98
CA SER I 179 7.92 -14.93 17.36
C SER I 179 6.87 -15.65 16.52
N PHE I 180 6.96 -16.98 16.53
CA PHE I 180 6.08 -17.82 15.74
C PHE I 180 5.15 -18.67 16.59
N GLU I 181 4.90 -18.24 17.83
CA GLU I 181 4.00 -18.97 18.70
C GLU I 181 2.55 -18.78 18.25
N PRO I 182 1.69 -19.78 18.45
CA PRO I 182 0.28 -19.62 18.05
C PRO I 182 -0.51 -18.84 19.10
N ILE I 183 -1.31 -17.90 18.64
CA ILE I 183 -2.24 -17.17 19.49
C ILE I 183 -3.63 -17.29 18.87
N PRO I 184 -4.68 -17.47 19.68
CA PRO I 184 -5.99 -17.89 19.14
C PRO I 184 -6.67 -16.78 18.37
N ILE I 185 -7.12 -17.09 17.14
CA ILE I 185 -7.87 -16.16 16.32
C ILE I 185 -9.35 -16.44 16.53
N HIS I 186 -10.13 -15.36 16.66
CA HIS I 186 -11.58 -15.44 16.62
C HIS I 186 -12.05 -14.83 15.31
N TYR I 187 -12.75 -15.61 14.50
CA TYR I 187 -13.24 -15.15 13.21
C TYR I 187 -14.64 -14.59 13.40
N CYS I 188 -14.76 -13.27 13.35
CA CYS I 188 -16.02 -12.59 13.64
C CYS I 188 -16.70 -12.19 12.35
N ALA I 189 -17.99 -12.31 12.33
CA ALA I 189 -18.83 -11.98 11.20
C ALA I 189 -19.22 -10.50 11.24
N PRO I 190 -19.37 -9.87 10.08
CA PRO I 190 -19.85 -8.48 10.04
C PRO I 190 -21.35 -8.42 10.30
N ALA I 191 -21.89 -7.21 10.19
CA ALA I 191 -23.32 -7.02 10.37
C ALA I 191 -24.09 -7.64 9.21
N GLY I 192 -25.28 -8.15 9.51
CA GLY I 192 -26.11 -8.81 8.54
C GLY I 192 -25.83 -10.30 8.38
N PHE I 193 -24.67 -10.77 8.82
CA PHE I 193 -24.32 -12.17 8.77
C PHE I 193 -24.28 -12.75 10.18
N ALA I 194 -24.48 -14.06 10.28
CA ALA I 194 -24.41 -14.77 11.53
C ALA I 194 -23.57 -16.02 11.34
N ILE I 195 -23.15 -16.62 12.46
CA ILE I 195 -22.34 -17.83 12.46
C ILE I 195 -23.06 -18.87 13.31
N LEU I 196 -23.24 -20.05 12.75
CA LEU I 196 -23.94 -21.15 13.41
C LEU I 196 -22.94 -22.22 13.82
N LYS I 197 -23.02 -22.66 15.07
CA LYS I 197 -22.17 -23.71 15.60
C LYS I 197 -23.02 -24.93 15.90
N CYS I 198 -22.51 -26.12 15.59
CA CYS I 198 -23.22 -27.36 15.84
C CYS I 198 -22.77 -27.93 17.18
N LYS I 199 -23.70 -27.98 18.13
CA LYS I 199 -23.41 -28.57 19.43
C LYS I 199 -23.71 -30.05 19.49
N ASP I 200 -23.98 -30.70 18.36
CA ASP I 200 -24.34 -32.11 18.38
C ASP I 200 -23.12 -32.95 18.69
N LYS I 201 -23.34 -34.02 19.45
CA LYS I 201 -22.25 -34.92 19.80
C LYS I 201 -21.83 -35.77 18.61
N LYS I 202 -22.73 -36.64 18.13
CA LYS I 202 -22.41 -37.60 17.08
C LYS I 202 -22.76 -36.96 15.75
N PHE I 203 -21.93 -36.00 15.36
CA PHE I 203 -22.11 -35.26 14.11
C PHE I 203 -20.81 -35.34 13.33
N ASN I 204 -20.86 -35.98 12.16
CA ASN I 204 -19.66 -36.23 11.37
C ASN I 204 -19.36 -35.11 10.38
N GLY I 205 -19.91 -33.92 10.58
CA GLY I 205 -19.64 -32.81 9.70
C GLY I 205 -20.32 -32.87 8.36
N THR I 206 -21.33 -33.73 8.22
CA THR I 206 -22.07 -33.85 6.98
C THR I 206 -23.51 -34.16 7.31
N GLY I 207 -24.43 -33.36 6.78
CA GLY I 207 -25.84 -33.62 6.96
C GLY I 207 -26.46 -32.76 8.03
N PRO I 208 -27.66 -33.13 8.49
CA PRO I 208 -28.42 -32.26 9.40
C PRO I 208 -27.88 -32.29 10.82
N CYS I 209 -27.62 -31.08 11.38
CA CYS I 209 -27.31 -30.87 12.78
C CYS I 209 -28.57 -30.47 13.53
N PRO I 210 -28.95 -31.19 14.57
CA PRO I 210 -30.23 -30.89 15.25
C PRO I 210 -30.11 -29.84 16.33
N SER I 211 -28.89 -29.52 16.76
CA SER I 211 -28.65 -28.60 17.87
C SER I 211 -27.60 -27.58 17.47
N VAL I 212 -28.03 -26.44 16.94
CA VAL I 212 -27.12 -25.37 16.57
C VAL I 212 -27.29 -24.21 17.55
N SER I 213 -26.34 -23.29 17.50
CA SER I 213 -26.37 -22.08 18.32
C SER I 213 -25.70 -20.96 17.55
N THR I 214 -26.30 -19.78 17.57
CA THR I 214 -25.64 -18.69 16.87
C THR I 214 -24.62 -18.05 17.80
N VAL I 215 -23.55 -17.55 17.18
CA VAL I 215 -22.41 -17.01 17.90
C VAL I 215 -21.80 -15.92 17.04
N GLN I 216 -21.28 -14.88 17.67
CA GLN I 216 -20.78 -13.74 16.92
C GLN I 216 -19.39 -14.00 16.37
N CYS I 217 -18.54 -14.67 17.16
CA CYS I 217 -17.19 -14.96 16.75
C CYS I 217 -16.93 -16.45 16.98
N THR I 218 -15.89 -16.98 16.36
CA THR I 218 -15.57 -18.37 16.58
C THR I 218 -14.85 -18.53 17.92
N HIS I 219 -14.74 -19.77 18.38
CA HIS I 219 -13.85 -20.04 19.50
C HIS I 219 -12.40 -19.97 19.05
N GLY I 220 -11.50 -19.96 20.03
CA GLY I 220 -10.09 -19.76 19.78
C GLY I 220 -9.41 -20.83 18.95
N ILE I 221 -8.75 -20.42 17.87
CA ILE I 221 -8.07 -21.32 16.96
C ILE I 221 -6.59 -20.93 16.98
N LYS I 222 -5.80 -21.69 17.73
CA LYS I 222 -4.36 -21.48 17.71
C LYS I 222 -3.80 -21.99 16.40
N PRO I 223 -3.12 -21.17 15.61
CA PRO I 223 -2.59 -21.65 14.34
C PRO I 223 -1.35 -22.51 14.53
N VAL I 224 -1.55 -23.82 14.45
CA VAL I 224 -0.44 -24.77 14.51
C VAL I 224 -0.13 -25.20 13.10
N VAL I 225 1.13 -25.45 12.82
CA VAL I 225 1.58 -25.92 11.53
C VAL I 225 2.18 -27.30 11.75
N SER I 226 1.40 -28.33 11.46
CA SER I 226 1.85 -29.70 11.66
C SER I 226 1.21 -30.58 10.61
N THR I 227 2.05 -31.34 9.90
CA THR I 227 1.55 -32.11 8.77
C THR I 227 0.81 -33.36 9.24
N GLN I 228 1.52 -34.26 9.90
CA GLN I 228 0.91 -35.39 10.57
C GLN I 228 0.76 -35.00 12.03
N LEU I 229 -0.20 -35.65 12.71
CA LEU I 229 -0.38 -35.55 14.16
C LEU I 229 -0.65 -34.11 14.60
N LEU I 230 -1.82 -33.59 14.22
CA LEU I 230 -2.18 -32.22 14.52
C LEU I 230 -2.24 -31.95 16.02
N LEU I 231 -1.50 -30.92 16.45
CA LEU I 231 -1.18 -30.67 17.84
C LEU I 231 -1.99 -29.51 18.40
N ASN I 232 -2.26 -29.59 19.71
CA ASN I 232 -2.98 -28.57 20.48
C ASN I 232 -4.37 -28.28 19.90
N GLY I 233 -5.00 -29.28 19.31
CA GLY I 233 -6.26 -29.10 18.63
C GLY I 233 -7.44 -29.08 19.59
N SER I 234 -8.62 -29.36 19.03
CA SER I 234 -9.87 -29.42 19.77
C SER I 234 -10.19 -30.88 20.02
N LEU I 235 -10.37 -31.24 21.29
CA LEU I 235 -10.64 -32.61 21.64
C LEU I 235 -12.10 -32.97 21.36
N ALA I 236 -12.33 -34.25 21.08
CA ALA I 236 -13.70 -34.72 20.93
C ALA I 236 -14.36 -34.87 22.29
N GLU I 237 -15.67 -35.06 22.28
CA GLU I 237 -16.44 -35.00 23.53
C GLU I 237 -16.28 -36.28 24.35
N GLU I 238 -16.74 -37.41 23.81
CA GLU I 238 -16.71 -38.63 24.62
C GLU I 238 -16.04 -39.81 23.95
N GLU I 239 -15.93 -39.80 22.62
CA GLU I 239 -15.31 -40.92 21.93
C GLU I 239 -14.52 -40.40 20.75
N VAL I 240 -13.75 -41.30 20.15
CA VAL I 240 -12.99 -40.95 18.95
C VAL I 240 -13.95 -40.82 17.78
N MET I 241 -13.78 -39.76 17.00
CA MET I 241 -14.62 -39.51 15.83
C MET I 241 -13.73 -39.43 14.60
N ILE I 242 -13.99 -40.29 13.62
CA ILE I 242 -13.30 -40.25 12.35
C ILE I 242 -14.22 -39.54 11.36
N ARG I 243 -13.64 -38.67 10.53
CA ARG I 243 -14.40 -37.78 9.67
C ARG I 243 -13.77 -37.80 8.29
N SER I 244 -14.59 -38.06 7.27
CA SER I 244 -14.13 -38.01 5.90
C SER I 244 -15.27 -37.58 4.99
N GLU I 245 -14.89 -37.06 3.82
CA GLU I 245 -15.89 -36.63 2.85
C GLU I 245 -16.61 -37.84 2.24
N ASN I 246 -15.84 -38.88 1.92
CA ASN I 246 -16.38 -40.12 1.36
C ASN I 246 -15.36 -41.20 1.65
N ILE I 247 -15.78 -42.19 2.44
CA ILE I 247 -14.87 -43.21 2.99
C ILE I 247 -14.27 -44.06 1.88
N THR I 248 -15.08 -44.46 0.91
CA THR I 248 -14.63 -45.39 -0.12
C THR I 248 -13.65 -44.75 -1.09
N ASN I 249 -13.64 -43.42 -1.17
CA ASN I 249 -12.59 -42.73 -1.91
C ASN I 249 -11.30 -42.78 -1.10
N ASN I 250 -10.23 -43.28 -1.72
CA ASN I 250 -8.94 -43.43 -1.05
C ASN I 250 -8.07 -42.19 -1.15
N ALA I 251 -8.40 -41.26 -2.04
CA ALA I 251 -7.66 -40.01 -2.18
C ALA I 251 -8.18 -38.91 -1.28
N LYS I 252 -9.12 -39.24 -0.38
CA LYS I 252 -9.59 -38.33 0.64
C LYS I 252 -8.89 -38.69 1.94
N ASN I 253 -8.46 -37.68 2.69
CA ASN I 253 -7.89 -37.92 4.00
C ASN I 253 -8.99 -38.20 5.01
N ILE I 254 -8.65 -39.01 6.02
CA ILE I 254 -9.53 -39.28 7.14
C ILE I 254 -8.99 -38.53 8.34
N LEU I 255 -9.80 -37.63 8.89
CA LEU I 255 -9.40 -36.81 10.03
C LEU I 255 -9.90 -37.50 11.30
N VAL I 256 -8.99 -37.95 12.14
CA VAL I 256 -9.30 -38.70 13.34
C VAL I 256 -9.11 -37.77 14.53
N GLN I 257 -10.18 -37.50 15.26
CA GLN I 257 -10.13 -36.66 16.44
C GLN I 257 -10.49 -37.51 17.65
N PHE I 258 -9.58 -37.62 18.61
CA PHE I 258 -9.84 -38.49 19.76
C PHE I 258 -10.00 -37.71 21.05
N ASN I 259 -10.41 -38.44 22.09
CA ASN I 259 -10.98 -37.80 23.28
C ASN I 259 -9.89 -37.26 24.18
N THR I 260 -9.06 -38.14 24.74
CA THR I 260 -8.02 -37.72 25.65
C THR I 260 -6.72 -37.54 24.86
N PRO I 261 -6.01 -36.44 25.05
CA PRO I 261 -4.87 -36.16 24.18
C PRO I 261 -3.64 -36.95 24.62
N VAL I 262 -2.71 -37.11 23.68
CA VAL I 262 -1.50 -37.89 23.92
C VAL I 262 -0.36 -36.91 24.16
N GLN I 263 0.27 -37.00 25.33
CA GLN I 263 1.29 -36.02 25.67
C GLN I 263 2.59 -36.37 24.96
N ILE I 264 3.13 -35.42 24.20
CA ILE I 264 4.38 -35.60 23.47
C ILE I 264 5.38 -34.58 23.96
N ASN I 265 6.61 -35.01 24.19
CA ASN I 265 7.72 -34.14 24.56
C ASN I 265 8.70 -34.10 23.41
N CYS I 266 9.24 -32.93 23.10
CA CYS I 266 10.17 -32.83 21.98
C CYS I 266 11.32 -31.90 22.35
N THR I 267 12.53 -32.29 21.96
CA THR I 267 13.69 -31.52 22.41
C THR I 267 14.84 -31.57 21.41
N ARG I 268 15.57 -30.46 21.37
CA ARG I 268 16.95 -30.38 20.91
C ARG I 268 17.82 -30.19 22.13
N PRO I 269 18.64 -31.18 22.50
CA PRO I 269 19.45 -31.03 23.72
C PRO I 269 20.77 -30.30 23.48
N ASN I 270 21.02 -29.83 22.26
CA ASN I 270 22.28 -29.15 21.98
C ASN I 270 22.23 -27.70 22.43
N ASN I 271 23.20 -27.31 23.25
CA ASN I 271 23.33 -25.94 23.73
C ASN I 271 24.11 -25.15 22.68
N ASN I 272 23.43 -24.21 22.02
CA ASN I 272 24.00 -23.49 20.89
C ASN I 272 24.45 -22.10 21.32
N THR I 273 25.29 -21.48 20.50
CA THR I 273 25.76 -20.11 20.71
C THR I 273 25.36 -19.28 19.50
N ARG I 274 24.41 -18.38 19.68
CA ARG I 274 24.08 -17.42 18.63
C ARG I 274 25.19 -16.39 18.51
N LYS I 275 25.71 -16.21 17.31
CA LYS I 275 26.79 -15.28 17.04
C LYS I 275 26.35 -14.31 15.96
N SER I 276 26.53 -13.02 16.20
CA SER I 276 26.12 -12.02 15.24
C SER I 276 27.24 -11.74 14.24
N ILE I 277 26.87 -11.57 12.97
CA ILE I 277 27.79 -11.24 11.90
C ILE I 277 27.24 -9.99 11.21
N ARG I 278 28.08 -8.98 11.05
CA ARG I 278 27.65 -7.73 10.46
C ARG I 278 27.75 -7.82 8.94
N ILE I 279 26.59 -7.82 8.27
CA ILE I 279 26.55 -7.86 6.81
C ILE I 279 26.80 -6.48 6.23
N GLY I 280 26.02 -5.50 6.65
CA GLY I 280 26.15 -4.14 6.20
C GLY I 280 25.63 -3.17 7.23
N PRO I 281 25.29 -1.96 6.80
CA PRO I 281 24.72 -0.98 7.72
C PRO I 281 23.31 -1.36 8.17
N GLY I 282 23.17 -1.74 9.44
CA GLY I 282 21.89 -2.19 9.95
C GLY I 282 21.48 -3.55 9.45
N GLN I 283 22.44 -4.40 9.10
CA GLN I 283 22.18 -5.73 8.56
C GLN I 283 22.96 -6.73 9.40
N ALA I 284 22.25 -7.60 10.10
CA ALA I 284 22.88 -8.57 10.99
C ALA I 284 22.41 -9.98 10.65
N PHE I 285 23.37 -10.89 10.56
CA PHE I 285 23.09 -12.31 10.33
C PHE I 285 23.42 -13.08 11.61
N TYR I 286 22.44 -13.80 12.13
CA TYR I 286 22.60 -14.56 13.36
C TYR I 286 22.95 -15.99 12.99
N ALA I 287 24.21 -16.36 13.19
CA ALA I 287 24.73 -17.68 12.84
C ALA I 287 24.94 -18.50 14.10
N THR I 288 25.29 -19.77 13.89
CA THR I 288 25.64 -20.66 14.98
C THR I 288 27.11 -20.47 15.32
N GLY I 289 27.42 -20.41 16.61
CA GLY I 289 28.78 -20.26 17.04
C GLY I 289 29.37 -21.58 17.46
N ASP I 290 29.39 -21.85 18.76
CA ASP I 290 29.90 -23.10 19.29
C ASP I 290 28.74 -24.02 19.67
N ILE I 291 29.03 -25.32 19.69
CA ILE I 291 28.15 -26.30 20.30
C ILE I 291 28.71 -26.56 21.70
N ILE I 292 28.06 -26.02 22.72
CA ILE I 292 28.60 -26.08 24.08
C ILE I 292 28.24 -27.45 24.65
N GLY I 293 29.19 -28.37 24.62
CA GLY I 293 28.98 -29.65 25.28
C GLY I 293 28.92 -30.86 24.37
N ASP I 294 27.89 -31.67 24.54
CA ASP I 294 27.72 -32.88 23.76
C ASP I 294 26.97 -32.59 22.47
N ILE I 295 27.31 -33.34 21.43
CA ILE I 295 26.57 -33.29 20.16
C ILE I 295 25.58 -34.44 20.22
N ARG I 296 24.33 -34.11 20.50
CA ARG I 296 23.27 -35.09 20.65
C ARG I 296 22.19 -34.83 19.60
N GLN I 297 21.34 -35.82 19.41
CA GLN I 297 20.33 -35.79 18.36
C GLN I 297 18.99 -35.35 18.93
N ALA I 298 18.33 -34.45 18.21
CA ALA I 298 17.00 -34.00 18.59
C ALA I 298 15.99 -35.12 18.43
N HIS I 299 15.03 -35.19 19.34
CA HIS I 299 14.10 -36.32 19.32
C HIS I 299 12.78 -35.91 19.98
N CYS I 300 11.87 -36.88 20.05
CA CYS I 300 10.60 -36.72 20.74
C CYS I 300 10.27 -38.01 21.47
N ASN I 301 9.41 -37.88 22.48
CA ASN I 301 8.87 -38.99 23.23
C ASN I 301 7.36 -38.93 23.26
N VAL I 302 6.73 -40.08 23.02
CA VAL I 302 5.34 -40.27 23.43
C VAL I 302 5.33 -41.41 24.44
N SER I 303 4.23 -41.52 25.16
CA SER I 303 4.06 -42.64 26.07
C SER I 303 3.66 -43.88 25.28
N LYS I 304 4.32 -45.01 25.58
CA LYS I 304 4.01 -46.26 24.89
C LYS I 304 2.60 -46.76 25.20
N ALA I 305 2.22 -46.71 26.48
CA ALA I 305 0.96 -47.31 26.92
C ALA I 305 -0.24 -46.51 26.43
N THR I 306 -0.19 -45.18 26.56
CA THR I 306 -1.32 -44.38 26.10
C THR I 306 -1.41 -44.33 24.59
N TRP I 307 -0.29 -44.49 23.88
CA TRP I 307 -0.37 -44.56 22.42
C TRP I 307 -0.99 -45.87 21.97
N ASN I 308 -0.64 -46.98 22.64
CA ASN I 308 -1.32 -48.25 22.37
C ASN I 308 -2.81 -48.17 22.71
N GLU I 309 -3.15 -47.44 23.78
CA GLU I 309 -4.54 -47.23 24.16
C GLU I 309 -5.32 -46.46 23.11
N THR I 310 -4.76 -45.34 22.62
CA THR I 310 -5.44 -44.55 21.62
C THR I 310 -5.49 -45.25 20.27
N LEU I 311 -4.50 -46.10 19.95
CA LEU I 311 -4.61 -46.89 18.73
C LEU I 311 -5.69 -47.94 18.84
N GLY I 312 -5.86 -48.54 20.03
CA GLY I 312 -6.99 -49.43 20.24
C GLY I 312 -8.33 -48.73 20.10
N LYS I 313 -8.41 -47.49 20.60
CA LYS I 313 -9.63 -46.70 20.45
C LYS I 313 -9.93 -46.37 18.99
N VAL I 314 -8.90 -45.98 18.22
CA VAL I 314 -9.17 -45.62 16.84
C VAL I 314 -9.44 -46.84 15.98
N VAL I 315 -8.90 -48.02 16.33
CA VAL I 315 -9.27 -49.23 15.61
C VAL I 315 -10.71 -49.63 15.94
N LYS I 316 -11.10 -49.47 17.21
CA LYS I 316 -12.48 -49.69 17.63
C LYS I 316 -13.46 -48.78 16.87
N GLN I 317 -13.05 -47.54 16.59
CA GLN I 317 -13.94 -46.66 15.83
C GLN I 317 -13.82 -46.88 14.32
N LEU I 318 -12.68 -47.32 13.81
CA LEU I 318 -12.55 -47.61 12.39
C LEU I 318 -13.29 -48.87 11.97
N ARG I 319 -13.53 -49.80 12.89
CA ARG I 319 -14.28 -51.00 12.52
C ARG I 319 -15.78 -50.77 12.34
N LYS I 320 -16.26 -49.55 12.55
CA LYS I 320 -17.68 -49.26 12.32
C LYS I 320 -17.97 -49.02 10.85
N HIS I 321 -16.99 -48.58 10.07
CA HIS I 321 -17.18 -48.29 8.66
C HIS I 321 -16.67 -49.39 7.75
N PHE I 322 -16.00 -50.41 8.29
CA PHE I 322 -15.28 -51.40 7.50
C PHE I 322 -15.64 -52.83 7.89
N GLY I 323 -16.75 -53.03 8.59
CA GLY I 323 -17.11 -54.34 9.08
C GLY I 323 -16.32 -54.72 10.32
N ASN I 324 -16.83 -55.72 11.02
CA ASN I 324 -16.16 -56.16 12.24
C ASN I 324 -14.95 -57.03 11.94
N ASN I 325 -15.07 -57.96 11.01
CA ASN I 325 -13.98 -58.88 10.69
C ASN I 325 -13.06 -58.27 9.62
N THR I 326 -12.38 -57.21 10.02
CA THR I 326 -11.42 -56.51 9.19
C THR I 326 -10.14 -56.33 9.98
N ILE I 327 -9.01 -56.66 9.37
CA ILE I 327 -7.71 -56.57 10.03
C ILE I 327 -7.14 -55.19 9.71
N ILE I 328 -6.97 -54.35 10.74
CA ILE I 328 -6.52 -52.98 10.51
C ILE I 328 -5.05 -52.87 10.89
N ARG I 329 -4.22 -52.48 9.93
CA ARG I 329 -2.79 -52.35 10.17
C ARG I 329 -2.33 -50.96 9.77
N PHE I 330 -1.27 -50.52 10.42
CA PHE I 330 -0.71 -49.18 10.29
C PHE I 330 0.74 -49.27 9.88
N ALA I 331 1.08 -48.64 8.75
CA ALA I 331 2.44 -48.59 8.21
C ALA I 331 2.81 -47.15 7.95
N ASN I 332 4.10 -46.89 7.75
CA ASN I 332 4.57 -45.51 7.63
C ASN I 332 4.32 -44.99 6.21
N SER I 333 4.70 -43.73 5.98
CA SER I 333 4.39 -43.05 4.73
C SER I 333 5.13 -43.64 3.54
N SER I 334 4.47 -43.59 2.38
CA SER I 334 4.98 -44.25 1.18
C SER I 334 6.09 -43.48 0.49
N GLY I 335 6.19 -42.18 0.70
CA GLY I 335 7.23 -41.40 0.07
C GLY I 335 6.76 -40.00 -0.22
N GLY I 336 7.71 -39.16 -0.58
CA GLY I 336 7.40 -37.79 -0.94
C GLY I 336 8.58 -36.88 -0.65
N ASP I 337 8.26 -35.65 -0.28
CA ASP I 337 9.26 -34.66 0.12
C ASP I 337 9.58 -34.90 1.59
N LEU I 338 10.29 -33.97 2.23
CA LEU I 338 10.61 -34.17 3.64
C LEU I 338 9.38 -33.95 4.52
N GLU I 339 8.67 -32.85 4.33
CA GLU I 339 7.59 -32.50 5.24
C GLU I 339 6.23 -32.99 4.77
N VAL I 340 6.18 -34.16 4.15
CA VAL I 340 4.91 -34.84 3.88
C VAL I 340 5.03 -36.27 4.37
N THR I 341 6.25 -36.70 4.67
CA THR I 341 6.52 -38.05 5.14
C THR I 341 6.86 -38.13 6.61
N THR I 342 7.45 -37.08 7.16
CA THR I 342 7.87 -37.06 8.54
C THR I 342 7.22 -35.84 9.17
N HIS I 343 6.81 -35.95 10.43
CA HIS I 343 5.83 -34.99 10.92
C HIS I 343 6.56 -33.72 11.36
N SER I 344 6.14 -32.60 10.82
CA SER I 344 6.80 -31.32 11.01
C SER I 344 6.09 -30.53 12.10
N PHE I 345 6.86 -29.73 12.84
CA PHE I 345 6.26 -28.74 13.73
C PHE I 345 7.29 -27.66 14.03
N ASN I 346 6.85 -26.68 14.82
CA ASN I 346 7.67 -25.54 15.21
C ASN I 346 7.66 -25.47 16.74
N CYS I 347 8.76 -25.87 17.36
CA CYS I 347 8.92 -25.85 18.81
C CYS I 347 9.67 -24.57 19.17
N GLY I 348 8.95 -23.45 19.13
CA GLY I 348 9.50 -22.16 19.51
C GLY I 348 10.55 -21.63 18.57
N GLY I 349 10.17 -21.30 17.34
CA GLY I 349 11.13 -20.77 16.39
C GLY I 349 12.14 -21.77 15.87
N GLU I 350 11.79 -23.05 15.90
CA GLU I 350 12.70 -24.12 15.47
C GLU I 350 11.88 -25.22 14.82
N PHE I 351 12.24 -25.57 13.59
CA PHE I 351 11.39 -26.40 12.74
C PHE I 351 11.90 -27.84 12.77
N PHE I 352 11.15 -28.70 13.43
CA PHE I 352 11.49 -30.11 13.59
C PHE I 352 10.76 -30.97 12.57
N TYR I 353 11.43 -32.07 12.21
CA TYR I 353 10.98 -33.05 11.22
C TYR I 353 11.19 -34.42 11.86
N CYS I 354 10.17 -34.94 12.52
CA CYS I 354 10.32 -36.06 13.44
C CYS I 354 9.74 -37.34 12.85
N ASN I 355 10.50 -38.42 12.95
CA ASN I 355 10.19 -39.68 12.27
C ASN I 355 9.08 -40.43 13.00
N THR I 356 8.05 -40.82 12.25
CA THR I 356 6.87 -41.46 12.81
C THR I 356 6.83 -42.96 12.58
N SER I 357 7.97 -43.58 12.25
CA SER I 357 7.97 -45.01 11.95
C SER I 357 7.75 -45.86 13.19
N GLY I 358 8.02 -45.30 14.37
CA GLY I 358 7.76 -46.04 15.59
C GLY I 358 6.29 -46.00 15.98
N LEU I 359 5.56 -45.01 15.46
CA LEU I 359 4.16 -44.85 15.85
C LEU I 359 3.26 -45.78 15.03
N PHE I 360 3.37 -45.72 13.71
CA PHE I 360 2.45 -46.43 12.81
C PHE I 360 3.16 -47.70 12.35
N ASN I 361 3.16 -48.70 13.23
CA ASN I 361 3.87 -49.96 13.04
C ASN I 361 3.00 -51.09 13.57
N SER I 362 1.70 -51.04 13.30
CA SER I 362 0.77 -51.82 14.10
C SER I 362 -0.01 -52.79 13.22
N THR I 363 -0.56 -53.81 13.85
CA THR I 363 -1.56 -54.68 13.25
C THR I 363 -2.61 -55.00 14.31
N TRP I 364 -3.85 -55.14 13.88
CA TRP I 364 -4.98 -55.26 14.79
C TRP I 364 -5.96 -56.29 14.25
N ILE I 365 -6.14 -57.36 15.02
CA ILE I 365 -6.94 -58.52 14.67
C ILE I 365 -8.33 -58.35 15.27
N SER I 366 -9.33 -58.96 14.63
CA SER I 366 -10.75 -58.75 14.94
C SER I 366 -11.28 -59.74 15.97
N ASN I 367 -10.45 -60.15 16.92
CA ASN I 367 -10.86 -61.10 17.97
C ASN I 367 -12.00 -60.60 18.86
N ASN I 379 5.11 -48.11 31.38
CA ASN I 379 6.03 -47.15 31.96
C ASN I 379 7.03 -46.65 30.92
N ASP I 380 7.03 -47.30 29.76
CA ASP I 380 8.00 -46.99 28.71
C ASP I 380 7.59 -45.73 27.97
N SER I 381 8.41 -45.36 26.98
CA SER I 381 8.14 -44.20 26.15
C SER I 381 8.81 -44.40 24.80
N ILE I 382 8.03 -44.24 23.74
CA ILE I 382 8.56 -44.32 22.39
C ILE I 382 9.42 -43.10 22.12
N THR I 383 10.71 -43.33 21.88
CA THR I 383 11.63 -42.33 21.38
C THR I 383 11.55 -42.33 19.86
N LEU I 384 11.48 -41.16 19.27
CA LEU I 384 11.43 -41.08 17.83
C LEU I 384 12.31 -39.92 17.36
N PRO I 385 13.23 -40.18 16.44
CA PRO I 385 14.28 -39.19 16.15
C PRO I 385 13.80 -38.10 15.21
N CYS I 386 14.47 -36.95 15.30
CA CYS I 386 14.09 -35.77 14.56
C CYS I 386 15.28 -35.18 13.80
N ARG I 387 14.98 -34.52 12.69
CA ARG I 387 15.92 -33.66 12.00
C ARG I 387 15.49 -32.21 12.17
N ILE I 388 16.45 -31.30 11.98
CA ILE I 388 16.22 -29.87 12.08
C ILE I 388 16.74 -29.21 10.82
N LYS I 389 15.90 -28.37 10.20
CA LYS I 389 16.31 -27.53 9.09
C LYS I 389 16.36 -26.08 9.53
N GLN I 390 17.25 -25.32 8.92
CA GLN I 390 17.33 -23.88 9.18
C GLN I 390 16.69 -23.04 8.10
N ILE I 391 16.73 -23.49 6.84
CA ILE I 391 16.02 -22.82 5.76
C ILE I 391 14.86 -23.70 5.33
N ILE I 392 13.72 -23.07 5.06
CA ILE I 392 12.45 -23.76 4.83
C ILE I 392 11.77 -23.18 3.60
N ASN I 393 10.88 -23.99 3.02
CA ASN I 393 10.14 -23.64 1.81
C ASN I 393 8.65 -23.86 2.05
N MET I 394 8.16 -23.24 3.13
CA MET I 394 6.75 -23.31 3.53
C MET I 394 5.79 -22.94 2.41
N TRP I 395 4.75 -23.77 2.26
CA TRP I 395 3.67 -23.70 1.27
C TRP I 395 4.13 -23.87 -0.17
N GLN I 396 5.42 -24.18 -0.40
CA GLN I 396 6.00 -24.53 -1.69
C GLN I 396 5.78 -23.41 -2.71
N ARG I 397 6.24 -22.22 -2.35
CA ARG I 397 6.20 -21.09 -3.25
C ARG I 397 7.29 -21.21 -4.30
N ILE I 398 7.21 -20.32 -5.30
CA ILE I 398 8.15 -20.39 -6.42
C ILE I 398 9.49 -19.72 -6.08
N GLY I 399 9.47 -18.65 -5.29
CA GLY I 399 10.70 -17.92 -5.04
C GLY I 399 10.81 -17.36 -3.64
N GLN I 400 10.18 -17.99 -2.65
CA GLN I 400 10.20 -17.47 -1.28
C GLN I 400 10.61 -18.59 -0.33
N CYS I 401 11.88 -18.62 0.05
CA CYS I 401 12.33 -19.45 1.14
C CYS I 401 12.44 -18.59 2.40
N MET I 402 12.98 -19.17 3.48
CA MET I 402 13.05 -18.47 4.76
C MET I 402 14.18 -19.07 5.59
N TYR I 403 15.20 -18.27 5.88
CA TYR I 403 16.17 -18.67 6.88
C TYR I 403 15.55 -18.48 8.26
N ALA I 404 15.84 -19.41 9.15
CA ALA I 404 15.41 -19.30 10.54
C ALA I 404 16.62 -19.25 11.45
N PRO I 405 16.73 -18.25 12.32
CA PRO I 405 17.94 -18.10 13.14
C PRO I 405 18.03 -19.17 14.20
N PRO I 406 19.24 -19.51 14.63
CA PRO I 406 19.40 -20.40 15.78
C PRO I 406 18.98 -19.70 17.06
N ILE I 407 18.60 -20.51 18.03
CA ILE I 407 18.15 -20.01 19.33
C ILE I 407 18.98 -20.66 20.42
N GLN I 408 19.15 -19.93 21.52
CA GLN I 408 20.04 -20.33 22.61
C GLN I 408 19.48 -21.52 23.38
N GLY I 409 20.41 -22.32 23.92
CA GLY I 409 20.10 -23.27 24.96
C GLY I 409 19.41 -24.53 24.49
N VAL I 410 19.27 -25.46 25.43
CA VAL I 410 18.49 -26.67 25.22
C VAL I 410 17.03 -26.28 25.06
N ILE I 411 16.37 -26.84 24.04
CA ILE I 411 15.01 -26.47 23.71
C ILE I 411 14.11 -27.68 23.90
N ARG I 412 13.18 -27.58 24.84
CA ARG I 412 12.21 -28.63 25.07
C ARG I 412 10.81 -28.02 25.05
N CYS I 413 9.85 -28.81 24.59
CA CYS I 413 8.45 -28.36 24.60
C CYS I 413 7.52 -29.56 24.73
N VAL I 414 6.37 -29.30 25.35
CA VAL I 414 5.35 -30.29 25.62
C VAL I 414 4.13 -29.93 24.79
N SER I 415 3.53 -30.93 24.16
CA SER I 415 2.35 -30.69 23.32
C SER I 415 1.38 -31.84 23.47
N ASN I 416 0.16 -31.61 22.99
CA ASN I 416 -0.89 -32.61 22.97
C ASN I 416 -1.14 -33.06 21.54
N ILE I 417 -0.88 -34.33 21.26
CA ILE I 417 -1.41 -34.98 20.07
C ILE I 417 -2.92 -35.05 20.24
N THR I 418 -3.65 -34.32 19.40
CA THR I 418 -5.10 -34.25 19.42
C THR I 418 -5.72 -35.23 18.42
N GLY I 419 -5.20 -35.29 17.20
CA GLY I 419 -5.72 -36.19 16.21
C GLY I 419 -4.69 -36.73 15.24
N LEU I 420 -5.18 -37.35 14.17
CA LEU I 420 -4.38 -37.92 13.12
C LEU I 420 -5.01 -37.57 11.78
N ILE I 421 -4.19 -37.60 10.74
CA ILE I 421 -4.66 -37.45 9.36
C ILE I 421 -4.21 -38.70 8.62
N LEU I 422 -5.13 -39.64 8.43
CA LEU I 422 -4.82 -40.93 7.85
C LEU I 422 -5.23 -40.97 6.38
N THR I 423 -4.76 -42.00 5.69
CA THR I 423 -5.05 -42.20 4.28
C THR I 423 -5.03 -43.69 3.99
N ARG I 424 -6.14 -44.22 3.46
CA ARG I 424 -6.18 -45.63 3.14
C ARG I 424 -5.52 -45.89 1.80
N ASP I 425 -4.78 -47.00 1.72
CA ASP I 425 -4.15 -47.37 0.47
C ASP I 425 -5.17 -47.94 -0.51
N GLY I 426 -4.78 -47.97 -1.79
CA GLY I 426 -5.66 -48.38 -2.86
C GLY I 426 -5.94 -49.87 -2.87
N GLY I 427 -6.74 -50.32 -1.91
CA GLY I 427 -7.03 -51.73 -1.73
C GLY I 427 -7.84 -52.35 -2.87
N SER I 428 -7.21 -53.26 -3.59
CA SER I 428 -7.87 -54.03 -4.64
C SER I 428 -7.32 -55.44 -4.59
N THR I 429 -7.84 -56.28 -5.50
CA THR I 429 -7.53 -57.71 -5.62
C THR I 429 -7.72 -58.44 -4.29
N ASN I 430 -8.97 -58.44 -3.81
CA ASN I 430 -9.41 -59.17 -2.60
C ASN I 430 -8.63 -58.74 -1.36
N SER I 431 -8.80 -57.48 -0.98
CA SER I 431 -8.11 -56.97 0.19
C SER I 431 -8.76 -57.51 1.47
N THR I 432 -8.08 -58.47 2.10
CA THR I 432 -8.55 -58.98 3.38
C THR I 432 -8.30 -57.98 4.50
N THR I 433 -7.25 -57.17 4.35
CA THR I 433 -6.92 -56.11 5.30
C THR I 433 -7.16 -54.77 4.62
N GLU I 434 -7.13 -53.72 5.43
CA GLU I 434 -7.06 -52.35 4.92
C GLU I 434 -6.06 -51.58 5.75
N THR I 435 -5.06 -51.01 5.10
CA THR I 435 -3.94 -50.36 5.77
C THR I 435 -4.05 -48.85 5.67
N PHE I 436 -3.43 -48.16 6.61
CA PHE I 436 -3.59 -46.73 6.79
C PHE I 436 -2.23 -46.08 6.94
N ARG I 437 -1.94 -45.12 6.07
CA ARG I 437 -0.69 -44.39 6.16
C ARG I 437 -0.96 -43.02 6.75
N PRO I 438 -0.04 -42.48 7.53
CA PRO I 438 -0.13 -41.06 7.88
C PRO I 438 0.23 -40.20 6.67
N GLY I 439 -0.28 -38.97 6.66
CA GLY I 439 0.07 -38.06 5.59
C GLY I 439 -0.42 -36.65 5.83
N GLY I 440 0.48 -35.68 5.67
CA GLY I 440 0.10 -34.30 5.87
C GLY I 440 -0.64 -33.71 4.69
N GLY I 441 0.04 -33.61 3.55
CA GLY I 441 -0.61 -33.11 2.35
C GLY I 441 -0.90 -31.61 2.44
N ASP I 442 -2.14 -31.25 2.14
CA ASP I 442 -2.57 -29.86 2.22
C ASP I 442 -2.69 -29.44 3.68
N MET I 443 -2.48 -28.14 3.92
CA MET I 443 -2.67 -27.59 5.25
C MET I 443 -4.13 -27.43 5.62
N ARG I 444 -5.04 -27.48 4.64
CA ARG I 444 -6.46 -27.22 4.89
C ARG I 444 -7.11 -28.35 5.68
N ASP I 445 -6.56 -29.56 5.58
CA ASP I 445 -7.00 -30.64 6.47
C ASP I 445 -6.65 -30.33 7.91
N ASN I 446 -5.57 -29.59 8.15
CA ASN I 446 -5.32 -29.06 9.47
C ASN I 446 -6.32 -27.98 9.84
N TRP I 447 -6.84 -27.24 8.87
CA TRP I 447 -7.74 -26.15 9.20
C TRP I 447 -9.20 -26.57 9.20
N ARG I 448 -9.53 -27.67 8.54
CA ARG I 448 -10.90 -28.15 8.53
C ARG I 448 -11.27 -28.87 9.82
N SER I 449 -10.29 -29.25 10.62
CA SER I 449 -10.55 -29.90 11.90
C SER I 449 -10.91 -28.91 13.01
N GLU I 450 -10.93 -27.62 12.72
CA GLU I 450 -11.34 -26.62 13.70
C GLU I 450 -12.58 -25.84 13.29
N LEU I 451 -12.78 -25.62 11.99
CA LEU I 451 -14.00 -24.98 11.49
C LEU I 451 -15.01 -26.00 10.96
N TYR I 452 -14.99 -27.22 11.50
CA TYR I 452 -15.97 -28.21 11.08
C TYR I 452 -17.33 -27.90 11.68
N LYS I 453 -17.37 -27.26 12.84
CA LYS I 453 -18.62 -26.91 13.50
C LYS I 453 -19.33 -25.77 12.78
N TYR I 454 -18.61 -24.67 12.59
CA TYR I 454 -19.24 -23.40 12.23
C TYR I 454 -19.65 -23.36 10.76
N LYS I 455 -20.64 -22.51 10.49
CA LYS I 455 -20.89 -22.03 9.14
C LYS I 455 -21.32 -20.58 9.25
N VAL I 456 -21.34 -19.89 8.12
CA VAL I 456 -21.71 -18.48 8.06
C VAL I 456 -22.94 -18.34 7.16
N VAL I 457 -23.95 -17.62 7.66
CA VAL I 457 -25.21 -17.45 6.94
C VAL I 457 -25.54 -15.96 6.84
N LYS I 458 -26.36 -15.63 5.85
CA LYS I 458 -26.81 -14.27 5.61
C LYS I 458 -28.22 -14.12 6.15
N ILE I 459 -28.39 -13.21 7.10
CA ILE I 459 -29.68 -12.95 7.71
C ILE I 459 -30.45 -12.00 6.81
N GLU I 460 -31.64 -12.41 6.38
CA GLU I 460 -32.43 -11.63 5.45
C GLU I 460 -33.77 -11.26 6.05
N PRO I 461 -33.99 -9.99 6.40
CA PRO I 461 -35.31 -9.56 6.86
C PRO I 461 -36.31 -9.45 5.72
N LEU I 462 -37.46 -8.83 6.02
CA LEU I 462 -38.55 -8.58 5.06
C LEU I 462 -39.13 -9.91 4.56
N GLY I 463 -39.72 -10.63 5.51
CA GLY I 463 -40.62 -11.71 5.15
C GLY I 463 -41.95 -11.16 4.71
N VAL I 464 -42.80 -12.03 4.20
CA VAL I 464 -44.07 -11.61 3.62
C VAL I 464 -45.08 -12.73 3.83
N ALA I 465 -46.26 -12.38 4.34
CA ALA I 465 -47.19 -13.39 4.83
C ALA I 465 -48.61 -12.83 4.78
N PRO I 466 -49.62 -13.68 4.61
CA PRO I 466 -51.01 -13.21 4.62
C PRO I 466 -51.64 -13.17 6.00
N THR I 467 -52.44 -12.14 6.23
CA THR I 467 -53.29 -12.07 7.41
C THR I 467 -54.53 -11.26 7.06
N ARG I 468 -55.50 -11.28 7.97
CA ARG I 468 -56.87 -10.89 7.64
C ARG I 468 -57.11 -9.43 8.05
N CYS I 469 -56.40 -8.52 7.37
CA CYS I 469 -56.56 -7.09 7.60
C CYS I 469 -56.12 -6.27 6.39
N LYS I 470 -57.02 -5.43 5.90
CA LYS I 470 -56.76 -4.50 4.82
C LYS I 470 -56.39 -3.14 5.40
N ARG I 471 -55.48 -2.44 4.75
CA ARG I 471 -55.04 -1.13 5.23
C ARG I 471 -56.14 -0.10 5.12
N ARG I 472 -56.45 0.55 6.25
CA ARG I 472 -57.51 1.54 6.32
C ARG I 472 -57.05 2.84 5.67
N VAL I 473 -57.72 3.22 4.58
CA VAL I 473 -57.37 4.45 3.88
C VAL I 473 -57.91 5.65 4.64
N GLU J 1 -48.27 -14.74 49.89
CA GLU J 1 -49.68 -15.03 49.63
C GLU J 1 -49.80 -15.92 48.40
N VAL J 2 -48.74 -15.94 47.59
CA VAL J 2 -48.71 -16.66 46.33
C VAL J 2 -48.03 -18.00 46.58
N GLN J 3 -48.81 -19.08 46.62
CA GLN J 3 -48.22 -20.38 46.84
C GLN J 3 -48.36 -21.24 45.59
N LEU J 4 -47.30 -21.98 45.29
CA LEU J 4 -47.27 -22.97 44.24
C LEU J 4 -47.19 -24.33 44.92
N VAL J 5 -48.32 -25.03 44.98
CA VAL J 5 -48.43 -26.30 45.71
C VAL J 5 -48.46 -27.42 44.68
N GLU J 6 -47.61 -28.42 44.86
CA GLU J 6 -47.38 -29.43 43.85
C GLU J 6 -48.00 -30.76 44.26
N SER J 7 -48.11 -31.67 43.29
CA SER J 7 -48.67 -32.99 43.50
C SER J 7 -48.20 -33.90 42.36
N GLY J 8 -48.59 -35.16 42.44
CA GLY J 8 -48.17 -36.13 41.44
C GLY J 8 -47.85 -37.49 42.04
N GLY J 9 -46.63 -37.97 41.81
CA GLY J 9 -46.21 -39.25 42.34
C GLY J 9 -44.76 -39.21 42.78
N GLY J 10 -44.39 -40.22 43.57
CA GLY J 10 -43.02 -40.34 44.03
C GLY J 10 -42.40 -41.70 43.78
N LEU J 11 -43.24 -42.70 43.54
CA LEU J 11 -42.81 -44.09 43.43
C LEU J 11 -42.97 -44.53 41.99
N ALA J 12 -41.85 -44.77 41.31
CA ALA J 12 -41.86 -45.16 39.92
C ALA J 12 -40.80 -46.20 39.67
N LYS J 13 -41.14 -47.23 38.90
CA LYS J 13 -40.16 -48.22 38.50
C LYS J 13 -39.20 -47.61 37.46
N PRO J 14 -37.93 -48.00 37.49
CA PRO J 14 -36.98 -47.51 36.48
C PRO J 14 -37.34 -48.02 35.10
N GLY J 15 -37.52 -47.10 34.16
CA GLY J 15 -38.07 -47.41 32.86
C GLY J 15 -39.55 -47.17 32.73
N GLY J 16 -40.15 -46.40 33.62
CA GLY J 16 -41.59 -46.21 33.67
C GLY J 16 -42.02 -44.82 33.23
N SER J 17 -42.97 -44.25 33.97
CA SER J 17 -43.62 -43.01 33.59
C SER J 17 -44.37 -42.45 34.80
N LEU J 18 -44.47 -41.12 34.84
CA LEU J 18 -45.28 -40.45 35.86
C LEU J 18 -45.64 -39.05 35.39
N ARG J 19 -46.72 -38.51 35.95
CA ARG J 19 -47.16 -37.16 35.66
C ARG J 19 -47.18 -36.35 36.95
N LEU J 20 -46.57 -35.17 36.92
CA LEU J 20 -46.43 -34.32 38.10
C LEU J 20 -47.10 -32.99 37.82
N SER J 21 -47.96 -32.55 38.74
CA SER J 21 -48.75 -31.35 38.54
C SER J 21 -48.39 -30.30 39.60
N CYS J 22 -48.83 -29.07 39.32
CA CYS J 22 -48.52 -27.91 40.15
C CYS J 22 -49.69 -26.95 40.07
N ALA J 23 -50.42 -26.77 41.17
CA ALA J 23 -51.43 -25.73 41.25
C ALA J 23 -50.81 -24.47 41.83
N ALA J 24 -51.38 -23.32 41.49
CA ALA J 24 -50.84 -22.05 41.93
C ALA J 24 -51.97 -21.12 42.33
N SER J 25 -51.72 -20.32 43.37
CA SER J 25 -52.70 -19.33 43.82
C SER J 25 -51.96 -18.04 44.16
N GLY J 26 -52.38 -16.95 43.54
CA GLY J 26 -51.84 -15.64 43.84
C GLY J 26 -51.65 -14.71 42.66
N PHE J 27 -51.72 -15.23 41.44
CA PHE J 27 -51.48 -14.42 40.26
C PHE J 27 -52.28 -15.00 39.09
N THR J 28 -52.05 -14.44 37.90
CA THR J 28 -52.76 -14.81 36.69
C THR J 28 -51.84 -15.55 35.74
N PHE J 29 -52.32 -16.66 35.16
CA PHE J 29 -51.50 -17.42 34.23
C PHE J 29 -51.46 -16.85 32.82
N SER J 30 -52.09 -15.68 32.58
CA SER J 30 -52.17 -15.17 31.22
C SER J 30 -50.84 -14.63 30.73
N ASP J 31 -49.98 -14.17 31.65
CA ASP J 31 -48.83 -13.38 31.22
C ASP J 31 -47.51 -13.80 31.87
N TYR J 32 -47.45 -14.97 32.50
CA TYR J 32 -46.25 -15.38 33.23
C TYR J 32 -45.69 -16.68 32.68
N TYR J 33 -44.39 -16.68 32.40
CA TYR J 33 -43.70 -17.90 31.99
C TYR J 33 -43.50 -18.81 33.20
N MET J 34 -43.65 -20.11 32.98
CA MET J 34 -43.44 -21.09 34.05
C MET J 34 -42.16 -21.88 33.81
N ASP J 35 -41.68 -22.52 34.87
CA ASP J 35 -40.45 -23.32 34.80
C ASP J 35 -40.66 -24.67 35.48
N TRP J 36 -39.64 -25.50 35.35
CA TRP J 36 -39.49 -26.74 36.10
C TRP J 36 -38.02 -26.95 36.36
N VAL J 37 -37.65 -27.03 37.64
CA VAL J 37 -36.27 -27.11 38.10
C VAL J 37 -36.16 -28.26 39.10
N ARG J 38 -35.20 -29.15 38.91
CA ARG J 38 -35.01 -30.27 39.82
C ARG J 38 -33.68 -30.16 40.56
N GLN J 39 -33.63 -30.79 41.74
CA GLN J 39 -32.43 -30.87 42.54
C GLN J 39 -32.18 -32.32 42.92
N ALA J 40 -31.01 -32.82 42.57
CA ALA J 40 -30.63 -34.16 43.00
C ALA J 40 -30.27 -34.13 44.49
N PRO J 41 -30.49 -35.25 45.21
CA PRO J 41 -30.16 -35.28 46.64
C PRO J 41 -28.66 -35.19 46.90
N GLY J 42 -28.24 -34.08 47.52
CA GLY J 42 -26.84 -33.82 47.79
C GLY J 42 -26.08 -33.14 46.68
N LYS J 43 -26.71 -32.92 45.53
CA LYS J 43 -26.08 -32.31 44.36
C LYS J 43 -26.75 -30.98 44.05
N GLY J 44 -26.31 -30.37 42.96
CA GLY J 44 -26.78 -29.05 42.63
C GLY J 44 -28.17 -29.03 42.02
N LEU J 45 -28.81 -27.87 42.12
CA LEU J 45 -30.05 -27.61 41.41
C LEU J 45 -29.78 -27.52 39.91
N GLU J 46 -30.75 -27.94 39.11
CA GLU J 46 -30.60 -27.87 37.65
C GLU J 46 -31.95 -27.67 37.00
N TRP J 47 -31.94 -26.92 35.89
CA TRP J 47 -33.15 -26.59 35.16
C TRP J 47 -33.58 -27.75 34.27
N VAL J 48 -34.89 -27.93 34.15
CA VAL J 48 -35.46 -28.95 33.28
C VAL J 48 -36.22 -28.34 32.12
N SER J 49 -37.18 -27.47 32.41
CA SER J 49 -38.01 -26.96 31.32
C SER J 49 -38.57 -25.59 31.63
N ARG J 50 -39.15 -24.97 30.59
CA ARG J 50 -39.75 -23.65 30.67
C ARG J 50 -40.88 -23.59 29.65
N ILE J 51 -42.00 -22.99 30.03
CA ILE J 51 -43.12 -22.81 29.11
C ILE J 51 -43.52 -21.34 29.10
N SER J 52 -43.95 -20.86 27.93
CA SER J 52 -44.30 -19.46 27.72
C SER J 52 -45.71 -19.20 28.25
N ASN J 53 -46.24 -18.00 27.95
CA ASN J 53 -47.60 -17.67 28.31
C ASN J 53 -48.63 -18.30 27.40
N SER J 54 -48.20 -18.93 26.30
CA SER J 54 -49.12 -19.54 25.36
C SER J 54 -48.67 -20.93 24.90
N GLY J 55 -47.64 -21.51 25.50
CA GLY J 55 -47.29 -22.87 25.18
C GLY J 55 -46.10 -23.05 24.25
N ILE J 56 -45.04 -22.30 24.48
CA ILE J 56 -43.77 -22.47 23.76
C ILE J 56 -42.79 -23.10 24.75
N THR J 57 -42.44 -24.36 24.53
CA THR J 57 -41.70 -25.12 25.51
C THR J 57 -40.21 -25.12 25.20
N TRP J 58 -39.42 -25.15 26.27
CA TRP J 58 -37.97 -25.11 26.23
C TRP J 58 -37.48 -26.23 27.15
N TYR J 59 -36.63 -27.10 26.63
CA TYR J 59 -36.16 -28.24 27.41
C TYR J 59 -34.64 -28.23 27.51
N THR J 60 -34.14 -28.79 28.60
CA THR J 60 -32.72 -29.07 28.71
C THR J 60 -32.34 -30.19 27.75
N ASP J 61 -31.05 -30.28 27.44
CA ASP J 61 -30.58 -31.15 26.38
C ASP J 61 -30.32 -32.58 26.84
N SER J 62 -30.89 -32.99 27.97
CA SER J 62 -30.87 -34.38 28.38
C SER J 62 -32.23 -35.04 28.34
N VAL J 63 -33.30 -34.28 28.57
CA VAL J 63 -34.64 -34.85 28.54
C VAL J 63 -35.15 -35.03 27.11
N ARG J 64 -34.55 -34.32 26.15
CA ARG J 64 -34.49 -34.64 24.70
C ARG J 64 -35.83 -35.08 24.09
N GLY J 65 -36.93 -34.49 24.54
CA GLY J 65 -38.21 -34.92 24.03
C GLY J 65 -38.80 -36.14 24.71
N ARG J 66 -38.34 -36.49 25.91
CA ARG J 66 -39.02 -37.50 26.70
C ARG J 66 -40.04 -36.88 27.63
N PHE J 67 -39.77 -35.67 28.12
CA PHE J 67 -40.68 -34.99 29.04
C PHE J 67 -41.48 -33.95 28.26
N THR J 68 -42.76 -33.83 28.59
CA THR J 68 -43.60 -32.79 28.02
C THR J 68 -44.12 -31.92 29.14
N ILE J 69 -44.40 -30.66 28.83
CA ILE J 69 -45.00 -29.73 29.78
C ILE J 69 -46.26 -29.13 29.17
N PHE J 70 -47.35 -29.16 29.92
CA PHE J 70 -48.63 -28.63 29.50
C PHE J 70 -49.23 -27.78 30.60
N ARG J 71 -49.56 -26.54 30.29
CA ARG J 71 -50.09 -25.63 31.30
C ARG J 71 -51.56 -25.41 31.02
N ASP J 72 -52.42 -26.05 31.82
CA ASP J 72 -53.86 -25.91 31.67
C ASP J 72 -54.24 -24.57 32.26
N ASN J 73 -54.48 -23.60 31.38
CA ASN J 73 -54.84 -22.25 31.82
C ASN J 73 -56.28 -22.21 32.30
N ALA J 74 -57.12 -23.12 31.81
CA ALA J 74 -58.51 -23.17 32.26
C ALA J 74 -58.61 -23.77 33.66
N LYS J 75 -57.97 -24.92 33.87
CA LYS J 75 -57.94 -25.56 35.18
C LYS J 75 -56.76 -25.10 36.03
N ASN J 76 -56.04 -24.06 35.58
CA ASN J 76 -55.15 -23.24 36.40
C ASN J 76 -53.97 -24.03 36.98
N THR J 77 -53.50 -25.04 36.25
CA THR J 77 -52.41 -25.87 36.73
C THR J 77 -51.30 -25.97 35.70
N LEU J 78 -50.17 -26.49 36.15
CA LEU J 78 -48.96 -26.70 35.35
C LEU J 78 -48.62 -28.18 35.41
N TYR J 79 -48.26 -28.75 34.26
CA TYR J 79 -48.17 -30.19 34.10
C TYR J 79 -46.82 -30.56 33.52
N LEU J 80 -46.25 -31.64 34.04
CA LEU J 80 -45.01 -32.22 33.54
C LEU J 80 -45.21 -33.72 33.42
N GLN J 81 -45.34 -34.21 32.19
CA GLN J 81 -45.51 -35.62 31.93
C GLN J 81 -44.15 -36.22 31.58
N MET J 82 -43.83 -37.33 32.22
CA MET J 82 -42.53 -37.99 32.12
C MET J 82 -42.76 -39.37 31.55
N ASN J 83 -42.43 -39.57 30.29
CA ASN J 83 -42.46 -40.88 29.64
C ASN J 83 -41.03 -41.39 29.50
N SER J 84 -40.88 -42.72 29.64
CA SER J 84 -39.61 -43.45 29.52
C SER J 84 -38.58 -42.92 30.53
N LEU J 85 -38.89 -43.16 31.80
CA LEU J 85 -38.07 -42.64 32.90
C LEU J 85 -36.71 -43.32 32.96
N ARG J 86 -35.76 -42.58 33.52
CA ARG J 86 -34.37 -42.99 33.64
C ARG J 86 -34.01 -42.98 35.12
N ALA J 87 -32.98 -43.76 35.47
CA ALA J 87 -32.58 -43.90 36.87
C ALA J 87 -32.01 -42.60 37.43
N GLU J 88 -31.44 -41.75 36.59
CA GLU J 88 -30.90 -40.46 37.01
C GLU J 88 -31.95 -39.36 37.09
N ASP J 89 -33.24 -39.70 37.09
CA ASP J 89 -34.30 -38.73 37.23
C ASP J 89 -34.80 -38.64 38.68
N THR J 90 -34.20 -39.39 39.60
CA THR J 90 -34.55 -39.31 41.01
C THR J 90 -34.07 -37.99 41.58
N ALA J 91 -35.01 -37.14 41.99
CA ALA J 91 -34.69 -35.78 42.40
C ALA J 91 -35.84 -35.23 43.22
N VAL J 92 -35.80 -33.92 43.48
CA VAL J 92 -36.96 -33.17 43.94
C VAL J 92 -37.27 -32.11 42.89
N TYR J 93 -38.54 -32.03 42.50
CA TYR J 93 -38.97 -31.18 41.40
C TYR J 93 -39.69 -29.95 41.93
N TYR J 94 -39.53 -28.83 41.23
CA TYR J 94 -40.07 -27.54 41.63
C TYR J 94 -40.68 -26.85 40.42
N CYS J 95 -41.89 -26.32 40.60
CA CYS J 95 -42.48 -25.37 39.67
C CYS J 95 -42.27 -23.96 40.23
N THR J 96 -41.85 -23.04 39.37
CA THR J 96 -41.60 -21.67 39.79
C THR J 96 -42.43 -20.72 38.95
N LYS J 97 -42.50 -19.47 39.42
CA LYS J 97 -43.06 -18.38 38.64
C LYS J 97 -41.91 -17.47 38.23
N GLU J 98 -41.92 -17.01 36.99
CA GLU J 98 -40.88 -16.11 36.52
C GLU J 98 -41.34 -14.67 36.61
N SER J 99 -40.46 -13.81 37.13
CA SER J 99 -40.64 -12.38 37.03
C SER J 99 -39.96 -11.89 35.75
N ALA J 100 -39.93 -10.58 35.56
CA ALA J 100 -39.24 -10.01 34.41
C ALA J 100 -37.79 -9.69 34.73
N ALA J 101 -37.40 -9.74 35.99
CA ALA J 101 -36.06 -9.42 36.44
C ALA J 101 -35.21 -10.68 36.62
N ALA J 102 -35.76 -11.69 37.27
CA ALA J 102 -35.08 -12.98 37.41
C ALA J 102 -36.13 -14.08 37.41
N ILE J 103 -35.76 -15.22 36.86
CA ILE J 103 -36.64 -16.37 36.88
C ILE J 103 -36.59 -17.00 38.26
N GLY J 104 -37.59 -17.84 38.54
CA GLY J 104 -37.73 -18.40 39.87
C GLY J 104 -38.04 -17.33 40.91
N HIS J 105 -38.97 -16.44 40.60
CA HIS J 105 -39.34 -15.38 41.54
C HIS J 105 -40.00 -15.97 42.78
N TYR J 106 -41.01 -16.81 42.57
CA TYR J 106 -41.60 -17.62 43.63
C TYR J 106 -41.30 -19.07 43.36
N TRP J 107 -41.50 -19.92 44.37
CA TRP J 107 -40.94 -21.26 44.34
C TRP J 107 -41.93 -22.28 44.87
N GLY J 108 -42.08 -23.39 44.13
CA GLY J 108 -42.92 -24.47 44.59
C GLY J 108 -42.28 -25.25 45.73
N GLN J 109 -43.11 -26.07 46.38
CA GLN J 109 -42.67 -26.77 47.57
C GLN J 109 -41.80 -27.98 47.23
N GLY J 110 -42.02 -28.58 46.09
CA GLY J 110 -41.20 -29.70 45.67
C GLY J 110 -41.96 -31.02 45.72
N VAL J 111 -41.61 -31.92 44.82
CA VAL J 111 -42.06 -33.31 44.86
C VAL J 111 -40.83 -34.20 44.82
N LEU J 112 -40.66 -35.04 45.84
CA LEU J 112 -39.56 -35.99 45.90
C LEU J 112 -39.91 -37.19 45.04
N VAL J 113 -39.33 -37.24 43.85
CA VAL J 113 -39.54 -38.34 42.91
C VAL J 113 -38.35 -39.30 43.06
N THR J 114 -38.67 -40.53 43.43
CA THR J 114 -37.68 -41.61 43.54
C THR J 114 -38.00 -42.64 42.46
N VAL J 115 -37.17 -42.71 41.43
CA VAL J 115 -37.37 -43.64 40.33
C VAL J 115 -36.66 -44.93 40.74
N SER J 116 -37.38 -45.79 41.45
CA SER J 116 -36.79 -47.01 41.97
C SER J 116 -37.88 -48.06 42.20
N SER J 117 -37.51 -49.31 42.01
CA SER J 117 -38.44 -50.43 42.18
C SER J 117 -38.17 -51.18 43.47
N ASP K 1 -21.87 -25.66 26.25
CA ASP K 1 -22.78 -24.65 26.79
C ASP K 1 -22.02 -23.67 27.69
N ILE K 2 -22.77 -22.99 28.56
CA ILE K 2 -22.18 -21.99 29.45
C ILE K 2 -21.92 -22.64 30.79
N VAL K 3 -20.65 -22.67 31.20
CA VAL K 3 -20.22 -23.29 32.45
C VAL K 3 -20.13 -22.22 33.51
N MET K 4 -20.84 -22.43 34.62
CA MET K 4 -20.85 -21.51 35.76
C MET K 4 -20.06 -22.17 36.88
N THR K 5 -18.92 -21.58 37.25
CA THR K 5 -18.00 -22.19 38.20
C THR K 5 -17.83 -21.28 39.40
N GLN K 6 -18.23 -21.77 40.57
CA GLN K 6 -17.98 -21.05 41.82
C GLN K 6 -16.60 -21.41 42.33
N SER K 7 -15.85 -20.39 42.75
CA SER K 7 -14.43 -20.59 43.04
C SER K 7 -14.16 -21.30 44.38
N PRO K 8 -14.84 -21.01 45.50
CA PRO K 8 -14.68 -21.91 46.65
C PRO K 8 -15.74 -23.00 46.69
N ASP K 9 -15.42 -24.06 47.41
CA ASP K 9 -16.38 -25.13 47.63
C ASP K 9 -17.11 -24.99 48.95
N SER K 10 -16.50 -24.34 49.93
CA SER K 10 -17.13 -24.08 51.23
C SER K 10 -16.45 -22.89 51.87
N LEU K 11 -17.08 -22.36 52.92
CA LEU K 11 -16.54 -21.22 53.65
C LEU K 11 -17.11 -21.27 55.06
N ALA K 12 -16.31 -21.74 56.02
CA ALA K 12 -16.72 -21.85 57.41
C ALA K 12 -16.02 -20.75 58.20
N VAL K 13 -16.78 -19.72 58.56
CA VAL K 13 -16.25 -18.55 59.26
C VAL K 13 -16.99 -18.36 60.58
N SER K 14 -16.62 -17.32 61.31
CA SER K 14 -17.36 -16.90 62.49
C SER K 14 -18.49 -15.96 62.08
N LEU K 15 -19.33 -15.61 63.05
CA LEU K 15 -20.54 -14.84 62.79
C LEU K 15 -20.34 -13.40 63.22
N GLY K 16 -20.78 -12.46 62.40
CA GLY K 16 -20.68 -11.05 62.69
C GLY K 16 -19.82 -10.30 61.69
N GLU K 17 -18.73 -10.91 61.26
CA GLU K 17 -17.84 -10.30 60.29
C GLU K 17 -18.31 -10.59 58.87
N ARG K 18 -17.79 -9.82 57.92
CA ARG K 18 -18.19 -9.96 56.53
C ARG K 18 -17.44 -11.11 55.86
N VAL K 19 -18.00 -11.60 54.76
CA VAL K 19 -17.34 -12.52 53.85
C VAL K 19 -17.54 -12.03 52.42
N THR K 20 -17.01 -12.80 51.47
CA THR K 20 -17.20 -12.53 50.06
C THR K 20 -17.11 -13.84 49.29
N LEU K 21 -17.87 -13.93 48.20
CA LEU K 21 -17.89 -15.13 47.37
C LEU K 21 -17.88 -14.71 45.90
N ASN K 22 -17.43 -15.62 45.05
CA ASN K 22 -17.24 -15.35 43.64
C ASN K 22 -17.85 -16.45 42.78
N CYS K 23 -18.33 -16.05 41.60
CA CYS K 23 -18.79 -16.97 40.59
C CYS K 23 -18.24 -16.51 39.25
N LYS K 24 -17.47 -17.36 38.60
CA LYS K 24 -16.93 -17.10 37.27
C LYS K 24 -17.81 -17.76 36.22
N SER K 25 -17.90 -17.11 35.07
CA SER K 25 -18.67 -17.63 33.95
C SER K 25 -17.74 -17.94 32.79
N SER K 26 -18.08 -18.99 32.04
CA SER K 26 -17.31 -19.35 30.86
C SER K 26 -17.62 -18.47 29.67
N GLN K 27 -18.56 -17.54 29.82
CA GLN K 27 -19.04 -16.69 28.73
C GLN K 27 -19.55 -15.39 29.33
N SER K 28 -19.21 -14.27 28.67
CA SER K 28 -19.56 -12.94 29.18
C SER K 28 -21.07 -12.73 29.09
N LEU K 29 -21.70 -12.61 30.26
CA LEU K 29 -23.14 -12.53 30.36
C LEU K 29 -23.67 -11.11 30.21
N LEU K 30 -22.80 -10.13 30.00
CA LEU K 30 -23.20 -8.74 29.90
C LEU K 30 -23.93 -8.51 28.58
N ALA K 31 -25.25 -8.30 28.65
CA ALA K 31 -26.04 -8.01 27.47
C ALA K 31 -25.69 -6.62 26.95
N SER K 32 -25.17 -6.55 25.72
CA SER K 32 -24.73 -5.28 25.16
C SER K 32 -25.90 -4.37 24.81
N SER K 33 -27.08 -4.94 24.52
CA SER K 33 -28.22 -4.12 24.15
C SER K 33 -28.80 -3.40 25.37
N ASN K 34 -29.14 -4.15 26.42
CA ASN K 34 -29.74 -3.57 27.62
C ASN K 34 -28.72 -2.89 28.52
N ASN K 35 -27.42 -3.16 28.32
CA ASN K 35 -26.32 -2.73 29.18
C ASN K 35 -26.51 -3.17 30.64
N LYS K 36 -27.19 -4.30 30.83
CA LYS K 36 -27.43 -4.86 32.15
C LYS K 36 -27.15 -6.35 32.09
N ASN K 37 -26.86 -6.94 33.25
CA ASN K 37 -26.16 -8.20 33.30
C ASN K 37 -27.00 -9.24 34.01
N TYR K 38 -26.73 -10.52 33.75
CA TYR K 38 -27.69 -11.60 34.01
C TYR K 38 -27.14 -12.61 35.02
N LEU K 39 -27.30 -12.31 36.30
CA LEU K 39 -27.06 -13.27 37.37
C LEU K 39 -28.25 -13.31 38.30
N ALA K 40 -28.62 -14.51 38.69
CA ALA K 40 -29.53 -14.75 39.80
C ALA K 40 -28.71 -15.39 40.90
N TRP K 41 -28.48 -14.64 41.98
CA TRP K 41 -27.90 -15.22 43.19
C TRP K 41 -29.03 -15.71 44.06
N TYR K 42 -29.04 -17.02 44.31
CA TYR K 42 -30.05 -17.73 45.08
C TYR K 42 -29.51 -18.16 46.43
N TYR K 43 -30.44 -18.49 47.32
CA TYR K 43 -30.13 -18.94 48.67
C TYR K 43 -31.03 -20.10 49.03
N GLN K 44 -30.46 -21.29 49.18
CA GLN K 44 -31.20 -22.47 49.58
C GLN K 44 -30.79 -22.89 50.99
N LYS K 45 -31.80 -23.03 51.85
CA LYS K 45 -31.65 -23.55 53.20
C LYS K 45 -31.61 -25.08 53.15
N PRO K 46 -31.22 -25.74 54.25
CA PRO K 46 -31.35 -27.21 54.30
C PRO K 46 -32.82 -27.62 54.31
N GLY K 47 -33.20 -28.43 53.32
CA GLY K 47 -34.54 -28.96 53.24
C GLY K 47 -35.61 -27.97 52.83
N GLN K 48 -35.22 -26.86 52.20
CA GLN K 48 -36.16 -25.80 51.85
C GLN K 48 -36.06 -25.47 50.37
N ALA K 49 -37.14 -24.91 49.84
CA ALA K 49 -37.12 -24.36 48.51
C ALA K 49 -36.29 -23.08 48.49
N PRO K 50 -35.45 -22.87 47.47
CA PRO K 50 -34.58 -21.70 47.44
C PRO K 50 -35.37 -20.41 47.21
N LYS K 51 -34.69 -19.30 47.44
CA LYS K 51 -35.25 -17.99 47.15
C LYS K 51 -34.17 -17.15 46.47
N LEU K 52 -34.63 -16.14 45.75
CA LEU K 52 -33.72 -15.19 45.12
C LEU K 52 -33.06 -14.30 46.16
N LEU K 53 -31.82 -13.91 45.88
CA LEU K 53 -31.19 -12.82 46.61
C LEU K 53 -30.86 -11.65 45.70
N ILE K 54 -30.17 -11.90 44.60
CA ILE K 54 -29.69 -10.84 43.72
C ILE K 54 -30.22 -11.09 42.31
N TYR K 55 -30.91 -10.10 41.75
CA TYR K 55 -31.32 -10.12 40.36
C TYR K 55 -30.67 -8.97 39.60
N TRP K 56 -30.64 -9.11 38.26
CA TRP K 56 -29.91 -8.24 37.33
C TRP K 56 -28.42 -8.11 37.70
N ALA K 57 -27.88 -9.15 38.34
CA ALA K 57 -26.49 -9.30 38.81
C ALA K 57 -26.03 -8.28 39.85
N SER K 58 -26.89 -7.31 40.20
CA SER K 58 -26.53 -6.32 41.22
C SER K 58 -27.64 -6.03 42.23
N THR K 59 -28.91 -6.19 41.88
CA THR K 59 -30.00 -5.61 42.66
C THR K 59 -30.58 -6.65 43.61
N ARG K 60 -30.75 -6.26 44.87
CA ARG K 60 -31.32 -7.11 45.90
C ARG K 60 -32.83 -7.24 45.72
N GLU K 61 -33.37 -8.35 46.22
CA GLU K 61 -34.80 -8.57 46.16
C GLU K 61 -35.48 -7.86 47.32
N SER K 62 -36.75 -7.52 47.14
CA SER K 62 -37.59 -7.07 48.25
C SER K 62 -37.73 -8.18 49.28
N GLY K 63 -37.72 -7.79 50.56
CA GLY K 63 -37.64 -8.73 51.65
C GLY K 63 -36.22 -9.08 52.07
N VAL K 64 -35.23 -8.73 51.26
CA VAL K 64 -33.82 -8.93 51.60
C VAL K 64 -33.27 -7.62 52.13
N PRO K 65 -32.64 -7.61 53.31
CA PRO K 65 -32.12 -6.35 53.86
C PRO K 65 -30.87 -5.84 53.16
N ASN K 66 -30.35 -4.72 53.63
CA ASN K 66 -29.27 -3.98 52.98
C ASN K 66 -27.90 -4.63 53.13
N ARG K 67 -27.80 -5.79 53.77
CA ARG K 67 -26.50 -6.35 54.10
C ARG K 67 -25.92 -7.25 52.99
N PHE K 68 -26.56 -7.30 51.83
CA PHE K 68 -26.04 -8.05 50.70
C PHE K 68 -25.64 -7.10 49.59
N SER K 69 -24.71 -7.53 48.74
CA SER K 69 -24.35 -6.73 47.57
C SER K 69 -23.88 -7.66 46.46
N GLY K 70 -24.68 -7.77 45.40
CA GLY K 70 -24.21 -8.36 44.16
C GLY K 70 -23.40 -7.32 43.40
N SER K 71 -22.25 -7.73 42.89
CA SER K 71 -21.28 -6.78 42.36
C SER K 71 -20.54 -7.40 41.19
N GLY K 72 -20.04 -6.54 40.32
CA GLY K 72 -19.23 -6.97 39.20
C GLY K 72 -20.04 -7.15 37.93
N SER K 73 -19.37 -6.90 36.80
CA SER K 73 -19.98 -7.11 35.50
C SER K 73 -19.04 -7.93 34.63
N GLY K 74 -19.38 -8.08 33.36
CA GLY K 74 -18.54 -8.85 32.45
C GLY K 74 -18.71 -10.34 32.63
N SER K 75 -17.67 -11.00 33.15
CA SER K 75 -17.66 -12.46 33.24
C SER K 75 -17.46 -13.00 34.65
N ASP K 76 -16.95 -12.20 35.59
CA ASP K 76 -16.66 -12.66 36.94
C ASP K 76 -17.43 -11.80 37.93
N PHE K 77 -18.09 -12.46 38.89
CA PHE K 77 -19.13 -11.82 39.68
C PHE K 77 -18.91 -12.11 41.15
N THR K 78 -19.35 -11.20 42.01
CA THR K 78 -19.02 -11.25 43.42
C THR K 78 -20.23 -10.95 44.27
N LEU K 79 -20.58 -11.87 45.15
CA LEU K 79 -21.59 -11.62 46.18
C LEU K 79 -20.87 -11.32 47.47
N THR K 80 -20.97 -10.07 47.94
CA THR K 80 -20.32 -9.63 49.16
C THR K 80 -21.36 -9.43 50.24
N ILE K 81 -21.16 -10.10 51.36
CA ILE K 81 -21.98 -9.94 52.54
C ILE K 81 -21.32 -8.85 53.37
N SER K 82 -22.09 -8.09 54.14
CA SER K 82 -21.51 -7.12 55.06
C SER K 82 -21.56 -7.59 56.51
N GLY K 83 -22.62 -8.31 56.89
CA GLY K 83 -22.71 -8.86 58.23
C GLY K 83 -23.39 -10.21 58.24
N LEU K 84 -22.72 -11.22 58.78
CA LEU K 84 -23.25 -12.57 58.78
C LEU K 84 -24.26 -12.75 59.92
N GLN K 85 -25.37 -13.43 59.60
CA GLN K 85 -26.39 -13.76 60.57
C GLN K 85 -26.51 -15.29 60.67
N ALA K 86 -27.26 -15.74 61.68
CA ALA K 86 -27.53 -17.16 61.82
C ALA K 86 -28.57 -17.65 60.83
N GLU K 87 -29.39 -16.75 60.30
CA GLU K 87 -30.37 -17.07 59.27
C GLU K 87 -29.75 -17.22 57.89
N ASP K 88 -28.48 -16.87 57.73
CA ASP K 88 -27.85 -16.78 56.41
C ASP K 88 -26.97 -17.97 56.07
N VAL K 89 -26.65 -18.82 57.04
CA VAL K 89 -25.56 -19.81 56.85
C VAL K 89 -26.18 -21.06 56.23
N ALA K 90 -26.32 -21.00 54.91
CA ALA K 90 -26.70 -22.14 54.08
C ALA K 90 -26.19 -21.86 52.66
N VAL K 91 -26.67 -22.61 51.68
CA VAL K 91 -26.00 -22.68 50.39
C VAL K 91 -26.39 -21.49 49.53
N TYR K 92 -25.39 -20.85 48.91
CA TYR K 92 -25.62 -19.83 47.88
C TYR K 92 -25.48 -20.46 46.49
N TYR K 93 -26.12 -19.81 45.51
CA TYR K 93 -26.04 -20.26 44.13
C TYR K 93 -25.91 -19.07 43.20
N CYS K 94 -25.18 -19.26 42.10
CA CYS K 94 -25.14 -18.30 41.01
C CYS K 94 -25.78 -18.96 39.79
N GLN K 95 -26.58 -18.18 39.06
CA GLN K 95 -27.28 -18.68 37.89
C GLN K 95 -27.17 -17.69 36.75
N GLN K 96 -26.78 -18.16 35.57
CA GLN K 96 -26.97 -17.39 34.36
C GLN K 96 -28.38 -17.65 33.85
N TYR K 97 -29.07 -16.58 33.49
CA TYR K 97 -30.30 -16.68 32.71
C TYR K 97 -30.18 -15.95 31.38
N TYR K 98 -29.00 -16.02 30.78
CA TYR K 98 -28.75 -15.38 29.49
C TYR K 98 -29.22 -16.27 28.34
N THR K 99 -29.00 -17.58 28.44
CA THR K 99 -29.45 -18.50 27.40
C THR K 99 -30.07 -19.75 28.00
N THR K 100 -30.62 -20.56 27.13
CA THR K 100 -30.92 -21.97 27.27
C THR K 100 -29.67 -22.77 26.91
N PRO K 101 -29.28 -23.78 27.71
CA PRO K 101 -29.85 -24.27 28.97
C PRO K 101 -29.46 -23.45 30.19
N LEU K 102 -30.43 -23.29 31.08
CA LEU K 102 -30.20 -22.56 32.31
C LEU K 102 -29.35 -23.40 33.25
N THR K 103 -28.11 -22.96 33.47
CA THR K 103 -27.17 -23.70 34.29
C THR K 103 -26.92 -22.91 35.58
N PHE K 104 -26.68 -23.64 36.67
CA PHE K 104 -26.46 -22.99 37.95
C PHE K 104 -24.99 -23.13 38.33
N GLY K 105 -24.65 -22.53 39.47
CA GLY K 105 -23.32 -22.72 40.03
C GLY K 105 -23.21 -24.03 40.78
N GLY K 106 -22.01 -24.26 41.35
CA GLY K 106 -21.78 -25.47 42.10
C GLY K 106 -22.43 -25.47 43.47
N GLY K 107 -22.50 -24.31 44.11
CA GLY K 107 -23.10 -24.22 45.43
C GLY K 107 -22.07 -24.15 46.54
N THR K 108 -21.79 -22.95 47.04
CA THR K 108 -20.84 -22.75 48.12
C THR K 108 -21.58 -22.81 49.45
N LYS K 109 -21.35 -23.89 50.21
CA LYS K 109 -22.04 -24.10 51.47
C LYS K 109 -21.31 -23.35 52.57
N VAL K 110 -21.88 -22.22 52.97
CA VAL K 110 -21.32 -21.41 54.05
C VAL K 110 -21.96 -21.84 55.36
N GLU K 111 -21.11 -22.20 56.34
CA GLU K 111 -21.57 -22.56 57.68
C GLU K 111 -20.72 -21.83 58.71
N ILE K 112 -20.97 -22.13 59.98
CA ILE K 112 -20.32 -21.46 61.10
C ILE K 112 -19.12 -22.27 61.56
N LYS K 113 -17.98 -21.61 61.68
CA LYS K 113 -16.83 -22.19 62.36
C LYS K 113 -16.68 -21.57 63.74
N GLN L 1 45.33 -63.13 44.59
CA GLN L 1 46.53 -62.36 44.30
C GLN L 1 46.86 -62.45 42.82
N VAL L 2 46.86 -61.31 42.15
CA VAL L 2 47.12 -61.23 40.71
C VAL L 2 48.29 -60.29 40.46
N HIS L 3 49.28 -60.79 39.72
CA HIS L 3 50.37 -59.97 39.19
C HIS L 3 50.63 -60.42 37.76
N LEU L 4 51.74 -59.96 37.19
CA LEU L 4 52.09 -60.28 35.82
C LEU L 4 53.57 -60.66 35.75
N GLN L 5 54.00 -61.11 34.56
CA GLN L 5 55.38 -61.56 34.39
C GLN L 5 55.73 -61.45 32.89
N GLU L 6 56.48 -60.42 32.53
CA GLU L 6 56.87 -60.27 31.14
C GLU L 6 58.08 -61.16 30.82
N SER L 7 58.36 -61.28 29.53
CA SER L 7 59.55 -61.96 29.05
C SER L 7 59.88 -61.44 27.66
N GLY L 8 61.14 -61.04 27.47
CA GLY L 8 61.63 -60.51 26.22
C GLY L 8 63.14 -60.62 26.13
N PRO L 9 63.75 -60.09 25.05
CA PRO L 9 65.18 -60.30 24.84
C PRO L 9 66.09 -59.45 25.71
N GLY L 10 65.71 -58.19 25.95
CA GLY L 10 66.56 -57.30 26.71
C GLY L 10 67.52 -56.51 25.83
N LEU L 11 68.37 -57.21 25.10
CA LEU L 11 69.29 -56.60 24.14
C LEU L 11 68.68 -56.72 22.75
N VAL L 12 68.42 -55.57 22.14
CA VAL L 12 67.56 -55.48 20.95
C VAL L 12 68.37 -54.96 19.77
N LYS L 13 68.31 -55.67 18.66
CA LYS L 13 68.97 -55.39 17.38
C LYS L 13 67.96 -54.84 16.38
N PRO L 14 68.33 -53.81 15.61
CA PRO L 14 67.36 -53.14 14.73
C PRO L 14 67.04 -53.98 13.50
N SER L 15 66.03 -53.49 12.75
CA SER L 15 65.51 -54.10 11.52
C SER L 15 65.11 -55.56 11.74
N GLU L 16 64.33 -55.78 12.80
CA GLU L 16 64.06 -57.13 13.27
C GLU L 16 62.68 -57.17 13.90
N THR L 17 61.95 -58.27 13.67
CA THR L 17 60.70 -58.50 14.37
C THR L 17 60.98 -58.76 15.85
N LEU L 18 60.30 -58.00 16.71
CA LEU L 18 60.49 -58.08 18.15
C LEU L 18 59.38 -58.95 18.74
N SER L 19 59.67 -59.60 19.87
CA SER L 19 58.69 -60.47 20.49
C SER L 19 58.67 -60.23 22.00
N LEU L 20 57.47 -60.40 22.57
CA LEU L 20 57.28 -60.36 24.02
C LEU L 20 56.19 -61.35 24.39
N THR L 21 56.38 -62.05 25.50
CA THR L 21 55.31 -62.87 26.05
C THR L 21 55.03 -62.44 27.49
N CYS L 22 53.76 -62.59 27.89
CA CYS L 22 53.30 -62.21 29.21
C CYS L 22 52.67 -63.43 29.88
N ASN L 23 53.33 -63.94 30.91
CA ASN L 23 52.77 -64.96 31.77
C ASN L 23 51.64 -64.38 32.62
N VAL L 24 50.89 -65.26 33.26
CA VAL L 24 49.73 -64.85 34.05
C VAL L 24 49.98 -65.17 35.51
N SER L 25 49.04 -64.79 36.38
CA SER L 25 49.12 -65.12 37.80
C SER L 25 47.68 -65.31 38.29
N GLY L 26 47.24 -66.56 38.30
CA GLY L 26 45.89 -66.89 38.72
C GLY L 26 44.85 -66.71 37.63
N THR L 27 44.68 -65.48 37.17
CA THR L 27 43.69 -65.19 36.13
C THR L 27 44.13 -65.78 34.79
N LEU L 28 43.25 -66.57 34.18
CA LEU L 28 43.57 -67.24 32.93
C LEU L 28 43.45 -66.28 31.75
N VAL L 29 44.09 -66.66 30.64
CA VAL L 29 44.16 -65.80 29.47
C VAL L 29 42.83 -65.76 28.71
N ARG L 30 41.99 -66.79 28.86
CA ARG L 30 40.76 -66.88 28.10
C ARG L 30 39.72 -65.85 28.54
N ASP L 31 39.69 -65.53 29.84
CA ASP L 31 38.58 -64.76 30.40
C ASP L 31 38.67 -63.28 30.05
N ASN L 32 39.73 -62.61 30.51
CA ASN L 32 39.77 -61.16 30.54
C ASN L 32 40.45 -60.62 29.28
N TYR L 33 40.20 -59.33 29.00
CA TYR L 33 40.90 -58.60 27.95
C TYR L 33 42.39 -58.50 28.27
N TRP L 34 43.15 -58.08 27.27
CA TRP L 34 44.58 -57.87 27.48
C TRP L 34 45.01 -56.59 26.79
N SER L 35 46.17 -56.09 27.20
CA SER L 35 46.70 -54.85 26.65
C SER L 35 48.21 -54.85 26.80
N TRP L 36 48.85 -54.08 25.91
CA TRP L 36 50.27 -53.78 26.00
C TRP L 36 50.43 -52.27 25.98
N ILE L 37 51.34 -51.79 26.82
CA ILE L 37 51.58 -50.37 27.10
C ILE L 37 53.08 -50.16 27.14
N ARG L 38 53.59 -49.22 26.35
CA ARG L 38 55.02 -48.92 26.38
C ARG L 38 55.28 -47.53 26.94
N GLN L 39 56.45 -47.36 27.58
CA GLN L 39 56.82 -46.07 28.13
C GLN L 39 58.31 -45.84 27.95
N PRO L 40 58.72 -44.69 27.39
CA PRO L 40 60.15 -44.36 27.32
C PRO L 40 60.71 -43.94 28.67
N LEU L 41 61.97 -43.52 28.70
CA LEU L 41 62.57 -43.02 29.93
C LEU L 41 62.14 -41.57 30.14
N GLY L 42 61.52 -41.31 31.29
CA GLY L 42 61.09 -39.96 31.63
C GLY L 42 59.99 -39.40 30.76
N LYS L 43 59.10 -40.25 30.24
CA LYS L 43 58.04 -39.82 29.34
C LYS L 43 56.71 -40.41 29.81
N GLN L 44 55.63 -39.89 29.24
CA GLN L 44 54.32 -40.47 29.49
C GLN L 44 54.17 -41.75 28.67
N PRO L 45 53.39 -42.73 29.16
CA PRO L 45 53.30 -44.01 28.45
C PRO L 45 52.49 -43.90 27.17
N GLU L 46 52.77 -44.84 26.27
CA GLU L 46 52.09 -44.94 24.98
C GLU L 46 51.43 -46.31 24.92
N TRP L 47 50.10 -46.32 25.00
CA TRP L 47 49.34 -47.58 25.03
C TRP L 47 49.35 -48.20 23.64
N ILE L 48 50.05 -49.34 23.52
CA ILE L 48 50.19 -50.01 22.24
C ILE L 48 48.85 -50.56 21.78
N GLY L 49 48.17 -51.32 22.63
CA GLY L 49 46.86 -51.80 22.20
C GLY L 49 46.21 -52.85 23.07
N TYR L 50 44.90 -53.00 22.94
CA TYR L 50 44.15 -54.01 23.67
C TYR L 50 43.72 -55.10 22.69
N VAL L 51 43.90 -56.35 23.12
CA VAL L 51 43.56 -57.51 22.29
C VAL L 51 42.81 -58.52 23.16
N HIS L 52 41.95 -59.30 22.51
CA HIS L 52 41.14 -60.35 23.11
C HIS L 52 40.63 -61.23 21.98
N ASP L 53 40.18 -62.43 22.33
CA ASP L 53 39.54 -63.36 21.41
C ASP L 53 38.28 -62.74 20.79
N SER L 54 37.90 -63.29 19.62
CA SER L 54 36.65 -62.99 18.90
C SER L 54 36.58 -61.53 18.47
N GLY L 55 37.52 -61.14 17.62
CA GLY L 55 37.44 -59.88 16.90
C GLY L 55 37.87 -58.66 17.67
N ASP L 56 38.14 -58.78 18.98
CA ASP L 56 38.57 -57.64 19.79
C ASP L 56 40.05 -57.39 19.49
N THR L 57 40.29 -56.70 18.37
CA THR L 57 41.63 -56.53 17.80
C THR L 57 41.83 -55.07 17.39
N ASN L 58 41.56 -54.15 18.32
CA ASN L 58 41.70 -52.72 18.05
C ASN L 58 43.07 -52.26 18.51
N TYR L 59 43.81 -51.61 17.61
CA TYR L 59 45.21 -51.27 17.81
C TYR L 59 45.40 -49.76 17.77
N ASN L 60 46.67 -49.34 17.82
CA ASN L 60 47.03 -47.93 17.83
C ASN L 60 47.06 -47.40 16.41
N PRO L 61 46.40 -46.27 16.12
CA PRO L 61 46.55 -45.63 14.80
C PRO L 61 47.93 -45.04 14.53
N SER L 62 48.87 -45.10 15.47
CA SER L 62 50.25 -44.75 15.13
C SER L 62 50.88 -45.83 14.27
N LEU L 63 50.61 -47.10 14.56
CA LEU L 63 51.25 -48.16 13.80
C LEU L 63 50.38 -48.71 12.67
N LYS L 64 49.30 -49.42 13.04
CA LYS L 64 48.26 -50.01 12.18
C LYS L 64 48.71 -51.09 11.19
N SER L 65 50.02 -51.31 11.04
CA SER L 65 50.49 -52.23 10.01
C SER L 65 51.68 -53.09 10.42
N ARG L 66 52.38 -52.78 11.50
CA ARG L 66 53.62 -53.47 11.84
C ARG L 66 53.60 -54.05 13.25
N VAL L 67 52.42 -54.27 13.81
CA VAL L 67 52.30 -54.86 15.14
C VAL L 67 51.23 -55.94 15.09
N HIS L 68 51.42 -56.99 15.89
CA HIS L 68 50.49 -58.12 15.97
C HIS L 68 50.39 -58.55 17.42
N LEU L 69 49.24 -58.27 18.02
CA LEU L 69 48.94 -58.72 19.38
C LEU L 69 48.04 -59.95 19.29
N SER L 70 48.34 -60.96 20.10
CA SER L 70 47.53 -62.17 20.16
C SER L 70 47.74 -62.82 21.51
N LEU L 71 47.22 -64.02 21.67
CA LEU L 71 47.38 -64.78 22.90
C LEU L 71 48.13 -66.06 22.58
N ASP L 72 48.36 -66.86 23.62
CA ASP L 72 48.89 -68.21 23.50
C ASP L 72 48.06 -69.01 24.50
N LYS L 73 46.93 -69.53 24.03
CA LYS L 73 45.99 -70.19 24.91
C LYS L 73 46.38 -71.64 25.20
N SER L 74 47.28 -72.20 24.40
CA SER L 74 47.83 -73.52 24.71
C SER L 74 48.77 -73.47 25.91
N LYS L 75 49.37 -72.31 26.17
CA LYS L 75 50.33 -72.16 27.24
C LYS L 75 49.89 -71.23 28.36
N ASN L 76 48.74 -70.55 28.19
CA ASN L 76 48.23 -69.51 29.09
C ASN L 76 49.21 -68.33 29.18
N LEU L 77 49.54 -67.80 27.99
CA LEU L 77 50.41 -66.63 27.84
C LEU L 77 49.77 -65.61 26.91
N VAL L 78 50.37 -64.42 26.86
CA VAL L 78 49.96 -63.34 25.96
C VAL L 78 51.15 -63.03 25.06
N SER L 79 50.90 -62.70 23.78
CA SER L 79 51.98 -62.51 22.83
C SER L 79 51.87 -61.17 22.13
N LEU L 80 52.99 -60.47 22.03
CA LEU L 80 53.13 -59.29 21.17
C LEU L 80 54.29 -59.51 20.20
N ARG L 81 54.06 -59.11 18.95
CA ARG L 81 55.06 -59.15 17.89
C ARG L 81 55.13 -57.78 17.22
N LEU L 82 56.34 -57.35 16.91
CA LEU L 82 56.60 -56.01 16.42
C LEU L 82 57.50 -56.10 15.20
N THR L 83 57.47 -55.04 14.37
CA THR L 83 58.24 -55.00 13.14
C THR L 83 58.89 -53.63 13.00
N GLY L 84 60.18 -53.61 12.72
CA GLY L 84 60.87 -52.35 12.47
C GLY L 84 61.26 -51.57 13.71
N VAL L 85 62.17 -52.13 14.51
CA VAL L 85 62.64 -51.46 15.72
C VAL L 85 63.53 -50.28 15.33
N THR L 86 63.18 -49.10 15.83
CA THR L 86 63.94 -47.88 15.61
C THR L 86 64.44 -47.35 16.96
N ALA L 87 65.00 -46.13 16.94
CA ALA L 87 65.53 -45.52 18.15
C ALA L 87 64.43 -45.05 19.09
N ALA L 88 63.24 -44.74 18.57
CA ALA L 88 62.11 -44.39 19.42
C ALA L 88 61.53 -45.58 20.15
N ASP L 89 61.80 -46.80 19.67
CA ASP L 89 61.30 -48.01 20.29
C ASP L 89 62.06 -48.40 21.55
N SER L 90 63.13 -47.70 21.89
CA SER L 90 63.86 -47.96 23.12
C SER L 90 63.01 -47.50 24.30
N ALA L 91 62.31 -48.44 24.93
CA ALA L 91 61.33 -48.13 25.95
C ALA L 91 61.08 -49.38 26.76
N ILE L 92 60.57 -49.21 27.98
CA ILE L 92 60.18 -50.37 28.78
C ILE L 92 58.72 -50.70 28.48
N TYR L 93 58.46 -51.97 28.22
CA TYR L 93 57.15 -52.41 27.76
C TYR L 93 56.47 -53.22 28.86
N TYR L 94 55.13 -53.15 28.87
CA TYR L 94 54.28 -53.69 29.93
C TYR L 94 53.13 -54.44 29.30
N CYS L 95 52.79 -55.59 29.87
CA CYS L 95 51.49 -56.21 29.64
C CYS L 95 50.54 -55.79 30.75
N ALA L 96 49.24 -55.92 30.49
CA ALA L 96 48.23 -55.53 31.46
C ALA L 96 46.91 -56.25 31.14
N THR L 97 46.13 -56.49 32.18
CA THR L 97 44.72 -56.82 31.99
C THR L 97 43.95 -55.52 32.05
N THR L 98 43.16 -55.24 31.03
CA THR L 98 42.31 -54.06 31.06
C THR L 98 40.87 -54.49 31.26
N LYS L 99 40.05 -53.51 31.63
CA LYS L 99 38.60 -53.70 31.72
C LYS L 99 37.94 -52.48 31.09
N HIS L 100 36.62 -52.58 30.94
CA HIS L 100 35.88 -51.59 30.19
C HIS L 100 34.73 -51.03 31.01
N GLY L 101 33.89 -50.25 30.34
CA GLY L 101 32.71 -49.68 30.96
C GLY L 101 31.93 -48.91 29.92
N ARG L 102 30.86 -48.27 30.37
CA ARG L 102 30.06 -47.42 29.50
C ARG L 102 29.91 -46.05 30.14
N ARG L 103 30.04 -45.00 29.32
CA ARG L 103 29.78 -43.64 29.73
C ARG L 103 28.63 -43.12 28.88
N ILE L 104 27.48 -42.89 29.50
CA ILE L 104 26.24 -42.57 28.80
C ILE L 104 25.91 -41.11 29.05
N TYR L 105 25.62 -40.39 27.97
CA TYR L 105 25.31 -38.97 28.04
C TYR L 105 24.05 -38.61 27.27
N GLY L 106 23.37 -39.58 26.70
CA GLY L 106 22.16 -39.32 25.94
C GLY L 106 21.36 -40.59 25.80
N VAL L 107 20.55 -40.65 24.73
CA VAL L 107 19.74 -41.82 24.47
C VAL L 107 20.64 -42.99 24.07
N VAL L 108 20.47 -44.12 24.76
CA VAL L 108 21.29 -45.29 24.49
C VAL L 108 20.95 -45.87 23.11
N ALA L 109 19.68 -45.78 22.69
CA ALA L 109 19.26 -46.28 21.40
C ALA L 109 19.82 -45.48 20.23
N PHE L 110 20.24 -44.24 20.46
CA PHE L 110 20.83 -43.40 19.43
C PHE L 110 22.34 -43.52 19.37
N LYS L 111 22.91 -44.55 20.02
CA LYS L 111 24.36 -44.80 20.12
C LYS L 111 25.09 -43.61 20.76
N GLU L 112 24.44 -42.96 21.72
CA GLU L 112 25.03 -41.81 22.40
C GLU L 112 25.69 -42.25 23.71
N TRP L 113 26.73 -43.07 23.55
CA TRP L 113 27.53 -43.60 24.64
C TRP L 113 28.84 -44.11 24.06
N PHE L 114 29.88 -44.16 24.88
CA PHE L 114 31.16 -44.69 24.46
C PHE L 114 31.74 -45.58 25.56
N THR L 115 32.74 -46.37 25.19
CA THR L 115 33.40 -47.27 26.12
C THR L 115 34.76 -46.70 26.52
N TYR L 116 34.98 -46.56 27.81
CA TYR L 116 36.32 -46.31 28.31
C TYR L 116 37.03 -47.64 28.52
N PHE L 117 38.31 -47.56 28.86
CA PHE L 117 39.10 -48.73 29.20
C PHE L 117 40.09 -48.32 30.28
N TYR L 118 40.23 -49.15 31.30
CA TYR L 118 41.12 -48.85 32.40
C TYR L 118 41.99 -50.07 32.70
N MET L 119 43.27 -49.82 32.95
CA MET L 119 44.21 -50.83 33.38
C MET L 119 44.38 -50.69 34.88
N ASP L 120 43.82 -51.62 35.65
CA ASP L 120 43.95 -51.56 37.09
C ASP L 120 45.21 -52.26 37.59
N VAL L 121 45.53 -53.44 37.05
CA VAL L 121 46.84 -54.03 37.28
C VAL L 121 47.79 -53.46 36.25
N TRP L 122 49.08 -53.66 36.47
CA TRP L 122 50.09 -53.31 35.49
C TRP L 122 51.15 -54.39 35.54
N GLY L 123 52.10 -54.33 34.61
CA GLY L 123 53.08 -55.38 34.45
C GLY L 123 54.23 -55.32 35.43
N LYS L 124 55.40 -55.70 34.96
CA LYS L 124 56.66 -55.50 35.66
C LYS L 124 57.72 -54.84 34.79
N GLY L 125 57.77 -55.20 33.51
CA GLY L 125 58.63 -54.50 32.55
C GLY L 125 59.56 -55.37 31.73
N THR L 126 59.81 -54.92 30.50
CA THR L 126 60.91 -55.46 29.71
C THR L 126 61.50 -54.34 28.87
N SER L 127 62.80 -54.10 29.01
CA SER L 127 63.47 -52.98 28.35
C SER L 127 63.80 -53.36 26.91
N VAL L 128 63.22 -52.64 25.96
CA VAL L 128 63.62 -52.70 24.56
C VAL L 128 64.65 -51.60 24.37
N THR L 129 65.93 -51.97 24.45
CA THR L 129 67.05 -51.04 24.34
C THR L 129 67.73 -51.30 23.01
N VAL L 130 67.52 -50.38 22.06
CA VAL L 130 68.00 -50.59 20.70
C VAL L 130 69.51 -50.40 20.65
N SER L 131 70.21 -51.36 20.04
CA SER L 131 71.66 -51.32 19.92
C SER L 131 72.05 -52.06 18.65
N SER L 132 72.99 -51.48 17.92
CA SER L 132 73.46 -52.09 16.68
C SER L 132 74.99 -52.12 16.65
N THR M 3 56.55 -29.81 36.09
CA THR M 3 55.29 -29.74 36.84
C THR M 3 55.47 -30.31 38.25
N PHE M 4 55.21 -29.47 39.25
CA PHE M 4 55.38 -29.87 40.65
C PHE M 4 54.31 -29.19 41.49
N VAL M 5 53.91 -29.88 42.56
CA VAL M 5 53.06 -29.30 43.60
C VAL M 5 53.76 -29.56 44.93
N SER M 6 54.22 -28.49 45.56
CA SER M 6 55.02 -28.59 46.78
C SER M 6 54.23 -28.03 47.95
N VAL M 7 53.68 -28.93 48.77
CA VAL M 7 53.02 -28.57 50.02
C VAL M 7 53.62 -29.41 51.13
N ALA M 8 53.25 -29.06 52.37
CA ALA M 8 53.65 -29.85 53.51
C ALA M 8 52.93 -31.20 53.50
N PRO M 9 53.57 -32.26 54.00
CA PRO M 9 52.88 -33.56 54.09
C PRO M 9 51.72 -33.54 55.07
N GLY M 10 50.50 -33.64 54.54
CA GLY M 10 49.31 -33.55 55.35
C GLY M 10 48.40 -32.42 54.92
N GLN M 11 48.65 -31.85 53.74
CA GLN M 11 47.95 -30.67 53.27
C GLN M 11 47.19 -30.95 51.99
N THR M 12 46.63 -29.91 51.40
CA THR M 12 45.77 -30.00 50.23
C THR M 12 46.59 -29.79 48.96
N ALA M 13 46.20 -30.49 47.90
CA ALA M 13 46.88 -30.36 46.62
C ALA M 13 45.91 -30.64 45.48
N ARG M 14 46.12 -29.95 44.37
CA ARG M 14 45.39 -30.20 43.13
C ARG M 14 46.39 -30.42 42.01
N ILE M 15 46.02 -31.28 41.07
CA ILE M 15 46.89 -31.66 39.95
C ILE M 15 46.02 -31.60 38.70
N THR M 16 46.21 -30.55 37.90
CA THR M 16 45.54 -30.43 36.61
C THR M 16 46.37 -31.10 35.52
N CYS M 17 45.70 -31.59 34.49
CA CYS M 17 46.37 -32.33 33.43
C CYS M 17 45.53 -32.32 32.17
N GLY M 18 46.03 -31.70 31.11
CA GLY M 18 45.50 -31.92 29.78
C GLY M 18 44.66 -30.78 29.24
N GLU M 19 43.95 -31.11 28.17
CA GLU M 19 43.14 -30.17 27.42
C GLU M 19 41.84 -29.87 28.16
N GLU M 20 41.32 -28.65 27.96
CA GLU M 20 40.01 -28.26 28.46
C GLU M 20 38.92 -29.13 27.84
N SER M 21 37.87 -29.39 28.60
CA SER M 21 36.83 -30.33 28.20
C SER M 21 35.98 -29.77 27.06
N LEU M 22 35.50 -30.68 26.20
CA LEU M 22 34.60 -30.36 25.11
C LEU M 22 33.24 -31.02 25.26
N GLY M 23 33.20 -32.31 25.56
CA GLY M 23 31.97 -33.02 25.80
C GLY M 23 31.97 -33.67 27.17
N SER M 24 31.26 -34.80 27.25
CA SER M 24 31.15 -35.56 28.50
C SER M 24 32.40 -36.42 28.67
N ARG M 25 33.30 -35.99 29.56
CA ARG M 25 34.54 -36.72 29.74
C ARG M 25 34.36 -37.92 30.65
N SER M 26 35.33 -38.83 30.58
CA SER M 26 35.51 -39.90 31.56
C SER M 26 37.01 -39.96 31.83
N VAL M 27 37.46 -39.17 32.80
CA VAL M 27 38.88 -39.07 33.10
C VAL M 27 39.31 -40.30 33.89
N ILE M 28 40.51 -40.79 33.60
CA ILE M 28 41.08 -41.95 34.29
C ILE M 28 42.48 -41.57 34.77
N TRP M 29 42.71 -41.66 36.07
CA TRP M 29 43.98 -41.25 36.66
C TRP M 29 44.81 -42.46 37.09
N TYR M 30 46.10 -42.39 36.79
CA TYR M 30 47.11 -43.38 37.12
C TYR M 30 48.20 -42.70 37.94
N GLN M 31 49.05 -43.52 38.56
CA GLN M 31 50.26 -42.99 39.19
C GLN M 31 51.43 -43.93 38.95
N GLN M 32 52.62 -43.34 38.84
CA GLN M 32 53.85 -44.03 38.44
C GLN M 32 54.81 -44.06 39.61
N ARG M 33 55.07 -45.25 40.13
CA ARG M 33 56.22 -45.30 41.03
C ARG M 33 57.50 -45.48 40.22
N PRO M 34 58.60 -44.85 40.65
CA PRO M 34 59.85 -44.94 39.86
C PRO M 34 60.44 -46.34 39.87
N GLY M 35 60.77 -46.83 38.67
CA GLY M 35 61.34 -48.15 38.53
C GLY M 35 60.33 -49.27 38.43
N GLN M 36 59.04 -48.98 38.61
CA GLN M 36 57.99 -49.98 38.57
C GLN M 36 56.99 -49.66 37.48
N ALA M 37 56.14 -50.65 37.19
CA ALA M 37 54.95 -50.45 36.41
C ALA M 37 53.96 -49.60 37.23
N PRO M 38 53.02 -48.88 36.57
CA PRO M 38 52.15 -47.98 37.33
C PRO M 38 51.11 -48.68 38.18
N SER M 39 50.22 -47.90 38.77
CA SER M 39 49.05 -48.42 39.46
C SER M 39 47.90 -47.46 39.21
N LEU M 40 46.73 -48.00 38.91
CA LEU M 40 45.53 -47.17 38.78
C LEU M 40 45.19 -46.57 40.12
N ILE M 41 44.69 -45.33 40.10
CA ILE M 41 44.08 -44.73 41.27
C ILE M 41 42.61 -44.37 41.03
N ILE M 42 42.27 -43.85 39.84
CA ILE M 42 40.91 -43.41 39.55
C ILE M 42 40.52 -43.98 38.19
N TYR M 43 39.32 -44.59 38.11
CA TYR M 43 38.88 -45.23 36.87
C TYR M 43 37.62 -44.60 36.26
N ASN M 44 36.88 -43.79 37.00
CA ASN M 44 35.73 -43.08 36.47
C ASN M 44 35.97 -41.61 36.79
N ASN M 45 34.97 -40.75 36.69
CA ASN M 45 35.18 -39.33 36.94
C ASN M 45 35.51 -39.06 38.41
N ASN M 46 34.71 -39.61 39.33
CA ASN M 46 35.00 -39.45 40.76
C ASN M 46 34.72 -40.76 41.50
N ASP M 47 35.17 -41.87 40.93
CA ASP M 47 35.09 -43.16 41.61
C ASP M 47 36.49 -43.58 42.06
N ARG M 48 36.54 -44.62 42.88
CA ARG M 48 37.79 -45.22 43.28
C ARG M 48 37.62 -46.71 43.47
N PRO M 49 38.61 -47.51 43.10
CA PRO M 49 38.52 -48.96 43.29
C PRO M 49 38.93 -49.34 44.71
N SER M 50 38.94 -50.65 44.97
CA SER M 50 39.39 -51.16 46.25
C SER M 50 40.90 -51.29 46.27
N GLY M 51 41.51 -50.93 47.39
CA GLY M 51 42.95 -50.98 47.52
C GLY M 51 43.59 -49.61 47.66
N ILE M 52 43.10 -48.65 46.89
CA ILE M 52 43.56 -47.27 46.99
C ILE M 52 42.60 -46.55 47.93
N PRO M 53 43.09 -45.73 48.87
CA PRO M 53 42.17 -45.02 49.78
C PRO M 53 41.52 -43.81 49.15
N ASP M 54 40.78 -43.06 49.96
CA ASP M 54 39.99 -41.93 49.49
C ASP M 54 40.88 -40.70 49.30
N ARG M 55 40.22 -39.53 49.17
CA ARG M 55 40.81 -38.20 49.02
C ARG M 55 41.68 -38.08 47.76
N PHE M 56 41.44 -38.93 46.76
CA PHE M 56 41.82 -38.62 45.38
C PHE M 56 40.58 -38.11 44.65
N SER M 57 40.16 -36.91 45.05
CA SER M 57 38.87 -36.36 44.61
C SER M 57 39.00 -35.84 43.19
N GLY M 58 38.50 -36.61 42.23
CA GLY M 58 38.55 -36.21 40.84
C GLY M 58 37.54 -35.14 40.50
N SER M 59 37.59 -34.73 39.24
CA SER M 59 36.68 -33.71 38.74
C SER M 59 35.39 -34.34 38.23
N PRO M 60 34.27 -33.62 38.29
CA PRO M 60 33.06 -34.11 37.61
C PRO M 60 33.17 -33.97 36.11
N GLY M 61 33.37 -35.09 35.41
CA GLY M 61 33.63 -35.09 33.99
C GLY M 61 32.43 -34.82 33.11
N SER M 62 31.25 -34.60 33.69
CA SER M 62 30.07 -34.18 32.95
C SER M 62 29.93 -32.66 32.88
N THR M 63 31.05 -31.94 33.00
CA THR M 63 31.04 -30.49 33.03
C THR M 63 31.80 -29.98 31.82
N PHE M 64 31.29 -28.92 31.21
CA PHE M 64 31.68 -28.50 29.87
C PHE M 64 32.58 -27.27 29.95
N GLY M 65 33.76 -27.38 29.35
CA GLY M 65 34.71 -26.28 29.38
C GLY M 65 35.53 -26.19 30.65
N THR M 66 35.87 -27.33 31.26
CA THR M 66 36.69 -27.36 32.45
C THR M 66 37.93 -28.22 32.20
N THR M 67 38.80 -28.28 33.21
CA THR M 67 40.06 -29.00 33.15
C THR M 67 40.06 -30.08 34.23
N ALA M 68 40.50 -31.27 33.87
CA ALA M 68 40.48 -32.41 34.79
C ALA M 68 41.51 -32.21 35.90
N THR M 69 41.03 -31.98 37.11
CA THR M 69 41.87 -31.80 38.28
C THR M 69 42.02 -33.11 39.03
N LEU M 70 42.80 -33.08 40.10
CA LEU M 70 42.93 -34.23 41.00
C LEU M 70 43.15 -33.66 42.40
N THR M 71 42.06 -33.46 43.13
CA THR M 71 42.12 -32.82 44.44
C THR M 71 42.57 -33.83 45.49
N ILE M 72 43.75 -33.61 46.05
CA ILE M 72 44.31 -34.50 47.06
C ILE M 72 44.54 -33.68 48.32
N THR M 73 43.65 -33.83 49.30
CA THR M 73 43.86 -33.28 50.61
C THR M 73 44.49 -34.33 51.52
N SER M 74 45.28 -33.87 52.49
CA SER M 74 46.06 -34.70 53.42
C SER M 74 47.02 -35.62 52.66
N VAL M 75 47.97 -34.99 51.98
CA VAL M 75 48.99 -35.68 51.20
C VAL M 75 49.98 -36.36 52.15
N GLU M 76 50.80 -37.25 51.61
CA GLU M 76 51.84 -37.91 52.40
C GLU M 76 52.95 -38.37 51.46
N ALA M 77 54.04 -38.83 52.07
CA ALA M 77 55.18 -39.32 51.29
C ALA M 77 54.91 -40.67 50.65
N GLY M 78 53.94 -41.43 51.16
CA GLY M 78 53.58 -42.69 50.54
C GLY M 78 52.78 -42.54 49.27
N ASP M 79 52.22 -41.35 49.03
CA ASP M 79 51.47 -41.04 47.82
C ASP M 79 52.36 -40.51 46.70
N GLU M 80 53.67 -40.44 46.92
CA GLU M 80 54.57 -39.76 46.01
C GLU M 80 54.81 -40.61 44.78
N ALA M 81 54.41 -40.10 43.62
CA ALA M 81 54.45 -40.83 42.36
C ALA M 81 54.39 -39.80 41.23
N ASP M 82 54.23 -40.28 40.00
CA ASP M 82 54.02 -39.42 38.85
C ASP M 82 52.60 -39.62 38.37
N TYR M 83 51.75 -38.61 38.55
CA TYR M 83 50.35 -38.74 38.23
C TYR M 83 50.13 -38.66 36.72
N TYR M 84 49.04 -39.27 36.26
CA TYR M 84 48.71 -39.28 34.84
C TYR M 84 47.21 -39.15 34.68
N CYS M 85 46.78 -38.11 34.00
CA CYS M 85 45.42 -38.06 33.47
C CYS M 85 45.33 -38.92 32.22
N HIS M 86 44.13 -39.47 31.99
CA HIS M 86 43.85 -40.14 30.72
C HIS M 86 42.36 -39.93 30.45
N ILE M 87 42.06 -38.91 29.69
CA ILE M 87 40.68 -38.47 29.56
C ILE M 87 40.03 -39.19 28.40
N TRP M 88 38.71 -39.34 28.49
CA TRP M 88 37.88 -39.94 27.46
C TRP M 88 36.80 -38.92 27.16
N ASP M 89 37.12 -37.96 26.30
CA ASP M 89 36.16 -36.92 25.95
C ASP M 89 35.17 -37.50 24.95
N SER M 90 33.90 -37.13 25.10
CA SER M 90 32.89 -37.66 24.20
C SER M 90 32.98 -37.03 22.82
N ARG M 91 33.44 -35.79 22.74
CA ARG M 91 33.55 -35.12 21.46
C ARG M 91 34.89 -35.38 20.79
N ARG M 92 35.99 -35.29 21.53
CA ARG M 92 37.29 -35.58 20.93
C ARG M 92 37.48 -37.09 20.80
N PRO M 93 38.28 -37.54 19.81
CA PRO M 93 38.47 -38.98 19.64
C PRO M 93 39.35 -39.63 20.70
N THR M 94 39.66 -40.91 20.50
CA THR M 94 40.35 -41.71 21.50
C THR M 94 41.82 -41.30 21.59
N ASN M 95 42.25 -40.93 22.80
CA ASN M 95 43.64 -40.54 23.04
C ASN M 95 44.41 -41.81 23.41
N TRP M 96 45.35 -42.19 22.56
CA TRP M 96 46.10 -43.42 22.76
C TRP M 96 47.34 -43.24 23.62
N VAL M 97 47.99 -42.08 23.54
CA VAL M 97 49.03 -41.73 24.49
C VAL M 97 48.37 -41.15 25.74
N PHE M 98 49.02 -41.30 26.88
CA PHE M 98 48.46 -40.77 28.11
C PHE M 98 48.74 -39.27 28.21
N GLY M 99 48.14 -38.64 29.22
CA GLY M 99 48.52 -37.28 29.55
C GLY M 99 49.93 -37.20 30.08
N GLU M 100 50.48 -36.00 30.05
CA GLU M 100 51.89 -35.79 30.39
C GLU M 100 52.15 -36.06 31.87
N GLY M 101 53.42 -36.34 32.18
CA GLY M 101 53.80 -36.69 33.53
C GLY M 101 53.71 -35.52 34.48
N THR M 102 52.71 -35.56 35.35
CA THR M 102 52.49 -34.52 36.36
C THR M 102 53.01 -35.07 37.68
N THR M 103 54.25 -34.71 38.01
CA THR M 103 54.97 -35.28 39.14
C THR M 103 54.44 -34.72 40.46
N LEU M 104 54.96 -35.28 41.55
CA LEU M 104 54.63 -34.82 42.89
C LEU M 104 55.87 -34.97 43.77
N ILE M 105 56.29 -33.88 44.40
CA ILE M 105 57.31 -33.93 45.43
C ILE M 105 56.68 -33.47 46.74
N VAL M 106 57.18 -34.02 47.85
CA VAL M 106 56.63 -33.76 49.16
C VAL M 106 57.75 -33.25 50.07
N LEU M 107 57.41 -32.33 50.96
CA LEU M 107 58.39 -31.72 51.85
C LEU M 107 58.53 -32.55 53.13
N GLU N 1 -13.70 -54.71 -1.93
CA GLU N 1 -13.53 -54.05 -3.21
C GLU N 1 -14.84 -53.99 -3.98
N ILE N 2 -14.99 -52.97 -4.81
CA ILE N 2 -16.20 -52.77 -5.61
C ILE N 2 -16.05 -53.58 -6.90
N VAL N 3 -16.84 -54.64 -7.02
CA VAL N 3 -16.82 -55.47 -8.22
C VAL N 3 -17.85 -54.94 -9.20
N LEU N 4 -17.37 -54.44 -10.33
CA LEU N 4 -18.24 -53.90 -11.37
C LEU N 4 -18.43 -54.94 -12.46
N THR N 5 -19.67 -55.08 -12.94
CA THR N 5 -20.00 -56.08 -13.96
C THR N 5 -20.84 -55.42 -15.04
N GLN N 6 -20.42 -55.55 -16.28
CA GLN N 6 -21.14 -54.97 -17.41
C GLN N 6 -21.93 -56.08 -18.10
N SER N 7 -23.24 -55.91 -18.18
CA SER N 7 -24.18 -56.94 -18.61
C SER N 7 -24.28 -57.22 -20.12
N PRO N 8 -24.35 -56.23 -21.03
CA PRO N 8 -24.48 -56.63 -22.44
C PRO N 8 -23.21 -57.21 -23.05
N GLY N 9 -22.05 -56.64 -22.75
CA GLY N 9 -20.80 -57.13 -23.31
C GLY N 9 -20.69 -56.84 -24.79
N ILE N 10 -20.81 -57.89 -25.60
CA ILE N 10 -20.82 -57.73 -27.06
C ILE N 10 -22.25 -57.49 -27.49
N LEU N 11 -22.51 -56.31 -28.05
CA LEU N 11 -23.82 -55.96 -28.57
C LEU N 11 -23.64 -55.36 -29.96
N SER N 12 -24.34 -55.92 -30.95
CA SER N 12 -24.25 -55.50 -32.33
C SER N 12 -25.54 -54.80 -32.72
N LEU N 13 -25.44 -53.53 -33.12
CA LEU N 13 -26.60 -52.74 -33.48
C LEU N 13 -26.32 -51.96 -34.76
N SER N 14 -27.37 -51.76 -35.55
CA SER N 14 -27.28 -51.00 -36.79
C SER N 14 -27.15 -49.51 -36.48
N PRO N 15 -26.53 -48.73 -37.38
CA PRO N 15 -26.45 -47.29 -37.16
C PRO N 15 -27.81 -46.62 -37.30
N GLY N 16 -27.99 -45.55 -36.52
CA GLY N 16 -29.26 -44.89 -36.42
C GLY N 16 -30.17 -45.43 -35.33
N GLU N 17 -29.78 -46.51 -34.67
CA GLU N 17 -30.57 -47.10 -33.60
C GLU N 17 -30.16 -46.48 -32.26
N THR N 18 -30.66 -47.05 -31.17
CA THR N 18 -30.30 -46.63 -29.82
C THR N 18 -29.66 -47.80 -29.08
N ALA N 19 -28.70 -47.51 -28.21
CA ALA N 19 -27.99 -48.51 -27.44
C ALA N 19 -28.18 -48.25 -25.95
N THR N 20 -28.36 -49.32 -25.19
CA THR N 20 -28.50 -49.24 -23.74
C THR N 20 -27.46 -50.16 -23.12
N LEU N 21 -26.55 -49.59 -22.34
CA LEU N 21 -25.45 -50.31 -21.74
C LEU N 21 -25.62 -50.31 -20.22
N PHE N 22 -25.55 -51.50 -19.62
CA PHE N 22 -25.84 -51.69 -18.21
C PHE N 22 -24.54 -51.95 -17.45
N CYS N 23 -24.39 -51.28 -16.31
CA CYS N 23 -23.29 -51.51 -15.38
C CYS N 23 -23.87 -51.80 -14.00
N LYS N 24 -23.27 -52.77 -13.32
CA LYS N 24 -23.81 -53.34 -12.09
C LYS N 24 -22.74 -53.29 -11.02
N ALA N 25 -23.00 -52.52 -9.97
CA ALA N 25 -22.05 -52.34 -8.88
C ALA N 25 -22.36 -53.31 -7.75
N SER N 26 -21.30 -53.89 -7.18
CA SER N 26 -21.49 -54.80 -6.05
C SER N 26 -21.81 -54.04 -4.77
N GLN N 27 -21.41 -52.78 -4.68
CA GLN N 27 -21.73 -51.92 -3.55
C GLN N 27 -22.37 -50.64 -4.08
N GLY N 28 -23.55 -50.31 -3.57
CA GLY N 28 -24.29 -49.15 -4.04
C GLY N 28 -24.00 -47.90 -3.24
N GLY N 29 -24.74 -46.84 -3.57
CA GLY N 29 -24.62 -45.58 -2.89
C GLY N 29 -23.60 -44.61 -3.46
N ASN N 30 -22.98 -44.94 -4.59
CA ASN N 30 -21.95 -44.09 -5.17
C ASN N 30 -22.30 -43.77 -6.61
N ALA N 31 -21.52 -42.89 -7.21
CA ALA N 31 -21.72 -42.49 -8.59
C ALA N 31 -21.01 -43.45 -9.55
N MET N 32 -21.18 -43.20 -10.84
CA MET N 32 -20.61 -44.05 -11.89
C MET N 32 -20.06 -43.17 -12.99
N THR N 33 -18.97 -43.63 -13.61
CA THR N 33 -18.26 -42.89 -14.64
C THR N 33 -18.24 -43.73 -15.92
N TRP N 34 -18.40 -43.08 -17.06
CA TRP N 34 -18.49 -43.75 -18.36
C TRP N 34 -17.42 -43.20 -19.29
N TYR N 35 -16.55 -44.10 -19.76
CA TYR N 35 -15.49 -43.80 -20.70
C TYR N 35 -15.75 -44.51 -22.03
N GLN N 36 -15.21 -43.94 -23.10
CA GLN N 36 -15.22 -44.55 -24.42
C GLN N 36 -13.79 -44.72 -24.91
N LYS N 37 -13.45 -45.92 -25.36
CA LYS N 37 -12.18 -46.18 -26.02
C LYS N 37 -12.45 -46.71 -27.42
N ARG N 38 -12.00 -45.98 -28.42
CA ARG N 38 -12.02 -46.42 -29.80
C ARG N 38 -10.77 -47.25 -30.10
N ARG N 39 -10.74 -47.84 -31.29
CA ARG N 39 -9.69 -48.79 -31.64
C ARG N 39 -8.39 -48.05 -31.93
N GLY N 40 -7.37 -48.32 -31.10
CA GLY N 40 -6.07 -47.68 -31.28
C GLY N 40 -6.05 -46.21 -30.95
N GLN N 41 -6.90 -45.76 -30.03
CA GLN N 41 -6.97 -44.36 -29.67
C GLN N 41 -6.98 -44.21 -28.15
N VAL N 42 -6.92 -42.96 -27.73
CA VAL N 42 -6.83 -42.62 -26.32
C VAL N 42 -8.24 -42.55 -25.73
N PRO N 43 -8.49 -43.13 -24.55
CA PRO N 43 -9.84 -43.08 -23.97
C PRO N 43 -10.27 -41.66 -23.62
N ARG N 44 -11.59 -41.47 -23.60
CA ARG N 44 -12.19 -40.15 -23.42
C ARG N 44 -13.28 -40.23 -22.36
N LEU N 45 -13.26 -39.28 -21.44
CA LEU N 45 -14.35 -39.12 -20.48
C LEU N 45 -15.64 -38.75 -21.20
N LEU N 46 -16.64 -39.62 -21.12
CA LEU N 46 -17.97 -39.28 -21.60
C LEU N 46 -18.84 -38.73 -20.49
N ILE N 47 -19.09 -39.52 -19.46
CA ILE N 47 -20.04 -39.17 -18.41
C ILE N 47 -19.36 -39.28 -17.06
N TYR N 48 -19.47 -38.23 -16.25
CA TYR N 48 -19.11 -38.31 -14.84
C TYR N 48 -20.33 -37.94 -14.01
N ASP N 49 -20.28 -38.31 -12.72
CA ASP N 49 -21.30 -38.03 -11.72
C ASP N 49 -22.67 -38.59 -12.10
N THR N 50 -22.69 -39.66 -12.90
CA THR N 50 -23.80 -40.55 -13.30
C THR N 50 -24.76 -39.85 -14.28
N SER N 51 -24.73 -38.52 -14.41
CA SER N 51 -25.64 -37.86 -15.34
C SER N 51 -24.95 -36.74 -16.09
N ARG N 52 -23.88 -36.20 -15.53
CA ARG N 52 -23.25 -35.03 -16.11
C ARG N 52 -22.40 -35.41 -17.31
N ARG N 53 -22.48 -34.60 -18.35
CA ARG N 53 -21.72 -34.80 -19.58
C ARG N 53 -20.41 -34.04 -19.49
N ALA N 54 -19.36 -34.59 -20.09
CA ALA N 54 -18.05 -33.96 -20.07
C ALA N 54 -17.99 -32.78 -21.03
N SER N 55 -16.83 -32.14 -21.07
CA SER N 55 -16.62 -31.04 -22.00
C SER N 55 -16.27 -31.57 -23.38
N GLY N 56 -17.07 -31.20 -24.37
CA GLY N 56 -16.84 -31.63 -25.73
C GLY N 56 -17.43 -32.98 -26.07
N VAL N 57 -18.60 -33.30 -25.52
CA VAL N 57 -19.30 -34.54 -25.84
C VAL N 57 -20.71 -34.15 -26.28
N PRO N 58 -21.29 -34.81 -27.29
CA PRO N 58 -22.65 -34.47 -27.69
C PRO N 58 -23.70 -34.99 -26.71
N ASP N 59 -24.91 -34.47 -26.87
CA ASP N 59 -25.98 -34.62 -25.89
C ASP N 59 -26.61 -35.99 -25.85
N ARG N 60 -26.40 -36.84 -26.86
CA ARG N 60 -27.12 -38.10 -26.95
C ARG N 60 -26.60 -39.17 -26.01
N PHE N 61 -25.47 -38.95 -25.35
CA PHE N 61 -25.02 -39.83 -24.27
C PHE N 61 -25.75 -39.42 -23.01
N VAL N 62 -26.64 -40.29 -22.52
CA VAL N 62 -27.48 -40.00 -21.38
C VAL N 62 -27.19 -41.02 -20.31
N GLY N 63 -26.58 -40.58 -19.21
CA GLY N 63 -26.38 -41.45 -18.06
C GLY N 63 -27.60 -41.38 -17.15
N SER N 64 -27.92 -42.52 -16.56
CA SER N 64 -29.08 -42.61 -15.67
C SER N 64 -28.88 -43.76 -14.70
N GLY N 65 -29.81 -43.90 -13.78
CA GLY N 65 -29.80 -44.98 -12.82
C GLY N 65 -29.09 -44.61 -11.54
N SER N 66 -29.19 -45.52 -10.58
CA SER N 66 -28.66 -45.31 -9.24
C SER N 66 -28.59 -46.68 -8.54
N GLY N 67 -28.13 -46.65 -7.29
CA GLY N 67 -28.02 -47.86 -6.50
C GLY N 67 -26.99 -48.81 -7.04
N THR N 68 -27.47 -49.91 -7.63
CA THR N 68 -26.60 -50.85 -8.33
C THR N 68 -26.84 -50.87 -9.83
N ASP N 69 -27.84 -50.16 -10.33
CA ASP N 69 -28.23 -50.23 -11.74
C ASP N 69 -27.83 -48.91 -12.40
N PHE N 70 -26.89 -48.97 -13.35
CA PHE N 70 -26.41 -47.76 -14.00
C PHE N 70 -26.52 -47.92 -15.52
N PHE N 71 -27.23 -47.00 -16.16
CA PHE N 71 -27.52 -47.08 -17.57
C PHE N 71 -26.78 -45.99 -18.33
N LEU N 72 -26.13 -46.36 -19.44
CA LEU N 72 -25.68 -45.42 -20.45
C LEU N 72 -26.53 -45.63 -21.69
N THR N 73 -27.28 -44.60 -22.07
CA THR N 73 -28.16 -44.67 -23.23
C THR N 73 -27.60 -43.77 -24.32
N ILE N 74 -27.25 -44.36 -25.45
CA ILE N 74 -26.86 -43.62 -26.64
C ILE N 74 -28.05 -43.61 -27.59
N ASN N 75 -28.38 -42.44 -28.11
CA ASN N 75 -29.49 -42.30 -29.05
C ASN N 75 -28.92 -41.85 -30.39
N LYS N 76 -29.44 -42.46 -31.47
CA LYS N 76 -29.06 -42.16 -32.86
C LYS N 76 -27.57 -42.40 -33.07
N LEU N 77 -27.22 -43.69 -33.03
CA LEU N 77 -25.84 -44.19 -33.13
C LEU N 77 -25.11 -43.70 -34.37
N ASP N 78 -24.09 -42.87 -34.16
CA ASP N 78 -23.19 -42.46 -35.22
C ASP N 78 -22.22 -43.59 -35.54
N ARG N 79 -21.61 -43.54 -36.73
CA ARG N 79 -20.59 -44.51 -37.11
C ARG N 79 -19.38 -44.45 -36.19
N GLU N 80 -19.04 -43.26 -35.69
CA GLU N 80 -17.92 -43.12 -34.76
C GLU N 80 -18.24 -43.67 -33.38
N ASP N 81 -19.51 -43.89 -33.06
CA ASP N 81 -19.94 -44.28 -31.72
C ASP N 81 -20.01 -45.79 -31.54
N PHE N 82 -19.21 -46.54 -32.27
CA PHE N 82 -19.14 -47.99 -32.15
C PHE N 82 -17.76 -48.34 -31.62
N ALA N 83 -17.65 -48.42 -30.30
CA ALA N 83 -16.36 -48.57 -29.64
C ALA N 83 -16.57 -49.39 -28.37
N VAL N 84 -15.58 -49.36 -27.47
CA VAL N 84 -15.64 -50.07 -26.20
C VAL N 84 -16.00 -49.06 -25.12
N TYR N 85 -16.88 -49.45 -24.20
CA TYR N 85 -17.38 -48.55 -23.16
C TYR N 85 -17.06 -49.13 -21.79
N TYR N 86 -16.58 -48.26 -20.90
CA TYR N 86 -16.14 -48.67 -19.57
C TYR N 86 -16.89 -47.89 -18.50
N CYS N 87 -17.19 -48.55 -17.39
CA CYS N 87 -17.80 -47.91 -16.23
C CYS N 87 -16.83 -47.99 -15.06
N GLN N 88 -16.47 -46.83 -14.53
CA GLN N 88 -15.56 -46.69 -13.41
C GLN N 88 -16.32 -46.28 -12.16
N GLN N 89 -16.09 -47.02 -11.08
CA GLN N 89 -16.36 -46.61 -9.72
C GLN N 89 -15.02 -46.71 -9.02
N PHE N 90 -14.84 -45.98 -7.91
CA PHE N 90 -13.70 -45.07 -7.64
C PHE N 90 -12.43 -45.49 -8.36
N GLU N 91 -11.86 -46.65 -8.07
CA GLU N 91 -10.62 -47.07 -8.72
C GLU N 91 -10.79 -48.38 -9.47
N PHE N 92 -12.03 -48.84 -9.63
CA PHE N 92 -12.32 -50.12 -10.24
C PHE N 92 -12.97 -49.90 -11.60
N PHE N 93 -12.95 -50.95 -12.42
CA PHE N 93 -13.36 -50.80 -13.81
C PHE N 93 -14.16 -52.01 -14.24
N GLY N 94 -14.96 -51.82 -15.29
CA GLY N 94 -15.56 -52.93 -15.98
C GLY N 94 -14.65 -53.47 -17.06
N LEU N 95 -15.05 -54.62 -17.61
CA LEU N 95 -14.23 -55.33 -18.57
C LEU N 95 -14.51 -54.93 -20.01
N GLY N 96 -15.34 -53.91 -20.22
CA GLY N 96 -15.59 -53.43 -21.57
C GLY N 96 -16.87 -53.92 -22.19
N SER N 97 -17.65 -53.00 -22.75
CA SER N 97 -18.89 -53.33 -23.45
C SER N 97 -18.71 -52.92 -24.91
N GLU N 98 -18.37 -53.89 -25.75
CA GLU N 98 -18.09 -53.61 -27.15
C GLU N 98 -19.38 -53.42 -27.93
N LEU N 99 -19.44 -52.37 -28.72
CA LEU N 99 -20.62 -52.03 -29.51
C LEU N 99 -20.24 -52.17 -30.99
N GLU N 100 -20.69 -53.24 -31.61
CA GLU N 100 -20.32 -53.61 -32.97
C GLU N 100 -21.46 -53.25 -33.93
N VAL N 101 -21.14 -53.15 -35.21
CA VAL N 101 -22.08 -52.75 -36.25
C VAL N 101 -22.68 -53.99 -36.90
N HIS N 102 -24.01 -54.06 -36.92
CA HIS N 102 -24.68 -55.15 -37.60
C HIS N 102 -24.63 -54.94 -39.12
N GLN O 1 -4.51 -24.75 -23.49
CA GLN O 1 -4.78 -26.18 -23.48
C GLN O 1 -4.10 -26.84 -22.29
N VAL O 2 -4.46 -28.09 -22.01
CA VAL O 2 -3.85 -28.89 -20.96
C VAL O 2 -3.30 -30.14 -21.62
N GLN O 3 -1.98 -30.31 -21.57
CA GLN O 3 -1.33 -31.41 -22.26
C GLN O 3 -0.52 -32.26 -21.28
N LEU O 4 -0.71 -33.58 -21.39
CA LEU O 4 0.09 -34.58 -20.69
C LEU O 4 0.84 -35.36 -21.75
N VAL O 5 2.14 -35.12 -21.88
CA VAL O 5 2.94 -35.69 -22.96
C VAL O 5 3.96 -36.64 -22.34
N GLN O 6 3.94 -37.89 -22.77
CA GLN O 6 4.80 -38.91 -22.20
C GLN O 6 6.05 -39.09 -23.04
N SER O 7 6.94 -39.95 -22.55
CA SER O 7 8.07 -40.42 -23.35
C SER O 7 7.59 -41.51 -24.31
N GLY O 8 8.46 -41.88 -25.24
CA GLY O 8 8.15 -42.90 -26.22
C GLY O 8 8.11 -44.29 -25.64
N ALA O 9 7.75 -45.24 -26.48
CA ALA O 9 7.67 -46.64 -26.08
C ALA O 9 9.07 -47.21 -25.86
N VAL O 10 9.11 -48.41 -25.27
CA VAL O 10 10.38 -48.97 -24.80
C VAL O 10 10.25 -50.49 -24.77
N ILE O 11 11.38 -51.17 -24.97
CA ILE O 11 11.48 -52.61 -24.86
C ILE O 11 12.50 -52.91 -23.77
N LYS O 12 12.08 -53.62 -22.73
CA LYS O 12 12.94 -53.90 -21.59
C LYS O 12 13.08 -55.41 -21.41
N THR O 13 14.10 -55.79 -20.66
CA THR O 13 14.46 -57.15 -20.31
C THR O 13 13.69 -57.59 -19.06
N PRO O 14 13.41 -58.90 -18.93
CA PRO O 14 12.74 -59.39 -17.71
C PRO O 14 13.59 -59.23 -16.46
N GLY O 15 13.16 -58.36 -15.55
CA GLY O 15 13.91 -58.04 -14.36
C GLY O 15 14.42 -56.63 -14.29
N SER O 16 14.01 -55.76 -15.20
CA SER O 16 14.53 -54.40 -15.28
C SER O 16 13.74 -53.47 -14.38
N SER O 17 13.98 -52.16 -14.53
CA SER O 17 13.30 -51.12 -13.75
C SER O 17 13.02 -49.97 -14.73
N VAL O 18 11.83 -49.96 -15.30
CA VAL O 18 11.51 -48.99 -16.33
C VAL O 18 11.13 -47.67 -15.67
N LYS O 19 11.40 -46.56 -16.36
CA LYS O 19 11.05 -45.23 -15.87
C LYS O 19 10.35 -44.48 -17.00
N ILE O 20 9.14 -44.00 -16.72
CA ILE O 20 8.32 -43.29 -17.69
C ILE O 20 7.99 -41.92 -17.12
N SER O 21 8.34 -40.88 -17.85
CA SER O 21 8.04 -39.52 -17.46
C SER O 21 6.75 -39.05 -18.09
N CYS O 22 6.28 -37.89 -17.63
CA CYS O 22 5.02 -37.32 -18.09
C CYS O 22 5.11 -35.82 -17.87
N ARG O 23 5.36 -35.07 -18.92
CA ARG O 23 5.43 -33.62 -18.83
C ARG O 23 4.02 -33.07 -18.93
N ALA O 24 3.60 -32.36 -17.89
CA ALA O 24 2.33 -31.67 -17.86
C ALA O 24 2.55 -30.19 -18.13
N SER O 25 1.71 -29.63 -18.98
CA SER O 25 1.87 -28.24 -19.40
C SER O 25 0.51 -27.62 -19.67
N GLY O 26 0.37 -26.36 -19.28
CA GLY O 26 -0.82 -25.58 -19.55
C GLY O 26 -1.66 -25.22 -18.35
N TYR O 27 -1.18 -25.48 -17.14
CA TYR O 27 -1.95 -25.26 -15.91
C TYR O 27 -0.98 -25.24 -14.75
N ASN O 28 -1.48 -24.89 -13.57
CA ASN O 28 -0.67 -24.89 -12.36
C ASN O 28 -0.47 -26.35 -11.92
N PHE O 29 0.76 -26.85 -12.09
CA PHE O 29 1.06 -28.25 -11.83
C PHE O 29 1.05 -28.59 -10.34
N ARG O 30 1.19 -27.58 -9.48
CA ARG O 30 1.14 -27.79 -8.04
C ARG O 30 -0.27 -28.11 -7.53
N ASP O 31 -1.30 -27.91 -8.34
CA ASP O 31 -2.68 -28.04 -7.87
C ASP O 31 -3.22 -29.46 -7.99
N TYR O 32 -3.18 -30.03 -9.19
CA TYR O 32 -3.95 -31.21 -9.51
C TYR O 32 -3.11 -32.48 -9.32
N SER O 33 -3.72 -33.50 -8.73
CA SER O 33 -3.08 -34.79 -8.58
C SER O 33 -2.92 -35.46 -9.94
N ILE O 34 -1.86 -36.25 -10.07
CA ILE O 34 -1.57 -36.99 -11.30
C ILE O 34 -1.74 -38.47 -10.99
N HIS O 35 -2.60 -39.13 -11.74
CA HIS O 35 -2.84 -40.56 -11.58
C HIS O 35 -2.08 -41.32 -12.66
N TRP O 36 -1.72 -42.56 -12.34
CA TRP O 36 -1.11 -43.49 -13.28
C TRP O 36 -2.00 -44.71 -13.33
N VAL O 37 -2.42 -45.07 -14.54
CA VAL O 37 -3.35 -46.16 -14.81
C VAL O 37 -2.84 -46.92 -16.03
N ARG O 38 -3.03 -48.23 -16.02
CA ARG O 38 -2.48 -49.08 -17.07
C ARG O 38 -3.60 -49.79 -17.82
N LEU O 39 -3.24 -50.34 -18.98
CA LEU O 39 -4.15 -51.13 -19.79
C LEU O 39 -3.42 -52.37 -20.28
N ILE O 40 -3.93 -53.53 -19.90
CA ILE O 40 -3.36 -54.82 -20.27
C ILE O 40 -4.32 -55.43 -21.29
N PRO O 41 -3.82 -56.02 -22.38
CA PRO O 41 -4.70 -56.74 -23.31
C PRO O 41 -5.33 -57.95 -22.64
N ASP O 42 -6.65 -58.08 -22.81
CA ASP O 42 -7.51 -59.12 -22.21
C ASP O 42 -7.51 -59.09 -20.69
N LYS O 43 -7.18 -57.96 -20.08
CA LYS O 43 -7.35 -57.76 -18.64
C LYS O 43 -8.00 -56.44 -18.27
N GLY O 44 -7.98 -55.43 -19.15
CA GLY O 44 -8.66 -54.18 -18.90
C GLY O 44 -7.81 -53.19 -18.14
N PHE O 45 -8.46 -52.10 -17.74
CA PHE O 45 -7.80 -51.05 -16.97
C PHE O 45 -7.47 -51.51 -15.57
N GLU O 46 -6.25 -51.19 -15.13
CA GLU O 46 -5.84 -51.37 -13.74
C GLU O 46 -5.20 -50.07 -13.26
N TRP O 47 -5.58 -49.65 -12.06
CA TRP O 47 -5.08 -48.42 -11.48
C TRP O 47 -3.75 -48.68 -10.78
N ILE O 48 -2.75 -47.84 -11.04
CA ILE O 48 -1.43 -47.99 -10.44
C ILE O 48 -1.24 -47.07 -9.24
N GLY O 49 -1.53 -45.79 -9.37
CA GLY O 49 -1.41 -44.96 -8.19
C GLY O 49 -1.40 -43.48 -8.50
N TRP O 50 -1.64 -42.67 -7.47
CA TRP O 50 -1.61 -41.22 -7.65
C TRP O 50 -0.47 -40.56 -6.91
N ILE O 51 -0.22 -39.31 -7.30
CA ILE O 51 0.76 -38.44 -6.64
C ILE O 51 0.16 -37.03 -6.55
N LYS O 52 0.26 -36.42 -5.36
CA LYS O 52 0.01 -35.00 -5.21
C LYS O 52 1.34 -34.29 -5.40
N PRO O 53 1.51 -33.51 -6.48
CA PRO O 53 2.84 -32.97 -6.80
C PRO O 53 3.24 -31.72 -6.02
N LEU O 54 2.43 -31.27 -5.07
CA LEU O 54 2.84 -30.13 -4.26
C LEU O 54 3.93 -30.54 -3.27
N TRP O 55 3.80 -31.72 -2.69
CA TRP O 55 4.85 -32.30 -1.87
C TRP O 55 5.22 -33.71 -2.32
N GLY O 56 4.66 -34.19 -3.43
CA GLY O 56 4.99 -35.51 -3.91
C GLY O 56 4.36 -36.61 -3.11
N ALA O 57 3.21 -36.36 -2.49
CA ALA O 57 2.56 -37.36 -1.65
C ALA O 57 1.99 -38.46 -2.53
N VAL O 58 2.57 -39.65 -2.45
CA VAL O 58 2.19 -40.73 -3.34
C VAL O 58 1.27 -41.69 -2.61
N SER O 59 0.46 -42.40 -3.40
CA SER O 59 -0.32 -43.52 -2.91
C SER O 59 -0.42 -44.54 -4.03
N TYR O 60 -0.30 -45.81 -3.68
CA TYR O 60 -0.07 -46.89 -4.63
C TYR O 60 -1.23 -47.87 -4.58
N ALA O 61 -1.35 -48.65 -5.65
CA ALA O 61 -2.21 -49.83 -5.61
C ALA O 61 -1.63 -50.84 -4.63
N ARG O 62 -2.51 -51.62 -4.01
CA ARG O 62 -2.08 -52.53 -2.94
C ARG O 62 -1.25 -53.69 -3.49
N GLN O 63 -1.62 -54.21 -4.65
CA GLN O 63 -0.88 -55.33 -5.24
C GLN O 63 0.32 -54.87 -6.06
N LEU O 64 0.62 -53.58 -6.10
CA LEU O 64 1.82 -53.07 -6.76
C LEU O 64 2.79 -52.40 -5.81
N GLN O 65 2.59 -52.52 -4.50
CA GLN O 65 3.53 -51.90 -3.56
C GLN O 65 4.83 -52.70 -3.51
N GLY O 66 5.92 -51.98 -3.27
CA GLY O 66 7.25 -52.54 -3.34
C GLY O 66 7.86 -52.56 -4.72
N ARG O 67 7.09 -52.23 -5.76
CA ARG O 67 7.56 -52.26 -7.13
C ARG O 67 7.49 -50.92 -7.83
N VAL O 68 6.55 -50.06 -7.48
CA VAL O 68 6.35 -48.78 -8.15
C VAL O 68 6.91 -47.67 -7.26
N SER O 69 7.35 -46.57 -7.89
CA SER O 69 7.90 -45.44 -7.16
C SER O 69 7.69 -44.19 -8.00
N MET O 70 6.92 -43.24 -7.48
CA MET O 70 6.58 -42.03 -8.22
C MET O 70 7.27 -40.83 -7.59
N THR O 71 7.87 -40.00 -8.44
CA THR O 71 8.48 -38.73 -8.05
C THR O 71 7.96 -37.63 -8.97
N ARG O 72 8.35 -36.40 -8.68
CA ARG O 72 7.97 -35.28 -9.53
C ARG O 72 9.10 -34.26 -9.56
N GLN O 73 9.01 -33.36 -10.54
CA GLN O 73 9.97 -32.28 -10.73
C GLN O 73 9.18 -31.03 -11.09
N LEU O 74 9.14 -30.09 -10.16
CA LEU O 74 8.33 -28.88 -10.29
C LEU O 74 9.04 -27.85 -11.16
N SER O 75 8.38 -26.71 -11.36
CA SER O 75 8.93 -25.59 -12.09
C SER O 75 9.30 -24.50 -11.09
N GLN O 76 10.60 -24.21 -10.98
CA GLN O 76 11.09 -23.25 -10.01
C GLN O 76 11.66 -22.05 -10.77
N ASP O 77 10.76 -21.14 -11.14
CA ASP O 77 11.05 -19.84 -11.74
C ASP O 77 9.79 -19.00 -11.68
N PRO O 78 9.90 -17.69 -11.48
CA PRO O 78 8.70 -16.84 -11.48
C PRO O 78 8.16 -16.52 -12.87
N ASP O 79 8.78 -17.02 -13.93
CA ASP O 79 8.39 -16.71 -15.30
C ASP O 79 7.56 -17.82 -15.95
N ASP O 80 7.95 -19.08 -15.80
CA ASP O 80 7.21 -20.21 -16.36
C ASP O 80 6.89 -21.23 -15.27
N PRO O 81 5.86 -20.98 -14.46
CA PRO O 81 5.46 -21.97 -13.44
C PRO O 81 4.38 -22.94 -13.88
N ASP O 82 3.98 -22.91 -15.15
CA ASP O 82 2.83 -23.67 -15.61
C ASP O 82 3.17 -25.05 -16.14
N TRP O 83 4.33 -25.59 -15.81
CA TRP O 83 4.71 -26.92 -16.27
C TRP O 83 5.26 -27.75 -15.12
N GLY O 84 5.41 -29.05 -15.39
CA GLY O 84 5.98 -29.96 -14.42
C GLY O 84 6.22 -31.29 -15.06
N VAL O 85 7.01 -32.13 -14.39
CA VAL O 85 7.30 -33.46 -14.91
C VAL O 85 7.02 -34.48 -13.82
N ALA O 86 6.04 -35.34 -14.05
CA ALA O 86 5.83 -36.49 -13.20
C ALA O 86 6.69 -37.65 -13.67
N TYR O 87 7.05 -38.54 -12.76
CA TYR O 87 7.82 -39.72 -13.09
C TYR O 87 7.16 -40.95 -12.51
N MET O 88 7.44 -42.11 -13.11
CA MET O 88 7.05 -43.38 -12.52
C MET O 88 8.14 -44.39 -12.84
N GLU O 89 8.84 -44.86 -11.81
CA GLU O 89 9.76 -45.99 -11.93
C GLU O 89 8.99 -47.23 -11.50
N PHE O 90 8.67 -48.08 -12.47
CA PHE O 90 8.04 -49.37 -12.21
C PHE O 90 9.11 -50.44 -12.33
N SER O 91 9.37 -51.14 -11.23
CA SER O 91 10.49 -52.06 -11.14
C SER O 91 9.97 -53.48 -10.90
N GLY O 92 10.87 -54.44 -11.06
CA GLY O 92 10.50 -55.84 -10.98
C GLY O 92 9.69 -56.27 -12.19
N LEU O 93 10.19 -55.96 -13.37
CA LEU O 93 9.44 -56.20 -14.60
C LEU O 93 9.35 -57.69 -14.92
N THR O 94 8.13 -58.17 -15.07
CA THR O 94 7.81 -59.50 -15.53
C THR O 94 7.18 -59.41 -16.92
N PRO O 95 7.16 -60.50 -17.69
CA PRO O 95 6.40 -60.49 -18.97
C PRO O 95 4.90 -60.34 -18.80
N ALA O 96 4.36 -60.52 -17.60
CA ALA O 96 2.98 -60.19 -17.32
C ALA O 96 2.74 -58.69 -17.19
N ASP O 97 3.79 -57.87 -17.21
CA ASP O 97 3.67 -56.42 -17.12
C ASP O 97 3.71 -55.74 -18.49
N THR O 98 3.59 -56.50 -19.57
CA THR O 98 3.52 -55.93 -20.92
C THR O 98 2.19 -55.22 -21.08
N ALA O 99 2.21 -53.89 -21.11
CA ALA O 99 0.97 -53.13 -21.04
C ALA O 99 1.21 -51.73 -21.58
N GLU O 100 0.14 -50.94 -21.63
CA GLU O 100 0.23 -49.54 -22.04
C GLU O 100 -0.10 -48.66 -20.84
N TYR O 101 0.83 -47.79 -20.49
CA TYR O 101 0.77 -47.03 -19.25
C TYR O 101 0.35 -45.59 -19.55
N PHE O 102 -0.35 -44.98 -18.59
CA PHE O 102 -1.02 -43.70 -18.81
C PHE O 102 -0.88 -42.81 -17.59
N CYS O 103 -0.47 -41.57 -17.81
CA CYS O 103 -0.58 -40.51 -16.82
C CYS O 103 -1.82 -39.69 -17.16
N VAL O 104 -2.73 -39.55 -16.18
CA VAL O 104 -4.01 -38.89 -16.40
C VAL O 104 -4.24 -37.86 -15.30
N ARG O 105 -5.17 -36.96 -15.58
CA ARG O 105 -5.52 -35.90 -14.64
C ARG O 105 -7.03 -35.75 -14.61
N ARG O 106 -7.56 -35.37 -13.45
CA ARG O 106 -8.97 -35.11 -13.31
C ARG O 106 -9.36 -33.83 -14.03
N GLY O 107 -10.67 -33.68 -14.25
CA GLY O 107 -11.18 -32.43 -14.80
C GLY O 107 -11.18 -31.32 -13.77
N SER O 108 -11.27 -30.09 -14.26
CA SER O 108 -11.23 -28.91 -13.42
C SER O 108 -12.63 -28.33 -13.16
N CYS O 109 -13.65 -29.18 -13.09
CA CYS O 109 -14.98 -28.70 -12.78
C CYS O 109 -15.23 -28.80 -11.27
N ASP O 110 -16.33 -28.19 -10.83
CA ASP O 110 -16.64 -28.15 -9.41
C ASP O 110 -17.33 -29.41 -8.90
N TYR O 111 -17.69 -30.33 -9.79
CA TYR O 111 -18.18 -31.64 -9.38
C TYR O 111 -17.30 -32.77 -9.87
N CYS O 112 -16.21 -32.45 -10.55
CA CYS O 112 -15.21 -33.45 -10.92
C CYS O 112 -14.50 -33.92 -9.66
N GLY O 113 -14.57 -35.20 -9.37
CA GLY O 113 -13.82 -35.77 -8.27
C GLY O 113 -12.38 -36.02 -8.65
N ASP O 114 -11.72 -36.86 -7.85
CA ASP O 114 -10.34 -37.20 -8.14
C ASP O 114 -10.25 -38.12 -9.35
N PHE O 115 -10.98 -39.22 -9.31
CA PHE O 115 -11.08 -40.24 -10.34
C PHE O 115 -11.83 -39.95 -11.66
N PRO O 116 -12.78 -38.97 -11.77
CA PRO O 116 -13.29 -38.63 -13.10
C PRO O 116 -12.26 -37.94 -14.00
N TRP O 117 -11.49 -38.77 -14.70
CA TRP O 117 -10.29 -38.38 -15.43
C TRP O 117 -10.65 -37.79 -16.79
N GLN O 118 -10.56 -36.47 -16.91
CA GLN O 118 -10.83 -35.81 -18.18
C GLN O 118 -9.64 -35.93 -19.12
N TYR O 119 -8.45 -35.54 -18.65
CA TYR O 119 -7.26 -35.46 -19.49
C TYR O 119 -6.45 -36.73 -19.41
N TRP O 120 -5.83 -37.09 -20.53
CA TRP O 120 -5.25 -38.40 -20.72
C TRP O 120 -3.97 -38.28 -21.54
N GLY O 121 -2.90 -38.91 -21.09
CA GLY O 121 -1.69 -38.99 -21.88
C GLY O 121 -1.84 -39.97 -23.03
N GLN O 122 -0.91 -39.88 -23.99
CA GLN O 122 -1.00 -40.76 -25.15
C GLN O 122 -0.60 -42.20 -24.86
N GLY O 123 0.00 -42.45 -23.71
CA GLY O 123 0.30 -43.82 -23.32
C GLY O 123 1.64 -44.32 -23.82
N THR O 124 2.33 -45.10 -22.99
CA THR O 124 3.60 -45.70 -23.33
C THR O 124 3.43 -47.21 -23.38
N VAL O 125 3.76 -47.81 -24.51
CA VAL O 125 3.66 -49.26 -24.66
C VAL O 125 4.95 -49.89 -24.15
N VAL O 126 4.83 -50.75 -23.15
CA VAL O 126 5.97 -51.40 -22.53
C VAL O 126 5.86 -52.89 -22.78
N VAL O 127 6.85 -53.44 -23.47
CA VAL O 127 6.97 -54.87 -23.70
C VAL O 127 8.20 -55.36 -22.94
N VAL O 128 8.00 -56.35 -22.08
CA VAL O 128 9.07 -56.83 -21.23
C VAL O 128 9.70 -58.09 -21.82
N ALA P 1 -49.44 -11.07 22.21
CA ALA P 1 -48.94 -12.35 22.68
C ALA P 1 -47.53 -12.21 23.27
N VAL P 2 -47.42 -11.39 24.32
CA VAL P 2 -46.17 -11.20 25.04
C VAL P 2 -46.48 -11.31 26.53
N GLY P 3 -45.55 -11.90 27.28
CA GLY P 3 -45.73 -12.14 28.69
C GLY P 3 -44.48 -11.80 29.48
N ILE P 4 -44.53 -12.10 30.76
CA ILE P 4 -43.45 -11.76 31.68
C ILE P 4 -42.46 -12.91 31.73
N GLY P 5 -41.21 -12.62 31.39
CA GLY P 5 -40.14 -13.60 31.39
C GLY P 5 -38.80 -12.91 31.38
N ALA P 6 -37.81 -13.47 32.06
CA ALA P 6 -36.58 -12.76 32.36
C ALA P 6 -35.39 -13.15 31.49
N VAL P 7 -35.58 -14.07 30.55
CA VAL P 7 -34.48 -14.59 29.73
C VAL P 7 -34.18 -13.52 28.68
N PHE P 8 -33.02 -13.61 28.02
CA PHE P 8 -32.46 -12.49 27.27
C PHE P 8 -33.28 -12.12 26.03
N LEU P 9 -33.86 -13.11 25.35
CA LEU P 9 -34.69 -12.92 24.15
C LEU P 9 -33.89 -12.21 23.05
N GLY P 10 -32.88 -12.91 22.57
CA GLY P 10 -31.85 -12.33 21.74
C GLY P 10 -32.00 -12.59 20.26
N PHE P 11 -30.92 -12.27 19.54
CA PHE P 11 -30.92 -12.27 18.07
C PHE P 11 -31.01 -13.69 17.53
N LEU P 12 -31.99 -13.91 16.64
CA LEU P 12 -32.36 -15.21 16.08
C LEU P 12 -32.77 -16.21 17.16
N GLY P 13 -33.31 -15.73 18.27
CA GLY P 13 -33.72 -16.64 19.33
C GLY P 13 -34.96 -17.42 18.97
N ALA P 14 -35.92 -16.78 18.30
CA ALA P 14 -37.17 -17.41 17.90
C ALA P 14 -37.18 -17.81 16.42
N ALA P 15 -36.03 -18.22 15.90
CA ALA P 15 -35.97 -18.66 14.51
C ALA P 15 -36.68 -19.98 14.29
N GLY P 16 -36.75 -20.82 15.32
CA GLY P 16 -37.41 -22.10 15.20
C GLY P 16 -38.82 -22.10 15.76
N SER P 17 -39.19 -21.02 16.45
CA SER P 17 -40.57 -20.88 16.90
C SER P 17 -41.48 -20.59 15.72
N THR P 18 -42.77 -20.86 15.91
CA THR P 18 -43.76 -20.63 14.87
C THR P 18 -43.86 -19.14 14.55
N MET P 19 -44.25 -18.83 13.31
CA MET P 19 -44.17 -17.47 12.82
C MET P 19 -45.25 -16.56 13.40
N GLY P 20 -46.22 -17.10 14.14
CA GLY P 20 -47.06 -16.27 14.98
C GLY P 20 -46.43 -15.90 16.30
N ALA P 21 -45.28 -16.51 16.64
CA ALA P 21 -44.58 -16.24 17.88
C ALA P 21 -43.25 -15.53 17.68
N ALA P 22 -42.63 -15.69 16.51
CA ALA P 22 -41.45 -14.91 16.17
C ALA P 22 -41.80 -13.49 15.73
N SER P 23 -43.07 -13.22 15.44
CA SER P 23 -43.50 -11.88 15.08
C SER P 23 -43.55 -10.95 16.29
N MET P 24 -43.64 -11.49 17.49
CA MET P 24 -43.61 -10.66 18.69
C MET P 24 -42.20 -10.23 19.06
N THR P 25 -41.18 -10.79 18.43
CA THR P 25 -39.79 -10.34 18.59
C THR P 25 -39.19 -10.10 17.20
N LEU P 26 -39.47 -8.93 16.65
CA LEU P 26 -38.91 -8.52 15.37
C LEU P 26 -38.01 -7.29 15.48
N THR P 27 -38.11 -6.54 16.57
CA THR P 27 -37.20 -5.41 16.77
C THR P 27 -35.80 -5.88 17.16
N VAL P 28 -35.65 -7.14 17.57
CA VAL P 28 -34.34 -7.64 17.97
C VAL P 28 -33.49 -7.89 16.74
N GLN P 29 -34.05 -8.59 15.74
CA GLN P 29 -33.33 -8.82 14.50
C GLN P 29 -33.21 -7.54 13.68
N ALA P 30 -34.13 -6.59 13.86
CA ALA P 30 -33.98 -5.29 13.21
C ALA P 30 -32.86 -4.49 13.85
N ARG P 31 -32.72 -4.57 15.18
CA ARG P 31 -31.63 -3.88 15.86
C ARG P 31 -30.28 -4.48 15.51
N ASN P 32 -30.14 -5.80 15.65
CA ASN P 32 -28.85 -6.46 15.43
C ASN P 32 -28.67 -6.84 13.96
N LEU P 33 -28.77 -5.83 13.10
CA LEU P 33 -28.63 -6.00 11.67
C LEU P 33 -27.72 -4.94 11.07
N LEU P 34 -27.44 -3.87 11.79
CA LEU P 34 -26.71 -2.73 11.27
C LEU P 34 -25.39 -2.49 11.99
N SER P 35 -25.41 -2.38 13.33
CA SER P 35 -24.21 -2.04 14.07
C SER P 35 -23.23 -3.19 14.20
N GLY P 36 -23.71 -4.43 14.05
CA GLY P 36 -22.85 -5.59 14.18
C GLY P 36 -23.24 -6.46 15.35
N THR P 58 -2.13 -3.28 8.11
CA THR P 58 -1.97 -2.09 7.28
C THR P 58 -2.82 -2.17 6.02
N VAL P 59 -3.29 -3.38 5.71
CA VAL P 59 -4.15 -3.62 4.57
C VAL P 59 -5.57 -4.00 4.98
N TRP P 60 -5.73 -4.64 6.15
CA TRP P 60 -6.99 -5.23 6.58
C TRP P 60 -8.10 -4.21 6.83
N GLY P 61 -7.74 -2.93 6.97
CA GLY P 61 -8.74 -1.88 7.04
C GLY P 61 -9.60 -1.79 5.79
N ILE P 62 -9.04 -2.17 4.64
CA ILE P 62 -9.82 -2.20 3.39
C ILE P 62 -10.88 -3.30 3.45
N LYS P 63 -10.52 -4.47 3.99
CA LYS P 63 -11.47 -5.57 4.10
C LYS P 63 -12.58 -5.25 5.10
N GLN P 64 -12.19 -4.73 6.28
CA GLN P 64 -13.17 -4.31 7.28
C GLN P 64 -14.06 -3.19 6.74
N LEU P 65 -13.49 -2.29 5.95
CA LEU P 65 -14.21 -1.14 5.47
C LEU P 65 -15.21 -1.52 4.39
N GLN P 66 -14.83 -2.46 3.52
CA GLN P 66 -15.79 -2.90 2.50
C GLN P 66 -16.85 -3.80 3.10
N ALA P 67 -16.55 -4.52 4.19
CA ALA P 67 -17.60 -5.25 4.91
C ALA P 67 -18.61 -4.29 5.54
N ARG P 68 -18.12 -3.18 6.11
CA ARG P 68 -19.03 -2.20 6.71
C ARG P 68 -19.88 -1.50 5.66
N VAL P 69 -19.31 -1.18 4.50
CA VAL P 69 -20.15 -0.52 3.50
C VAL P 69 -21.10 -1.51 2.83
N LEU P 70 -20.75 -2.82 2.80
CA LEU P 70 -21.72 -3.82 2.36
C LEU P 70 -22.88 -3.91 3.32
N ALA P 71 -22.60 -3.80 4.63
CA ALA P 71 -23.66 -3.83 5.64
C ALA P 71 -24.60 -2.64 5.49
N VAL P 72 -24.05 -1.43 5.36
CA VAL P 72 -24.93 -0.26 5.25
C VAL P 72 -25.64 -0.22 3.90
N GLU P 73 -25.03 -0.79 2.85
CA GLU P 73 -25.70 -0.84 1.55
C GLU P 73 -26.87 -1.79 1.57
N ARG P 74 -26.71 -2.94 2.24
CA ARG P 74 -27.81 -3.89 2.37
C ARG P 74 -28.95 -3.31 3.21
N TYR P 75 -28.60 -2.59 4.29
CA TYR P 75 -29.63 -1.96 5.10
C TYR P 75 -30.39 -0.89 4.33
N LEU P 76 -29.68 -0.09 3.52
CA LEU P 76 -30.33 0.92 2.70
C LEU P 76 -31.20 0.30 1.61
N ARG P 77 -30.79 -0.82 1.02
CA ARG P 77 -31.61 -1.47 0.01
C ARG P 77 -32.90 -2.00 0.62
N ASP P 78 -32.83 -2.57 1.83
CA ASP P 78 -34.05 -3.06 2.46
C ASP P 78 -34.97 -1.91 2.89
N GLN P 79 -34.39 -0.83 3.44
CA GLN P 79 -35.21 0.33 3.79
C GLN P 79 -35.79 1.02 2.57
N GLN P 80 -35.12 0.92 1.42
CA GLN P 80 -35.68 1.49 0.20
C GLN P 80 -36.82 0.63 -0.35
N LEU P 81 -36.70 -0.69 -0.22
CA LEU P 81 -37.81 -1.57 -0.60
C LEU P 81 -39.03 -1.33 0.28
N LEU P 82 -38.81 -1.09 1.57
CA LEU P 82 -39.94 -0.70 2.44
C LEU P 82 -40.49 0.66 2.05
N GLY P 83 -39.61 1.64 1.82
CA GLY P 83 -40.04 3.03 1.68
C GLY P 83 -40.87 3.30 0.44
N ILE P 84 -40.65 2.55 -0.64
CA ILE P 84 -41.49 2.70 -1.83
C ILE P 84 -42.79 1.93 -1.72
N TRP P 85 -43.00 1.23 -0.61
CA TRP P 85 -44.29 0.65 -0.25
C TRP P 85 -44.95 1.56 0.79
N GLY P 86 -46.00 1.05 1.42
CA GLY P 86 -46.76 1.87 2.35
C GLY P 86 -46.01 2.17 3.64
N CYS P 87 -45.25 1.21 4.15
CA CYS P 87 -44.61 1.38 5.45
C CYS P 87 -43.16 1.78 5.32
N SER P 88 -42.79 2.88 5.95
CA SER P 88 -41.41 3.36 5.94
C SER P 88 -40.71 3.11 7.26
N GLY P 89 -41.44 3.13 8.37
CA GLY P 89 -40.86 2.84 9.65
C GLY P 89 -41.83 2.10 10.58
N LYS P 90 -42.80 1.40 10.01
CA LYS P 90 -43.82 0.77 10.84
C LYS P 90 -43.31 -0.51 11.46
N LEU P 91 -42.56 -1.31 10.70
CA LEU P 91 -41.99 -2.63 10.95
C LEU P 91 -43.07 -3.73 10.95
N ILE P 92 -44.36 -3.38 11.00
CA ILE P 92 -45.48 -4.25 10.65
C ILE P 92 -46.44 -3.39 9.86
N CYS P 93 -46.62 -3.69 8.57
CA CYS P 93 -47.52 -2.87 7.78
C CYS P 93 -48.44 -3.73 6.94
N CYS P 94 -49.60 -3.19 6.67
CA CYS P 94 -50.65 -3.85 5.93
C CYS P 94 -50.82 -3.11 4.61
N THR P 95 -51.32 -3.79 3.58
CA THR P 95 -51.47 -3.17 2.27
C THR P 95 -52.74 -3.65 1.59
N ASN P 96 -52.94 -3.18 0.36
CA ASN P 96 -54.21 -3.31 -0.33
C ASN P 96 -54.20 -4.36 -1.44
N VAL P 97 -53.13 -5.12 -1.60
CA VAL P 97 -53.19 -6.26 -2.53
C VAL P 97 -53.66 -7.51 -1.78
N PRO P 98 -54.60 -8.25 -2.35
CA PRO P 98 -55.09 -9.46 -1.69
C PRO P 98 -54.22 -10.66 -1.96
N TRP P 99 -54.24 -11.58 -1.00
CA TRP P 99 -53.46 -12.81 -1.10
C TRP P 99 -54.06 -13.72 -2.17
N ASN P 100 -53.37 -13.83 -3.31
CA ASN P 100 -53.78 -14.78 -4.33
C ASN P 100 -53.58 -16.19 -3.82
N SER P 101 -54.67 -16.97 -3.83
CA SER P 101 -54.62 -18.30 -3.21
C SER P 101 -53.97 -19.33 -4.13
N SER P 102 -53.55 -18.91 -5.33
CA SER P 102 -52.72 -19.78 -6.16
C SER P 102 -51.27 -19.80 -5.67
N TRP P 103 -50.92 -18.90 -4.76
CA TRP P 103 -49.54 -18.79 -4.29
C TRP P 103 -49.21 -19.87 -3.27
N SER P 104 -50.03 -20.01 -2.24
CA SER P 104 -49.73 -20.92 -1.15
C SER P 104 -50.81 -21.93 -0.84
N ASN P 105 -52.06 -21.69 -1.30
CA ASN P 105 -53.25 -22.58 -1.26
C ASN P 105 -53.46 -23.33 0.07
N ARG P 106 -53.12 -22.67 1.18
CA ARG P 106 -53.22 -23.29 2.50
C ARG P 106 -53.93 -22.34 3.44
N ASN P 107 -54.42 -22.91 4.54
CA ASN P 107 -55.30 -22.20 5.47
C ASN P 107 -54.52 -21.17 6.28
N LEU P 108 -55.27 -20.22 6.85
CA LEU P 108 -54.66 -19.21 7.71
C LEU P 108 -54.26 -19.81 9.06
N SER P 109 -54.98 -20.82 9.52
CA SER P 109 -54.68 -21.43 10.81
C SER P 109 -53.42 -22.27 10.77
N GLU P 110 -53.02 -22.75 9.59
CA GLU P 110 -51.87 -23.63 9.48
C GLU P 110 -50.60 -22.92 9.01
N ILE P 111 -50.53 -21.60 9.15
CA ILE P 111 -49.30 -20.87 8.97
C ILE P 111 -48.83 -20.21 10.27
N TRP P 112 -49.72 -19.52 10.98
CA TRP P 112 -49.32 -18.77 12.16
C TRP P 112 -49.16 -19.63 13.39
N ASP P 113 -49.59 -20.89 13.34
CA ASP P 113 -49.48 -21.79 14.48
C ASP P 113 -48.74 -23.07 14.13
N ASN P 114 -48.32 -23.24 12.88
CA ASN P 114 -47.71 -24.49 12.45
C ASN P 114 -46.28 -24.32 11.97
N MET P 115 -46.03 -23.37 11.06
CA MET P 115 -44.74 -23.29 10.39
C MET P 115 -43.90 -22.12 10.90
N THR P 116 -42.64 -22.11 10.48
CA THR P 116 -41.67 -21.09 10.83
C THR P 116 -41.34 -20.26 9.59
N TRP P 117 -40.59 -19.19 9.80
CA TRP P 117 -40.17 -18.36 8.68
C TRP P 117 -39.13 -19.05 7.81
N LEU P 118 -38.31 -19.92 8.41
CA LEU P 118 -37.35 -20.71 7.63
C LEU P 118 -38.06 -21.67 6.68
N GLN P 119 -39.26 -22.13 7.06
CA GLN P 119 -40.05 -23.06 6.26
C GLN P 119 -41.04 -22.35 5.36
N TRP P 120 -41.51 -21.17 5.75
CA TRP P 120 -42.36 -20.35 4.91
C TRP P 120 -41.57 -19.61 3.84
N ASP P 121 -40.27 -19.44 4.04
CA ASP P 121 -39.42 -18.81 3.03
C ASP P 121 -39.31 -19.67 1.78
N LYS P 122 -39.20 -20.98 1.96
CA LYS P 122 -39.07 -21.87 0.81
C LYS P 122 -40.38 -22.01 0.04
N GLU P 123 -41.51 -21.90 0.72
CA GLU P 123 -42.78 -22.18 0.09
C GLU P 123 -43.30 -21.05 -0.78
N ILE P 124 -42.74 -19.84 -0.66
CA ILE P 124 -43.14 -18.73 -1.54
C ILE P 124 -41.93 -18.06 -2.16
N SER P 125 -40.78 -18.76 -2.17
CA SER P 125 -39.59 -18.20 -2.82
C SER P 125 -39.76 -18.15 -4.33
N ASN P 126 -40.51 -19.09 -4.89
CA ASN P 126 -40.83 -19.06 -6.31
C ASN P 126 -41.83 -17.95 -6.61
N TYR P 127 -42.79 -17.71 -5.72
CA TYR P 127 -43.77 -16.65 -5.98
C TYR P 127 -43.30 -15.29 -5.50
N THR P 128 -42.10 -15.22 -4.93
CA THR P 128 -41.48 -13.93 -4.64
C THR P 128 -41.09 -13.27 -5.96
N GLN P 129 -41.09 -11.92 -5.96
CA GLN P 129 -40.81 -10.97 -7.05
C GLN P 129 -41.99 -10.89 -8.03
N ILE P 130 -42.97 -11.77 -7.88
CA ILE P 130 -44.29 -11.51 -8.41
C ILE P 130 -45.06 -10.61 -7.45
N ILE P 131 -44.84 -10.80 -6.16
CA ILE P 131 -45.57 -10.06 -5.12
C ILE P 131 -45.06 -8.62 -5.03
N TYR P 132 -43.74 -8.43 -5.20
CA TYR P 132 -43.14 -7.12 -4.96
C TYR P 132 -43.56 -6.11 -6.02
N GLY P 133 -43.71 -6.56 -7.27
CA GLY P 133 -44.22 -5.69 -8.30
C GLY P 133 -45.65 -5.27 -8.06
N LEU P 134 -46.46 -6.17 -7.50
CA LEU P 134 -47.83 -5.83 -7.14
C LEU P 134 -47.86 -4.86 -5.98
N LEU P 135 -46.91 -4.99 -5.06
CA LEU P 135 -46.81 -4.05 -3.94
C LEU P 135 -46.47 -2.64 -4.42
N GLU P 136 -45.49 -2.52 -5.31
CA GLU P 136 -45.14 -1.22 -5.88
C GLU P 136 -46.28 -0.66 -6.73
N GLU P 137 -46.98 -1.53 -7.47
CA GLU P 137 -48.08 -1.10 -8.32
C GLU P 137 -49.23 -0.55 -7.49
N SER P 138 -49.58 -1.25 -6.41
CA SER P 138 -50.64 -0.79 -5.53
C SER P 138 -50.25 0.47 -4.78
N GLN P 139 -48.97 0.62 -4.41
CA GLN P 139 -48.56 1.83 -3.73
C GLN P 139 -48.52 3.03 -4.66
N ASN P 140 -48.11 2.85 -5.92
CA ASN P 140 -48.13 3.93 -6.89
C ASN P 140 -49.56 4.34 -7.23
N GLN P 141 -50.46 3.35 -7.34
CA GLN P 141 -51.87 3.66 -7.61
C GLN P 141 -52.52 4.37 -6.42
N GLN P 142 -52.15 3.97 -5.19
CA GLN P 142 -52.68 4.66 -4.02
C GLN P 142 -52.13 6.07 -3.88
N GLU P 143 -50.87 6.28 -4.27
CA GLU P 143 -50.31 7.64 -4.26
C GLU P 143 -50.99 8.53 -5.28
N LYS P 144 -51.27 8.02 -6.48
CA LYS P 144 -51.94 8.88 -7.45
C LYS P 144 -53.42 9.08 -7.11
N ASN P 145 -54.06 8.10 -6.47
CA ASN P 145 -55.42 8.30 -5.98
C ASN P 145 -55.47 9.33 -4.86
N GLU P 146 -54.47 9.31 -3.97
CA GLU P 146 -54.39 10.31 -2.92
C GLU P 146 -54.13 11.70 -3.48
N GLN P 147 -53.27 11.79 -4.50
CA GLN P 147 -52.99 13.08 -5.13
C GLN P 147 -54.23 13.64 -5.82
N ASP P 148 -55.00 12.77 -6.50
CA ASP P 148 -56.23 13.23 -7.14
C ASP P 148 -57.30 13.59 -6.11
N LEU P 149 -57.35 12.89 -4.98
CA LEU P 149 -58.34 13.20 -3.96
C LEU P 149 -58.03 14.51 -3.25
N LEU P 150 -56.75 14.80 -3.03
CA LEU P 150 -56.37 16.15 -2.60
C LEU P 150 -56.63 17.19 -3.68
N ALA P 151 -56.48 16.82 -4.96
CA ALA P 151 -56.59 17.79 -6.03
C ALA P 151 -58.04 18.19 -6.31
N LEU P 152 -59.00 17.29 -6.09
CA LEU P 152 -60.40 17.65 -6.30
C LEU P 152 -60.95 18.52 -5.18
N ASP P 153 -60.27 18.60 -4.05
CA ASP P 153 -60.69 19.44 -2.94
C ASP P 153 -60.13 20.85 -3.07
N ALA Q 1 -58.37 28.29 -7.09
CA ALA Q 1 -57.78 27.22 -7.90
C ALA Q 1 -56.58 27.73 -8.67
N GLU Q 2 -56.57 29.03 -8.93
CA GLU Q 2 -55.44 29.67 -9.58
C GLU Q 2 -54.22 29.75 -8.65
N ASN Q 3 -54.42 29.67 -7.34
CA ASN Q 3 -53.32 29.47 -6.42
C ASN Q 3 -52.83 28.02 -6.53
N LEU Q 4 -51.59 27.84 -6.95
CA LEU Q 4 -51.04 26.50 -7.01
C LEU Q 4 -50.26 26.22 -5.74
N TRP Q 5 -50.09 24.93 -5.45
CA TRP Q 5 -49.38 24.50 -4.27
C TRP Q 5 -48.18 23.68 -4.70
N VAL Q 6 -47.07 23.86 -4.04
CA VAL Q 6 -45.86 23.23 -4.55
C VAL Q 6 -45.80 21.80 -4.03
N THR Q 7 -45.17 20.94 -4.82
CA THR Q 7 -44.98 19.53 -4.47
C THR Q 7 -43.58 19.14 -4.90
N VAL Q 8 -42.86 18.44 -4.02
CA VAL Q 8 -41.55 17.92 -4.35
C VAL Q 8 -41.70 16.45 -4.71
N TYR Q 9 -41.07 16.06 -5.82
CA TYR Q 9 -41.14 14.71 -6.34
C TYR Q 9 -39.76 14.09 -6.24
N TYR Q 10 -39.71 12.85 -5.79
CA TYR Q 10 -38.45 12.12 -5.70
C TYR Q 10 -38.39 11.10 -6.82
N GLY Q 11 -37.19 10.86 -7.32
CA GLY Q 11 -37.01 10.00 -8.47
C GLY Q 11 -37.15 10.70 -9.80
N VAL Q 12 -37.00 12.01 -9.84
CA VAL Q 12 -37.23 12.79 -11.05
C VAL Q 12 -36.09 12.55 -12.05
N PRO Q 13 -36.39 12.17 -13.30
CA PRO Q 13 -35.33 12.03 -14.29
C PRO Q 13 -34.83 13.37 -14.83
N VAL Q 14 -33.68 13.79 -14.32
CA VAL Q 14 -32.99 15.00 -14.77
C VAL Q 14 -31.54 14.86 -14.31
N TRP Q 15 -30.62 15.28 -15.18
CA TRP Q 15 -29.20 15.14 -14.91
C TRP Q 15 -28.50 16.47 -15.10
N LYS Q 16 -27.37 16.61 -14.42
CA LYS Q 16 -26.40 17.64 -14.75
C LYS Q 16 -25.12 17.00 -15.23
N ASP Q 17 -24.25 17.81 -15.83
CA ASP Q 17 -22.95 17.32 -16.25
C ASP Q 17 -22.02 17.26 -15.05
N ALA Q 18 -21.26 16.18 -14.94
CA ALA Q 18 -20.44 15.98 -13.75
C ALA Q 18 -19.17 15.24 -14.11
N GLU Q 19 -18.21 15.30 -13.18
CA GLU Q 19 -16.92 14.66 -13.31
C GLU Q 19 -16.75 13.68 -12.16
N THR Q 20 -16.77 12.39 -12.46
CA THR Q 20 -16.60 11.35 -11.47
C THR Q 20 -15.58 10.34 -11.95
N THR Q 21 -15.22 9.42 -11.06
CA THR Q 21 -14.24 8.38 -11.37
C THR Q 21 -14.99 7.10 -11.74
N LEU Q 22 -14.97 6.77 -13.02
CA LEU Q 22 -15.54 5.51 -13.47
C LEU Q 22 -14.61 4.37 -13.06
N PHE Q 23 -15.18 3.16 -12.96
CA PHE Q 23 -14.38 2.02 -12.56
C PHE Q 23 -14.27 1.02 -13.71
N CYS Q 24 -13.15 0.32 -13.74
CA CYS Q 24 -12.84 -0.62 -14.81
C CYS Q 24 -13.71 -1.86 -14.72
N ALA Q 25 -13.88 -2.51 -15.87
CA ALA Q 25 -14.53 -3.80 -15.93
C ALA Q 25 -13.99 -4.56 -17.13
N SER Q 26 -14.10 -5.88 -17.06
CA SER Q 26 -13.63 -6.73 -18.14
C SER Q 26 -14.75 -7.68 -18.52
N ASP Q 27 -14.57 -8.35 -19.65
CA ASP Q 27 -15.53 -9.38 -20.06
C ASP Q 27 -15.31 -10.63 -19.22
N ALA Q 28 -16.29 -11.53 -19.27
CA ALA Q 28 -16.23 -12.76 -18.47
C ALA Q 28 -15.13 -13.69 -18.99
N LYS Q 29 -14.89 -13.68 -20.30
CA LYS Q 29 -13.75 -14.42 -20.83
C LYS Q 29 -12.44 -13.74 -20.49
N ALA Q 30 -12.46 -12.40 -20.39
CA ALA Q 30 -11.30 -11.68 -19.91
C ALA Q 30 -11.13 -11.86 -18.40
N TYR Q 31 -12.24 -12.11 -17.70
CA TYR Q 31 -12.17 -12.41 -16.27
C TYR Q 31 -11.76 -13.86 -16.04
N GLU Q 32 -11.85 -14.69 -17.09
CA GLU Q 32 -11.52 -16.11 -16.95
C GLU Q 32 -10.02 -16.32 -16.78
N THR Q 33 -9.20 -15.49 -17.41
CA THR Q 33 -7.76 -15.64 -17.28
C THR Q 33 -7.31 -15.13 -15.92
N GLU Q 34 -6.16 -15.62 -15.45
CA GLU Q 34 -5.80 -15.49 -14.05
C GLU Q 34 -4.30 -15.30 -13.89
N LYS Q 35 -3.88 -15.19 -12.62
CA LYS Q 35 -2.49 -15.16 -12.14
C LYS Q 35 -1.69 -13.96 -12.65
N HIS Q 36 -2.38 -12.90 -13.09
CA HIS Q 36 -1.77 -11.72 -13.73
C HIS Q 36 -0.91 -12.08 -14.93
N ASN Q 37 -1.42 -12.98 -15.79
CA ASN Q 37 -0.76 -13.18 -17.08
C ASN Q 37 -1.01 -12.02 -18.02
N VAL Q 38 -2.10 -11.29 -17.79
CA VAL Q 38 -2.30 -9.95 -18.34
C VAL Q 38 -2.37 -9.00 -17.15
N TRP Q 39 -2.61 -7.72 -17.43
CA TRP Q 39 -2.76 -6.79 -16.34
C TRP Q 39 -4.10 -7.00 -15.62
N ALA Q 40 -4.03 -6.95 -14.28
CA ALA Q 40 -5.16 -6.68 -13.35
C ALA Q 40 -6.44 -7.46 -13.66
N THR Q 41 -6.33 -8.78 -13.74
CA THR Q 41 -7.45 -9.59 -14.21
C THR Q 41 -8.55 -9.70 -13.16
N HIS Q 42 -8.18 -9.76 -11.88
CA HIS Q 42 -9.15 -9.85 -10.80
C HIS Q 42 -9.44 -8.51 -10.13
N ALA Q 43 -8.75 -7.45 -10.55
CA ALA Q 43 -9.00 -6.14 -9.95
C ALA Q 43 -10.30 -5.54 -10.45
N CYS Q 44 -10.70 -5.89 -11.67
CA CYS Q 44 -11.89 -5.32 -12.30
C CYS Q 44 -13.04 -6.31 -12.21
N VAL Q 45 -14.26 -5.78 -12.21
CA VAL Q 45 -15.46 -6.62 -12.11
C VAL Q 45 -15.75 -7.25 -13.46
N PRO Q 46 -16.27 -8.47 -13.54
CA PRO Q 46 -16.69 -8.99 -14.84
C PRO Q 46 -18.07 -8.48 -15.24
N THR Q 47 -18.24 -8.32 -16.55
CA THR Q 47 -19.48 -7.83 -17.13
C THR Q 47 -19.71 -8.49 -18.49
N ASP Q 48 -20.84 -8.16 -19.10
CA ASP Q 48 -21.16 -8.69 -20.41
C ASP Q 48 -20.42 -7.91 -21.51
N PRO Q 49 -20.17 -8.54 -22.65
CA PRO Q 49 -19.80 -7.77 -23.85
C PRO Q 49 -21.03 -7.12 -24.44
N ASN Q 50 -20.85 -5.90 -24.96
CA ASN Q 50 -21.90 -4.98 -25.39
C ASN Q 50 -22.92 -4.79 -24.28
N PRO Q 51 -22.59 -4.00 -23.24
CA PRO Q 51 -23.48 -3.88 -22.08
C PRO Q 51 -24.80 -3.20 -22.41
N GLN Q 52 -25.76 -3.34 -21.50
CA GLN Q 52 -27.14 -3.02 -21.82
C GLN Q 52 -27.37 -1.51 -21.89
N GLU Q 53 -28.12 -1.11 -22.92
CA GLU Q 53 -28.41 0.29 -23.20
C GLU Q 53 -29.89 0.42 -23.50
N ILE Q 54 -30.49 1.55 -23.10
CA ILE Q 54 -31.86 1.86 -23.51
C ILE Q 54 -31.89 3.23 -24.17
N HIS Q 55 -32.81 3.40 -25.11
CA HIS Q 55 -32.90 4.59 -25.93
C HIS Q 55 -33.80 5.62 -25.27
N LEU Q 56 -33.39 6.88 -25.38
CA LEU Q 56 -34.09 8.01 -24.78
C LEU Q 56 -34.71 8.84 -25.89
N GLU Q 57 -36.03 9.00 -25.84
CA GLU Q 57 -36.79 9.66 -26.89
C GLU Q 57 -36.89 11.15 -26.57
N ASN Q 58 -36.86 11.98 -27.62
CA ASN Q 58 -37.14 13.42 -27.58
C ASN Q 58 -36.17 14.16 -26.68
N VAL Q 59 -34.90 13.79 -26.71
CA VAL Q 59 -33.89 14.35 -25.83
C VAL Q 59 -32.74 14.84 -26.70
N THR Q 60 -32.07 15.91 -26.26
CA THR Q 60 -30.96 16.47 -27.02
C THR Q 60 -29.97 17.06 -26.02
N GLU Q 61 -28.76 16.51 -26.01
CA GLU Q 61 -27.67 17.02 -25.17
C GLU Q 61 -26.52 17.43 -26.06
N GLU Q 62 -25.84 18.52 -25.68
CA GLU Q 62 -24.65 18.95 -26.41
C GLU Q 62 -23.43 18.23 -25.85
N PHE Q 63 -22.59 17.71 -26.75
CA PHE Q 63 -21.41 16.96 -26.38
C PHE Q 63 -20.17 17.71 -26.83
N ASN Q 64 -19.04 17.33 -26.26
CA ASN Q 64 -17.74 17.89 -26.63
C ASN Q 64 -16.69 16.87 -26.25
N MET Q 65 -16.07 16.22 -27.22
CA MET Q 65 -15.01 15.26 -26.92
C MET Q 65 -13.72 15.94 -26.51
N TRP Q 66 -13.57 17.24 -26.77
CA TRP Q 66 -12.30 17.92 -26.57
C TRP Q 66 -12.16 18.47 -25.16
N LYS Q 67 -13.25 18.98 -24.60
CA LYS Q 67 -13.32 19.30 -23.18
C LYS Q 67 -13.89 18.17 -22.36
N ASN Q 68 -13.91 16.95 -22.90
CA ASN Q 68 -14.47 15.81 -22.20
C ASN Q 68 -13.54 15.39 -21.06
N ASN Q 69 -14.14 14.88 -19.99
CA ASN Q 69 -13.37 14.17 -18.98
C ASN Q 69 -13.22 12.72 -19.43
N MET Q 70 -12.74 11.86 -18.52
CA MET Q 70 -12.62 10.40 -18.57
C MET Q 70 -11.78 9.87 -19.74
N VAL Q 71 -11.23 10.77 -20.55
CA VAL Q 71 -10.04 10.46 -21.34
C VAL Q 71 -8.80 10.79 -20.53
N GLU Q 72 -8.90 11.82 -19.67
CA GLU Q 72 -7.90 12.08 -18.66
C GLU Q 72 -7.82 10.93 -17.67
N GLN Q 73 -8.98 10.41 -17.25
CA GLN Q 73 -9.02 9.30 -16.31
C GLN Q 73 -8.43 8.04 -16.92
N MET Q 74 -8.79 7.75 -18.16
CA MET Q 74 -8.27 6.54 -18.82
C MET Q 74 -6.78 6.67 -19.11
N HIS Q 75 -6.31 7.87 -19.45
CA HIS Q 75 -4.89 8.09 -19.66
C HIS Q 75 -4.09 7.90 -18.37
N THR Q 76 -4.57 8.49 -17.27
CA THR Q 76 -3.91 8.34 -15.97
C THR Q 76 -3.95 6.90 -15.48
N ASP Q 77 -5.08 6.21 -15.69
CA ASP Q 77 -5.22 4.85 -15.18
C ASP Q 77 -4.38 3.87 -15.99
N ILE Q 78 -4.25 4.08 -17.30
CA ILE Q 78 -3.44 3.17 -18.10
C ILE Q 78 -1.95 3.41 -17.86
N ILE Q 79 -1.55 4.66 -17.60
CA ILE Q 79 -0.16 4.91 -17.20
C ILE Q 79 0.15 4.26 -15.86
N SER Q 80 -0.70 4.47 -14.85
CA SER Q 80 -0.45 3.91 -13.53
C SER Q 80 -0.53 2.38 -13.54
N LEU Q 81 -1.43 1.83 -14.35
CA LEU Q 81 -1.58 0.38 -14.43
C LEU Q 81 -0.43 -0.24 -15.23
N TRP Q 82 0.15 0.53 -16.16
CA TRP Q 82 1.38 0.11 -16.81
C TRP Q 82 2.52 0.06 -15.81
N ASP Q 83 2.57 1.04 -14.90
CA ASP Q 83 3.62 1.07 -13.88
C ASP Q 83 3.47 -0.04 -12.87
N GLN Q 84 2.23 -0.37 -12.49
CA GLN Q 84 2.02 -1.34 -11.41
C GLN Q 84 2.27 -2.79 -11.81
N SER Q 85 2.44 -3.08 -13.10
CA SER Q 85 2.83 -4.41 -13.54
C SER Q 85 4.35 -4.55 -13.67
N LEU Q 86 5.12 -3.68 -13.02
CA LEU Q 86 6.57 -3.70 -13.10
C LEU Q 86 7.26 -3.83 -11.75
N LYS Q 87 6.54 -3.62 -10.65
CA LYS Q 87 7.13 -3.76 -9.33
C LYS Q 87 7.61 -5.18 -8.98
N PRO Q 88 6.95 -6.28 -9.37
CA PRO Q 88 7.58 -7.59 -9.15
C PRO Q 88 8.74 -7.89 -10.10
N CYS Q 89 8.95 -7.10 -11.15
CA CYS Q 89 9.90 -7.46 -12.19
C CYS Q 89 11.35 -7.19 -11.78
N VAL Q 90 12.26 -7.46 -12.71
CA VAL Q 90 13.70 -7.50 -12.44
C VAL Q 90 14.34 -6.20 -12.90
N LYS Q 91 15.08 -5.56 -12.00
CA LYS Q 91 15.86 -4.37 -12.34
C LYS Q 91 17.21 -4.78 -12.92
N LEU Q 92 17.64 -4.11 -13.98
CA LEU Q 92 18.93 -4.39 -14.61
C LEU Q 92 20.03 -3.49 -14.04
N THR Q 93 20.14 -3.51 -12.72
CA THR Q 93 21.28 -2.90 -12.04
C THR Q 93 22.61 -3.58 -12.36
N PRO Q 94 22.78 -4.93 -12.35
CA PRO Q 94 24.11 -5.45 -12.65
C PRO Q 94 24.46 -5.47 -14.13
N LEU Q 95 23.59 -4.98 -15.00
CA LEU Q 95 23.87 -5.12 -16.43
C LEU Q 95 24.39 -3.82 -17.02
N CYS Q 96 24.32 -2.72 -16.27
CA CYS Q 96 25.02 -1.50 -16.65
C CYS Q 96 26.50 -1.73 -16.47
N VAL Q 97 27.18 -2.15 -17.53
CA VAL Q 97 28.53 -2.68 -17.45
C VAL Q 97 29.18 -2.44 -18.81
N THR Q 98 30.51 -2.52 -18.88
CA THR Q 98 31.22 -2.31 -20.12
C THR Q 98 30.94 -3.45 -21.09
N LEU Q 99 30.41 -3.12 -22.26
CA LEU Q 99 30.08 -4.10 -23.28
C LEU Q 99 31.16 -4.07 -24.35
N GLN Q 100 31.87 -5.18 -24.51
CA GLN Q 100 32.83 -5.32 -25.60
C GLN Q 100 32.06 -5.84 -26.81
N CYS Q 101 31.78 -4.96 -27.76
CA CYS Q 101 30.88 -5.26 -28.86
C CYS Q 101 31.67 -5.36 -30.16
N THR Q 102 31.47 -6.45 -30.88
CA THR Q 102 31.93 -6.61 -32.25
C THR Q 102 30.72 -6.77 -33.16
N ASN Q 103 30.98 -6.84 -34.46
CA ASN Q 103 29.91 -7.00 -35.42
C ASN Q 103 29.33 -8.40 -35.36
N VAL Q 104 28.08 -8.53 -35.81
CA VAL Q 104 27.47 -9.84 -35.91
C VAL Q 104 28.15 -10.59 -37.06
N THR Q 105 28.24 -11.91 -36.92
CA THR Q 105 28.77 -12.75 -37.99
C THR Q 105 27.82 -12.65 -39.17
N ASN Q 106 28.26 -11.97 -40.22
CA ASN Q 106 27.44 -11.64 -41.38
C ASN Q 106 28.35 -11.13 -42.47
N ASN Q 107 27.89 -11.27 -43.72
CA ASN Q 107 28.54 -10.62 -44.86
C ASN Q 107 28.34 -9.13 -44.69
N ILE Q 108 29.37 -8.44 -44.24
CA ILE Q 108 29.27 -7.01 -43.98
C ILE Q 108 29.40 -6.27 -45.29
N THR Q 109 28.47 -5.34 -45.53
CA THR Q 109 28.57 -4.39 -46.63
C THR Q 109 29.01 -3.06 -46.04
N ASP Q 110 30.09 -2.50 -46.60
CA ASP Q 110 30.68 -1.29 -46.02
C ASP Q 110 29.85 -0.05 -46.27
N ASP Q 111 28.96 -0.08 -47.27
CA ASP Q 111 28.06 1.06 -47.49
C ASP Q 111 26.93 1.07 -46.47
N MET Q 112 26.30 -0.07 -46.24
CA MET Q 112 25.22 -0.18 -45.27
C MET Q 112 25.81 -0.45 -43.88
N ARG Q 113 24.95 -0.71 -42.90
CA ARG Q 113 25.37 -0.94 -41.53
C ARG Q 113 24.67 -2.18 -40.98
N GLY Q 114 25.39 -2.96 -40.18
CA GLY Q 114 24.75 -4.01 -39.42
C GLY Q 114 23.91 -3.40 -38.31
N GLU Q 115 22.67 -3.88 -38.17
CA GLU Q 115 21.78 -3.39 -37.13
C GLU Q 115 21.83 -4.25 -35.88
N LEU Q 116 22.81 -5.14 -35.78
CA LEU Q 116 23.01 -5.99 -34.61
C LEU Q 116 24.46 -5.95 -34.20
N LYS Q 117 24.70 -5.82 -32.90
CA LYS Q 117 26.04 -5.90 -32.34
C LYS Q 117 26.11 -7.10 -31.40
N ASN Q 118 27.16 -7.90 -31.58
CA ASN Q 118 27.43 -9.04 -30.74
C ASN Q 118 28.32 -8.57 -29.60
N CYS Q 119 27.76 -8.48 -28.40
CA CYS Q 119 28.40 -7.84 -27.26
C CYS Q 119 28.68 -8.86 -26.18
N SER Q 120 29.93 -9.00 -25.79
CA SER Q 120 30.32 -9.84 -24.67
C SER Q 120 30.62 -8.97 -23.46
N PHE Q 121 30.38 -9.53 -22.27
CA PHE Q 121 30.53 -8.77 -21.04
C PHE Q 121 30.67 -9.71 -19.85
N ASN Q 122 31.21 -9.17 -18.76
CA ASN Q 122 31.22 -9.89 -17.50
C ASN Q 122 29.83 -9.85 -16.89
N MET Q 123 29.31 -11.00 -16.53
CA MET Q 123 28.05 -11.06 -15.79
C MET Q 123 28.31 -11.68 -14.42
N THR Q 124 27.71 -11.09 -13.40
CA THR Q 124 27.76 -11.69 -12.08
C THR Q 124 26.93 -12.96 -12.05
N THR Q 125 27.47 -14.01 -11.45
CA THR Q 125 26.78 -15.28 -11.36
C THR Q 125 25.85 -15.27 -10.14
N GLU Q 126 25.24 -16.41 -9.85
CA GLU Q 126 24.42 -16.55 -8.66
C GLU Q 126 25.25 -16.55 -7.38
N LEU Q 127 26.54 -16.84 -7.49
CA LEU Q 127 27.45 -16.70 -6.36
C LEU Q 127 28.09 -15.33 -6.42
N ARG Q 128 28.24 -14.69 -5.27
CA ARG Q 128 28.82 -13.36 -5.23
C ARG Q 128 30.34 -13.36 -5.35
N ASP Q 129 30.97 -14.53 -5.35
CA ASP Q 129 32.41 -14.61 -5.61
C ASP Q 129 32.70 -14.60 -7.10
N LYS Q 130 32.13 -15.58 -7.82
CA LYS Q 130 32.51 -15.83 -9.21
C LYS Q 130 31.69 -14.99 -10.17
N LYS Q 131 32.36 -14.49 -11.21
CA LYS Q 131 31.71 -13.88 -12.36
C LYS Q 131 32.05 -14.68 -13.60
N GLN Q 132 31.20 -14.55 -14.61
CA GLN Q 132 31.32 -15.29 -15.85
C GLN Q 132 31.43 -14.31 -17.01
N LYS Q 133 31.76 -14.85 -18.19
CA LYS Q 133 31.76 -14.08 -19.43
C LYS Q 133 30.63 -14.59 -20.30
N VAL Q 134 29.74 -13.69 -20.72
CA VAL Q 134 28.60 -14.11 -21.53
C VAL Q 134 28.40 -13.06 -22.62
N TYR Q 135 27.89 -13.52 -23.76
CA TYR Q 135 27.62 -12.67 -24.91
C TYR Q 135 26.13 -12.58 -25.15
N SER Q 136 25.76 -11.58 -25.94
CA SER Q 136 24.38 -11.32 -26.30
C SER Q 136 24.37 -10.55 -27.61
N LEU Q 137 23.17 -10.33 -28.15
CA LEU Q 137 22.99 -9.55 -29.35
C LEU Q 137 22.10 -8.36 -29.02
N PHE Q 138 22.55 -7.17 -29.35
CA PHE Q 138 21.77 -5.96 -29.13
C PHE Q 138 21.60 -5.23 -30.46
N TYR Q 139 20.72 -4.25 -30.47
CA TYR Q 139 20.55 -3.41 -31.65
C TYR Q 139 21.44 -2.18 -31.53
N ARG Q 140 21.61 -1.49 -32.67
CA ARG Q 140 22.35 -0.23 -32.70
C ARG Q 140 21.65 0.84 -31.85
N LEU Q 141 20.32 0.80 -31.79
CA LEU Q 141 19.54 1.82 -31.13
C LEU Q 141 19.55 1.69 -29.61
N ASP Q 142 20.09 0.60 -29.08
CA ASP Q 142 20.09 0.35 -27.65
C ASP Q 142 21.46 0.50 -27.01
N VAL Q 143 22.53 0.56 -27.79
CA VAL Q 143 23.88 0.71 -27.27
C VAL Q 143 24.53 1.93 -27.90
N VAL Q 144 25.41 2.57 -27.14
CA VAL Q 144 26.20 3.69 -27.61
C VAL Q 144 27.65 3.48 -27.22
N GLN Q 145 28.55 3.97 -28.07
CA GLN Q 145 29.97 3.81 -27.86
C GLN Q 145 30.48 4.86 -26.90
N ILE Q 146 31.19 4.42 -25.86
CA ILE Q 146 31.85 5.31 -24.92
C ILE Q 146 33.32 5.43 -25.32
N ASN Q 147 33.89 6.61 -25.14
CA ASN Q 147 35.25 6.88 -25.59
C ASN Q 147 36.22 6.76 -24.42
N SER Q 157 41.44 1.23 -32.22
CA SER Q 157 41.77 0.74 -30.89
C SER Q 157 40.68 -0.20 -30.38
N ASN Q 158 40.43 -0.16 -29.08
CA ASN Q 158 39.36 -0.95 -28.50
C ASN Q 158 38.00 -0.40 -28.92
N LYS Q 159 36.98 -1.26 -28.83
CA LYS Q 159 35.61 -0.89 -29.18
C LYS Q 159 34.71 -1.39 -28.05
N GLU Q 160 34.51 -0.56 -27.05
CA GLU Q 160 33.66 -0.87 -25.91
C GLU Q 160 32.41 0.01 -25.95
N TYR Q 161 31.26 -0.59 -25.66
CA TYR Q 161 30.01 0.15 -25.70
C TYR Q 161 29.39 0.17 -24.31
N ARG Q 162 28.19 0.73 -24.22
CA ARG Q 162 27.34 0.64 -23.04
C ARG Q 162 25.92 0.81 -23.52
N LEU Q 163 24.97 0.67 -22.60
CA LEU Q 163 23.59 0.96 -22.95
C LEU Q 163 23.35 2.46 -22.92
N ILE Q 164 22.32 2.91 -23.64
CA ILE Q 164 22.05 4.34 -23.71
C ILE Q 164 21.46 4.84 -22.39
N ASN Q 165 20.79 3.96 -21.64
CA ASN Q 165 20.16 4.36 -20.38
C ASN Q 165 21.02 4.06 -19.16
N CYS Q 166 22.34 4.01 -19.31
CA CYS Q 166 23.22 3.79 -18.16
C CYS Q 166 23.41 5.03 -17.33
N ASN Q 167 23.02 6.21 -17.83
CA ASN Q 167 23.16 7.44 -17.07
C ASN Q 167 21.83 8.06 -16.66
N THR Q 168 20.73 7.30 -16.72
CA THR Q 168 19.46 7.86 -16.28
C THR Q 168 18.68 6.96 -15.34
N SER Q 169 18.80 5.64 -15.46
CA SER Q 169 17.94 4.73 -14.70
C SER Q 169 18.49 3.32 -14.76
N ALA Q 170 18.17 2.54 -13.73
CA ALA Q 170 18.25 1.09 -13.82
C ALA Q 170 16.98 0.60 -14.51
N CYS Q 171 17.14 -0.21 -15.55
CA CYS Q 171 16.09 -0.41 -16.53
C CYS Q 171 15.32 -1.68 -16.17
N THR Q 172 14.04 -1.52 -15.83
CA THR Q 172 13.24 -2.64 -15.37
C THR Q 172 12.87 -3.55 -16.54
N GLN Q 173 13.25 -4.82 -16.46
CA GLN Q 173 12.89 -5.79 -17.48
C GLN Q 173 11.39 -6.03 -17.46
N ALA Q 174 10.77 -6.00 -18.64
CA ALA Q 174 9.39 -6.44 -18.75
C ALA Q 174 9.35 -7.94 -18.49
N CYS Q 175 8.49 -8.35 -17.56
CA CYS Q 175 8.41 -9.76 -17.18
C CYS Q 175 7.85 -10.59 -18.32
N PRO Q 176 8.52 -11.67 -18.72
CA PRO Q 176 8.00 -12.49 -19.84
C PRO Q 176 6.76 -13.29 -19.49
N LYS Q 177 6.39 -13.37 -18.21
CA LYS Q 177 5.14 -14.01 -17.84
C LYS Q 177 3.94 -13.18 -18.29
N VAL Q 178 3.97 -11.88 -18.01
CA VAL Q 178 2.85 -11.01 -18.34
C VAL Q 178 2.94 -10.62 -19.81
N SER Q 179 1.79 -10.59 -20.48
CA SER Q 179 1.71 -10.23 -21.88
C SER Q 179 1.17 -8.81 -22.04
N PHE Q 180 1.40 -8.26 -23.23
CA PHE Q 180 1.02 -6.89 -23.53
C PHE Q 180 -0.08 -6.80 -24.58
N GLU Q 181 -0.87 -7.86 -24.73
CA GLU Q 181 -1.96 -7.85 -25.69
C GLU Q 181 -3.11 -6.99 -25.16
N PRO Q 182 -3.87 -6.34 -26.06
CA PRO Q 182 -5.00 -5.53 -25.60
C PRO Q 182 -6.22 -6.38 -25.31
N ILE Q 183 -6.86 -6.12 -24.18
CA ILE Q 183 -8.13 -6.74 -23.83
C ILE Q 183 -9.13 -5.63 -23.52
N PRO Q 184 -10.40 -5.76 -23.94
CA PRO Q 184 -11.30 -4.61 -23.93
C PRO Q 184 -11.74 -4.22 -22.53
N ILE Q 185 -11.60 -2.93 -22.21
CA ILE Q 185 -12.06 -2.38 -20.93
C ILE Q 185 -13.45 -1.82 -21.12
N HIS Q 186 -14.33 -2.09 -20.16
CA HIS Q 186 -15.62 -1.44 -20.07
C HIS Q 186 -15.57 -0.48 -18.88
N TYR Q 187 -15.80 0.81 -19.14
CA TYR Q 187 -15.77 1.81 -18.09
C TYR Q 187 -17.18 1.99 -17.54
N CYS Q 188 -17.41 1.48 -16.34
CA CYS Q 188 -18.73 1.46 -15.75
C CYS Q 188 -18.87 2.58 -14.73
N ALA Q 189 -20.02 3.18 -14.70
CA ALA Q 189 -20.36 4.27 -13.81
C ALA Q 189 -20.88 3.73 -12.48
N PRO Q 190 -20.62 4.41 -11.38
CA PRO Q 190 -21.18 4.02 -10.08
C PRO Q 190 -22.66 4.39 -10.00
N ALA Q 191 -23.23 4.16 -8.83
CA ALA Q 191 -24.62 4.52 -8.59
C ALA Q 191 -24.78 6.03 -8.55
N GLY Q 192 -25.93 6.51 -9.01
CA GLY Q 192 -26.21 7.92 -9.08
C GLY Q 192 -25.74 8.60 -10.35
N PHE Q 193 -24.82 7.99 -11.08
CA PHE Q 193 -24.33 8.51 -12.33
C PHE Q 193 -24.81 7.65 -13.49
N ALA Q 194 -24.89 8.26 -14.67
CA ALA Q 194 -25.26 7.54 -15.88
C ALA Q 194 -24.28 7.92 -16.98
N ILE Q 195 -24.29 7.14 -18.05
CA ILE Q 195 -23.42 7.35 -19.21
C ILE Q 195 -24.30 7.44 -20.45
N LEU Q 196 -24.13 8.49 -21.23
CA LEU Q 196 -24.91 8.75 -22.42
C LEU Q 196 -24.06 8.51 -23.66
N LYS Q 197 -24.59 7.75 -24.61
CA LYS Q 197 -23.91 7.46 -25.86
C LYS Q 197 -24.69 8.12 -27.00
N CYS Q 198 -23.96 8.69 -27.96
CA CYS Q 198 -24.58 9.35 -29.10
C CYS Q 198 -24.66 8.36 -30.26
N LYS Q 199 -25.88 8.01 -30.64
CA LYS Q 199 -26.09 7.13 -31.78
C LYS Q 199 -26.23 7.88 -33.09
N ASP Q 200 -25.95 9.18 -33.12
CA ASP Q 200 -26.13 9.94 -34.34
C ASP Q 200 -25.06 9.58 -35.35
N LYS Q 201 -25.45 9.55 -36.62
CA LYS Q 201 -24.51 9.23 -37.69
C LYS Q 201 -23.55 10.39 -37.94
N LYS Q 202 -24.09 11.52 -38.41
CA LYS Q 202 -23.27 12.66 -38.81
C LYS Q 202 -23.10 13.58 -37.60
N PHE Q 203 -22.29 13.11 -36.65
CA PHE Q 203 -22.02 13.84 -35.42
C PHE Q 203 -20.52 13.96 -35.26
N ASN Q 204 -20.02 15.20 -35.29
CA ASN Q 204 -18.59 15.45 -35.28
C ASN Q 204 -18.02 15.60 -33.87
N GLY Q 205 -18.74 15.12 -32.85
CA GLY Q 205 -18.25 15.22 -31.49
C GLY Q 205 -18.31 16.59 -30.88
N THR Q 206 -19.08 17.50 -31.47
CA THR Q 206 -19.24 18.84 -30.93
C THR Q 206 -20.65 19.30 -31.22
N GLY Q 207 -21.35 19.73 -30.18
CA GLY Q 207 -22.67 20.29 -30.35
C GLY Q 207 -23.77 19.30 -30.01
N PRO Q 208 -25.00 19.60 -30.43
CA PRO Q 208 -26.15 18.80 -29.99
C PRO Q 208 -26.23 17.46 -30.72
N CYS Q 209 -26.36 16.36 -29.93
CA CYS Q 209 -26.67 15.02 -30.41
C CYS Q 209 -28.17 14.78 -30.27
N PRO Q 210 -28.86 14.43 -31.35
CA PRO Q 210 -30.31 14.28 -31.26
C PRO Q 210 -30.77 12.90 -30.83
N SER Q 211 -29.87 11.92 -30.86
CA SER Q 211 -30.21 10.52 -30.58
C SER Q 211 -29.20 9.95 -29.59
N VAL Q 212 -29.50 10.02 -28.31
CA VAL Q 212 -28.63 9.46 -27.29
C VAL Q 212 -29.31 8.23 -26.69
N SER Q 213 -28.53 7.47 -25.94
CA SER Q 213 -29.01 6.28 -25.24
C SER Q 213 -28.22 6.12 -23.97
N THR Q 214 -28.89 5.81 -22.87
CA THR Q 214 -28.13 5.60 -21.65
C THR Q 214 -27.63 4.15 -21.61
N VAL Q 215 -26.48 3.98 -20.98
CA VAL Q 215 -25.80 2.70 -20.96
C VAL Q 215 -25.01 2.65 -19.66
N GLN Q 216 -24.91 1.45 -19.08
CA GLN Q 216 -24.27 1.34 -17.78
C GLN Q 216 -22.76 1.32 -17.90
N CYS Q 217 -22.24 0.65 -18.92
CA CYS Q 217 -20.80 0.54 -19.14
C CYS Q 217 -20.52 0.93 -20.59
N THR Q 218 -19.26 1.24 -20.87
CA THR Q 218 -18.90 1.55 -22.25
C THR Q 218 -18.78 0.27 -23.06
N HIS Q 219 -18.73 0.43 -24.38
CA HIS Q 219 -18.36 -0.71 -25.20
C HIS Q 219 -16.87 -0.96 -25.09
N GLY Q 220 -16.45 -2.12 -25.61
CA GLY Q 220 -15.09 -2.59 -25.46
C GLY Q 220 -14.02 -1.72 -26.11
N ILE Q 221 -13.03 -1.32 -25.32
CA ILE Q 221 -11.94 -0.48 -25.78
C ILE Q 221 -10.66 -1.27 -25.59
N LYS Q 222 -10.16 -1.85 -26.67
CA LYS Q 222 -8.87 -2.52 -26.63
C LYS Q 222 -7.78 -1.47 -26.54
N PRO Q 223 -6.93 -1.50 -25.52
CA PRO Q 223 -5.87 -0.49 -25.42
C PRO Q 223 -4.74 -0.77 -26.39
N VAL Q 224 -4.73 -0.02 -27.50
CA VAL Q 224 -3.66 -0.10 -28.47
C VAL Q 224 -2.75 1.09 -28.24
N VAL Q 225 -1.46 0.90 -28.47
CA VAL Q 225 -0.49 1.97 -28.34
C VAL Q 225 0.11 2.17 -29.71
N SER Q 226 -0.37 3.18 -30.43
CA SER Q 226 0.10 3.46 -31.77
C SER Q 226 0.05 4.95 -32.01
N THR Q 227 1.17 5.51 -32.44
CA THR Q 227 1.26 6.96 -32.56
C THR Q 227 0.54 7.45 -33.81
N GLN Q 228 1.01 7.06 -34.98
CA GLN Q 228 0.30 7.28 -36.22
C GLN Q 228 -0.47 6.01 -36.52
N LEU Q 229 -1.54 6.15 -37.32
CA LEU Q 229 -2.32 5.03 -37.87
C LEU Q 229 -2.89 4.15 -36.76
N LEU Q 230 -3.86 4.69 -36.02
CA LEU Q 230 -4.44 3.98 -34.89
C LEU Q 230 -5.14 2.69 -35.34
N LEU Q 231 -4.75 1.59 -34.70
CA LEU Q 231 -5.06 0.25 -35.14
C LEU Q 231 -6.15 -0.39 -34.29
N ASN Q 232 -6.91 -1.29 -34.92
CA ASN Q 232 -7.99 -2.06 -34.30
C ASN Q 232 -9.04 -1.17 -33.63
N GLY Q 233 -9.27 0.02 -34.19
CA GLY Q 233 -10.16 0.98 -33.60
C GLY Q 233 -11.62 0.70 -33.91
N SER Q 234 -12.42 1.75 -33.77
CA SER Q 234 -13.86 1.70 -34.04
C SER Q 234 -14.10 2.29 -35.41
N LEU Q 235 -14.74 1.53 -36.29
CA LEU Q 235 -14.98 1.98 -37.65
C LEU Q 235 -16.15 2.96 -37.68
N ALA Q 236 -16.11 3.86 -38.66
CA ALA Q 236 -17.24 4.75 -38.89
C ALA Q 236 -18.37 4.01 -39.56
N GLU Q 237 -19.54 4.64 -39.60
CA GLU Q 237 -20.74 3.93 -40.03
C GLU Q 237 -20.80 3.80 -41.55
N GLU Q 238 -20.88 4.92 -42.27
CA GLU Q 238 -21.06 4.82 -43.72
C GLU Q 238 -20.04 5.62 -44.52
N GLU Q 239 -19.41 6.62 -43.91
CA GLU Q 239 -18.45 7.42 -44.66
C GLU Q 239 -17.30 7.80 -43.73
N VAL Q 240 -16.27 8.37 -44.34
CA VAL Q 240 -15.12 8.85 -43.56
C VAL Q 240 -15.53 10.11 -42.82
N MET Q 241 -15.17 10.18 -41.54
CA MET Q 241 -15.47 11.33 -40.71
C MET Q 241 -14.18 11.91 -40.17
N ILE Q 242 -13.93 13.17 -40.46
CA ILE Q 242 -12.79 13.89 -39.91
C ILE Q 242 -13.29 14.73 -38.74
N ARG Q 243 -12.52 14.75 -37.66
CA ARG Q 243 -12.96 15.34 -36.41
C ARG Q 243 -11.82 16.19 -35.85
N SER Q 244 -12.13 17.44 -35.54
CA SER Q 244 -11.15 18.32 -34.92
C SER Q 244 -11.85 19.32 -34.02
N GLU Q 245 -11.09 19.85 -33.07
CA GLU Q 245 -11.64 20.84 -32.14
C GLU Q 245 -11.92 22.15 -32.86
N ASN Q 246 -10.99 22.57 -33.71
CA ASN Q 246 -11.12 23.79 -34.51
C ASN Q 246 -10.19 23.64 -35.70
N ILE Q 247 -10.78 23.63 -36.90
CA ILE Q 247 -10.09 23.29 -38.13
C ILE Q 247 -9.00 24.29 -38.44
N THR Q 248 -9.29 25.58 -38.27
CA THR Q 248 -8.36 26.64 -38.67
C THR Q 248 -7.15 26.71 -37.76
N ASN Q 249 -7.25 26.17 -36.55
CA ASN Q 249 -6.07 26.01 -35.71
C ASN Q 249 -5.22 24.86 -36.24
N ASN Q 250 -3.95 25.15 -36.52
CA ASN Q 250 -3.03 24.16 -37.08
C ASN Q 250 -2.34 23.32 -36.02
N ALA Q 251 -2.37 23.74 -34.75
CA ALA Q 251 -1.77 22.97 -33.68
C ALA Q 251 -2.74 21.98 -33.06
N LYS Q 252 -3.91 21.81 -33.65
CA LYS Q 252 -4.86 20.77 -33.27
C LYS Q 252 -4.72 19.62 -34.25
N ASN Q 253 -4.74 18.40 -33.73
CA ASN Q 253 -4.73 17.23 -34.60
C ASN Q 253 -6.10 17.01 -35.20
N ILE Q 254 -6.11 16.44 -36.39
CA ILE Q 254 -7.34 16.03 -37.07
C ILE Q 254 -7.43 14.52 -37.00
N LEU Q 255 -8.48 14.00 -36.38
CA LEU Q 255 -8.67 12.58 -36.22
C LEU Q 255 -9.57 12.09 -37.34
N VAL Q 256 -9.03 11.24 -38.22
CA VAL Q 256 -9.73 10.76 -39.39
C VAL Q 256 -10.13 9.31 -39.13
N GLN Q 257 -11.44 9.05 -39.11
CA GLN Q 257 -11.97 7.71 -38.91
C GLN Q 257 -12.70 7.29 -40.17
N PHE Q 258 -12.25 6.20 -40.80
CA PHE Q 258 -12.85 5.81 -42.06
C PHE Q 258 -13.61 4.49 -41.94
N ASN Q 259 -14.33 4.17 -43.02
CA ASN Q 259 -15.40 3.17 -42.94
C ASN Q 259 -14.83 1.75 -42.98
N THR Q 260 -14.22 1.37 -44.10
CA THR Q 260 -13.67 0.04 -44.24
C THR Q 260 -12.21 0.06 -43.86
N PRO Q 261 -11.76 -0.88 -43.04
CA PRO Q 261 -10.40 -0.79 -42.51
C PRO Q 261 -9.38 -1.28 -43.53
N VAL Q 262 -8.14 -0.85 -43.34
CA VAL Q 262 -7.06 -1.18 -44.25
C VAL Q 262 -6.22 -2.28 -43.62
N GLN Q 263 -6.12 -3.42 -44.27
CA GLN Q 263 -5.44 -4.56 -43.68
C GLN Q 263 -3.93 -4.37 -43.80
N ILE Q 264 -3.23 -4.41 -42.66
CA ILE Q 264 -1.78 -4.26 -42.62
C ILE Q 264 -1.19 -5.53 -42.03
N ASN Q 265 -0.11 -6.02 -42.65
CA ASN Q 265 0.65 -7.15 -42.15
C ASN Q 265 2.01 -6.67 -41.69
N CYS Q 266 2.50 -7.17 -40.57
CA CYS Q 266 3.79 -6.71 -40.06
C CYS Q 266 4.57 -7.89 -39.52
N THR Q 267 5.87 -7.90 -39.80
CA THR Q 267 6.66 -9.08 -39.44
C THR Q 267 8.11 -8.74 -39.15
N ARG Q 268 8.67 -9.51 -38.23
CA ARG Q 268 10.10 -9.75 -38.08
C ARG Q 268 10.38 -11.16 -38.56
N PRO Q 269 11.07 -11.34 -39.68
CA PRO Q 269 11.30 -12.71 -40.18
C PRO Q 269 12.51 -13.38 -39.57
N ASN Q 270 13.18 -12.74 -38.62
CA ASN Q 270 14.37 -13.33 -38.01
C ASN Q 270 13.99 -14.33 -36.92
N ASN Q 271 14.49 -15.55 -37.05
CA ASN Q 271 14.28 -16.60 -36.07
C ASN Q 271 15.32 -16.44 -34.97
N ASN Q 272 14.87 -16.07 -33.76
CA ASN Q 272 15.77 -15.74 -32.67
C ASN Q 272 15.85 -16.88 -31.68
N THR Q 273 16.88 -16.86 -30.85
CA THR Q 273 17.07 -17.84 -29.78
C THR Q 273 17.12 -17.10 -28.45
N ARG Q 274 16.09 -17.26 -27.64
CA ARG Q 274 16.11 -16.71 -26.29
C ARG Q 274 17.05 -17.55 -25.43
N LYS Q 275 18.00 -16.88 -24.79
CA LYS Q 275 18.98 -17.54 -23.93
C LYS Q 275 18.92 -16.94 -22.55
N SER Q 276 18.86 -17.80 -21.53
CA SER Q 276 18.77 -17.31 -20.16
C SER Q 276 20.16 -17.11 -19.57
N ILE Q 277 20.32 -16.03 -18.81
CA ILE Q 277 21.56 -15.70 -18.12
C ILE Q 277 21.21 -15.50 -16.65
N ARG Q 278 21.92 -16.18 -15.77
CA ARG Q 278 21.64 -16.10 -14.35
C ARG Q 278 22.36 -14.89 -13.76
N ILE Q 279 21.59 -13.89 -13.33
CA ILE Q 279 22.15 -12.70 -12.69
C ILE Q 279 22.46 -12.96 -11.24
N GLY Q 280 21.47 -13.42 -10.48
CA GLY Q 280 21.65 -13.73 -9.09
C GLY Q 280 20.64 -14.77 -8.65
N PRO Q 281 20.38 -14.84 -7.34
CA PRO Q 281 19.37 -15.78 -6.84
C PRO Q 281 17.96 -15.39 -7.25
N GLY Q 282 17.36 -16.17 -8.13
CA GLY Q 282 16.03 -15.85 -8.64
C GLY Q 282 16.01 -14.67 -9.58
N GLN Q 283 17.12 -14.39 -10.27
CA GLN Q 283 17.24 -13.26 -11.18
C GLN Q 283 17.72 -13.79 -12.51
N ALA Q 284 16.87 -13.66 -13.55
CA ALA Q 284 17.19 -14.18 -14.86
C ALA Q 284 17.06 -13.09 -15.90
N PHE Q 285 18.06 -12.98 -16.77
CA PHE Q 285 18.06 -12.06 -17.90
C PHE Q 285 17.91 -12.86 -19.19
N TYR Q 286 16.89 -12.54 -19.96
CA TYR Q 286 16.61 -13.23 -21.21
C TYR Q 286 17.23 -12.44 -22.35
N ALA Q 287 18.33 -12.95 -22.89
CA ALA Q 287 19.09 -12.29 -23.95
C ALA Q 287 18.86 -13.00 -25.28
N THR Q 288 19.40 -12.40 -26.33
CA THR Q 288 19.36 -13.00 -27.65
C THR Q 288 20.54 -13.96 -27.79
N GLY Q 289 20.28 -15.13 -28.34
CA GLY Q 289 21.33 -16.11 -28.55
C GLY Q 289 21.84 -16.08 -29.96
N ASP Q 290 21.35 -16.99 -30.79
CA ASP Q 290 21.73 -17.06 -32.19
C ASP Q 290 20.62 -16.47 -33.07
N ILE Q 291 21.01 -16.02 -34.25
CA ILE Q 291 20.07 -15.70 -35.32
C ILE Q 291 20.05 -16.91 -36.22
N ILE Q 292 18.97 -17.70 -36.16
CA ILE Q 292 18.92 -18.97 -36.87
C ILE Q 292 18.50 -18.66 -38.31
N GLY Q 293 19.48 -18.60 -39.21
CA GLY Q 293 19.16 -18.46 -40.61
C GLY Q 293 19.60 -17.18 -41.27
N ASP Q 294 18.68 -16.51 -41.97
CA ASP Q 294 18.99 -15.28 -42.66
C ASP Q 294 18.79 -14.08 -41.74
N ILE Q 295 19.60 -13.06 -41.96
CA ILE Q 295 19.44 -11.78 -41.27
C ILE Q 295 18.65 -10.90 -42.22
N ARG Q 296 17.36 -10.75 -41.93
CA ARG Q 296 16.44 -9.99 -42.76
C ARG Q 296 15.87 -8.84 -41.95
N GLN Q 297 15.27 -7.89 -42.65
CA GLN Q 297 14.79 -6.66 -42.05
C GLN Q 297 13.29 -6.77 -41.78
N ALA Q 298 12.89 -6.33 -40.60
CA ALA Q 298 11.48 -6.29 -40.23
C ALA Q 298 10.75 -5.24 -41.06
N HIS Q 299 9.51 -5.53 -41.44
CA HIS Q 299 8.80 -4.64 -42.33
C HIS Q 299 7.29 -4.79 -42.13
N CYS Q 300 6.54 -4.05 -42.94
CA CYS Q 300 5.09 -4.13 -42.99
C CYS Q 300 4.63 -4.00 -44.43
N ASN Q 301 3.43 -4.51 -44.68
CA ASN Q 301 2.75 -4.38 -45.95
C ASN Q 301 1.36 -3.82 -45.76
N VAL Q 302 1.01 -2.85 -46.61
CA VAL Q 302 -0.38 -2.51 -46.82
C VAL Q 302 -0.69 -2.79 -48.28
N SER Q 303 -1.98 -2.86 -48.61
CA SER Q 303 -2.38 -3.00 -50.00
C SER Q 303 -2.28 -1.66 -50.69
N LYS Q 304 -1.70 -1.66 -51.89
CA LYS Q 304 -1.54 -0.41 -52.66
C LYS Q 304 -2.90 0.14 -53.10
N ALA Q 305 -3.78 -0.73 -53.60
CA ALA Q 305 -5.02 -0.31 -54.21
C ALA Q 305 -6.01 0.21 -53.15
N THR Q 306 -6.16 -0.51 -52.05
CA THR Q 306 -7.09 -0.05 -51.02
C THR Q 306 -6.55 1.16 -50.27
N TRP Q 307 -5.23 1.35 -50.20
CA TRP Q 307 -4.71 2.56 -49.60
C TRP Q 307 -4.94 3.77 -50.49
N ASN Q 308 -4.78 3.60 -51.81
CA ASN Q 308 -5.15 4.66 -52.74
C ASN Q 308 -6.65 4.97 -52.68
N GLU Q 309 -7.47 3.92 -52.48
CA GLU Q 309 -8.91 4.09 -52.34
C GLU Q 309 -9.27 4.90 -51.09
N THR Q 310 -8.68 4.55 -49.95
CA THR Q 310 -8.98 5.28 -48.72
C THR Q 310 -8.39 6.68 -48.72
N LEU Q 311 -7.28 6.90 -49.42
CA LEU Q 311 -6.78 8.28 -49.56
C LEU Q 311 -7.71 9.11 -50.43
N GLY Q 312 -8.28 8.50 -51.47
CA GLY Q 312 -9.30 9.21 -52.25
C GLY Q 312 -10.52 9.55 -51.44
N LYS Q 313 -10.94 8.63 -50.56
CA LYS Q 313 -12.07 8.89 -49.67
C LYS Q 313 -11.78 10.01 -48.68
N VAL Q 314 -10.58 10.03 -48.10
CA VAL Q 314 -10.30 11.06 -47.11
C VAL Q 314 -10.06 12.41 -47.79
N VAL Q 315 -9.59 12.44 -49.03
CA VAL Q 315 -9.51 13.72 -49.75
C VAL Q 315 -10.89 14.23 -50.10
N LYS Q 316 -11.79 13.31 -50.50
CA LYS Q 316 -13.19 13.64 -50.74
C LYS Q 316 -13.86 14.22 -49.50
N GLN Q 317 -13.51 13.73 -48.32
CA GLN Q 317 -14.09 14.29 -47.10
C GLN Q 317 -13.36 15.54 -46.63
N LEU Q 318 -12.06 15.68 -46.91
CA LEU Q 318 -11.33 16.88 -46.53
C LEU Q 318 -11.70 18.09 -47.37
N ARG Q 319 -12.20 17.88 -48.60
CA ARG Q 319 -12.60 19.02 -49.42
C ARG Q 319 -13.90 19.67 -48.98
N LYS Q 320 -14.57 19.14 -47.95
CA LYS Q 320 -15.77 19.78 -47.44
C LYS Q 320 -15.48 20.95 -46.53
N HIS Q 321 -14.31 20.97 -45.89
CA HIS Q 321 -13.94 22.03 -44.97
C HIS Q 321 -12.99 23.05 -45.57
N PHE Q 322 -12.50 22.80 -46.79
CA PHE Q 322 -11.42 23.58 -47.38
C PHE Q 322 -11.75 24.07 -48.79
N GLY Q 323 -13.02 24.06 -49.17
CA GLY Q 323 -13.40 24.41 -50.52
C GLY Q 323 -13.14 23.28 -51.49
N ASN Q 324 -13.79 23.38 -52.66
CA ASN Q 324 -13.64 22.34 -53.66
C ASN Q 324 -12.32 22.48 -54.42
N ASN Q 325 -11.95 23.69 -54.81
CA ASN Q 325 -10.73 23.91 -55.59
C ASN Q 325 -9.54 24.11 -54.65
N THR Q 326 -9.20 23.03 -53.96
CA THR Q 326 -8.05 22.98 -53.06
C THR Q 326 -7.23 21.75 -53.39
N ILE Q 327 -5.92 21.92 -53.52
CA ILE Q 327 -5.03 20.81 -53.87
C ILE Q 327 -4.53 20.21 -52.56
N ILE Q 328 -4.88 18.96 -52.30
CA ILE Q 328 -4.53 18.33 -51.02
C ILE Q 328 -3.36 17.38 -51.25
N ARG Q 329 -2.26 17.62 -50.55
CA ARG Q 329 -1.08 16.79 -50.68
C ARG Q 329 -0.64 16.28 -49.32
N PHE Q 330 0.02 15.13 -49.33
CA PHE Q 330 0.42 14.41 -48.14
C PHE Q 330 1.92 14.18 -48.18
N ALA Q 331 2.61 14.64 -47.14
CA ALA Q 331 4.06 14.50 -46.99
C ALA Q 331 4.35 13.90 -45.62
N ASN Q 332 5.58 13.41 -45.44
CA ASN Q 332 5.91 12.70 -44.22
C ASN Q 332 6.20 13.68 -43.08
N SER Q 333 6.51 13.14 -41.89
CA SER Q 333 6.66 13.95 -40.69
C SER Q 333 7.87 14.85 -40.75
N SER Q 334 7.75 16.02 -40.11
CA SER Q 334 8.77 17.06 -40.21
C SER Q 334 9.98 16.81 -39.33
N GLY Q 335 9.84 16.02 -38.28
CA GLY Q 335 10.96 15.73 -37.40
C GLY Q 335 10.50 15.52 -35.99
N GLY Q 336 11.41 15.04 -35.17
CA GLY Q 336 11.14 14.83 -33.76
C GLY Q 336 12.00 13.71 -33.21
N ASP Q 337 11.43 12.99 -32.25
CA ASP Q 337 12.05 11.82 -31.65
C ASP Q 337 11.77 10.63 -32.57
N LEU Q 338 12.06 9.40 -32.11
CA LEU Q 338 11.79 8.25 -32.96
C LEU Q 338 10.31 7.95 -33.05
N GLU Q 339 9.62 7.90 -31.92
CA GLU Q 339 8.23 7.46 -31.91
C GLU Q 339 7.24 8.62 -31.99
N VAL Q 340 7.57 9.65 -32.75
CA VAL Q 340 6.60 10.70 -33.09
C VAL Q 340 6.66 10.91 -34.59
N THR Q 341 7.69 10.36 -35.23
CA THR Q 341 7.89 10.49 -36.67
C THR Q 341 7.60 9.22 -37.44
N THR Q 342 7.80 8.07 -36.82
CA THR Q 342 7.63 6.79 -37.47
C THR Q 342 6.65 6.00 -36.61
N HIS Q 343 5.77 5.23 -37.24
CA HIS Q 343 4.59 4.81 -36.51
C HIS Q 343 4.94 3.58 -35.67
N SER Q 344 4.65 3.68 -34.38
CA SER Q 344 5.03 2.67 -33.40
C SER Q 344 3.86 1.75 -33.14
N PHE Q 345 4.17 0.49 -32.84
CA PHE Q 345 3.16 -0.42 -32.30
C PHE Q 345 3.85 -1.56 -31.58
N ASN Q 346 3.03 -2.46 -31.04
CA ASN Q 346 3.49 -3.63 -30.29
C ASN Q 346 2.85 -4.86 -30.92
N CYS Q 347 3.64 -5.62 -31.67
CA CYS Q 347 3.19 -6.84 -32.32
C CYS Q 347 3.58 -8.02 -31.42
N GLY Q 348 2.83 -8.20 -30.34
CA GLY Q 348 3.04 -9.30 -29.43
C GLY Q 348 4.33 -9.23 -28.64
N GLY Q 349 4.44 -8.25 -27.75
CA GLY Q 349 5.64 -8.12 -26.93
C GLY Q 349 6.87 -7.68 -27.70
N GLU Q 350 6.68 -6.97 -28.80
CA GLU Q 350 7.79 -6.53 -29.64
C GLU Q 350 7.44 -5.18 -30.23
N PHE Q 351 8.30 -4.19 -30.03
CA PHE Q 351 7.97 -2.80 -30.29
C PHE Q 351 8.57 -2.37 -31.63
N PHE Q 352 7.71 -2.21 -32.62
CA PHE Q 352 8.10 -1.84 -33.97
C PHE Q 352 7.95 -0.34 -34.20
N TYR Q 353 8.83 0.18 -35.08
CA TYR Q 353 8.92 1.59 -35.45
C TYR Q 353 9.01 1.61 -36.98
N CYS Q 354 7.86 1.73 -37.64
CA CYS Q 354 7.75 1.46 -39.06
C CYS Q 354 7.59 2.75 -39.86
N ASN Q 355 8.35 2.84 -40.94
CA ASN Q 355 8.49 4.07 -41.72
C ASN Q 355 7.27 4.29 -42.59
N THR Q 356 6.69 5.48 -42.51
CA THR Q 356 5.44 5.81 -43.20
C THR Q 356 5.66 6.69 -44.43
N SER Q 357 6.90 6.77 -44.94
CA SER Q 357 7.18 7.66 -46.06
C SER Q 357 6.56 7.14 -47.37
N GLY Q 358 6.27 5.85 -47.44
CA GLY Q 358 5.60 5.31 -48.61
C GLY Q 358 4.12 5.60 -48.61
N LEU Q 359 3.55 5.85 -47.42
CA LEU Q 359 2.11 6.06 -47.31
C LEU Q 359 1.73 7.49 -47.68
N PHE Q 360 2.36 8.47 -47.04
CA PHE Q 360 1.97 9.86 -47.17
C PHE Q 360 2.94 10.52 -48.16
N ASN Q 361 2.68 10.29 -49.44
CA ASN Q 361 3.54 10.70 -50.54
C ASN Q 361 2.65 11.15 -51.70
N SER Q 362 1.59 11.87 -51.39
CA SER Q 362 0.50 11.98 -52.35
C SER Q 362 0.25 13.44 -52.73
N THR Q 363 -0.40 13.62 -53.87
CA THR Q 363 -0.97 14.90 -54.27
C THR Q 363 -2.31 14.63 -54.93
N TRP Q 364 -3.25 15.54 -54.73
CA TRP Q 364 -4.64 15.34 -55.14
C TRP Q 364 -5.19 16.64 -55.70
N ILE Q 365 -5.56 16.58 -56.99
CA ILE Q 365 -6.02 17.72 -57.78
C ILE Q 365 -7.54 17.73 -57.75
N SER Q 366 -8.12 18.92 -57.91
CA SER Q 366 -9.54 19.15 -57.72
C SER Q 366 -10.35 19.02 -59.01
N ASN Q 367 -9.94 18.10 -59.90
CA ASN Q 367 -10.63 17.87 -61.17
C ASN Q 367 -12.09 17.41 -61.02
N ASN Q 379 -3.00 -5.17 -57.35
CA ASN Q 379 -2.51 -6.45 -56.85
C ASN Q 379 -1.23 -6.26 -56.04
N ASP Q 380 -0.68 -5.05 -56.09
CA ASP Q 380 0.58 -4.74 -55.44
C ASP Q 380 0.38 -4.56 -53.94
N SER Q 381 1.48 -4.28 -53.25
CA SER Q 381 1.46 -4.04 -51.82
C SER Q 381 2.63 -3.15 -51.45
N ILE Q 382 2.34 -2.06 -50.75
CA ILE Q 382 3.39 -1.17 -50.26
C ILE Q 382 4.14 -1.88 -49.15
N THR Q 383 5.43 -2.10 -49.37
CA THR Q 383 6.36 -2.53 -48.34
C THR Q 383 6.91 -1.30 -47.65
N LEU Q 384 6.96 -1.34 -46.34
CA LEU Q 384 7.50 -0.20 -45.61
C LEU Q 384 8.36 -0.72 -44.46
N PRO Q 385 9.60 -0.24 -44.35
CA PRO Q 385 10.56 -0.89 -43.45
C PRO Q 385 10.39 -0.45 -42.01
N CYS Q 386 10.85 -1.31 -41.10
CA CYS Q 386 10.68 -1.10 -39.67
C CYS Q 386 12.00 -1.25 -38.94
N ARG Q 387 12.11 -0.55 -37.81
CA ARG Q 387 13.15 -0.78 -36.83
C ARG Q 387 12.55 -1.40 -35.58
N ILE Q 388 13.40 -2.05 -34.79
CA ILE Q 388 12.99 -2.69 -33.55
C ILE Q 388 13.90 -2.19 -32.44
N LYS Q 389 13.30 -1.74 -31.34
CA LYS Q 389 14.03 -1.42 -30.13
C LYS Q 389 13.74 -2.44 -29.05
N GLN Q 390 14.72 -2.67 -28.18
CA GLN Q 390 14.53 -3.55 -27.04
C GLN Q 390 14.30 -2.81 -25.74
N ILE Q 391 14.90 -1.63 -25.57
CA ILE Q 391 14.62 -0.78 -24.41
C ILE Q 391 13.84 0.43 -24.89
N ILE Q 392 12.85 0.83 -24.08
CA ILE Q 392 11.87 1.84 -24.47
C ILE Q 392 11.69 2.84 -23.33
N ASN Q 393 11.20 4.02 -23.69
CA ASN Q 393 10.98 5.12 -22.76
C ASN Q 393 9.56 5.64 -22.92
N MET Q 394 8.61 4.71 -22.81
CA MET Q 394 7.19 5.00 -22.91
C MET Q 394 6.72 6.11 -21.98
N TRP Q 395 5.93 7.03 -22.54
CA TRP Q 395 5.34 8.22 -21.93
C TRP Q 395 6.37 9.25 -21.47
N GLN Q 396 7.66 9.05 -21.77
CA GLN Q 396 8.75 10.00 -21.55
C GLN Q 396 8.85 10.39 -20.07
N ARG Q 397 8.99 9.38 -19.23
CA ARG Q 397 9.21 9.59 -17.82
C ARG Q 397 10.64 10.03 -17.55
N ILE Q 398 10.87 10.45 -16.31
CA ILE Q 398 12.18 10.98 -15.94
C ILE Q 398 13.19 9.87 -15.64
N GLY Q 399 12.74 8.77 -15.05
CA GLY Q 399 13.67 7.73 -14.64
C GLY Q 399 13.16 6.32 -14.79
N GLN Q 400 12.24 6.08 -15.74
CA GLN Q 400 11.64 4.76 -15.90
C GLN Q 400 11.74 4.33 -17.36
N CYS Q 401 12.75 3.53 -17.69
CA CYS Q 401 12.80 2.85 -18.97
C CYS Q 401 12.30 1.42 -18.79
N MET Q 402 12.42 0.62 -19.85
CA MET Q 402 11.88 -0.75 -19.82
C MET Q 402 12.62 -1.59 -20.83
N TYR Q 403 13.35 -2.60 -20.36
CA TYR Q 403 13.85 -3.62 -21.26
C TYR Q 403 12.72 -4.54 -21.66
N ALA Q 404 12.71 -4.95 -22.92
CA ALA Q 404 11.74 -5.91 -23.41
C ALA Q 404 12.47 -7.15 -23.90
N PRO Q 405 12.11 -8.34 -23.42
CA PRO Q 405 12.86 -9.54 -23.78
C PRO Q 405 12.62 -9.95 -25.22
N PRO Q 406 13.58 -10.62 -25.83
CA PRO Q 406 13.35 -11.20 -27.16
C PRO Q 406 12.37 -12.35 -27.08
N ILE Q 407 11.72 -12.61 -28.20
CA ILE Q 407 10.73 -13.68 -28.30
C ILE Q 407 11.11 -14.59 -29.45
N GLN Q 408 10.73 -15.86 -29.32
CA GLN Q 408 11.14 -16.90 -30.26
C GLN Q 408 10.45 -16.75 -31.62
N GLY Q 409 11.16 -17.19 -32.66
CA GLY Q 409 10.55 -17.46 -33.94
C GLY Q 409 10.25 -16.24 -34.77
N VAL Q 410 9.84 -16.51 -36.01
CA VAL Q 410 9.34 -15.49 -36.91
C VAL Q 410 8.05 -14.92 -36.34
N ILE Q 411 7.93 -13.60 -36.31
CA ILE Q 411 6.78 -12.94 -35.70
C ILE Q 411 6.02 -12.18 -36.76
N ARG Q 412 4.79 -12.58 -37.01
CA ARG Q 412 3.92 -11.90 -37.95
C ARG Q 412 2.59 -11.58 -37.26
N CYS Q 413 1.99 -10.46 -37.65
CA CYS Q 413 0.67 -10.11 -37.13
C CYS Q 413 -0.09 -9.28 -38.15
N VAL Q 414 -1.41 -9.42 -38.08
CA VAL Q 414 -2.35 -8.77 -38.99
C VAL Q 414 -3.14 -7.77 -38.16
N SER Q 415 -3.34 -6.57 -38.70
CA SER Q 415 -4.09 -5.55 -38.00
C SER Q 415 -4.91 -4.74 -38.98
N ASN Q 416 -5.84 -3.96 -38.43
CA ASN Q 416 -6.67 -3.06 -39.22
C ASN Q 416 -6.27 -1.62 -38.94
N ILE Q 417 -5.78 -0.94 -39.96
CA ILE Q 417 -5.71 0.52 -39.94
C ILE Q 417 -7.14 1.02 -39.93
N THR Q 418 -7.54 1.67 -38.83
CA THR Q 418 -8.87 2.22 -38.64
C THR Q 418 -8.93 3.70 -38.98
N GLY Q 419 -7.95 4.47 -38.53
CA GLY Q 419 -7.92 5.89 -38.84
C GLY Q 419 -6.54 6.48 -38.97
N LEU Q 420 -6.48 7.80 -38.99
CA LEU Q 420 -5.26 8.57 -39.09
C LEU Q 420 -5.32 9.73 -38.12
N ILE Q 421 -4.15 10.23 -37.75
CA ILE Q 421 -4.03 11.44 -36.94
C ILE Q 421 -3.19 12.42 -37.76
N LEU Q 422 -3.85 13.37 -38.41
CA LEU Q 422 -3.19 14.29 -39.32
C LEU Q 422 -2.96 15.64 -38.64
N THR Q 423 -2.13 16.46 -39.30
CA THR Q 423 -1.81 17.79 -38.80
C THR Q 423 -1.52 18.68 -39.98
N ARG Q 424 -2.24 19.78 -40.11
CA ARG Q 424 -2.01 20.70 -41.21
C ARG Q 424 -0.83 21.62 -40.89
N ASP Q 425 -0.01 21.88 -41.91
CA ASP Q 425 1.12 22.78 -41.73
C ASP Q 425 0.65 24.23 -41.70
N GLY Q 426 1.53 25.09 -41.18
CA GLY Q 426 1.20 26.48 -40.97
C GLY Q 426 1.12 27.29 -42.26
N GLY Q 427 0.05 27.05 -43.01
CA GLY Q 427 -0.14 27.68 -44.30
C GLY Q 427 -0.34 29.18 -44.26
N SER Q 428 0.63 29.90 -44.80
CA SER Q 428 0.53 31.35 -44.94
C SER Q 428 1.17 31.73 -46.27
N THR Q 429 1.16 33.05 -46.54
CA THR Q 429 1.63 33.65 -47.79
C THR Q 429 1.00 33.01 -49.03
N ASN Q 430 -0.34 33.14 -49.12
CA ASN Q 430 -1.15 32.70 -50.26
C ASN Q 430 -0.99 31.21 -50.53
N SER Q 431 -1.44 30.40 -49.56
CA SER Q 431 -1.35 28.96 -49.72
C SER Q 431 -2.39 28.46 -50.70
N THR Q 432 -1.93 28.11 -51.91
CA THR Q 432 -2.82 27.52 -52.89
C THR Q 432 -3.15 26.08 -52.54
N THR Q 433 -2.23 25.40 -51.87
CA THR Q 433 -2.44 24.04 -51.39
C THR Q 433 -2.52 24.07 -49.88
N GLU Q 434 -2.93 22.95 -49.31
CA GLU Q 434 -2.81 22.69 -47.88
C GLU Q 434 -2.32 21.27 -47.67
N THR Q 435 -1.21 21.12 -46.96
CA THR Q 435 -0.54 19.84 -46.81
C THR Q 435 -0.75 19.28 -45.42
N PHE Q 436 -0.65 17.97 -45.31
CA PHE Q 436 -1.03 17.24 -44.10
C PHE Q 436 0.08 16.28 -43.72
N ARG Q 437 0.60 16.41 -42.51
CA ARG Q 437 1.61 15.51 -42.03
C ARG Q 437 0.97 14.52 -41.06
N PRO Q 438 1.43 13.27 -41.03
CA PRO Q 438 1.06 12.40 -39.90
C PRO Q 438 1.79 12.83 -38.65
N GLY Q 439 1.21 12.49 -37.50
CA GLY Q 439 1.85 12.78 -36.24
C GLY Q 439 1.17 12.15 -35.05
N GLY Q 440 1.94 11.46 -34.21
CA GLY Q 440 1.37 10.84 -33.03
C GLY Q 440 1.12 11.81 -31.90
N GLY Q 441 2.19 12.40 -31.37
CA GLY Q 441 2.03 13.38 -30.31
C GLY Q 441 1.58 12.75 -29.01
N ASP Q 442 0.54 13.33 -28.42
CA ASP Q 442 -0.04 12.82 -27.19
C ASP Q 442 -0.79 11.52 -27.46
N MET Q 443 -0.84 10.66 -26.44
CA MET Q 443 -1.61 9.42 -26.54
C MET Q 443 -3.10 9.66 -26.43
N ARG Q 444 -3.52 10.83 -25.93
CA ARG Q 444 -4.93 11.09 -25.68
C ARG Q 444 -5.72 11.25 -26.96
N ASP Q 445 -5.07 11.65 -28.06
CA ASP Q 445 -5.70 11.62 -29.37
C ASP Q 445 -6.01 10.19 -29.79
N ASN Q 446 -5.20 9.23 -29.33
CA ASN Q 446 -5.56 7.83 -29.49
C ASN Q 446 -6.75 7.47 -28.62
N TRP Q 447 -6.90 8.11 -27.46
CA TRP Q 447 -7.98 7.72 -26.56
C TRP Q 447 -9.25 8.51 -26.78
N ARG Q 448 -9.17 9.67 -27.42
CA ARG Q 448 -10.35 10.46 -27.70
C ARG Q 448 -11.13 9.91 -28.89
N SER Q 449 -10.53 9.04 -29.69
CA SER Q 449 -11.22 8.43 -30.83
C SER Q 449 -12.10 7.26 -30.42
N GLU Q 450 -12.14 6.90 -29.13
CA GLU Q 450 -13.02 5.85 -28.66
C GLU Q 450 -14.06 6.33 -27.65
N LEU Q 451 -13.73 7.34 -26.84
CA LEU Q 451 -14.70 7.94 -25.95
C LEU Q 451 -15.29 9.23 -26.50
N TYR Q 452 -15.36 9.36 -27.82
CA TYR Q 452 -15.98 10.53 -28.41
C TYR Q 452 -17.50 10.48 -28.28
N LYS Q 453 -18.07 9.28 -28.22
CA LYS Q 453 -19.51 9.11 -28.10
C LYS Q 453 -19.98 9.44 -26.69
N TYR Q 454 -19.37 8.83 -25.69
CA TYR Q 454 -19.92 8.78 -24.35
C TYR Q 454 -19.71 10.09 -23.61
N LYS Q 455 -20.57 10.34 -22.64
CA LYS Q 455 -20.31 11.29 -21.57
C LYS Q 455 -20.90 10.72 -20.29
N VAL Q 456 -20.53 11.32 -19.16
CA VAL Q 456 -21.00 10.87 -17.85
C VAL Q 456 -21.76 12.03 -17.20
N VAL Q 457 -22.95 11.72 -16.69
CA VAL Q 457 -23.82 12.72 -16.08
C VAL Q 457 -24.24 12.26 -14.69
N LYS Q 458 -24.61 13.24 -13.87
CA LYS Q 458 -25.07 13.01 -12.50
C LYS Q 458 -26.58 13.08 -12.49
N ILE Q 459 -27.22 11.98 -12.08
CA ILE Q 459 -28.67 11.91 -12.01
C ILE Q 459 -29.11 12.51 -10.68
N GLU Q 460 -29.96 13.52 -10.73
CA GLU Q 460 -30.38 14.23 -9.53
C GLU Q 460 -31.88 14.13 -9.34
N PRO Q 461 -32.36 13.38 -8.36
CA PRO Q 461 -33.80 13.35 -8.06
C PRO Q 461 -34.25 14.62 -7.34
N LEU Q 462 -35.48 14.57 -6.81
CA LEU Q 462 -36.10 15.67 -6.05
C LEU Q 462 -36.28 16.90 -6.94
N GLY Q 463 -37.13 16.72 -7.95
CA GLY Q 463 -37.68 17.85 -8.65
C GLY Q 463 -38.77 18.50 -7.82
N VAL Q 464 -39.23 19.65 -8.29
CA VAL Q 464 -40.20 20.43 -7.54
C VAL Q 464 -41.09 21.19 -8.52
N ALA Q 465 -42.40 21.11 -8.31
CA ALA Q 465 -43.33 21.56 -9.34
C ALA Q 465 -44.66 21.92 -8.68
N PRO Q 466 -45.41 22.86 -9.26
CA PRO Q 466 -46.73 23.20 -8.70
C PRO Q 466 -47.86 22.35 -9.24
N THR Q 467 -48.80 22.03 -8.35
CA THR Q 467 -50.06 21.41 -8.73
C THR Q 467 -51.13 21.82 -7.73
N ARG Q 468 -52.37 21.53 -8.07
CA ARG Q 468 -53.52 22.16 -7.43
C ARG Q 468 -54.07 21.27 -6.31
N CYS Q 469 -53.24 21.12 -5.26
CA CYS Q 469 -53.64 20.35 -4.09
C CYS Q 469 -52.83 20.75 -2.86
N LYS Q 470 -53.54 21.12 -1.80
CA LYS Q 470 -52.94 21.46 -0.51
C LYS Q 470 -53.01 20.24 0.38
N ARG Q 471 -51.98 20.06 1.22
CA ARG Q 471 -51.92 18.91 2.11
C ARG Q 471 -52.99 18.98 3.19
N ARG Q 472 -53.80 17.92 3.27
CA ARG Q 472 -54.90 17.85 4.23
C ARG Q 472 -54.36 17.58 5.63
N VAL Q 473 -54.54 18.54 6.52
CA VAL Q 473 -54.08 18.40 7.90
C VAL Q 473 -55.01 17.48 8.68
N ALA R 1 -52.70 7.65 -14.95
CA ALA R 1 -52.29 7.65 -16.36
C ALA R 1 -51.28 6.55 -16.63
N VAL R 2 -51.70 5.31 -16.40
CA VAL R 2 -50.88 4.14 -16.69
C VAL R 2 -51.75 3.13 -17.42
N GLY R 3 -51.14 2.42 -18.38
CA GLY R 3 -51.86 1.49 -19.22
C GLY R 3 -51.08 0.21 -19.40
N ILE R 4 -51.62 -0.66 -20.24
CA ILE R 4 -51.06 -1.99 -20.47
C ILE R 4 -50.06 -1.90 -21.60
N GLY R 5 -48.81 -2.28 -21.31
CA GLY R 5 -47.74 -2.27 -22.30
C GLY R 5 -46.59 -3.13 -21.80
N ALA R 6 -45.91 -3.82 -22.72
CA ALA R 6 -45.00 -4.89 -22.35
C ALA R 6 -43.52 -4.50 -22.42
N VAL R 7 -43.21 -3.26 -22.78
CA VAL R 7 -41.82 -2.83 -22.98
C VAL R 7 -41.24 -2.60 -21.59
N PHE R 8 -39.90 -2.51 -21.48
CA PHE R 8 -39.21 -2.66 -20.19
C PHE R 8 -39.49 -1.51 -19.24
N LEU R 9 -39.63 -0.28 -19.74
CA LEU R 9 -39.92 0.93 -18.95
C LEU R 9 -38.82 1.14 -17.90
N GLY R 10 -37.63 1.43 -18.40
CA GLY R 10 -36.42 1.39 -17.61
C GLY R 10 -35.92 2.76 -17.16
N PHE R 11 -34.69 2.74 -16.65
CA PHE R 11 -34.09 3.90 -15.98
C PHE R 11 -33.79 5.00 -17.00
N LEU R 12 -34.31 6.21 -16.68
CA LEU R 12 -34.27 7.39 -17.54
C LEU R 12 -34.97 7.16 -18.88
N GLY R 13 -35.98 6.28 -18.90
CA GLY R 13 -36.68 6.03 -20.15
C GLY R 13 -37.58 7.18 -20.56
N ALA R 14 -38.24 7.81 -19.59
CA ALA R 14 -39.14 8.93 -19.84
C ALA R 14 -38.51 10.27 -19.52
N ALA R 15 -37.19 10.41 -19.76
CA ALA R 15 -36.53 11.68 -19.52
C ALA R 15 -36.95 12.74 -20.51
N GLY R 16 -37.35 12.33 -21.72
CA GLY R 16 -37.76 13.28 -22.74
C GLY R 16 -39.26 13.42 -22.85
N SER R 17 -39.99 12.54 -22.17
CA SER R 17 -41.43 12.67 -22.12
C SER R 17 -41.81 13.85 -21.23
N THR R 18 -43.04 14.35 -21.42
CA THR R 18 -43.53 15.47 -20.65
C THR R 18 -43.66 15.10 -19.17
N MET R 19 -43.54 16.09 -18.31
CA MET R 19 -43.41 15.84 -16.88
C MET R 19 -44.73 15.40 -16.23
N GLY R 20 -45.84 15.46 -16.96
CA GLY R 20 -47.04 14.77 -16.51
C GLY R 20 -47.05 13.29 -16.85
N ALA R 21 -46.08 12.83 -17.65
CA ALA R 21 -45.98 11.44 -18.04
C ALA R 21 -44.76 10.74 -17.46
N ALA R 22 -43.71 11.48 -17.14
CA ALA R 22 -42.58 10.92 -16.41
C ALA R 22 -42.87 10.76 -14.92
N SER R 23 -43.94 11.39 -14.43
CA SER R 23 -44.31 11.24 -13.02
C SER R 23 -44.96 9.89 -12.75
N MET R 24 -45.48 9.21 -13.77
CA MET R 24 -46.02 7.88 -13.58
C MET R 24 -44.94 6.81 -13.51
N THR R 25 -43.70 7.15 -13.82
CA THR R 25 -42.56 6.25 -13.62
C THR R 25 -41.46 7.00 -12.85
N LEU R 26 -41.62 7.02 -11.52
CA LEU R 26 -40.63 7.61 -10.64
C LEU R 26 -40.00 6.61 -9.70
N THR R 27 -40.61 5.43 -9.51
CA THR R 27 -39.99 4.40 -8.70
C THR R 27 -38.83 3.73 -9.42
N VAL R 28 -38.73 3.91 -10.74
CA VAL R 28 -37.65 3.29 -11.50
C VAL R 28 -36.34 4.03 -11.26
N GLN R 29 -36.37 5.37 -11.36
CA GLN R 29 -35.19 6.16 -11.06
C GLN R 29 -34.88 6.18 -9.58
N ALA R 30 -35.89 5.98 -8.72
CA ALA R 30 -35.63 5.84 -7.30
C ALA R 30 -34.96 4.52 -6.98
N ARG R 31 -35.37 3.45 -7.67
CA ARG R 31 -34.73 2.15 -7.49
C ARG R 31 -33.29 2.14 -7.99
N ASN R 32 -33.09 2.57 -9.24
CA ASN R 32 -31.76 2.52 -9.85
C ASN R 32 -30.96 3.77 -9.54
N LEU R 33 -30.81 4.05 -8.24
CA LEU R 33 -30.08 5.20 -7.76
C LEU R 33 -29.12 4.82 -6.64
N LEU R 34 -29.28 3.65 -6.05
CA LEU R 34 -28.52 3.24 -4.87
C LEU R 34 -27.64 2.02 -5.11
N SER R 35 -28.21 0.93 -5.63
CA SER R 35 -27.47 -0.31 -5.77
C SER R 35 -26.51 -0.28 -6.95
N GLY R 36 -26.74 0.59 -7.94
CA GLY R 36 -25.90 0.66 -9.11
C GLY R 36 -26.63 0.28 -10.38
N THR R 58 -4.89 -4.05 -6.38
CA THR R 58 -4.53 -4.01 -4.96
C THR R 58 -4.78 -2.62 -4.37
N VAL R 59 -4.94 -1.64 -5.26
CA VAL R 59 -5.23 -0.27 -4.86
C VAL R 59 -6.65 0.15 -5.25
N TRP R 60 -7.20 -0.42 -6.32
CA TRP R 60 -8.46 0.02 -6.92
C TRP R 60 -9.67 -0.18 -6.02
N GLY R 61 -9.54 -1.02 -4.99
CA GLY R 61 -10.59 -1.14 -3.98
C GLY R 61 -10.87 0.16 -3.26
N ILE R 62 -9.85 1.02 -3.11
CA ILE R 62 -10.05 2.34 -2.51
C ILE R 62 -10.91 3.22 -3.40
N LYS R 63 -10.68 3.18 -4.72
CA LYS R 63 -11.48 3.98 -5.65
C LYS R 63 -12.92 3.49 -5.72
N GLN R 64 -13.10 2.16 -5.82
CA GLN R 64 -14.45 1.58 -5.81
C GLN R 64 -15.16 1.87 -4.49
N LEU R 65 -14.41 1.85 -3.39
CA LEU R 65 -14.99 2.00 -2.06
C LEU R 65 -15.42 3.44 -1.82
N GLN R 66 -14.62 4.41 -2.29
CA GLN R 66 -15.02 5.81 -2.13
C GLN R 66 -16.14 6.17 -3.09
N ALA R 67 -16.22 5.50 -4.25
CA ALA R 67 -17.39 5.69 -5.12
C ALA R 67 -18.67 5.18 -4.46
N ARG R 68 -18.58 4.03 -3.78
CA ARG R 68 -19.75 3.48 -3.10
C ARG R 68 -20.18 4.34 -1.91
N VAL R 69 -19.22 4.89 -1.16
CA VAL R 69 -19.64 5.72 -0.05
C VAL R 69 -20.13 7.08 -0.53
N LEU R 70 -19.66 7.56 -1.69
CA LEU R 70 -20.25 8.75 -2.28
C LEU R 70 -21.69 8.51 -2.69
N ALA R 71 -21.97 7.31 -3.21
CA ALA R 71 -23.34 6.96 -3.59
C ALA R 71 -24.27 6.92 -2.38
N VAL R 72 -23.83 6.25 -1.30
CA VAL R 72 -24.73 6.17 -0.13
C VAL R 72 -24.81 7.51 0.58
N GLU R 73 -23.78 8.35 0.51
CA GLU R 73 -23.84 9.68 1.12
C GLU R 73 -24.82 10.57 0.38
N ARG R 74 -24.82 10.51 -0.96
CA ARG R 74 -25.77 11.28 -1.75
C ARG R 74 -27.21 10.82 -1.51
N TYR R 75 -27.41 9.50 -1.40
CA TYR R 75 -28.74 8.97 -1.09
C TYR R 75 -29.23 9.43 0.28
N LEU R 76 -28.34 9.41 1.27
CA LEU R 76 -28.70 9.87 2.62
C LEU R 76 -28.98 11.36 2.65
N ARG R 77 -28.24 12.16 1.88
CA ARG R 77 -28.51 13.60 1.84
C ARG R 77 -29.88 13.89 1.23
N ASP R 78 -30.24 13.16 0.17
CA ASP R 78 -31.55 13.38 -0.43
C ASP R 78 -32.67 12.90 0.48
N GLN R 79 -32.50 11.74 1.13
CA GLN R 79 -33.51 11.27 2.07
C GLN R 79 -33.61 12.16 3.30
N GLN R 80 -32.53 12.84 3.68
CA GLN R 80 -32.59 13.79 4.79
C GLN R 80 -33.31 15.07 4.39
N LEU R 81 -33.11 15.53 3.14
CA LEU R 81 -33.88 16.67 2.66
C LEU R 81 -35.36 16.37 2.58
N LEU R 82 -35.72 15.14 2.19
CA LEU R 82 -37.12 14.74 2.26
C LEU R 82 -37.62 14.66 3.70
N GLY R 83 -36.84 14.03 4.58
CA GLY R 83 -37.32 13.71 5.91
C GLY R 83 -37.60 14.90 6.80
N ILE R 84 -36.87 16.00 6.61
CA ILE R 84 -37.17 17.22 7.36
C ILE R 84 -38.31 18.01 6.75
N TRP R 85 -38.88 17.54 5.66
CA TRP R 85 -40.12 18.04 5.11
C TRP R 85 -41.24 17.07 5.50
N GLY R 86 -42.41 17.25 4.88
CA GLY R 86 -43.56 16.44 5.24
C GLY R 86 -43.44 14.97 4.87
N CYS R 87 -42.85 14.70 3.70
CA CYS R 87 -42.82 13.33 3.19
C CYS R 87 -41.48 12.66 3.46
N SER R 88 -41.54 11.50 4.11
CA SER R 88 -40.33 10.74 4.41
C SER R 88 -40.21 9.52 3.52
N GLY R 89 -41.32 8.92 3.11
CA GLY R 89 -41.29 7.80 2.20
C GLY R 89 -42.47 7.80 1.24
N LYS R 90 -43.04 8.96 0.97
CA LYS R 90 -44.24 9.01 0.14
C LYS R 90 -43.90 8.88 -1.33
N LEU R 91 -42.82 9.54 -1.77
CA LEU R 91 -42.26 9.71 -3.11
C LEU R 91 -43.12 10.65 -3.98
N ILE R 92 -44.35 10.97 -3.57
CA ILE R 92 -45.13 12.11 -4.06
C ILE R 92 -45.77 12.75 -2.84
N CYS R 93 -45.37 13.97 -2.51
CA CYS R 93 -45.96 14.58 -1.34
C CYS R 93 -46.35 16.02 -1.63
N CYS R 94 -47.36 16.47 -0.91
CA CYS R 94 -47.94 17.79 -1.04
C CYS R 94 -47.63 18.57 0.22
N THR R 95 -47.60 19.90 0.14
CA THR R 95 -47.26 20.70 1.30
C THR R 95 -48.09 21.98 1.30
N ASN R 96 -47.82 22.83 2.29
CA ASN R 96 -48.68 23.96 2.63
C ASN R 96 -48.10 25.32 2.21
N VAL R 97 -46.99 25.34 1.49
CA VAL R 97 -46.54 26.61 0.91
C VAL R 97 -47.13 26.78 -0.48
N PRO R 98 -47.67 27.96 -0.79
CA PRO R 98 -48.26 28.17 -2.11
C PRO R 98 -47.23 28.58 -3.15
N TRP R 99 -47.55 28.25 -4.39
CA TRP R 99 -46.66 28.56 -5.51
C TRP R 99 -46.68 30.06 -5.77
N ASN R 100 -45.57 30.73 -5.43
CA ASN R 100 -45.42 32.14 -5.74
C ASN R 100 -45.30 32.30 -7.26
N SER R 101 -46.20 33.11 -7.84
CA SER R 101 -46.27 33.20 -9.29
C SER R 101 -45.19 34.12 -9.86
N SER R 102 -44.37 34.70 -8.99
CA SER R 102 -43.19 35.42 -9.46
C SER R 102 -42.07 34.45 -9.83
N TRP R 103 -42.22 33.17 -9.49
CA TRP R 103 -41.17 32.20 -9.75
C TRP R 103 -41.16 31.74 -11.20
N SER R 104 -42.32 31.31 -11.70
CA SER R 104 -42.39 30.75 -13.04
C SER R 104 -43.40 31.40 -13.96
N ASN R 105 -44.37 32.16 -13.42
CA ASN R 105 -45.36 33.02 -14.11
C ASN R 105 -46.01 32.39 -15.35
N ARG R 106 -46.22 31.09 -15.31
CA ARG R 106 -46.78 30.35 -16.44
C ARG R 106 -47.92 29.46 -15.96
N ASN R 107 -48.76 29.04 -16.92
CA ASN R 107 -50.01 28.37 -16.63
C ASN R 107 -49.74 26.94 -16.15
N LEU R 108 -50.75 26.35 -15.49
CA LEU R 108 -50.66 24.96 -15.06
C LEU R 108 -50.78 24.00 -16.24
N SER R 109 -51.51 24.40 -17.28
CA SER R 109 -51.71 23.52 -18.43
C SER R 109 -50.45 23.41 -19.29
N GLU R 110 -49.56 24.40 -19.21
CA GLU R 110 -48.37 24.43 -20.06
C GLU R 110 -47.12 23.95 -19.34
N ILE R 111 -47.25 23.23 -18.24
CA ILE R 111 -46.13 22.53 -17.63
C ILE R 111 -46.30 21.00 -17.69
N TRP R 112 -47.47 20.50 -17.31
CA TRP R 112 -47.66 19.06 -17.22
C TRP R 112 -47.94 18.41 -18.56
N ASP R 113 -48.18 19.19 -19.61
CA ASP R 113 -48.43 18.65 -20.93
C ASP R 113 -47.49 19.21 -21.98
N ASN R 114 -46.58 20.09 -21.61
CA ASN R 114 -45.72 20.75 -22.58
C ASN R 114 -44.25 20.47 -22.34
N MET R 115 -43.74 20.66 -21.12
CA MET R 115 -42.31 20.63 -20.87
C MET R 115 -41.89 19.35 -20.15
N THR R 116 -40.58 19.16 -20.09
CA THR R 116 -39.95 18.03 -19.44
C THR R 116 -39.23 18.50 -18.18
N TRP R 117 -38.75 17.54 -17.39
CA TRP R 117 -38.00 17.88 -16.19
C TRP R 117 -36.63 18.45 -16.51
N LEU R 118 -36.04 18.05 -17.63
CA LEU R 118 -34.77 18.64 -18.07
C LEU R 118 -34.92 20.11 -18.42
N GLN R 119 -36.11 20.50 -18.88
CA GLN R 119 -36.39 21.87 -19.26
C GLN R 119 -37.01 22.67 -18.12
N TRP R 120 -37.73 22.02 -17.22
CA TRP R 120 -38.24 22.67 -16.03
C TRP R 120 -37.16 22.87 -14.96
N ASP R 121 -36.07 22.09 -15.03
CA ASP R 121 -34.98 22.25 -14.09
C ASP R 121 -34.27 23.59 -14.30
N LYS R 122 -34.10 24.00 -15.56
CA LYS R 122 -33.42 25.26 -15.84
C LYS R 122 -34.28 26.46 -15.47
N GLU R 123 -35.59 26.34 -15.58
CA GLU R 123 -36.46 27.49 -15.41
C GLU R 123 -36.70 27.87 -13.95
N ILE R 124 -36.36 27.01 -12.99
CA ILE R 124 -36.49 27.37 -11.59
C ILE R 124 -35.20 27.06 -10.83
N SER R 125 -34.09 26.92 -11.55
CA SER R 125 -32.81 26.69 -10.89
C SER R 125 -32.35 27.93 -10.13
N ASN R 126 -32.69 29.11 -10.64
CA ASN R 126 -32.42 30.35 -9.94
C ASN R 126 -33.32 30.49 -8.71
N TYR R 127 -34.58 30.07 -8.81
CA TYR R 127 -35.48 30.20 -7.66
C TYR R 127 -35.38 29.01 -6.72
N THR R 128 -34.55 28.03 -7.04
CA THR R 128 -34.24 26.97 -6.08
C THR R 128 -33.42 27.56 -4.94
N GLN R 129 -33.56 26.95 -3.74
CA GLN R 129 -32.96 27.26 -2.44
C GLN R 129 -33.64 28.48 -1.80
N ILE R 130 -34.49 29.16 -2.56
CA ILE R 130 -35.51 30.02 -1.95
C ILE R 130 -36.69 29.16 -1.51
N ILE R 131 -36.99 28.13 -2.30
CA ILE R 131 -38.15 27.28 -2.03
C ILE R 131 -37.89 26.35 -0.86
N TYR R 132 -36.65 25.85 -0.74
CA TYR R 132 -36.34 24.81 0.25
C TYR R 132 -36.40 25.37 1.67
N GLY R 133 -35.98 26.62 1.84
CA GLY R 133 -36.10 27.26 3.14
C GLY R 133 -37.55 27.47 3.55
N LEU R 134 -38.42 27.77 2.57
CA LEU R 134 -39.84 27.89 2.85
C LEU R 134 -40.45 26.53 3.19
N LEU R 135 -39.94 25.47 2.56
CA LEU R 135 -40.41 24.12 2.88
C LEU R 135 -40.06 23.72 4.30
N GLU R 136 -38.81 23.98 4.71
CA GLU R 136 -38.41 23.70 6.10
C GLU R 136 -39.15 24.58 7.08
N GLU R 137 -39.39 25.85 6.73
CA GLU R 137 -40.10 26.78 7.60
C GLU R 137 -41.54 26.34 7.82
N SER R 138 -42.21 25.94 6.75
CA SER R 138 -43.59 25.48 6.86
C SER R 138 -43.67 24.15 7.60
N GLN R 139 -42.67 23.27 7.43
CA GLN R 139 -42.71 22.01 8.15
C GLN R 139 -42.43 22.19 9.64
N ASN R 140 -41.52 23.10 10.00
CA ASN R 140 -41.26 23.38 11.41
C ASN R 140 -42.47 24.05 12.07
N GLN R 141 -43.13 24.97 11.34
CA GLN R 141 -44.33 25.62 11.86
C GLN R 141 -45.48 24.62 12.02
N GLN R 142 -45.60 23.67 11.09
CA GLN R 142 -46.64 22.65 11.19
C GLN R 142 -46.35 21.67 12.33
N GLU R 143 -45.07 21.37 12.57
CA GLU R 143 -44.70 20.52 13.70
C GLU R 143 -45.00 21.21 15.04
N LYS R 144 -44.71 22.50 15.16
CA LYS R 144 -45.01 23.16 16.43
C LYS R 144 -46.51 23.40 16.60
N ASN R 145 -47.26 23.60 15.51
CA ASN R 145 -48.71 23.68 15.60
C ASN R 145 -49.32 22.34 16.00
N GLU R 146 -48.78 21.24 15.48
CA GLU R 146 -49.24 19.91 15.87
C GLU R 146 -48.92 19.63 17.34
N GLN R 147 -47.73 20.05 17.79
CA GLN R 147 -47.36 19.85 19.19
C GLN R 147 -48.26 20.65 20.12
N ASP R 148 -48.59 21.89 19.75
CA ASP R 148 -49.50 22.70 20.56
C ASP R 148 -50.92 22.15 20.53
N LEU R 149 -51.36 21.59 19.39
CA LEU R 149 -52.70 21.05 19.30
C LEU R 149 -52.85 19.77 20.10
N LEU R 150 -51.81 18.94 20.14
CA LEU R 150 -51.79 17.84 21.10
C LEU R 150 -51.69 18.33 22.53
N ALA R 151 -51.00 19.44 22.77
CA ALA R 151 -50.77 19.91 24.14
C ALA R 151 -52.01 20.53 24.76
N LEU R 152 -52.87 21.16 23.95
CA LEU R 152 -54.08 21.74 24.51
C LEU R 152 -55.14 20.69 24.83
N ASP R 153 -54.99 19.47 24.31
CA ASP R 153 -55.92 18.39 24.60
C ASP R 153 -55.51 17.61 25.85
N GLN S 1 29.69 -25.31 -80.66
CA GLN S 1 30.83 -25.92 -79.98
C GLN S 1 31.73 -24.83 -79.41
N VAL S 2 31.89 -24.82 -78.08
CA VAL S 2 32.70 -23.82 -77.40
C VAL S 2 33.76 -24.51 -76.57
N HIS S 3 35.02 -24.11 -76.76
CA HIS S 3 36.13 -24.52 -75.91
C HIS S 3 37.00 -23.29 -75.69
N LEU S 4 38.19 -23.50 -75.13
CA LEU S 4 39.10 -22.40 -74.83
C LEU S 4 40.51 -22.78 -75.28
N GLN S 5 41.43 -21.82 -75.18
CA GLN S 5 42.80 -22.04 -75.64
C GLN S 5 43.71 -21.06 -74.90
N GLU S 6 44.42 -21.54 -73.89
CA GLU S 6 45.33 -20.66 -73.17
C GLU S 6 46.65 -20.51 -73.93
N SER S 7 47.45 -19.54 -73.49
CA SER S 7 48.81 -19.34 -73.98
C SER S 7 49.61 -18.61 -72.92
N GLY S 8 50.78 -19.15 -72.61
CA GLY S 8 51.69 -18.60 -71.62
C GLY S 8 53.10 -19.11 -71.83
N PRO S 9 54.03 -18.73 -70.94
CA PRO S 9 55.45 -19.06 -71.17
C PRO S 9 55.82 -20.51 -70.89
N GLY S 10 55.25 -21.12 -69.85
CA GLY S 10 55.61 -22.46 -69.49
C GLY S 10 56.75 -22.52 -68.49
N LEU S 11 57.90 -21.96 -68.87
CA LEU S 11 59.06 -21.86 -67.99
C LEU S 11 59.08 -20.46 -67.39
N VAL S 12 58.98 -20.37 -66.06
CA VAL S 12 58.67 -19.13 -65.37
C VAL S 12 59.83 -18.78 -64.45
N LYS S 13 60.31 -17.54 -64.57
CA LYS S 13 61.39 -16.92 -63.81
C LYS S 13 60.82 -15.97 -62.77
N PRO S 14 61.36 -15.97 -61.54
CA PRO S 14 60.77 -15.18 -60.46
C PRO S 14 61.07 -13.70 -60.60
N SER S 15 60.42 -12.92 -59.73
CA SER S 15 60.51 -11.45 -59.66
C SER S 15 60.22 -10.81 -61.01
N GLU S 16 59.10 -11.21 -61.60
CA GLU S 16 58.80 -10.86 -62.99
C GLU S 16 57.29 -10.79 -63.17
N THR S 17 56.85 -9.81 -63.96
CA THR S 17 55.45 -9.76 -64.36
C THR S 17 55.13 -10.91 -65.29
N LEU S 18 54.09 -11.66 -64.95
CA LEU S 18 53.67 -12.84 -65.70
C LEU S 18 52.52 -12.46 -66.62
N SER S 19 52.40 -13.17 -67.73
CA SER S 19 51.35 -12.88 -68.70
C SER S 19 50.69 -14.17 -69.17
N LEU S 20 49.39 -14.07 -69.45
CA LEU S 20 48.62 -15.15 -70.06
C LEU S 20 47.58 -14.54 -70.99
N THR S 21 47.38 -15.19 -72.14
CA THR S 21 46.27 -14.83 -73.00
C THR S 21 45.38 -16.03 -73.26
N CYS S 22 44.10 -15.77 -73.44
CA CYS S 22 43.08 -16.80 -73.66
C CYS S 22 42.38 -16.51 -74.98
N ASN S 23 42.61 -17.37 -75.96
CA ASN S 23 41.86 -17.35 -77.20
C ASN S 23 40.43 -17.84 -76.96
N VAL S 24 39.58 -17.63 -77.96
CA VAL S 24 38.16 -17.97 -77.83
C VAL S 24 37.83 -19.10 -78.80
N SER S 25 36.59 -19.56 -78.76
CA SER S 25 36.12 -20.57 -79.72
C SER S 25 34.63 -20.30 -79.97
N GLY S 26 34.35 -19.54 -81.04
CA GLY S 26 33.00 -19.18 -81.38
C GLY S 26 32.48 -17.97 -80.62
N THR S 27 32.38 -18.08 -79.30
CA THR S 27 31.89 -17.00 -78.47
C THR S 27 32.89 -15.84 -78.44
N LEU S 28 32.42 -14.64 -78.78
CA LEU S 28 33.28 -13.48 -78.84
C LEU S 28 33.55 -12.93 -77.43
N VAL S 29 34.63 -12.15 -77.32
CA VAL S 29 35.08 -11.63 -76.03
C VAL S 29 34.19 -10.50 -75.52
N ARG S 30 33.47 -9.82 -76.42
CA ARG S 30 32.67 -8.66 -76.04
C ARG S 30 31.45 -9.06 -75.22
N ASP S 31 30.85 -10.21 -75.52
CA ASP S 31 29.53 -10.55 -74.99
C ASP S 31 29.60 -10.98 -73.52
N ASN S 32 30.29 -12.09 -73.24
CA ASN S 32 30.16 -12.78 -71.98
C ASN S 32 31.23 -12.31 -71.00
N TYR S 33 30.98 -12.57 -69.71
CA TYR S 33 31.97 -12.35 -68.65
C TYR S 33 33.18 -13.26 -68.85
N TRP S 34 34.24 -12.98 -68.11
CA TRP S 34 35.43 -13.81 -68.15
C TRP S 34 35.96 -14.03 -66.75
N SER S 35 36.79 -15.05 -66.60
CA SER S 35 37.36 -15.40 -65.32
C SER S 35 38.67 -16.13 -65.53
N TRP S 36 39.52 -16.04 -64.52
CA TRP S 36 40.75 -16.82 -64.43
C TRP S 36 40.75 -17.56 -63.10
N ILE S 37 41.18 -18.82 -63.15
CA ILE S 37 41.13 -19.78 -62.04
C ILE S 37 42.45 -20.53 -62.03
N ARG S 38 43.14 -20.52 -60.88
CA ARG S 38 44.39 -21.27 -60.77
C ARG S 38 44.24 -22.45 -59.82
N GLN S 39 45.02 -23.51 -60.08
CA GLN S 39 45.00 -24.69 -59.23
C GLN S 39 46.41 -25.26 -59.10
N PRO S 40 46.88 -25.50 -57.86
CA PRO S 40 48.17 -26.18 -57.68
C PRO S 40 48.08 -27.68 -57.97
N LEU S 41 49.17 -28.40 -57.74
CA LEU S 41 49.16 -29.84 -57.92
C LEU S 41 48.52 -30.49 -56.69
N GLY S 42 47.47 -31.27 -56.91
CA GLY S 42 46.79 -31.97 -55.84
C GLY S 42 46.09 -31.08 -54.84
N LYS S 43 45.58 -29.92 -55.26
CA LYS S 43 44.94 -28.97 -54.36
C LYS S 43 43.61 -28.54 -54.96
N GLN S 44 42.81 -27.87 -54.14
CA GLN S 44 41.59 -27.27 -54.65
C GLN S 44 41.92 -25.98 -55.39
N PRO S 45 41.11 -25.61 -56.40
CA PRO S 45 41.45 -24.43 -57.19
C PRO S 45 41.24 -23.14 -56.44
N GLU S 46 41.96 -22.11 -56.88
CA GLU S 46 41.87 -20.77 -56.32
C GLU S 46 41.45 -19.83 -57.44
N TRP S 47 40.21 -19.34 -57.37
CA TRP S 47 39.64 -18.48 -58.40
C TRP S 47 40.28 -17.10 -58.33
N ILE S 48 41.08 -16.79 -59.35
CA ILE S 48 41.80 -15.52 -59.38
C ILE S 48 40.84 -14.35 -59.52
N GLY S 49 39.96 -14.41 -60.51
CA GLY S 49 39.00 -13.33 -60.61
C GLY S 49 38.17 -13.27 -61.87
N TYR S 50 37.04 -12.56 -61.81
CA TYR S 50 36.17 -12.37 -62.96
C TYR S 50 36.31 -10.93 -63.45
N VAL S 51 36.42 -10.77 -64.76
CA VAL S 51 36.57 -9.46 -65.38
C VAL S 51 35.64 -9.39 -66.59
N HIS S 52 35.21 -8.16 -66.91
CA HIS S 52 34.35 -7.83 -68.03
C HIS S 52 34.44 -6.32 -68.23
N ASP S 53 34.02 -5.87 -69.42
CA ASP S 53 33.91 -4.46 -69.76
C ASP S 53 32.96 -3.74 -68.80
N SER S 54 33.14 -2.41 -68.72
CA SER S 54 32.28 -1.46 -68.01
C SER S 54 32.23 -1.74 -66.50
N GLY S 55 33.38 -1.63 -65.87
CA GLY S 55 33.48 -1.61 -64.43
C GLY S 55 33.42 -2.94 -63.73
N ASP S 56 33.15 -4.03 -64.45
CA ASP S 56 33.08 -5.37 -63.86
C ASP S 56 34.52 -5.86 -63.65
N THR S 57 35.12 -5.38 -62.56
CA THR S 57 36.54 -5.55 -62.28
C THR S 57 36.74 -5.98 -60.82
N ASN S 58 36.02 -7.01 -60.40
CA ASN S 58 36.10 -7.49 -59.03
C ASN S 58 37.11 -8.63 -58.96
N TYR S 59 38.07 -8.52 -58.05
CA TYR S 59 39.22 -9.41 -57.98
C TYR S 59 39.26 -10.14 -56.64
N ASN S 60 40.34 -10.88 -56.43
CA ASN S 60 40.51 -11.68 -55.23
C ASN S 60 41.06 -10.80 -54.11
N PRO S 61 40.46 -10.82 -52.92
CA PRO S 61 41.06 -10.12 -51.76
C PRO S 61 42.36 -10.74 -51.25
N SER S 62 42.84 -11.84 -51.82
CA SER S 62 44.19 -12.29 -51.50
C SER S 62 45.23 -11.39 -52.12
N LEU S 63 45.00 -10.93 -53.36
CA LEU S 63 46.02 -10.10 -54.02
C LEU S 63 45.74 -8.61 -53.90
N LYS S 64 44.68 -8.14 -54.59
CA LYS S 64 44.16 -6.76 -54.61
C LYS S 64 45.08 -5.68 -55.17
N SER S 65 46.35 -5.98 -55.42
CA SER S 65 47.30 -4.95 -55.81
C SER S 65 48.30 -5.36 -56.89
N ARG S 66 48.47 -6.65 -57.17
CA ARG S 66 49.52 -7.11 -58.06
C ARG S 66 49.00 -7.96 -59.20
N VAL S 67 47.72 -7.83 -59.55
CA VAL S 67 47.13 -8.56 -60.66
C VAL S 67 46.30 -7.58 -61.49
N HIS S 68 46.26 -7.84 -62.80
CA HIS S 68 45.51 -7.01 -63.74
C HIS S 68 44.86 -7.93 -64.76
N LEU S 69 43.55 -8.06 -64.68
CA LEU S 69 42.77 -8.79 -65.68
C LEU S 69 42.12 -7.81 -66.63
N SER S 70 42.17 -8.12 -67.91
CA SER S 70 41.54 -7.28 -68.93
C SER S 70 41.25 -8.15 -70.14
N LEU S 71 40.84 -7.51 -71.23
CA LEU S 71 40.57 -8.20 -72.47
C LEU S 71 41.53 -7.69 -73.54
N ASP S 72 41.38 -8.24 -74.74
CA ASP S 72 42.06 -7.75 -75.94
C ASP S 72 40.98 -7.84 -77.02
N LYS S 73 40.21 -6.76 -77.15
CA LYS S 73 39.06 -6.78 -78.04
C LYS S 73 39.46 -6.52 -79.49
N SER S 74 40.66 -6.00 -79.72
CA SER S 74 41.17 -5.87 -81.08
C SER S 74 41.53 -7.22 -81.67
N LYS S 75 41.84 -8.21 -80.82
CA LYS S 75 42.27 -9.52 -81.28
C LYS S 75 41.31 -10.64 -80.91
N ASN S 76 40.26 -10.35 -80.12
CA ASN S 76 39.32 -11.33 -79.56
C ASN S 76 40.06 -12.32 -78.65
N LEU S 77 40.78 -11.77 -77.68
CA LEU S 77 41.51 -12.53 -76.66
C LEU S 77 41.19 -11.99 -75.27
N VAL S 78 41.63 -12.73 -74.26
CA VAL S 78 41.51 -12.34 -72.85
C VAL S 78 42.92 -12.25 -72.28
N SER S 79 43.17 -11.29 -71.38
CA SER S 79 44.53 -11.06 -70.90
C SER S 79 44.57 -11.07 -69.37
N LEU S 80 45.55 -11.77 -68.81
CA LEU S 80 45.91 -11.68 -67.41
C LEU S 80 47.37 -11.29 -67.26
N ARG S 81 47.63 -10.38 -66.33
CA ARG S 81 48.97 -9.92 -65.98
C ARG S 81 49.16 -10.06 -64.47
N LEU S 82 50.34 -10.49 -64.06
CA LEU S 82 50.63 -10.82 -62.68
C LEU S 82 51.96 -10.18 -62.29
N THR S 83 52.15 -9.99 -60.99
CA THR S 83 53.35 -9.35 -60.46
C THR S 83 53.85 -10.12 -59.25
N GLY S 84 55.13 -10.45 -59.24
CA GLY S 84 55.73 -11.09 -58.07
C GLY S 84 55.49 -12.59 -57.99
N VAL S 85 56.05 -13.34 -58.94
CA VAL S 85 55.91 -14.79 -58.93
C VAL S 85 56.74 -15.38 -57.81
N THR S 86 56.10 -16.17 -56.95
CA THR S 86 56.75 -16.87 -55.85
C THR S 86 56.60 -18.38 -56.04
N ALA S 87 56.98 -19.14 -55.02
CA ALA S 87 56.90 -20.59 -55.08
C ALA S 87 55.47 -21.10 -54.98
N ALA S 88 54.58 -20.33 -54.35
CA ALA S 88 53.18 -20.71 -54.31
C ALA S 88 52.47 -20.51 -55.64
N ASP S 89 53.04 -19.69 -56.52
CA ASP S 89 52.47 -19.42 -57.83
C ASP S 89 52.68 -20.56 -58.83
N SER S 90 53.43 -21.59 -58.46
CA SER S 90 53.63 -22.75 -59.32
C SER S 90 52.32 -23.54 -59.37
N ALA S 91 51.55 -23.32 -60.41
CA ALA S 91 50.20 -23.87 -60.51
C ALA S 91 49.78 -23.85 -61.97
N ILE S 92 48.81 -24.68 -62.31
CA ILE S 92 48.24 -24.63 -63.66
C ILE S 92 47.08 -23.65 -63.67
N TYR S 93 47.07 -22.76 -64.66
CA TYR S 93 46.12 -21.66 -64.70
C TYR S 93 45.15 -21.88 -65.85
N TYR S 94 43.92 -21.37 -65.67
CA TYR S 94 42.78 -21.62 -66.53
C TYR S 94 42.07 -20.31 -66.81
N CYS S 95 41.65 -20.10 -68.05
CA CYS S 95 40.63 -19.11 -68.35
C CYS S 95 39.28 -19.80 -68.40
N ALA S 96 38.22 -18.99 -68.27
CA ALA S 96 36.86 -19.53 -68.26
C ALA S 96 35.88 -18.42 -68.61
N THR S 97 34.76 -18.80 -69.23
CA THR S 97 33.60 -17.92 -69.30
C THR S 97 32.73 -18.24 -68.09
N THR S 98 32.41 -17.24 -67.30
CA THR S 98 31.50 -17.46 -66.18
C THR S 98 30.15 -16.82 -66.50
N LYS S 99 29.15 -17.23 -65.73
CA LYS S 99 27.84 -16.62 -65.80
C LYS S 99 27.35 -16.41 -64.37
N HIS S 100 26.24 -15.70 -64.25
CA HIS S 100 25.76 -15.24 -62.96
C HIS S 100 24.32 -15.68 -62.72
N GLY S 101 23.74 -15.16 -61.64
CA GLY S 101 22.36 -15.43 -61.31
C GLY S 101 22.00 -14.62 -60.08
N ARG S 102 20.78 -14.85 -59.60
CA ARG S 102 20.32 -14.20 -58.37
C ARG S 102 19.77 -15.27 -57.43
N ARG S 103 20.12 -15.15 -56.15
CA ARG S 103 19.56 -15.98 -55.10
C ARG S 103 18.81 -15.08 -54.14
N ILE S 104 17.48 -15.20 -54.11
CA ILE S 104 16.62 -14.28 -53.39
C ILE S 104 16.07 -15.01 -52.17
N TYR S 105 16.16 -14.36 -51.01
CA TYR S 105 15.69 -14.94 -49.76
C TYR S 105 14.84 -13.97 -48.97
N GLY S 106 14.55 -12.80 -49.49
CA GLY S 106 13.73 -11.82 -48.80
C GLY S 106 13.21 -10.81 -49.78
N VAL S 107 12.91 -9.61 -49.27
CA VAL S 107 12.40 -8.53 -50.10
C VAL S 107 13.50 -8.06 -51.04
N VAL S 108 13.19 -8.03 -52.34
CA VAL S 108 14.17 -7.60 -53.34
C VAL S 108 14.48 -6.12 -53.19
N ALA S 109 13.50 -5.31 -52.80
CA ALA S 109 13.70 -3.88 -52.61
C ALA S 109 14.59 -3.55 -51.42
N PHE S 110 14.75 -4.47 -50.47
CA PHE S 110 15.62 -4.26 -49.32
C PHE S 110 17.03 -4.78 -49.55
N LYS S 111 17.39 -5.07 -50.82
CA LYS S 111 18.69 -5.63 -51.23
C LYS S 111 18.96 -6.96 -50.54
N GLU S 112 17.92 -7.76 -50.35
CA GLU S 112 18.05 -9.06 -49.69
C GLU S 112 18.16 -10.17 -50.74
N TRP S 113 19.25 -10.10 -51.49
CA TRP S 113 19.59 -11.05 -52.53
C TRP S 113 21.07 -10.89 -52.86
N PHE S 114 21.68 -11.95 -53.38
CA PHE S 114 23.07 -11.90 -53.78
C PHE S 114 23.25 -12.61 -55.12
N THR S 115 24.39 -12.37 -55.76
CA THR S 115 24.72 -12.97 -57.05
C THR S 115 25.71 -14.09 -56.85
N TYR S 116 25.37 -15.27 -57.33
CA TYR S 116 26.36 -16.32 -57.48
C TYR S 116 27.06 -16.18 -58.82
N PHE S 117 28.08 -17.01 -59.04
CA PHE S 117 28.79 -17.08 -60.30
C PHE S 117 29.19 -18.53 -60.52
N TYR S 118 28.99 -19.01 -61.74
CA TYR S 118 29.32 -20.38 -62.07
C TYR S 118 30.11 -20.43 -63.36
N MET S 119 31.14 -21.25 -63.37
CA MET S 119 31.93 -21.53 -64.57
C MET S 119 31.46 -22.86 -65.14
N ASP S 120 30.74 -22.81 -66.26
CA ASP S 120 30.27 -24.04 -66.88
C ASP S 120 31.29 -24.63 -67.84
N VAL S 121 31.91 -23.80 -68.67
CA VAL S 121 33.06 -24.25 -69.44
C VAL S 121 34.29 -24.07 -68.55
N TRP S 122 35.39 -24.68 -68.95
CA TRP S 122 36.67 -24.48 -68.31
C TRP S 122 37.74 -24.47 -69.39
N GLY S 123 38.96 -24.15 -69.00
CA GLY S 123 40.03 -23.94 -69.96
C GLY S 123 40.66 -25.23 -70.47
N LYS S 124 41.96 -25.15 -70.72
CA LYS S 124 42.79 -26.32 -70.98
C LYS S 124 44.04 -26.36 -70.11
N GLY S 125 44.65 -25.20 -69.84
CA GLY S 125 45.73 -25.11 -68.89
C GLY S 125 47.01 -24.45 -69.36
N THR S 126 47.69 -23.78 -68.43
CA THR S 126 49.07 -23.36 -68.66
C THR S 126 49.82 -23.45 -67.34
N SER S 127 50.93 -24.19 -67.33
CA SER S 127 51.68 -24.44 -66.11
C SER S 127 52.61 -23.28 -65.82
N VAL S 128 52.39 -22.60 -64.69
CA VAL S 128 53.33 -21.64 -64.16
C VAL S 128 54.24 -22.41 -63.19
N THR S 129 55.39 -22.83 -63.69
CA THR S 129 56.35 -23.63 -62.93
C THR S 129 57.53 -22.73 -62.61
N VAL S 130 57.63 -22.31 -61.35
CA VAL S 130 58.66 -21.33 -60.97
C VAL S 130 60.02 -22.00 -60.93
N SER S 131 61.00 -21.37 -61.57
CA SER S 131 62.36 -21.88 -61.62
C SER S 131 63.32 -20.71 -61.74
N SER S 132 64.40 -20.76 -61.00
CA SER S 132 65.40 -19.70 -61.02
C SER S 132 66.80 -20.28 -61.17
N THR T 3 39.77 -38.24 -48.42
CA THR T 3 38.32 -38.36 -48.58
C THR T 3 37.97 -39.28 -49.72
N PHE T 4 37.24 -40.35 -49.42
CA PHE T 4 36.86 -41.34 -50.42
C PHE T 4 35.47 -41.88 -50.10
N VAL T 5 34.75 -42.25 -51.15
CA VAL T 5 33.49 -42.98 -51.04
C VAL T 5 33.62 -44.21 -51.94
N SER T 6 33.67 -45.39 -51.32
CA SER T 6 33.91 -46.63 -52.05
C SER T 6 32.64 -47.49 -52.00
N VAL T 7 31.91 -47.51 -53.12
CA VAL T 7 30.77 -48.39 -53.30
C VAL T 7 30.94 -49.14 -54.60
N ALA T 8 30.07 -50.12 -54.82
CA ALA T 8 30.06 -50.84 -56.08
C ALA T 8 29.54 -49.92 -57.19
N PRO T 9 30.03 -50.10 -58.44
CA PRO T 9 29.51 -49.30 -59.55
C PRO T 9 28.05 -49.61 -59.87
N GLY T 10 27.17 -48.65 -59.58
CA GLY T 10 25.75 -48.84 -59.76
C GLY T 10 24.98 -48.64 -58.47
N GLN T 11 25.63 -48.07 -57.46
CA GLN T 11 25.06 -47.94 -56.12
C GLN T 11 24.92 -46.48 -55.73
N THR T 12 24.55 -46.27 -54.46
CA THR T 12 24.26 -44.94 -53.94
C THR T 12 25.49 -44.37 -53.25
N ALA T 13 25.65 -43.05 -53.35
CA ALA T 13 26.77 -42.37 -52.73
C ALA T 13 26.39 -40.95 -52.36
N ARG T 14 26.95 -40.46 -51.25
CA ARG T 14 26.83 -39.07 -50.85
C ARG T 14 28.21 -38.49 -50.63
N ILE T 15 28.36 -37.20 -50.94
CA ILE T 15 29.63 -36.50 -50.84
C ILE T 15 29.36 -35.19 -50.13
N THR T 16 29.73 -35.10 -48.86
CA THR T 16 29.64 -33.86 -48.11
C THR T 16 30.91 -33.04 -48.29
N CYS T 17 30.77 -31.71 -48.18
CA CYS T 17 31.90 -30.81 -48.43
C CYS T 17 31.64 -29.48 -47.77
N GLY T 18 32.46 -29.13 -46.79
CA GLY T 18 32.55 -27.76 -46.32
C GLY T 18 31.88 -27.51 -44.99
N GLU T 19 31.71 -26.21 -44.72
CA GLU T 19 31.18 -25.72 -43.46
C GLU T 19 29.66 -25.92 -43.40
N GLU T 20 29.15 -26.09 -42.18
CA GLU T 20 27.71 -26.13 -41.94
C GLU T 20 27.07 -24.79 -42.32
N SER T 21 25.83 -24.86 -42.79
CA SER T 21 25.15 -23.68 -43.32
C SER T 21 24.80 -22.68 -42.23
N LEU T 22 24.80 -21.40 -42.60
CA LEU T 22 24.40 -20.31 -41.72
C LEU T 22 23.18 -19.58 -42.24
N GLY T 23 23.16 -19.20 -43.52
CA GLY T 23 22.01 -18.57 -44.13
C GLY T 23 21.53 -19.36 -45.33
N SER T 24 20.98 -18.63 -46.31
CA SER T 24 20.44 -19.23 -47.53
C SER T 24 21.59 -19.49 -48.49
N ARG T 25 22.00 -20.75 -48.60
CA ARG T 25 23.13 -21.07 -49.45
C ARG T 25 22.73 -21.17 -50.92
N SER T 26 23.74 -21.11 -51.78
CA SER T 26 23.61 -21.46 -53.20
C SER T 26 24.87 -22.27 -53.52
N VAL T 27 24.80 -23.57 -53.31
CA VAL T 27 25.96 -24.44 -53.50
C VAL T 27 26.16 -24.69 -54.99
N ILE T 28 27.42 -24.73 -55.42
CA ILE T 28 27.77 -24.99 -56.80
C ILE T 28 28.81 -26.10 -56.83
N TRP T 29 28.51 -27.19 -57.52
CA TRP T 29 29.36 -28.37 -57.55
C TRP T 29 30.06 -28.50 -58.90
N TYR T 30 31.36 -28.83 -58.83
CA TYR T 30 32.25 -29.05 -59.96
C TYR T 30 32.83 -30.45 -59.85
N GLN T 31 33.43 -30.93 -60.93
CA GLN T 31 34.21 -32.16 -60.86
C GLN T 31 35.47 -32.02 -61.71
N GLN T 32 36.53 -32.68 -61.26
CA GLN T 32 37.88 -32.55 -61.81
C GLN T 32 38.29 -33.86 -62.46
N ARG T 33 38.44 -33.85 -63.78
CA ARG T 33 39.12 -35.01 -64.34
C ARG T 33 40.63 -34.81 -64.25
N PRO T 34 41.40 -35.88 -64.01
CA PRO T 34 42.85 -35.73 -63.85
C PRO T 34 43.53 -35.34 -65.15
N GLY T 35 44.37 -34.32 -65.08
CA GLY T 35 45.08 -33.83 -66.24
C GLY T 35 44.32 -32.83 -67.09
N GLN T 36 43.05 -32.57 -66.78
CA GLN T 36 42.23 -31.67 -67.55
C GLN T 36 41.73 -30.53 -66.67
N ALA T 37 41.19 -29.51 -67.33
CA ALA T 37 40.39 -28.50 -66.68
C ALA T 37 39.08 -29.13 -66.20
N PRO T 38 38.42 -28.55 -65.17
CA PRO T 38 37.21 -29.20 -64.63
C PRO T 38 36.00 -29.12 -65.53
N SER T 39 34.87 -29.59 -65.02
CA SER T 39 33.59 -29.42 -65.68
C SER T 39 32.55 -29.19 -64.60
N LEU T 40 31.66 -28.22 -64.82
CA LEU T 40 30.55 -28.01 -63.92
C LEU T 40 29.61 -29.20 -63.96
N ILE T 41 29.03 -29.54 -62.80
CA ILE T 41 27.94 -30.49 -62.74
C ILE T 41 26.67 -29.86 -62.17
N ILE T 42 26.79 -29.02 -61.14
CA ILE T 42 25.63 -28.42 -60.46
C ILE T 42 25.89 -26.93 -60.32
N TYR T 43 24.91 -26.10 -60.70
CA TYR T 43 25.07 -24.65 -60.66
C TYR T 43 24.13 -23.93 -59.71
N ASN T 44 23.06 -24.59 -59.25
CA ASN T 44 22.15 -24.01 -58.27
C ASN T 44 22.09 -25.03 -57.14
N ASN T 45 21.12 -24.92 -56.22
CA ASN T 45 21.06 -25.85 -55.11
C ASN T 45 20.73 -27.28 -55.57
N ASN T 46 19.69 -27.44 -56.39
CA ASN T 46 19.36 -28.75 -56.93
C ASN T 46 18.94 -28.63 -58.39
N ASP T 47 19.69 -27.86 -59.16
CA ASP T 47 19.50 -27.80 -60.60
C ASP T 47 20.62 -28.52 -61.31
N ARG T 48 20.44 -28.72 -62.62
CA ARG T 48 21.47 -29.29 -63.46
C ARG T 48 21.40 -28.68 -64.85
N PRO T 49 22.54 -28.43 -65.49
CA PRO T 49 22.53 -27.89 -66.85
C PRO T 49 22.36 -29.02 -67.88
N SER T 50 22.42 -28.64 -69.14
CA SER T 50 22.36 -29.60 -70.22
C SER T 50 23.74 -30.17 -70.50
N GLY T 51 23.79 -31.47 -70.75
CA GLY T 51 25.05 -32.15 -71.00
C GLY T 51 25.42 -33.13 -69.91
N ILE T 52 25.19 -32.76 -68.66
CA ILE T 52 25.42 -33.66 -67.54
C ILE T 52 24.08 -34.34 -67.23
N PRO T 53 24.06 -35.65 -66.97
CA PRO T 53 22.78 -36.31 -66.68
C PRO T 53 22.31 -36.09 -65.25
N ASP T 54 21.23 -36.78 -64.88
CA ASP T 54 20.59 -36.59 -63.58
C ASP T 54 21.33 -37.37 -62.49
N ARG T 55 20.67 -37.51 -61.34
CA ARG T 55 21.13 -38.23 -60.15
C ARG T 55 22.41 -37.66 -59.56
N PHE T 56 22.70 -36.38 -59.83
CA PHE T 56 23.58 -35.59 -58.97
C PHE T 56 22.69 -34.73 -58.06
N SER T 57 22.02 -35.42 -57.14
CA SER T 57 20.98 -34.79 -56.33
C SER T 57 21.61 -33.95 -55.24
N GLY T 58 21.63 -32.63 -55.43
CA GLY T 58 22.20 -31.74 -54.46
C GLY T 58 21.30 -31.53 -53.25
N SER T 59 21.81 -30.75 -52.30
CA SER T 59 21.10 -30.44 -51.09
C SER T 59 20.20 -29.22 -51.29
N PRO T 60 19.08 -29.13 -50.57
CA PRO T 60 18.30 -27.88 -50.58
C PRO T 60 19.01 -26.80 -49.78
N GLY T 61 19.59 -25.82 -50.48
CA GLY T 61 20.41 -24.81 -49.84
C GLY T 61 19.64 -23.73 -49.10
N SER T 62 18.32 -23.81 -49.04
CA SER T 62 17.50 -22.93 -48.22
C SER T 62 17.24 -23.51 -46.84
N THR T 63 18.13 -24.38 -46.36
CA THR T 63 17.95 -25.06 -45.09
C THR T 63 19.08 -24.65 -44.16
N PHE T 64 18.75 -24.44 -42.89
CA PHE T 64 19.61 -23.72 -41.95
C PHE T 64 20.26 -24.71 -41.00
N GLY T 65 21.59 -24.68 -40.94
CA GLY T 65 22.33 -25.58 -40.07
C GLY T 65 22.54 -26.97 -40.65
N THR T 66 22.72 -27.07 -41.96
CA THR T 66 22.99 -28.33 -42.63
C THR T 66 24.30 -28.25 -43.39
N THR T 67 24.68 -29.39 -43.98
CA THR T 67 25.93 -29.52 -44.72
C THR T 67 25.60 -29.89 -46.17
N ALA T 68 26.29 -29.25 -47.11
CA ALA T 68 26.01 -29.46 -48.52
C ALA T 68 26.47 -30.84 -48.96
N THR T 69 25.51 -31.71 -49.26
CA THR T 69 25.78 -33.06 -49.71
C THR T 69 25.74 -33.13 -51.23
N LEU T 70 26.02 -34.31 -51.77
CA LEU T 70 25.89 -34.55 -53.20
C LEU T 70 25.46 -36.02 -53.36
N THR T 71 24.15 -36.23 -53.42
CA THR T 71 23.60 -37.58 -53.44
C THR T 71 23.69 -38.14 -54.85
N ILE T 72 24.51 -39.18 -55.03
CA ILE T 72 24.70 -39.80 -56.33
C ILE T 72 24.31 -41.26 -56.21
N THR T 73 23.13 -41.60 -56.71
CA THR T 73 22.71 -42.99 -56.82
C THR T 73 23.03 -43.47 -58.22
N SER T 74 23.31 -44.78 -58.34
CA SER T 74 23.72 -45.46 -59.57
C SER T 74 24.99 -44.83 -60.13
N VAL T 75 26.08 -44.98 -59.36
CA VAL T 75 27.39 -44.46 -59.73
C VAL T 75 27.97 -45.31 -60.85
N GLU T 76 29.03 -44.82 -61.49
CA GLU T 76 29.73 -45.57 -62.53
C GLU T 76 31.16 -45.07 -62.63
N ALA T 77 31.96 -45.78 -63.41
CA ALA T 77 33.35 -45.41 -63.60
C ALA T 77 33.51 -44.18 -64.49
N GLY T 78 32.51 -43.84 -65.29
CA GLY T 78 32.56 -42.64 -66.08
C GLY T 78 32.34 -41.37 -65.29
N ASP T 79 31.80 -41.49 -64.08
CA ASP T 79 31.59 -40.37 -63.19
C ASP T 79 32.79 -40.10 -62.29
N GLU T 80 33.88 -40.83 -62.46
CA GLU T 80 35.00 -40.79 -61.54
C GLU T 80 35.81 -39.52 -61.76
N ALA T 81 35.86 -38.66 -60.74
CA ALA T 81 36.49 -37.36 -60.81
C ALA T 81 36.79 -36.91 -59.39
N ASP T 82 37.20 -35.65 -59.24
CA ASP T 82 37.39 -35.04 -57.92
C ASP T 82 36.31 -33.98 -57.74
N TYR T 83 35.37 -34.24 -56.85
CA TYR T 83 34.23 -33.35 -56.68
C TYR T 83 34.64 -32.11 -55.90
N TYR T 84 33.90 -31.02 -56.12
CA TYR T 84 34.18 -29.76 -55.45
C TYR T 84 32.88 -29.07 -55.12
N CYS T 85 32.65 -28.83 -53.84
CA CYS T 85 31.63 -27.88 -53.42
C CYS T 85 32.14 -26.46 -53.61
N HIS T 86 31.22 -25.54 -53.87
CA HIS T 86 31.55 -24.10 -53.86
C HIS T 86 30.29 -23.38 -53.40
N ILE T 87 30.21 -23.13 -52.12
CA ILE T 87 28.96 -22.65 -51.53
C ILE T 87 28.92 -21.13 -51.59
N TRP T 88 27.71 -20.61 -51.63
CA TRP T 88 27.44 -19.17 -51.61
C TRP T 88 26.47 -18.95 -50.46
N ASP T 89 27.01 -18.84 -49.26
CA ASP T 89 26.18 -18.64 -48.08
C ASP T 89 25.75 -17.18 -48.03
N SER T 90 24.49 -16.95 -47.64
CA SER T 90 24.00 -15.58 -47.61
C SER T 90 24.58 -14.81 -46.44
N ARG T 91 24.89 -15.49 -45.35
CA ARG T 91 25.45 -14.83 -44.18
C ARG T 91 26.96 -14.73 -44.24
N ARG T 92 27.65 -15.81 -44.61
CA ARG T 92 29.09 -15.74 -44.72
C ARG T 92 29.49 -15.02 -46.02
N PRO T 93 30.67 -14.37 -46.05
CA PRO T 93 31.06 -13.65 -47.27
C PRO T 93 31.50 -14.56 -48.40
N THR T 94 31.99 -13.95 -49.48
CA THR T 94 32.30 -14.66 -50.71
C THR T 94 33.55 -15.52 -50.54
N ASN T 95 33.41 -16.81 -50.80
CA ASN T 95 34.53 -17.75 -50.71
C ASN T 95 35.21 -17.80 -52.07
N TRP T 96 36.46 -17.34 -52.12
CA TRP T 96 37.19 -17.24 -53.38
C TRP T 96 37.94 -18.51 -53.72
N VAL T 97 38.43 -19.24 -52.73
CA VAL T 97 38.95 -20.58 -52.95
C VAL T 97 37.78 -21.55 -52.94
N PHE T 98 37.93 -22.66 -53.67
CA PHE T 98 36.86 -23.65 -53.69
C PHE T 98 36.91 -24.52 -52.44
N GLY T 99 35.89 -25.36 -52.29
CA GLY T 99 35.95 -26.38 -51.26
C GLY T 99 37.00 -27.43 -51.57
N GLU T 100 37.40 -28.18 -50.54
CA GLU T 100 38.51 -29.10 -50.66
C GLU T 100 38.17 -30.26 -51.59
N GLY T 101 39.22 -30.90 -52.12
CA GLY T 101 39.07 -31.97 -53.07
C GLY T 101 38.46 -33.22 -52.46
N THR T 102 37.20 -33.48 -52.79
CA THR T 102 36.49 -34.66 -52.31
C THR T 102 36.47 -35.67 -53.44
N THR T 103 37.43 -36.60 -53.40
CA THR T 103 37.68 -37.53 -54.49
C THR T 103 36.60 -38.62 -54.55
N LEU T 104 36.69 -39.44 -55.59
CA LEU T 104 35.80 -40.58 -55.76
C LEU T 104 36.58 -41.71 -56.41
N ILE T 105 36.58 -42.88 -55.77
CA ILE T 105 37.09 -44.09 -56.38
C ILE T 105 35.94 -45.07 -56.51
N VAL T 106 36.01 -45.91 -57.55
CA VAL T 106 34.94 -46.85 -57.86
C VAL T 106 35.53 -48.25 -57.94
N LEU T 107 34.76 -49.24 -57.49
CA LEU T 107 35.22 -50.62 -57.45
C LEU T 107 34.91 -51.31 -58.78
N GLN U 1 8.13 31.66 -10.78
CA GLN U 1 8.03 32.41 -12.03
C GLN U 1 8.24 31.49 -13.23
N VAL U 2 7.93 32.00 -14.42
CA VAL U 2 8.14 31.26 -15.67
C VAL U 2 9.05 32.12 -16.53
N GLN U 3 10.25 31.62 -16.83
CA GLN U 3 11.24 32.40 -17.57
C GLN U 3 11.65 31.68 -18.84
N LEU U 4 11.66 32.43 -19.94
CA LEU U 4 12.21 32.01 -21.23
C LEU U 4 13.41 32.90 -21.51
N VAL U 5 14.61 32.36 -21.37
CA VAL U 5 15.84 33.15 -21.47
C VAL U 5 16.61 32.66 -22.68
N GLN U 6 16.90 33.58 -23.60
CA GLN U 6 17.56 33.24 -24.84
C GLN U 6 19.06 33.49 -24.74
N SER U 7 19.76 33.12 -25.81
CA SER U 7 21.15 33.50 -25.99
C SER U 7 21.23 34.95 -26.46
N GLY U 8 22.44 35.49 -26.45
CA GLY U 8 22.66 36.86 -26.87
C GLY U 8 22.54 37.04 -28.37
N ALA U 9 22.66 38.30 -28.80
CA ALA U 9 22.58 38.64 -30.21
C ALA U 9 23.82 38.15 -30.96
N VAL U 10 23.74 38.21 -32.29
CA VAL U 10 24.76 37.58 -33.12
C VAL U 10 24.79 38.28 -34.47
N ILE U 11 25.97 38.29 -35.09
CA ILE U 11 26.17 38.82 -36.44
C ILE U 11 26.69 37.67 -37.29
N LYS U 12 25.95 37.34 -38.35
CA LYS U 12 26.30 36.22 -39.21
C LYS U 12 26.51 36.69 -40.64
N THR U 13 27.17 35.86 -41.41
CA THR U 13 27.50 36.04 -42.82
C THR U 13 26.34 35.57 -43.70
N PRO U 14 26.18 36.17 -44.89
CA PRO U 14 25.12 35.69 -45.80
C PRO U 14 25.38 34.29 -46.32
N GLY U 15 24.52 33.36 -45.92
CA GLY U 15 24.67 31.96 -46.25
C GLY U 15 24.96 31.05 -45.08
N SER U 16 24.87 31.55 -43.85
CA SER U 16 25.23 30.79 -42.67
C SER U 16 24.04 29.97 -42.17
N SER U 17 24.19 29.40 -40.97
CA SER U 17 23.13 28.60 -40.34
C SER U 17 23.16 28.96 -38.86
N VAL U 18 22.31 29.90 -38.46
CA VAL U 18 22.33 30.41 -37.09
C VAL U 18 21.58 29.45 -36.19
N LYS U 19 21.99 29.37 -34.93
CA LYS U 19 21.33 28.53 -33.94
C LYS U 19 21.08 29.37 -32.70
N ILE U 20 19.81 29.42 -32.27
CA ILE U 20 19.39 30.21 -31.13
C ILE U 20 18.71 29.28 -30.14
N SER U 21 19.22 29.25 -28.92
CA SER U 21 18.64 28.43 -27.86
C SER U 21 17.67 29.26 -27.02
N CYS U 22 16.93 28.55 -26.17
CA CYS U 22 15.92 29.18 -25.32
C CYS U 22 15.75 28.29 -24.11
N ARG U 23 16.33 28.68 -22.98
CA ARG U 23 16.20 27.93 -21.76
C ARG U 23 14.91 28.33 -21.08
N ALA U 24 14.02 27.36 -20.88
CA ALA U 24 12.78 27.54 -20.16
C ALA U 24 12.93 26.99 -18.76
N SER U 25 12.45 27.77 -17.78
CA SER U 25 12.63 27.40 -16.38
C SER U 25 11.44 27.88 -15.57
N GLY U 26 11.02 27.06 -14.61
CA GLY U 26 9.96 27.41 -13.69
C GLY U 26 8.66 26.63 -13.82
N TYR U 27 8.63 25.60 -14.65
CA TYR U 27 7.42 24.85 -14.94
C TYR U 27 7.82 23.52 -15.56
N ASN U 28 6.85 22.63 -15.73
CA ASN U 28 7.10 21.34 -16.37
C ASN U 28 7.26 21.57 -17.87
N PHE U 29 8.49 21.43 -18.35
CA PHE U 29 8.81 21.74 -19.74
C PHE U 29 8.23 20.71 -20.71
N ARG U 30 7.90 19.51 -20.23
CA ARG U 30 7.28 18.50 -21.07
C ARG U 30 5.83 18.81 -21.44
N ASP U 31 5.20 19.78 -20.79
CA ASP U 31 3.77 20.02 -20.99
C ASP U 31 3.49 20.99 -22.13
N TYR U 32 4.08 22.18 -22.09
CA TYR U 32 3.64 23.28 -22.93
C TYR U 32 4.46 23.36 -24.20
N SER U 33 3.78 23.61 -25.31
CA SER U 33 4.44 23.81 -26.59
C SER U 33 5.20 25.13 -26.59
N ILE U 34 6.30 25.16 -27.33
CA ILE U 34 7.13 26.35 -27.46
C ILE U 34 7.02 26.84 -28.88
N HIS U 35 6.61 28.09 -29.05
CA HIS U 35 6.49 28.71 -30.36
C HIS U 35 7.69 29.59 -30.63
N TRP U 36 8.02 29.76 -31.90
CA TRP U 36 9.06 30.67 -32.36
C TRP U 36 8.40 31.63 -33.33
N VAL U 37 8.56 32.92 -33.05
CA VAL U 37 7.93 34.01 -33.80
C VAL U 37 8.97 35.10 -33.98
N ARG U 38 8.94 35.78 -35.12
CA ARG U 38 9.96 36.76 -35.45
C ARG U 38 9.32 38.14 -35.62
N LEU U 39 10.18 39.15 -35.62
CA LEU U 39 9.77 40.53 -35.86
C LEU U 39 10.76 41.17 -36.80
N ILE U 40 10.27 41.60 -37.96
CA ILE U 40 11.07 42.26 -38.98
C ILE U 40 10.70 43.74 -38.98
N PRO U 41 11.65 44.65 -39.04
CA PRO U 41 11.31 46.08 -39.17
C PRO U 41 10.59 46.36 -40.49
N ASP U 42 9.47 47.08 -40.40
CA ASP U 42 8.57 47.44 -41.50
C ASP U 42 7.94 46.22 -42.17
N LYS U 43 7.87 45.08 -41.48
CA LYS U 43 7.11 43.92 -41.93
C LYS U 43 6.23 43.30 -40.87
N GLY U 44 6.49 43.54 -39.59
CA GLY U 44 5.64 43.05 -38.52
C GLY U 44 5.99 41.65 -38.07
N PHE U 45 5.13 41.11 -37.22
CA PHE U 45 5.30 39.75 -36.71
C PHE U 45 5.08 38.70 -37.79
N GLU U 46 5.98 37.72 -37.84
CA GLU U 46 5.80 36.54 -38.65
C GLU U 46 6.04 35.30 -37.78
N TRP U 47 5.16 34.32 -37.91
CA TRP U 47 5.26 33.09 -37.14
C TRP U 47 6.21 32.12 -37.83
N ILE U 48 7.12 31.54 -37.07
CA ILE U 48 8.10 30.59 -37.60
C ILE U 48 7.67 29.14 -37.36
N GLY U 49 7.33 28.78 -36.12
CA GLY U 49 6.87 27.42 -35.94
C GLY U 49 6.85 27.00 -34.49
N TRP U 50 6.12 25.90 -34.21
CA TRP U 50 6.07 25.39 -32.86
C TRP U 50 6.73 24.03 -32.72
N ILE U 51 6.99 23.66 -31.46
CA ILE U 51 7.50 22.36 -31.09
C ILE U 51 6.78 21.89 -29.83
N LYS U 52 6.32 20.64 -29.84
CA LYS U 52 5.88 19.98 -28.62
C LYS U 52 7.09 19.26 -28.03
N PRO U 53 7.61 19.68 -26.88
CA PRO U 53 8.88 19.15 -26.38
C PRO U 53 8.79 17.81 -25.67
N LEU U 54 7.62 17.18 -25.63
CA LEU U 54 7.54 15.85 -25.03
C LEU U 54 8.17 14.82 -25.95
N TRP U 55 7.94 14.94 -27.25
CA TRP U 55 8.61 14.13 -28.24
C TRP U 55 9.29 14.97 -29.30
N GLY U 56 9.29 16.28 -29.16
CA GLY U 56 9.92 17.13 -30.15
C GLY U 56 9.14 17.25 -31.44
N ALA U 57 7.81 17.13 -31.37
CA ALA U 57 6.99 17.17 -32.58
C ALA U 57 6.95 18.60 -33.10
N VAL U 58 7.57 18.84 -34.25
CA VAL U 58 7.70 20.19 -34.76
C VAL U 58 6.67 20.43 -35.84
N SER U 59 6.33 21.70 -36.04
CA SER U 59 5.55 22.14 -37.19
C SER U 59 6.02 23.53 -37.56
N TYR U 60 6.12 23.77 -38.86
CA TYR U 60 6.84 24.92 -39.40
C TYR U 60 5.87 25.81 -40.17
N ALA U 61 6.28 27.06 -40.37
CA ALA U 61 5.61 27.90 -41.35
C ALA U 61 5.84 27.35 -42.74
N ARG U 62 4.88 27.57 -43.63
CA ARG U 62 4.94 26.97 -44.96
C ARG U 62 6.03 27.58 -45.81
N GLN U 63 6.23 28.89 -45.72
CA GLN U 63 7.25 29.56 -46.51
C GLN U 63 8.63 29.52 -45.86
N LEU U 64 8.78 28.84 -44.72
CA LEU U 64 10.08 28.65 -44.09
C LEU U 64 10.51 27.18 -44.03
N GLN U 65 9.81 26.28 -44.70
CA GLN U 65 10.20 24.88 -44.68
C GLN U 65 11.44 24.66 -45.54
N GLY U 66 12.26 23.70 -45.12
CA GLY U 66 13.56 23.47 -45.73
C GLY U 66 14.67 24.32 -45.17
N ARG U 67 14.36 25.31 -44.33
CA ARG U 67 15.35 26.22 -43.78
C ARG U 67 15.43 26.19 -42.26
N VAL U 68 14.34 25.91 -41.57
CA VAL U 68 14.30 25.94 -40.12
C VAL U 68 14.33 24.52 -39.60
N SER U 69 14.86 24.34 -38.38
CA SER U 69 14.95 23.02 -37.77
C SER U 69 14.96 23.20 -36.26
N MET U 70 13.96 22.67 -35.57
CA MET U 70 13.81 22.85 -34.14
C MET U 70 14.07 21.53 -33.42
N THR U 71 14.86 21.58 -32.36
CA THR U 71 15.12 20.45 -31.48
C THR U 71 14.90 20.88 -30.03
N ARG U 72 15.01 19.94 -29.11
CA ARG U 72 14.89 20.27 -27.70
C ARG U 72 15.82 19.37 -26.89
N GLN U 73 16.03 19.77 -25.64
CA GLN U 73 16.88 19.04 -24.70
C GLN U 73 16.16 19.08 -23.35
N LEU U 74 15.65 17.93 -22.93
CA LEU U 74 14.84 17.83 -21.73
C LEU U 74 15.72 17.75 -20.48
N SER U 75 15.08 17.67 -19.33
CA SER U 75 15.76 17.51 -18.05
C SER U 75 15.58 16.08 -17.59
N GLN U 76 16.68 15.33 -17.50
CA GLN U 76 16.63 13.92 -17.14
C GLN U 76 17.32 13.74 -15.79
N ASP U 77 16.56 14.00 -14.72
CA ASP U 77 16.93 13.77 -13.34
C ASP U 77 15.68 13.86 -12.49
N PRO U 78 15.55 13.06 -11.43
CA PRO U 78 14.37 13.17 -10.56
C PRO U 78 14.41 14.34 -9.59
N ASP U 79 15.46 15.15 -9.62
CA ASP U 79 15.63 16.27 -8.68
C ASP U 79 15.26 17.61 -9.27
N ASP U 80 15.69 17.90 -10.51
CA ASP U 80 15.37 19.17 -11.18
C ASP U 80 14.74 18.89 -12.55
N PRO U 81 13.46 18.56 -12.59
CA PRO U 81 12.78 18.35 -13.89
C PRO U 81 12.09 19.59 -14.44
N ASP U 82 12.24 20.74 -13.80
CA ASP U 82 11.46 21.93 -14.14
C ASP U 82 12.14 22.84 -15.16
N TRP U 83 13.11 22.35 -15.91
CA TRP U 83 13.78 23.16 -16.91
C TRP U 83 13.90 22.40 -18.23
N GLY U 84 14.29 23.12 -19.26
CA GLY U 84 14.50 22.54 -20.57
C GLY U 84 15.12 23.56 -21.49
N VAL U 85 15.66 23.08 -22.61
CA VAL U 85 16.28 23.98 -23.57
C VAL U 85 15.69 23.69 -24.95
N ALA U 86 14.98 24.66 -25.51
CA ALA U 86 14.56 24.59 -26.90
C ALA U 86 15.67 25.15 -27.79
N TYR U 87 15.71 24.68 -29.03
CA TYR U 87 16.68 25.16 -30.00
C TYR U 87 15.97 25.52 -31.29
N MET U 88 16.59 26.40 -32.06
CA MET U 88 16.14 26.68 -33.42
C MET U 88 17.36 26.94 -34.28
N GLU U 89 17.63 26.05 -35.23
CA GLU U 89 18.63 26.28 -36.27
C GLU U 89 17.90 26.82 -37.49
N PHE U 90 18.09 28.10 -37.76
CA PHE U 90 17.55 28.74 -38.95
C PHE U 90 18.68 28.87 -39.96
N SER U 91 18.54 28.21 -41.10
CA SER U 91 19.62 28.10 -42.08
C SER U 91 19.21 28.77 -43.38
N GLY U 92 20.20 28.96 -44.25
CA GLY U 92 19.97 29.68 -45.49
C GLY U 92 19.77 31.16 -45.25
N LEU U 93 20.68 31.76 -44.48
CA LEU U 93 20.53 33.15 -44.07
C LEU U 93 20.74 34.10 -45.23
N THR U 94 19.74 34.95 -45.46
CA THR U 94 19.78 36.04 -46.40
C THR U 94 19.76 37.36 -45.63
N PRO U 95 20.17 38.48 -46.24
CA PRO U 95 20.02 39.78 -45.57
C PRO U 95 18.56 40.21 -45.36
N ALA U 96 17.60 39.56 -46.02
CA ALA U 96 16.19 39.75 -45.72
C ALA U 96 15.76 39.07 -44.42
N ASP U 97 16.64 38.28 -43.80
CA ASP U 97 16.34 37.61 -42.54
C ASP U 97 16.86 38.37 -41.32
N THR U 98 17.27 39.63 -41.49
CA THR U 98 17.70 40.45 -40.37
C THR U 98 16.48 40.81 -39.54
N ALA U 99 16.37 40.23 -38.35
CA ALA U 99 15.13 40.33 -37.58
C ALA U 99 15.42 40.02 -36.11
N GLU U 100 14.39 40.15 -35.28
CA GLU U 100 14.50 39.80 -33.88
C GLU U 100 13.62 38.58 -33.61
N TYR U 101 14.21 37.53 -33.07
CA TYR U 101 13.57 36.23 -32.96
C TYR U 101 13.16 35.99 -31.52
N PHE U 102 12.07 35.23 -31.34
CA PHE U 102 11.41 35.11 -30.05
C PHE U 102 10.94 33.67 -29.83
N CYS U 103 11.28 33.12 -28.66
CA CYS U 103 10.66 31.91 -28.16
C CYS U 103 9.58 32.31 -27.16
N VAL U 104 8.35 31.85 -27.40
CA VAL U 104 7.21 32.23 -26.58
C VAL U 104 6.44 31.00 -26.14
N ARG U 105 5.61 31.19 -25.13
CA ARG U 105 4.80 30.11 -24.58
C ARG U 105 3.40 30.64 -24.32
N ARG U 106 2.42 29.76 -24.44
CA ARG U 106 1.04 30.12 -24.14
C ARG U 106 0.84 30.27 -22.64
N GLY U 107 -0.26 30.91 -22.28
CA GLY U 107 -0.64 30.99 -20.88
C GLY U 107 -1.18 29.67 -20.35
N SER U 108 -1.19 29.55 -19.04
CA SER U 108 -1.63 28.32 -18.38
C SER U 108 -3.05 28.42 -17.85
N CYS U 109 -3.92 29.18 -18.53
CA CYS U 109 -5.31 29.26 -18.11
C CYS U 109 -6.14 28.21 -18.86
N ASP U 110 -7.38 28.04 -18.41
CA ASP U 110 -8.24 27.01 -18.99
C ASP U 110 -8.93 27.46 -20.27
N TYR U 111 -8.81 28.74 -20.65
CA TYR U 111 -9.28 29.20 -21.94
C TYR U 111 -8.16 29.73 -22.80
N CYS U 112 -6.92 29.69 -22.32
CA CYS U 112 -5.77 30.02 -23.14
C CYS U 112 -5.59 28.94 -24.19
N GLY U 113 -5.62 29.33 -25.46
CA GLY U 113 -5.34 28.41 -26.54
C GLY U 113 -3.85 28.23 -26.72
N ASP U 114 -3.49 27.71 -27.90
CA ASP U 114 -2.08 27.53 -28.20
C ASP U 114 -1.41 28.87 -28.48
N PHE U 115 -1.97 29.63 -29.40
CA PHE U 115 -1.53 30.96 -29.82
C PHE U 115 -1.70 32.17 -28.88
N PRO U 116 -2.62 32.19 -27.88
CA PRO U 116 -2.57 33.32 -26.92
C PRO U 116 -1.36 33.29 -26.01
N TRP U 117 -0.28 33.90 -26.50
CA TRP U 117 1.07 33.82 -25.94
C TRP U 117 1.23 34.78 -24.77
N GLN U 118 1.21 34.23 -23.55
CA GLN U 118 1.43 35.05 -22.36
C GLN U 118 2.91 35.36 -22.16
N TYR U 119 3.74 34.34 -22.15
CA TYR U 119 5.15 34.47 -21.82
C TYR U 119 5.99 34.65 -23.06
N TRP U 120 7.05 35.44 -22.93
CA TRP U 120 7.80 35.95 -24.07
C TRP U 120 9.28 36.03 -23.70
N GLY U 121 10.13 35.51 -24.58
CA GLY U 121 11.55 35.69 -24.41
C GLY U 121 11.99 37.09 -24.75
N GLN U 122 13.21 37.44 -24.33
CA GLN U 122 13.70 38.79 -24.56
C GLN U 122 14.11 39.05 -26.00
N GLY U 123 14.20 38.00 -26.82
CA GLY U 123 14.46 38.19 -28.23
C GLY U 123 15.93 38.26 -28.57
N THR U 124 16.30 37.68 -29.71
CA THR U 124 17.67 37.70 -30.21
C THR U 124 17.69 38.49 -31.51
N VAL U 125 18.52 39.53 -31.58
CA VAL U 125 18.64 40.35 -32.77
C VAL U 125 19.67 39.70 -33.68
N VAL U 126 19.25 39.34 -34.89
CA VAL U 126 20.10 38.67 -35.86
C VAL U 126 20.26 39.59 -37.06
N VAL U 127 21.50 39.98 -37.33
CA VAL U 127 21.85 40.77 -38.51
C VAL U 127 22.71 39.89 -39.41
N VAL U 128 22.28 39.72 -40.65
CA VAL U 128 22.96 38.84 -41.59
C VAL U 128 23.90 39.62 -42.48
N GLU V 1 -5.79 31.90 -46.19
CA GLU V 1 -5.18 32.56 -45.04
C GLU V 1 -6.07 33.67 -44.51
N ILE V 2 -5.97 33.93 -43.21
CA ILE V 2 -6.76 34.97 -42.55
C ILE V 2 -6.01 36.29 -42.69
N VAL V 3 -6.56 37.19 -43.50
CA VAL V 3 -5.97 38.51 -43.71
C VAL V 3 -6.56 39.46 -42.67
N LEU V 4 -5.72 39.94 -41.77
CA LEU V 4 -6.14 40.88 -40.73
C LEU V 4 -5.76 42.29 -41.14
N THR V 5 -6.67 43.24 -40.92
CA THR V 5 -6.45 44.63 -41.31
C THR V 5 -6.84 45.54 -40.16
N GLN V 6 -5.94 46.41 -39.75
CA GLN V 6 -6.19 47.33 -38.65
C GLN V 6 -6.51 48.71 -39.24
N SER V 7 -7.69 49.23 -38.91
CA SER V 7 -8.25 50.42 -39.55
C SER V 7 -7.71 51.78 -39.10
N PRO V 8 -7.50 52.09 -37.80
CA PRO V 8 -7.00 53.44 -37.50
C PRO V 8 -5.54 53.65 -37.86
N GLY V 9 -4.67 52.68 -37.61
CA GLY V 9 -3.26 52.84 -37.92
C GLY V 9 -2.57 53.84 -37.01
N ILE V 10 -2.24 55.01 -37.55
CA ILE V 10 -1.68 56.10 -36.75
C ILE V 10 -2.83 56.92 -36.19
N LEU V 11 -2.95 56.94 -34.87
CA LEU V 11 -3.98 57.72 -34.19
C LEU V 11 -3.31 58.47 -33.04
N SER V 12 -3.48 59.80 -33.03
CA SER V 12 -2.87 60.66 -32.02
C SER V 12 -3.97 61.19 -31.10
N LEU V 13 -3.86 60.89 -29.82
CA LEU V 13 -4.84 61.29 -28.83
C LEU V 13 -4.15 61.83 -27.58
N SER V 14 -4.79 62.80 -26.94
CA SER V 14 -4.30 63.40 -25.73
C SER V 14 -4.46 62.43 -24.56
N PRO V 15 -3.62 62.54 -23.53
CA PRO V 15 -3.78 61.68 -22.35
C PRO V 15 -5.04 62.03 -21.56
N GLY V 16 -5.63 61.02 -20.94
CA GLY V 16 -6.90 61.16 -20.28
C GLY V 16 -8.11 60.90 -21.15
N GLU V 17 -7.91 60.72 -22.46
CA GLU V 17 -8.99 60.45 -23.39
C GLU V 17 -9.23 58.95 -23.49
N THR V 18 -10.07 58.55 -24.44
CA THR V 18 -10.33 57.14 -24.72
C THR V 18 -9.94 56.82 -26.16
N ALA V 19 -9.45 55.61 -26.38
CA ALA V 19 -9.02 55.15 -27.69
C ALA V 19 -9.82 53.94 -28.12
N THR V 20 -10.18 53.90 -29.40
CA THR V 20 -10.91 52.77 -29.97
C THR V 20 -10.12 52.27 -31.17
N LEU V 21 -9.67 51.02 -31.10
CA LEU V 21 -8.84 50.42 -32.13
C LEU V 21 -9.61 49.29 -32.80
N PHE V 22 -9.67 49.32 -34.12
CA PHE V 22 -10.48 48.41 -34.91
C PHE V 22 -9.59 47.39 -35.61
N CYS V 23 -9.99 46.11 -35.55
CA CYS V 23 -9.35 45.04 -36.30
C CYS V 23 -10.40 44.31 -37.12
N LYS V 24 -10.04 43.97 -38.35
CA LYS V 24 -10.96 43.48 -39.36
C LYS V 24 -10.43 42.17 -39.90
N ALA V 25 -11.18 41.09 -39.68
CA ALA V 25 -10.79 39.75 -40.10
C ALA V 25 -11.42 39.42 -41.45
N SER V 26 -10.63 38.80 -42.33
CA SER V 26 -11.16 38.39 -43.63
C SER V 26 -12.06 37.18 -43.50
N GLN V 27 -11.86 36.37 -42.47
CA GLN V 27 -12.71 35.21 -42.18
C GLN V 27 -13.20 35.32 -40.74
N GLY V 28 -14.52 35.25 -40.57
CA GLY V 28 -15.12 35.40 -39.26
C GLY V 28 -15.32 34.08 -38.54
N GLY V 29 -15.97 34.17 -37.38
CA GLY V 29 -16.28 33.00 -36.58
C GLY V 29 -15.23 32.60 -35.57
N ASN V 30 -14.17 33.38 -35.41
CA ASN V 30 -13.08 33.04 -34.50
C ASN V 30 -12.85 34.19 -33.52
N ALA V 31 -11.99 33.94 -32.55
CA ALA V 31 -11.66 34.93 -31.54
C ALA V 31 -10.51 35.83 -32.03
N MET V 32 -10.17 36.82 -31.21
CA MET V 32 -9.14 37.80 -31.54
C MET V 32 -8.27 38.04 -30.32
N THR V 33 -7.00 38.30 -30.55
CA THR V 33 -6.01 38.49 -29.49
C THR V 33 -5.38 39.87 -29.66
N TRP V 34 -5.13 40.56 -28.55
CA TRP V 34 -4.61 41.92 -28.56
C TRP V 34 -3.32 41.98 -27.75
N TYR V 35 -2.24 42.39 -28.41
CA TYR V 35 -0.93 42.58 -27.83
C TYR V 35 -0.55 44.06 -27.83
N GLN V 36 0.32 44.43 -26.90
CA GLN V 36 0.91 45.75 -26.83
C GLN V 36 2.43 45.62 -26.90
N LYS V 37 3.05 46.39 -27.79
CA LYS V 37 4.49 46.51 -27.85
C LYS V 37 4.88 47.97 -27.66
N ARG V 38 5.62 48.25 -26.60
CA ARG V 38 6.21 49.55 -26.36
C ARG V 38 7.56 49.66 -27.08
N ARG V 39 8.13 50.85 -27.08
CA ARG V 39 9.33 51.12 -27.86
C ARG V 39 10.54 50.48 -27.20
N GLY V 40 11.16 49.53 -27.91
CA GLY V 40 12.34 48.86 -27.41
C GLY V 40 12.06 47.92 -26.25
N GLN V 41 10.87 47.34 -26.19
CA GLN V 41 10.51 46.44 -25.10
C GLN V 41 9.87 45.18 -25.65
N VAL V 42 9.62 44.25 -24.74
CA VAL V 42 9.09 42.93 -25.09
C VAL V 42 7.56 43.03 -25.16
N PRO V 43 6.92 42.45 -26.19
CA PRO V 43 5.45 42.52 -26.27
C PRO V 43 4.77 41.78 -25.14
N ARG V 44 3.54 42.22 -24.84
CA ARG V 44 2.79 41.72 -23.70
C ARG V 44 1.37 41.37 -24.14
N LEU V 45 0.91 40.19 -23.72
CA LEU V 45 -0.48 39.82 -23.90
C LEU V 45 -1.40 40.75 -23.12
N LEU V 46 -2.25 41.49 -23.83
CA LEU V 46 -3.29 42.26 -23.17
C LEU V 46 -4.59 41.48 -23.10
N ILE V 47 -5.16 41.12 -24.25
CA ILE V 47 -6.49 40.52 -24.32
C ILE V 47 -6.40 39.21 -25.09
N TYR V 48 -6.95 38.15 -24.52
CA TYR V 48 -7.18 36.93 -25.28
C TYR V 48 -8.67 36.60 -25.19
N ASP V 49 -9.11 35.73 -26.12
CA ASP V 49 -10.47 35.22 -26.23
C ASP V 49 -11.50 36.35 -26.42
N THR V 50 -11.08 37.47 -27.00
CA THR V 50 -11.82 38.64 -27.47
C THR V 50 -12.38 39.49 -26.32
N SER V 51 -12.44 38.98 -25.10
CA SER V 51 -12.96 39.79 -24.00
C SER V 51 -12.14 39.60 -22.72
N ARG V 52 -11.46 38.46 -22.61
CA ARG V 52 -10.77 38.14 -21.37
C ARG V 52 -9.47 38.92 -21.26
N ARG V 53 -9.21 39.41 -20.05
CA ARG V 53 -8.00 40.16 -19.75
C ARG V 53 -6.93 39.21 -19.24
N ALA V 54 -5.67 39.52 -19.57
CA ALA V 54 -4.57 38.66 -19.15
C ALA V 54 -4.24 38.87 -17.67
N SER V 55 -3.24 38.13 -17.20
CA SER V 55 -2.79 38.29 -15.83
C SER V 55 -1.85 39.48 -15.70
N GLY V 56 -2.22 40.42 -14.84
CA GLY V 56 -1.40 41.60 -14.63
C GLY V 56 -1.66 42.72 -15.62
N VAL V 57 -2.91 42.91 -16.04
CA VAL V 57 -3.27 44.01 -16.92
C VAL V 57 -4.41 44.76 -16.23
N PRO V 58 -4.46 46.08 -16.30
CA PRO V 58 -5.57 46.83 -15.68
C PRO V 58 -6.86 46.71 -16.48
N ASP V 59 -7.95 47.10 -15.82
CA ASP V 59 -9.31 46.82 -16.29
C ASP V 59 -9.75 47.67 -17.48
N ARG V 60 -9.05 48.76 -17.78
CA ARG V 60 -9.54 49.70 -18.78
C ARG V 60 -9.33 49.23 -20.21
N PHE V 61 -8.60 48.14 -20.42
CA PHE V 61 -8.53 47.51 -21.73
C PHE V 61 -9.76 46.63 -21.89
N VAL V 62 -10.67 46.99 -22.78
CA VAL V 62 -11.94 46.29 -22.95
C VAL V 62 -12.00 45.79 -24.38
N GLY V 63 -11.93 44.48 -24.55
CA GLY V 63 -12.13 43.88 -25.86
C GLY V 63 -13.60 43.62 -26.10
N SER V 64 -14.03 43.79 -27.34
CA SER V 64 -15.43 43.60 -27.70
C SER V 64 -15.51 43.28 -29.18
N GLY V 65 -16.73 42.99 -29.62
CA GLY V 65 -16.99 42.72 -31.03
C GLY V 65 -16.91 41.24 -31.36
N SER V 66 -17.30 40.94 -32.59
CA SER V 66 -17.38 39.56 -33.07
C SER V 66 -17.45 39.60 -34.59
N GLY V 67 -17.55 38.41 -35.19
CA GLY V 67 -17.65 38.28 -36.62
C GLY V 67 -16.38 38.73 -37.32
N THR V 68 -16.46 39.88 -37.98
CA THR V 68 -15.29 40.51 -38.58
C THR V 68 -14.90 41.81 -37.90
N ASP V 69 -15.68 42.29 -36.94
CA ASP V 69 -15.45 43.59 -36.32
C ASP V 69 -14.95 43.37 -34.90
N PHE V 70 -13.71 43.76 -34.61
CA PHE V 70 -13.14 43.53 -33.29
C PHE V 70 -12.60 44.84 -32.74
N PHE V 71 -13.08 45.23 -31.56
CA PHE V 71 -12.76 46.51 -30.95
C PHE V 71 -11.89 46.31 -29.71
N LEU V 72 -10.82 47.09 -29.61
CA LEU V 72 -10.10 47.28 -28.37
C LEU V 72 -10.34 48.69 -27.89
N THR V 73 -10.97 48.85 -26.74
CA THR V 73 -11.29 50.16 -26.19
C THR V 73 -10.44 50.38 -24.95
N ILE V 74 -9.60 51.41 -25.00
CA ILE V 74 -8.84 51.85 -23.84
C ILE V 74 -9.53 53.09 -23.28
N ASN V 75 -9.75 53.10 -21.97
CA ASN V 75 -10.38 54.23 -21.32
C ASN V 75 -9.37 54.87 -20.36
N LYS V 76 -9.34 56.21 -20.36
CA LYS V 76 -8.46 57.02 -19.51
C LYS V 76 -6.99 56.69 -19.77
N LEU V 77 -6.55 57.09 -20.97
CA LEU V 77 -5.21 56.84 -21.50
C LEU V 77 -4.09 57.29 -20.58
N ASP V 78 -3.34 56.34 -20.03
CA ASP V 78 -2.14 56.63 -19.28
C ASP V 78 -1.01 56.99 -20.24
N ARG V 79 0.03 57.66 -19.71
CA ARG V 79 1.22 57.99 -20.49
C ARG V 79 1.93 56.73 -20.99
N GLU V 80 1.91 55.66 -20.19
CA GLU V 80 2.52 54.40 -20.60
C GLU V 80 1.73 53.68 -21.69
N ASP V 81 0.47 54.05 -21.89
CA ASP V 81 -0.42 53.34 -22.81
C ASP V 81 -0.40 53.90 -24.22
N PHE V 82 0.71 54.51 -24.63
CA PHE V 82 0.87 55.04 -25.97
C PHE V 82 1.95 54.20 -26.66
N ALA V 83 1.52 53.15 -27.35
CA ALA V 83 2.43 52.17 -27.91
C ALA V 83 1.81 51.61 -29.18
N VAL V 84 2.35 50.48 -29.67
CA VAL V 84 1.85 49.83 -30.86
C VAL V 84 0.98 48.66 -30.43
N TYR V 85 -0.16 48.47 -31.10
CA TYR V 85 -1.13 47.44 -30.73
C TYR V 85 -1.34 46.49 -31.88
N TYR V 86 -1.35 45.19 -31.58
CA TYR V 86 -1.45 44.14 -32.59
C TYR V 86 -2.66 43.25 -32.31
N CYS V 87 -3.31 42.79 -33.38
CA CYS V 87 -4.40 41.84 -33.27
C CYS V 87 -3.99 40.55 -33.97
N GLN V 88 -4.00 39.45 -33.21
CA GLN V 88 -3.65 38.13 -33.69
C GLN V 88 -4.90 37.27 -33.83
N GLN V 89 -5.04 36.66 -35.00
CA GLN V 89 -5.89 35.50 -35.21
C GLN V 89 -4.94 34.44 -35.76
N PHE V 90 -5.31 33.16 -35.63
CA PHE V 90 -4.49 32.07 -35.06
C PHE V 90 -3.00 32.31 -35.24
N GLU V 91 -2.47 32.37 -36.45
CA GLU V 91 -1.04 32.56 -36.65
C GLU V 91 -0.75 33.82 -37.45
N PHE V 92 -1.76 34.66 -37.66
CA PHE V 92 -1.64 35.85 -38.49
C PHE V 92 -1.70 37.09 -37.62
N PHE V 93 -1.23 38.20 -38.17
CA PHE V 93 -1.05 39.41 -37.36
C PHE V 93 -1.48 40.63 -38.16
N GLY V 94 -1.78 41.69 -37.44
CA GLY V 94 -1.94 42.99 -38.05
C GLY V 94 -0.62 43.72 -38.14
N LEU V 95 -0.63 44.84 -38.85
CA LEU V 95 0.58 45.59 -39.13
C LEU V 95 0.87 46.66 -38.09
N GLY V 96 0.09 46.72 -37.01
CA GLY V 96 0.36 47.65 -35.95
C GLY V 96 -0.50 48.90 -35.98
N SER V 97 -1.07 49.25 -34.83
CA SER V 97 -1.88 50.45 -34.67
C SER V 97 -1.16 51.36 -33.67
N GLU V 98 -0.40 52.32 -34.18
CA GLU V 98 0.40 53.19 -33.32
C GLU V 98 -0.48 54.25 -32.68
N LEU V 99 -0.33 54.42 -31.38
CA LEU V 99 -1.10 55.38 -30.59
C LEU V 99 -0.14 56.46 -30.09
N GLU V 100 -0.19 57.62 -30.72
CA GLU V 100 0.74 58.71 -30.46
C GLU V 100 0.06 59.77 -29.60
N VAL V 101 0.86 60.61 -28.95
CA VAL V 101 0.39 61.64 -28.03
C VAL V 101 0.24 62.96 -28.78
N HIS V 102 -0.95 63.55 -28.70
CA HIS V 102 -1.16 64.87 -29.28
C HIS V 102 -0.52 65.94 -28.41
N GLU W 1 -62.53 -13.09 -30.90
CA GLU W 1 -63.66 -12.17 -30.88
C GLU W 1 -63.17 -10.75 -31.11
N VAL W 2 -61.89 -10.53 -30.87
CA VAL W 2 -61.27 -9.22 -30.94
C VAL W 2 -60.60 -9.09 -32.30
N GLN W 3 -61.21 -8.31 -33.19
CA GLN W 3 -60.64 -8.14 -34.52
C GLN W 3 -60.16 -6.70 -34.69
N LEU W 4 -58.99 -6.58 -35.32
CA LEU W 4 -58.44 -5.29 -35.72
C LEU W 4 -58.49 -5.25 -37.24
N VAL W 5 -59.47 -4.52 -37.78
CA VAL W 5 -59.73 -4.47 -39.21
C VAL W 5 -59.22 -3.14 -39.74
N GLU W 6 -58.41 -3.18 -40.78
CA GLU W 6 -57.68 -2.02 -41.26
C GLU W 6 -58.28 -1.49 -42.56
N SER W 7 -57.88 -0.26 -42.90
CA SER W 7 -58.34 0.40 -44.12
C SER W 7 -57.35 1.51 -44.45
N GLY W 8 -57.60 2.19 -45.56
CA GLY W 8 -56.71 3.25 -46.00
C GLY W 8 -56.52 3.25 -47.51
N GLY W 9 -55.26 3.15 -47.95
CA GLY W 9 -54.96 3.14 -49.37
C GLY W 9 -53.83 2.17 -49.67
N GLY W 10 -53.70 1.87 -50.96
CA GLY W 10 -52.64 0.99 -51.42
C GLY W 10 -51.84 1.55 -52.57
N LEU W 11 -52.39 2.54 -53.27
CA LEU W 11 -51.81 3.08 -54.49
C LEU W 11 -51.32 4.49 -54.21
N ALA W 12 -50.00 4.67 -54.22
CA ALA W 12 -49.40 5.96 -53.93
C ALA W 12 -48.22 6.18 -54.86
N LYS W 13 -48.11 7.40 -55.37
CA LYS W 13 -46.95 7.77 -56.16
C LYS W 13 -45.73 7.92 -55.25
N PRO W 14 -44.54 7.55 -55.74
CA PRO W 14 -43.31 7.75 -54.94
C PRO W 14 -43.03 9.23 -54.73
N GLY W 15 -42.91 9.61 -53.47
CA GLY W 15 -42.84 11.01 -53.10
C GLY W 15 -44.15 11.62 -52.69
N GLY W 16 -45.15 10.80 -52.35
CA GLY W 16 -46.50 11.27 -52.05
C GLY W 16 -46.85 11.16 -50.58
N SER W 17 -48.08 10.71 -50.33
CA SER W 17 -48.65 10.71 -48.98
C SER W 17 -49.87 9.82 -48.95
N LEU W 18 -50.12 9.21 -47.79
CA LEU W 18 -51.35 8.44 -47.59
C LEU W 18 -51.63 8.32 -46.09
N ARG W 19 -52.90 8.09 -45.77
CA ARG W 19 -53.33 7.88 -44.39
C ARG W 19 -53.96 6.51 -44.26
N LEU W 20 -53.52 5.73 -43.27
CA LEU W 20 -53.95 4.36 -43.06
C LEU W 20 -54.60 4.26 -41.69
N SER W 21 -55.80 3.68 -41.63
CA SER W 21 -56.56 3.61 -40.39
C SER W 21 -56.77 2.16 -39.98
N CYS W 22 -57.20 2.00 -38.73
CA CYS W 22 -57.38 0.70 -38.11
C CYS W 22 -58.51 0.80 -37.10
N ALA W 23 -59.64 0.15 -37.37
CA ALA W 23 -60.69 0.01 -36.39
C ALA W 23 -60.50 -1.28 -35.60
N ALA W 24 -61.00 -1.28 -34.37
CA ALA W 24 -60.83 -2.42 -33.49
C ALA W 24 -62.12 -2.70 -32.74
N SER W 25 -62.40 -3.99 -32.53
CA SER W 25 -63.58 -4.39 -31.75
C SER W 25 -63.19 -5.54 -30.85
N GLY W 26 -63.43 -5.37 -29.55
CA GLY W 26 -63.20 -6.43 -28.59
C GLY W 26 -62.66 -5.99 -27.25
N PHE W 27 -62.16 -4.76 -27.16
CA PHE W 27 -61.56 -4.29 -25.91
C PHE W 27 -61.74 -2.78 -25.83
N THR W 28 -61.09 -2.18 -24.81
CA THR W 28 -61.21 -0.76 -24.51
C THR W 28 -59.90 -0.06 -24.83
N PHE W 29 -59.99 1.10 -25.50
CA PHE W 29 -58.79 1.86 -25.84
C PHE W 29 -58.25 2.69 -24.69
N SER W 30 -58.83 2.61 -23.50
CA SER W 30 -58.41 3.50 -22.41
C SER W 30 -57.06 3.09 -21.84
N ASP W 31 -56.71 1.80 -21.93
CA ASP W 31 -55.57 1.32 -21.16
C ASP W 31 -54.61 0.44 -21.96
N TYR W 32 -54.68 0.45 -23.29
CA TYR W 32 -53.84 -0.43 -24.09
C TYR W 32 -52.97 0.37 -25.05
N TYR W 33 -51.66 0.06 -25.07
CA TYR W 33 -50.75 0.66 -26.02
C TYR W 33 -50.96 0.02 -27.39
N MET W 34 -50.88 0.84 -28.44
CA MET W 34 -51.02 0.36 -29.80
C MET W 34 -49.67 0.38 -30.51
N ASP W 35 -49.59 -0.36 -31.61
CA ASP W 35 -48.37 -0.45 -32.42
C ASP W 35 -48.69 -0.29 -33.90
N TRP W 36 -47.62 -0.23 -34.67
CA TRP W 36 -47.67 -0.33 -36.14
C TRP W 36 -46.41 -1.03 -36.59
N VAL W 37 -46.59 -2.17 -37.27
CA VAL W 37 -45.51 -3.06 -37.69
C VAL W 37 -45.71 -3.37 -39.17
N ARG W 38 -44.66 -3.22 -39.97
CA ARG W 38 -44.74 -3.51 -41.39
C ARG W 38 -43.84 -4.69 -41.76
N GLN W 39 -44.22 -5.35 -42.85
CA GLN W 39 -43.45 -6.46 -43.42
C GLN W 39 -43.22 -6.19 -44.89
N ALA W 40 -41.96 -6.18 -45.30
CA ALA W 40 -41.64 -6.06 -46.71
C ALA W 40 -41.93 -7.40 -47.40
N PRO W 41 -42.29 -7.38 -48.70
CA PRO W 41 -42.57 -8.63 -49.42
C PRO W 41 -41.34 -9.50 -49.59
N GLY W 42 -41.33 -10.66 -48.93
CA GLY W 42 -40.20 -11.56 -48.97
C GLY W 42 -39.13 -11.30 -47.93
N LYS W 43 -39.25 -10.23 -47.17
CA LYS W 43 -38.27 -9.84 -46.15
C LYS W 43 -38.89 -9.92 -44.76
N GLY W 44 -38.11 -9.52 -43.77
CA GLY W 44 -38.55 -9.65 -42.40
C GLY W 44 -39.56 -8.60 -41.98
N LEU W 45 -40.31 -8.96 -40.93
CA LEU W 45 -41.18 -8.00 -40.25
C LEU W 45 -40.33 -6.97 -39.53
N GLU W 46 -40.83 -5.75 -39.43
CA GLU W 46 -40.12 -4.69 -38.72
C GLU W 46 -41.09 -3.70 -38.11
N TRP W 47 -40.71 -3.16 -36.96
CA TRP W 47 -41.54 -2.24 -36.20
C TRP W 47 -41.44 -0.83 -36.78
N VAL W 48 -42.57 -0.12 -36.77
CA VAL W 48 -42.62 1.26 -37.22
C VAL W 48 -42.90 2.21 -36.05
N SER W 49 -43.99 1.98 -35.32
CA SER W 49 -44.35 2.96 -34.31
C SER W 49 -45.13 2.32 -33.17
N ARG W 50 -45.29 3.10 -32.10
CA ARG W 50 -46.02 2.69 -30.90
C ARG W 50 -46.64 3.93 -30.28
N ILE W 51 -47.87 3.82 -29.80
CA ILE W 51 -48.53 4.91 -29.11
C ILE W 51 -49.05 4.43 -27.77
N SER W 52 -49.00 5.31 -26.77
CA SER W 52 -49.40 4.99 -25.41
C SER W 52 -50.91 5.03 -25.27
N ASN W 53 -51.39 4.93 -24.02
CA ASN W 53 -52.81 5.05 -23.75
C ASN W 53 -53.31 6.50 -23.79
N SER W 54 -52.40 7.47 -23.89
CA SER W 54 -52.78 8.87 -23.93
C SER W 54 -52.05 9.67 -24.98
N GLY W 55 -51.29 9.05 -25.87
CA GLY W 55 -50.70 9.77 -26.97
C GLY W 55 -49.23 10.10 -26.82
N ILE W 56 -48.42 9.14 -26.37
CA ILE W 56 -46.98 9.27 -26.33
C ILE W 56 -46.42 8.38 -27.42
N THR W 57 -45.88 8.98 -28.47
CA THR W 57 -45.53 8.24 -29.67
C THR W 57 -44.05 7.87 -29.68
N TRP W 58 -43.77 6.72 -30.27
CA TRP W 58 -42.44 6.13 -30.36
C TRP W 58 -42.25 5.70 -31.81
N TYR W 59 -41.17 6.16 -32.44
CA TYR W 59 -40.94 5.88 -33.85
C TYR W 59 -39.61 5.17 -34.03
N THR W 60 -39.54 4.35 -35.08
CA THR W 60 -38.26 3.81 -35.51
C THR W 60 -37.41 4.92 -36.11
N ASP W 61 -36.10 4.68 -36.18
CA ASP W 61 -35.15 5.73 -36.51
C ASP W 61 -34.95 5.91 -38.01
N SER W 62 -35.88 5.43 -38.83
CA SER W 62 -35.88 5.71 -40.26
C SER W 62 -37.03 6.61 -40.68
N VAL W 63 -38.18 6.52 -40.00
CA VAL W 63 -39.32 7.35 -40.36
C VAL W 63 -39.18 8.76 -39.82
N ARG W 64 -38.32 8.97 -38.81
CA ARG W 64 -37.64 10.23 -38.44
C ARG W 64 -38.54 11.47 -38.42
N GLY W 65 -39.80 11.30 -38.00
CA GLY W 65 -40.71 12.42 -38.02
C GLY W 65 -41.39 12.67 -39.34
N ARG W 66 -41.42 11.69 -40.24
CA ARG W 66 -42.26 11.80 -41.43
C ARG W 66 -43.63 11.19 -41.21
N PHE W 67 -43.71 10.16 -40.38
CA PHE W 67 -44.98 9.49 -40.11
C PHE W 67 -45.49 9.96 -38.76
N THR W 68 -46.80 10.17 -38.67
CA THR W 68 -47.45 10.49 -37.41
C THR W 68 -48.48 9.42 -37.09
N ILE W 69 -48.74 9.21 -35.81
CA ILE W 69 -49.77 8.29 -35.36
C ILE W 69 -50.73 9.01 -34.42
N PHE W 70 -52.02 8.88 -34.69
CA PHE W 70 -53.06 9.50 -33.89
C PHE W 70 -54.14 8.48 -33.58
N ARG W 71 -54.45 8.31 -32.31
CA ARG W 71 -55.44 7.31 -31.91
C ARG W 71 -56.69 8.05 -31.45
N ASP W 72 -57.72 8.05 -32.29
CA ASP W 72 -58.98 8.69 -31.96
C ASP W 72 -59.71 7.77 -30.99
N ASN W 73 -59.66 8.12 -29.71
CA ASN W 73 -60.32 7.32 -28.68
C ASN W 73 -61.83 7.50 -28.72
N ALA W 74 -62.30 8.65 -29.23
CA ALA W 74 -63.73 8.88 -29.33
C ALA W 74 -64.32 8.09 -30.49
N LYS W 75 -63.71 8.18 -31.67
CA LYS W 75 -64.14 7.42 -32.83
C LYS W 75 -63.47 6.06 -32.93
N ASN W 76 -62.75 5.65 -31.87
CA ASN W 76 -62.37 4.26 -31.61
C ASN W 76 -61.45 3.69 -32.69
N THR W 77 -60.61 4.52 -33.30
CA THR W 77 -59.73 4.07 -34.36
C THR W 77 -58.29 4.48 -34.09
N LEU W 78 -57.39 3.89 -34.86
CA LEU W 78 -55.96 4.13 -34.82
C LEU W 78 -55.50 4.61 -36.19
N TYR W 79 -54.65 5.63 -36.20
CA TYR W 79 -54.35 6.38 -37.40
C TYR W 79 -52.84 6.46 -37.61
N LEU W 80 -52.43 6.29 -38.86
CA LEU W 80 -51.03 6.44 -39.27
C LEU W 80 -51.01 7.29 -40.52
N GLN W 81 -50.58 8.54 -40.38
CA GLN W 81 -50.47 9.46 -41.49
C GLN W 81 -49.04 9.46 -42.01
N MET W 82 -48.88 9.31 -43.32
CA MET W 82 -47.60 9.17 -43.98
C MET W 82 -47.43 10.34 -44.93
N ASN W 83 -46.59 11.29 -44.55
CA ASN W 83 -46.21 12.40 -45.42
C ASN W 83 -44.80 12.15 -45.95
N SER W 84 -44.59 12.59 -47.20
CA SER W 84 -43.31 12.50 -47.93
C SER W 84 -42.84 11.04 -48.02
N LEU W 85 -43.61 10.27 -48.77
CA LEU W 85 -43.37 8.83 -48.90
C LEU W 85 -42.09 8.53 -49.65
N ARG W 86 -41.53 7.36 -49.35
CA ARG W 86 -40.28 6.89 -49.90
C ARG W 86 -40.55 5.56 -50.61
N ALA W 87 -39.68 5.21 -51.57
CA ALA W 87 -39.88 4.00 -52.36
C ALA W 87 -39.72 2.73 -51.53
N GLU W 88 -38.95 2.79 -50.44
CA GLU W 88 -38.77 1.64 -49.56
C GLU W 88 -39.88 1.51 -48.51
N ASP W 89 -41.01 2.20 -48.68
CA ASP W 89 -42.14 2.08 -47.78
C ASP W 89 -43.19 1.10 -48.30
N THR W 90 -42.94 0.47 -49.45
CA THR W 90 -43.84 -0.54 -49.98
C THR W 90 -43.78 -1.80 -49.12
N ALA W 91 -44.89 -2.11 -48.46
CA ALA W 91 -44.90 -3.20 -47.47
C ALA W 91 -46.35 -3.62 -47.24
N VAL W 92 -46.55 -4.43 -46.21
CA VAL W 92 -47.87 -4.67 -45.64
C VAL W 92 -47.84 -4.18 -44.19
N TYR W 93 -48.84 -3.39 -43.81
CA TYR W 93 -48.88 -2.73 -42.51
C TYR W 93 -49.88 -3.42 -41.60
N TYR W 94 -49.56 -3.41 -40.30
CA TYR W 94 -50.35 -4.11 -39.30
C TYR W 94 -50.49 -3.21 -38.08
N CYS W 95 -51.72 -3.10 -37.57
CA CYS W 95 -51.98 -2.56 -36.25
C CYS W 95 -52.16 -3.71 -35.27
N THR W 96 -51.53 -3.62 -34.10
CA THR W 96 -51.62 -4.68 -33.11
C THR W 96 -52.13 -4.11 -31.80
N LYS W 97 -52.51 -5.00 -30.90
CA LYS W 97 -52.83 -4.66 -29.53
C LYS W 97 -51.72 -5.22 -28.65
N GLU W 98 -51.27 -4.44 -27.67
CA GLU W 98 -50.24 -4.90 -26.77
C GLU W 98 -50.84 -5.45 -25.49
N SER W 99 -50.34 -6.59 -25.06
CA SER W 99 -50.63 -7.09 -23.72
C SER W 99 -49.54 -6.58 -22.78
N ALA W 100 -49.57 -7.03 -21.53
CA ALA W 100 -48.53 -6.66 -20.57
C ALA W 100 -47.37 -7.65 -20.58
N ALA W 101 -47.55 -8.80 -21.24
CA ALA W 101 -46.53 -9.84 -21.30
C ALA W 101 -45.71 -9.77 -22.57
N ALA W 102 -46.37 -9.60 -23.72
CA ALA W 102 -45.67 -9.39 -24.98
C ALA W 102 -46.50 -8.47 -25.84
N ILE W 103 -45.82 -7.67 -26.64
CA ILE W 103 -46.51 -6.80 -27.59
C ILE W 103 -46.95 -7.63 -28.78
N GLY W 104 -47.88 -7.06 -29.56
CA GLY W 104 -48.49 -7.81 -30.63
C GLY W 104 -49.30 -8.98 -30.14
N HIS W 105 -50.13 -8.77 -29.10
CA HIS W 105 -50.96 -9.84 -28.56
C HIS W 105 -52.00 -10.27 -29.58
N TYR W 106 -52.74 -9.33 -30.13
CA TYR W 106 -53.63 -9.56 -31.26
C TYR W 106 -53.08 -8.80 -32.46
N TRP W 107 -53.58 -9.13 -33.65
CA TRP W 107 -52.92 -8.74 -34.88
C TRP W 107 -53.92 -8.30 -35.94
N GLY W 108 -53.63 -7.15 -36.55
CA GLY W 108 -54.46 -6.68 -37.64
C GLY W 108 -54.28 -7.48 -38.90
N GLN W 109 -55.21 -7.29 -39.84
CA GLN W 109 -55.21 -8.10 -41.05
C GLN W 109 -54.16 -7.64 -42.06
N GLY W 110 -53.82 -6.36 -42.05
CA GLY W 110 -52.79 -5.87 -42.93
C GLY W 110 -53.37 -5.00 -44.04
N VAL W 111 -52.58 -4.03 -44.47
CA VAL W 111 -52.85 -3.24 -45.67
C VAL W 111 -51.63 -3.31 -46.56
N LEU W 112 -51.81 -3.81 -47.78
CA LEU W 112 -50.73 -3.88 -48.76
C LEU W 112 -50.56 -2.51 -49.39
N VAL W 113 -49.54 -1.78 -48.96
CA VAL W 113 -49.23 -0.46 -49.49
C VAL W 113 -48.13 -0.63 -50.52
N THR W 114 -48.42 -0.23 -51.75
CA THR W 114 -47.46 -0.23 -52.85
C THR W 114 -47.21 1.22 -53.25
N VAL W 115 -46.02 1.72 -52.92
CA VAL W 115 -45.65 3.10 -53.23
C VAL W 115 -45.04 3.07 -54.62
N SER W 116 -45.89 3.19 -55.64
CA SER W 116 -45.45 3.09 -57.02
C SER W 116 -46.41 3.83 -57.93
N SER W 117 -45.86 4.41 -59.00
CA SER W 117 -46.65 5.15 -59.96
C SER W 117 -46.86 4.35 -61.25
N ASP X 1 -27.79 -0.22 -32.46
CA ASP X 1 -28.93 -0.74 -31.71
C ASP X 1 -28.73 -2.20 -31.34
N ILE X 2 -29.82 -2.89 -31.04
CA ILE X 2 -29.76 -4.29 -30.63
C ILE X 2 -30.00 -5.17 -31.84
N VAL X 3 -29.02 -6.00 -32.18
CA VAL X 3 -29.07 -6.88 -33.34
C VAL X 3 -29.54 -8.25 -32.89
N MET X 4 -30.61 -8.75 -33.51
CA MET X 4 -31.18 -10.05 -33.21
C MET X 4 -30.84 -10.96 -34.38
N THR X 5 -30.02 -11.99 -34.14
CA THR X 5 -29.52 -12.84 -35.20
C THR X 5 -29.95 -14.28 -34.96
N GLN X 6 -30.74 -14.83 -35.89
CA GLN X 6 -31.10 -16.24 -35.83
C GLN X 6 -30.01 -17.05 -36.52
N SER X 7 -29.61 -18.15 -35.90
CA SER X 7 -28.42 -18.87 -36.34
C SER X 7 -28.65 -19.71 -37.61
N PRO X 8 -29.75 -20.46 -37.78
CA PRO X 8 -29.97 -21.03 -39.12
C PRO X 8 -30.84 -20.14 -39.99
N ASP X 9 -30.72 -20.35 -41.30
CA ASP X 9 -31.57 -19.64 -42.25
C ASP X 9 -32.80 -20.46 -42.66
N SER X 10 -32.70 -21.79 -42.58
CA SER X 10 -33.83 -22.67 -42.88
C SER X 10 -33.61 -24.00 -42.18
N LEU X 11 -34.66 -24.81 -42.13
CA LEU X 11 -34.60 -26.13 -41.50
C LEU X 11 -35.68 -26.99 -42.13
N ALA X 12 -35.28 -27.86 -43.06
CA ALA X 12 -36.21 -28.74 -43.77
C ALA X 12 -36.03 -30.15 -43.20
N VAL X 13 -36.97 -30.59 -42.38
CA VAL X 13 -36.90 -31.89 -41.72
C VAL X 13 -38.13 -32.72 -42.07
N SER X 14 -38.20 -33.93 -41.53
CA SER X 14 -39.40 -34.74 -41.61
C SER X 14 -40.36 -34.38 -40.48
N LEU X 15 -41.56 -34.96 -40.53
CA LEU X 15 -42.62 -34.61 -39.60
C LEU X 15 -42.78 -35.70 -38.55
N GLY X 16 -42.94 -35.28 -37.29
CA GLY X 16 -43.12 -36.19 -36.19
C GLY X 16 -42.01 -36.09 -35.15
N GLU X 17 -40.78 -35.92 -35.62
CA GLU X 17 -39.64 -35.79 -34.72
C GLU X 17 -39.46 -34.34 -34.29
N ARG X 18 -38.68 -34.15 -33.23
CA ARG X 18 -38.46 -32.82 -32.68
C ARG X 18 -37.39 -32.08 -33.47
N VAL X 19 -37.39 -30.76 -33.34
CA VAL X 19 -36.32 -29.90 -33.81
C VAL X 19 -35.98 -28.90 -32.71
N THR X 20 -35.03 -28.01 -33.01
CA THR X 20 -34.65 -26.93 -32.11
C THR X 20 -34.12 -25.77 -32.94
N LEU X 21 -34.36 -24.55 -32.45
CA LEU X 21 -33.91 -23.35 -33.12
C LEU X 21 -33.35 -22.38 -32.09
N ASN X 22 -32.48 -21.48 -32.56
CA ASN X 22 -31.77 -20.56 -31.68
C ASN X 22 -31.86 -19.14 -32.21
N CYS X 23 -31.86 -18.19 -31.28
CA CYS X 23 -31.76 -16.76 -31.58
C CYS X 23 -30.76 -16.15 -30.63
N LYS X 24 -29.71 -15.56 -31.16
CA LYS X 24 -28.72 -14.86 -30.38
C LYS X 24 -29.01 -13.37 -30.39
N SER X 25 -28.69 -12.70 -29.29
CA SER X 25 -28.88 -11.27 -29.17
C SER X 25 -27.53 -10.59 -29.01
N SER X 26 -27.42 -9.38 -29.56
CA SER X 26 -26.20 -8.60 -29.42
C SER X 26 -26.09 -7.93 -28.06
N GLN X 27 -27.11 -8.08 -27.21
CA GLN X 27 -27.19 -7.41 -25.93
C GLN X 27 -28.03 -8.26 -24.99
N SER X 28 -27.58 -8.38 -23.74
CA SER X 28 -28.25 -9.24 -22.76
C SER X 28 -29.60 -8.66 -22.38
N LEU X 29 -30.66 -9.37 -22.74
CA LEU X 29 -32.02 -8.90 -22.57
C LEU X 29 -32.59 -9.20 -21.20
N LEU X 30 -31.82 -9.84 -20.32
CA LEU X 30 -32.29 -10.22 -18.99
C LEU X 30 -32.43 -8.98 -18.13
N ALA X 31 -33.68 -8.61 -17.85
CA ALA X 31 -33.95 -7.47 -16.97
C ALA X 31 -33.57 -7.82 -15.54
N SER X 32 -32.60 -7.10 -14.98
CA SER X 32 -32.12 -7.41 -13.64
C SER X 32 -33.13 -7.05 -12.55
N SER X 33 -34.02 -6.10 -12.81
CA SER X 33 -35.00 -5.71 -11.81
C SER X 33 -36.09 -6.75 -11.66
N ASN X 34 -36.74 -7.12 -12.77
CA ASN X 34 -37.84 -8.08 -12.73
C ASN X 34 -37.36 -9.53 -12.65
N ASN X 35 -36.07 -9.77 -12.92
CA ASN X 35 -35.47 -11.11 -13.05
C ASN X 35 -36.19 -11.98 -14.08
N LYS X 36 -36.75 -11.34 -15.10
CA LYS X 36 -37.46 -12.03 -16.17
C LYS X 36 -37.02 -11.43 -17.48
N ASN X 37 -37.16 -12.20 -18.56
CA ASN X 37 -36.40 -11.96 -19.78
C ASN X 37 -37.36 -11.70 -20.94
N TYR X 38 -36.86 -11.02 -21.97
CA TYR X 38 -37.73 -10.36 -22.96
C TYR X 38 -37.53 -10.91 -24.36
N LEU X 39 -38.23 -12.00 -24.66
CA LEU X 39 -38.34 -12.52 -26.02
C LEU X 39 -39.80 -12.75 -26.36
N ALA X 40 -40.16 -12.36 -27.57
CA ALA X 40 -41.41 -12.76 -28.19
C ALA X 40 -41.06 -13.68 -29.34
N TRP X 41 -41.36 -14.97 -29.19
CA TRP X 41 -41.27 -15.90 -30.31
C TRP X 41 -42.60 -15.90 -31.03
N TYR X 42 -42.58 -15.51 -32.30
CA TYR X 42 -43.72 -15.38 -33.18
C TYR X 42 -43.74 -16.48 -34.21
N TYR X 43 -44.90 -16.65 -34.83
CA TYR X 43 -45.12 -17.65 -35.88
C TYR X 43 -45.97 -17.03 -36.97
N GLN X 44 -45.38 -16.86 -38.15
CA GLN X 44 -46.10 -16.34 -39.31
C GLN X 44 -46.26 -17.43 -40.36
N LYS X 45 -47.51 -17.63 -40.77
CA LYS X 45 -47.87 -18.52 -41.86
C LYS X 45 -47.65 -17.81 -43.19
N PRO X 46 -47.65 -18.54 -44.32
CA PRO X 46 -47.65 -17.86 -45.62
C PRO X 46 -48.93 -17.09 -45.85
N GLY X 47 -48.80 -15.78 -46.08
CA GLY X 47 -49.92 -14.92 -46.38
C GLY X 47 -50.82 -14.61 -45.21
N GLN X 48 -50.34 -14.77 -43.97
CA GLN X 48 -51.16 -14.59 -42.79
C GLN X 48 -50.50 -13.61 -41.83
N ALA X 49 -51.32 -13.00 -40.99
CA ALA X 49 -50.81 -12.20 -39.90
C ALA X 49 -50.20 -13.10 -38.84
N PRO X 50 -49.05 -12.73 -38.28
CA PRO X 50 -48.37 -13.60 -37.31
C PRO X 50 -49.12 -13.68 -35.99
N LYS X 51 -48.72 -14.64 -35.18
CA LYS X 51 -49.24 -14.79 -33.83
C LYS X 51 -48.09 -15.05 -32.89
N LEU X 52 -48.33 -14.77 -31.62
CA LEU X 52 -47.34 -15.05 -30.58
C LEU X 52 -47.26 -16.56 -30.34
N LEU X 53 -46.06 -17.03 -29.98
CA LEU X 53 -45.90 -18.35 -29.41
C LEU X 53 -45.37 -18.29 -27.99
N ILE X 54 -44.26 -17.58 -27.78
CA ILE X 54 -43.58 -17.56 -26.49
C ILE X 54 -43.46 -16.13 -26.03
N TYR X 55 -43.96 -15.85 -24.82
CA TYR X 55 -43.77 -14.57 -24.16
C TYR X 55 -42.99 -14.75 -22.87
N TRP X 56 -42.41 -13.64 -22.39
CA TRP X 56 -41.45 -13.60 -21.27
C TRP X 56 -40.27 -14.55 -21.47
N ALA X 57 -39.92 -14.81 -22.74
CA ALA X 57 -38.84 -15.68 -23.21
C ALA X 57 -38.96 -17.16 -22.84
N SER X 58 -39.97 -17.53 -22.05
CA SER X 58 -40.18 -18.92 -21.67
C SER X 58 -41.62 -19.41 -21.76
N THR X 59 -42.62 -18.54 -21.61
CA THR X 59 -43.99 -18.96 -21.35
C THR X 59 -44.78 -19.02 -22.65
N ARG X 60 -45.50 -20.12 -22.86
CA ARG X 60 -46.34 -20.32 -24.02
C ARG X 60 -47.63 -19.50 -23.90
N GLU X 61 -48.20 -19.17 -25.06
CA GLU X 61 -49.45 -18.44 -25.08
C GLU X 61 -50.62 -19.41 -24.91
N SER X 62 -51.74 -18.88 -24.41
CA SER X 62 -52.98 -19.64 -24.42
C SER X 62 -53.42 -19.89 -25.86
N GLY X 63 -53.98 -21.07 -26.09
CA GLY X 63 -54.25 -21.55 -27.43
C GLY X 63 -53.10 -22.30 -28.07
N VAL X 64 -51.90 -22.23 -27.48
CA VAL X 64 -50.74 -22.98 -27.97
C VAL X 64 -50.59 -24.22 -27.10
N PRO X 65 -50.50 -25.42 -27.69
CA PRO X 65 -50.40 -26.64 -26.88
C PRO X 65 -49.03 -26.83 -26.24
N ASN X 66 -48.88 -27.93 -25.51
CA ASN X 66 -47.70 -28.17 -24.66
C ASN X 66 -46.45 -28.57 -25.45
N ARG X 67 -46.49 -28.60 -26.77
CA ARG X 67 -45.39 -29.13 -27.56
C ARG X 67 -44.33 -28.08 -27.90
N PHE X 68 -44.42 -26.88 -27.36
CA PHE X 68 -43.40 -25.86 -27.56
C PHE X 68 -42.70 -25.57 -26.25
N SER X 69 -41.46 -25.08 -26.34
CA SER X 69 -40.75 -24.67 -25.14
C SER X 69 -39.76 -23.56 -25.50
N GLY X 70 -40.05 -22.34 -25.04
CA GLY X 70 -39.05 -21.28 -25.04
C GLY X 70 -38.12 -21.49 -23.86
N SER X 71 -36.81 -21.37 -24.10
CA SER X 71 -35.83 -21.77 -23.13
C SER X 71 -34.62 -20.86 -23.21
N GLY X 72 -33.90 -20.77 -22.10
CA GLY X 72 -32.66 -20.03 -22.05
C GLY X 72 -32.85 -18.61 -21.55
N SER X 73 -31.83 -18.09 -20.90
CA SER X 73 -31.82 -16.72 -20.44
C SER X 73 -30.53 -16.04 -20.85
N GLY X 74 -30.30 -14.83 -20.37
CA GLY X 74 -29.09 -14.11 -20.73
C GLY X 74 -29.16 -13.50 -22.11
N SER X 75 -28.36 -14.04 -23.04
CA SER X 75 -28.21 -13.47 -24.36
C SER X 75 -28.56 -14.42 -25.50
N ASP X 76 -28.57 -15.72 -25.27
CA ASP X 76 -28.80 -16.71 -26.32
C ASP X 76 -30.00 -17.56 -25.93
N PHE X 77 -30.91 -17.76 -26.88
CA PHE X 77 -32.25 -18.25 -26.58
C PHE X 77 -32.63 -19.37 -27.53
N THR X 78 -33.47 -20.28 -27.06
CA THR X 78 -33.72 -21.52 -27.78
C THR X 78 -35.22 -21.83 -27.78
N LEU X 79 -35.79 -21.97 -28.96
CA LEU X 79 -37.15 -22.48 -29.10
C LEU X 79 -37.05 -23.95 -29.50
N THR X 80 -37.47 -24.83 -28.59
CA THR X 80 -37.42 -26.27 -28.83
C THR X 80 -38.83 -26.79 -29.04
N ILE X 81 -39.03 -27.45 -30.16
CA ILE X 81 -40.28 -28.12 -30.47
C ILE X 81 -40.12 -29.55 -29.95
N SER X 82 -41.23 -30.18 -29.55
CA SER X 82 -41.18 -31.59 -29.17
C SER X 82 -41.76 -32.51 -30.23
N GLY X 83 -42.79 -32.05 -30.94
CA GLY X 83 -43.37 -32.82 -32.02
C GLY X 83 -43.86 -31.94 -33.16
N LEU X 84 -43.35 -32.18 -34.36
CA LEU X 84 -43.70 -31.36 -35.51
C LEU X 84 -45.05 -31.75 -36.07
N GLN X 85 -45.85 -30.75 -36.42
CA GLN X 85 -47.14 -30.94 -37.07
C GLN X 85 -47.13 -30.29 -38.44
N ALA X 86 -48.17 -30.58 -39.23
CA ALA X 86 -48.32 -29.93 -40.52
C ALA X 86 -48.81 -28.50 -40.41
N GLU X 87 -49.44 -28.15 -39.28
CA GLU X 87 -49.87 -26.78 -39.00
C GLU X 87 -48.73 -25.88 -38.57
N ASP X 88 -47.54 -26.44 -38.31
CA ASP X 88 -46.44 -25.70 -37.71
C ASP X 88 -45.38 -25.24 -38.69
N VAL X 89 -45.38 -25.75 -39.91
CA VAL X 89 -44.23 -25.61 -40.81
C VAL X 89 -44.39 -24.30 -41.57
N ALA X 90 -44.00 -23.21 -40.91
CA ALA X 90 -43.88 -21.88 -41.50
C ALA X 90 -42.88 -21.10 -40.66
N VAL X 91 -42.83 -19.79 -40.84
CA VAL X 91 -41.68 -19.01 -40.38
C VAL X 91 -41.82 -18.70 -38.88
N TYR X 92 -40.73 -18.91 -38.13
CA TYR X 92 -40.63 -18.47 -36.75
C TYR X 92 -39.87 -17.14 -36.69
N TYR X 93 -40.10 -16.39 -35.61
CA TYR X 93 -39.43 -15.13 -35.38
C TYR X 93 -39.06 -14.98 -33.92
N CYS X 94 -37.94 -14.33 -33.66
CA CYS X 94 -37.56 -13.90 -32.32
C CYS X 94 -37.56 -12.39 -32.28
N GLN X 95 -38.08 -11.82 -31.19
CA GLN X 95 -38.18 -10.38 -31.03
C GLN X 95 -37.73 -9.99 -29.64
N GLN X 96 -36.84 -9.00 -29.56
CA GLN X 96 -36.59 -8.30 -28.31
C GLN X 96 -37.63 -7.21 -28.16
N TYR X 97 -38.23 -7.11 -26.98
CA TYR X 97 -39.02 -5.95 -26.61
C TYR X 97 -38.45 -5.29 -25.36
N TYR X 98 -37.11 -5.25 -25.27
CA TYR X 98 -36.44 -4.63 -24.14
C TYR X 98 -36.31 -3.13 -24.35
N THR X 99 -36.01 -2.69 -25.59
CA THR X 99 -35.89 -1.27 -25.88
C THR X 99 -36.57 -0.94 -27.20
N THR X 100 -36.62 0.36 -27.47
CA THR X 100 -36.80 1.00 -28.76
C THR X 100 -35.44 1.15 -29.42
N PRO X 101 -35.30 0.79 -30.71
CA PRO X 101 -36.27 0.27 -31.67
C PRO X 101 -36.51 -1.23 -31.53
N LEU X 102 -37.77 -1.61 -31.70
CA LEU X 102 -38.14 -3.02 -31.64
C LEU X 102 -37.66 -3.74 -32.89
N THR X 103 -36.68 -4.61 -32.73
CA THR X 103 -36.08 -5.32 -33.84
C THR X 103 -36.46 -6.79 -33.76
N PHE X 104 -36.60 -7.43 -34.92
CA PHE X 104 -37.01 -8.82 -34.96
C PHE X 104 -35.81 -9.66 -35.39
N GLY X 105 -36.03 -10.98 -35.41
CA GLY X 105 -35.03 -11.86 -35.97
C GLY X 105 -35.09 -11.93 -37.48
N GLY X 106 -34.22 -12.76 -38.06
CA GLY X 106 -34.18 -12.90 -39.50
C GLY X 106 -35.33 -13.72 -40.06
N GLY X 107 -35.78 -14.72 -39.31
CA GLY X 107 -36.87 -15.57 -39.76
C GLY X 107 -36.40 -16.90 -40.32
N THR X 108 -36.48 -17.96 -39.52
CA THR X 108 -36.06 -19.29 -39.92
C THR X 108 -37.27 -20.01 -40.51
N LYS X 109 -37.27 -20.21 -41.82
CA LYS X 109 -38.38 -20.84 -42.52
C LYS X 109 -38.25 -22.35 -42.42
N VAL X 110 -39.04 -22.95 -41.55
CA VAL X 110 -39.07 -24.40 -41.38
C VAL X 110 -40.13 -24.99 -42.29
N GLU X 111 -39.73 -25.94 -43.14
CA GLU X 111 -40.65 -26.65 -44.02
C GLU X 111 -40.38 -28.15 -43.92
N ILE X 112 -41.09 -28.91 -44.75
CA ILE X 112 -41.03 -30.36 -44.72
C ILE X 112 -40.05 -30.86 -45.77
N LYS X 113 -39.12 -31.72 -45.35
CA LYS X 113 -38.29 -32.47 -46.29
C LYS X 113 -38.78 -33.91 -46.38
#